data_3JSK
#
_entry.id   3JSK
#
_cell.length_a   158.237
_cell.length_b   125.914
_cell.length_c   158.208
_cell.angle_alpha   90.000
_cell.angle_beta   90.220
_cell.angle_gamma   90.000
#
_symmetry.space_group_name_H-M   'P 1 2 1'
#
loop_
_entity.id
_entity.type
_entity.pdbx_description
1 polymer 'CyPBP37 protein'
2 non-polymer 'ADENOSINE DIPHOSPHATE 5-(BETA-ETHYL)-4-METHYL-THIAZOLE-2-CARBOXYLIC ACID'
3 non-polymer 'FE (II) ION'
4 water water
#
_entity_poly.entity_id   1
_entity_poly.type   'polypeptide(L)'
_entity_poly.pdbx_seq_one_letter_code
;MSPSVLEPQSVPTLVNVGLKAVGRNDAPVERDARGLSKPLLELMPTLGTDAFTFSPIRESTVSRAMTRRYFADLDAHAET
DIVIVGAGSCGLSAAYVLSTLRPDLRITIVEAGVAPGGGAWLGGQLFSAMVMRKPADVFLDEVGVPYEDEGDYVVVKHAA
LFTSTVLSKVLQRPNVKLFNATTVEDLITRKHHAESSSSSDDGEAEDEAKVRIAGVVTNWTLVSMHHDDQS(DHA)MDPN
TINAPVIISTTGHDGPFGAFSVKRLVSMKQMERLNGMRGLDMQSAEDAIVNNTREIVPGLIVGGMELSEIDGANRMGPTF
GAMALSGVKAAHEAIRVFDLRKAQNDKC
;
_entity_poly.pdbx_strand_id   A,B,C,D,E,F,G,H,I,J,K,L,M,N,O,P
#
# COMPACT_ATOMS: atom_id res chain seq x y z
N GLY A 35 19.22 -11.66 84.01
CA GLY A 35 19.73 -10.54 83.17
C GLY A 35 21.07 -10.84 82.52
N LEU A 36 21.52 -9.92 81.66
CA LEU A 36 22.80 -10.08 80.98
C LEU A 36 23.94 -9.84 81.97
N SER A 37 25.17 -9.95 81.51
CA SER A 37 26.33 -9.72 82.37
C SER A 37 26.67 -8.24 82.35
N LYS A 38 27.28 -7.73 83.41
CA LYS A 38 27.65 -6.31 83.46
C LYS A 38 28.54 -5.91 82.28
N PRO A 39 29.57 -6.72 81.98
CA PRO A 39 30.49 -6.42 80.87
C PRO A 39 29.76 -6.23 79.54
N LEU A 40 28.72 -7.03 79.33
CA LEU A 40 27.95 -6.94 78.10
C LEU A 40 27.04 -5.73 78.15
N LEU A 41 26.45 -5.48 79.31
CA LEU A 41 25.57 -4.33 79.47
C LEU A 41 26.36 -3.05 79.32
N GLU A 42 27.64 -3.09 79.68
CA GLU A 42 28.49 -1.91 79.56
C GLU A 42 28.89 -1.69 78.12
N LEU A 43 29.03 -2.78 77.37
CA LEU A 43 29.41 -2.71 75.97
C LEU A 43 28.34 -2.15 75.04
N MET A 44 27.11 -2.61 75.23
CA MET A 44 25.97 -2.20 74.41
C MET A 44 25.86 -0.71 74.07
N PRO A 45 25.90 0.16 75.09
CA PRO A 45 25.79 1.61 74.84
C PRO A 45 26.87 2.16 73.91
N THR A 46 27.92 1.37 73.71
CA THR A 46 29.04 1.78 72.86
C THR A 46 28.80 1.48 71.39
N LEU A 47 28.11 0.38 71.14
CA LEU A 47 27.79 -0.04 69.77
C LEU A 47 26.93 1.00 69.06
N GLY A 48 27.35 1.37 67.86
CA GLY A 48 26.61 2.36 67.11
C GLY A 48 27.23 3.74 67.28
N THR A 49 28.37 3.79 67.96
CA THR A 49 29.05 5.06 68.19
C THR A 49 30.51 4.95 67.81
N ASP A 50 31.15 6.09 67.59
CA ASP A 50 32.56 6.10 67.21
C ASP A 50 33.42 5.41 68.24
N ALA A 51 32.95 5.37 69.49
CA ALA A 51 33.72 4.73 70.54
C ALA A 51 33.95 3.22 70.34
N PHE A 52 33.03 2.54 69.66
CA PHE A 52 33.20 1.10 69.42
C PHE A 52 34.13 0.81 68.25
N THR A 53 34.95 -0.23 68.42
CA THR A 53 35.88 -0.65 67.40
C THR A 53 36.51 -1.99 67.82
N PHE A 54 36.60 -2.92 66.87
CA PHE A 54 37.19 -4.23 67.11
C PHE A 54 38.70 -4.08 67.12
N SER A 55 39.38 -5.00 67.82
CA SER A 55 40.83 -4.98 67.89
C SER A 55 41.39 -5.23 66.50
N PRO A 56 42.67 -4.88 66.28
CA PRO A 56 43.31 -5.09 64.98
C PRO A 56 43.39 -6.57 64.58
N ILE A 57 43.53 -6.80 63.28
CA ILE A 57 43.63 -8.15 62.76
C ILE A 57 44.13 -8.08 61.31
N ARG A 58 44.82 -9.14 60.90
CA ARG A 58 45.35 -9.27 59.56
C ARG A 58 44.70 -10.58 59.09
N GLU A 59 44.15 -10.58 57.87
CA GLU A 59 43.49 -11.78 57.35
C GLU A 59 44.26 -13.09 57.55
N SER A 60 45.53 -13.14 57.14
CA SER A 60 46.31 -14.37 57.29
C SER A 60 46.37 -14.89 58.72
N THR A 61 46.07 -14.02 59.68
CA THR A 61 46.07 -14.41 61.08
C THR A 61 44.89 -15.33 61.37
N VAL A 62 43.76 -15.02 60.75
CA VAL A 62 42.54 -15.81 60.90
C VAL A 62 42.65 -17.09 60.07
N SER A 63 43.25 -16.98 58.89
CA SER A 63 43.41 -18.13 58.02
C SER A 63 44.29 -19.15 58.74
N ARG A 64 45.37 -18.66 59.34
CA ARG A 64 46.30 -19.53 60.04
C ARG A 64 45.69 -20.06 61.32
N ALA A 65 44.82 -19.27 61.93
CA ALA A 65 44.18 -19.68 63.18
C ALA A 65 43.37 -20.95 62.90
N MET A 66 42.65 -20.94 61.80
CA MET A 66 41.80 -22.06 61.44
C MET A 66 42.54 -23.28 60.86
N THR A 67 43.44 -23.05 59.92
CA THR A 67 44.17 -24.14 59.28
C THR A 67 45.10 -24.90 60.22
N ARG A 68 45.76 -24.15 61.10
CA ARG A 68 46.67 -24.74 62.05
C ARG A 68 45.92 -25.77 62.90
N ARG A 69 44.73 -25.37 63.35
CA ARG A 69 43.90 -26.22 64.19
C ARG A 69 43.23 -27.37 63.46
N TYR A 70 42.70 -27.12 62.27
CA TYR A 70 42.04 -28.16 61.50
C TYR A 70 43.02 -29.26 61.17
N PHE A 71 44.22 -28.87 60.76
CA PHE A 71 45.23 -29.84 60.40
C PHE A 71 45.82 -30.55 61.63
N ALA A 72 45.63 -29.96 62.80
CA ALA A 72 46.09 -30.59 64.03
C ALA A 72 45.07 -31.71 64.21
N ASP A 73 43.80 -31.42 63.94
CA ASP A 73 42.75 -32.42 64.05
C ASP A 73 43.01 -33.52 63.03
N LEU A 74 43.15 -33.12 61.78
CA LEU A 74 43.39 -34.06 60.72
C LEU A 74 44.53 -35.02 61.07
N ASP A 75 45.56 -34.48 61.72
CA ASP A 75 46.70 -35.29 62.10
C ASP A 75 46.31 -36.28 63.18
N ALA A 76 45.88 -35.77 64.33
CA ALA A 76 45.50 -36.62 65.45
C ALA A 76 44.40 -37.65 65.13
N HIS A 77 43.46 -37.30 64.27
CA HIS A 77 42.38 -38.22 63.98
C HIS A 77 42.58 -39.19 62.83
N ALA A 78 43.70 -39.05 62.10
CA ALA A 78 43.98 -39.97 60.99
C ALA A 78 43.97 -41.39 61.57
N GLU A 79 44.40 -41.49 62.83
CA GLU A 79 44.43 -42.74 63.57
C GLU A 79 43.59 -42.38 64.80
N THR A 80 42.40 -42.98 64.92
CA THR A 80 41.53 -42.67 66.05
C THR A 80 41.07 -43.93 66.80
N ASP A 81 40.21 -43.77 67.80
CA ASP A 81 39.71 -44.91 68.58
C ASP A 81 38.32 -45.34 68.12
N ILE A 82 37.41 -44.39 68.11
CA ILE A 82 36.03 -44.65 67.72
C ILE A 82 35.53 -43.60 66.75
N VAL A 83 35.02 -44.07 65.61
CA VAL A 83 34.47 -43.19 64.60
C VAL A 83 32.97 -43.37 64.59
N ILE A 84 32.27 -42.24 64.56
CA ILE A 84 30.82 -42.23 64.52
C ILE A 84 30.44 -41.54 63.22
N VAL A 85 29.71 -42.26 62.37
CA VAL A 85 29.29 -41.72 61.10
C VAL A 85 27.85 -41.23 61.23
N GLY A 86 27.61 -39.97 60.88
CA GLY A 86 26.27 -39.41 60.96
C GLY A 86 25.88 -38.78 62.29
N ALA A 87 25.97 -37.45 62.35
CA ALA A 87 25.63 -36.72 63.57
C ALA A 87 24.13 -36.45 63.71
N GLY A 88 23.32 -37.49 63.50
CA GLY A 88 21.89 -37.36 63.63
C GLY A 88 21.56 -37.55 65.10
N SER A 89 20.27 -37.67 65.43
CA SER A 89 19.88 -37.84 66.83
C SER A 89 20.50 -39.07 67.48
N CYS A 90 20.56 -40.18 66.74
CA CYS A 90 21.13 -41.40 67.28
C CYS A 90 22.64 -41.31 67.45
N GLY A 91 23.31 -40.83 66.41
CA GLY A 91 24.76 -40.69 66.49
C GLY A 91 25.12 -39.74 67.62
N LEU A 92 24.53 -38.55 67.61
CA LEU A 92 24.80 -37.58 68.66
C LEU A 92 24.58 -38.18 70.04
N SER A 93 23.53 -38.97 70.20
CA SER A 93 23.29 -39.58 71.49
C SER A 93 24.45 -40.50 71.81
N ALA A 94 24.75 -41.41 70.90
CA ALA A 94 25.84 -42.34 71.10
C ALA A 94 27.08 -41.57 71.53
N ALA A 95 27.43 -40.55 70.75
CA ALA A 95 28.60 -39.73 71.03
C ALA A 95 28.61 -39.15 72.45
N TYR A 96 27.45 -38.70 72.90
CA TYR A 96 27.36 -38.13 74.24
C TYR A 96 27.69 -39.13 75.33
N VAL A 97 27.07 -40.30 75.26
CA VAL A 97 27.30 -41.34 76.25
C VAL A 97 28.71 -41.87 76.17
N LEU A 98 29.16 -42.13 74.95
CA LEU A 98 30.49 -42.66 74.75
C LEU A 98 31.58 -41.77 75.30
N SER A 99 31.52 -40.48 74.99
CA SER A 99 32.54 -39.55 75.46
C SER A 99 32.47 -39.32 76.95
N THR A 100 31.28 -39.40 77.51
CA THR A 100 31.11 -39.18 78.94
C THR A 100 31.67 -40.35 79.76
N LEU A 101 31.52 -41.56 79.21
CA LEU A 101 32.00 -42.77 79.85
C LEU A 101 33.48 -43.06 79.62
N ARG A 102 34.00 -42.59 78.49
CA ARG A 102 35.39 -42.84 78.15
C ARG A 102 36.19 -41.62 77.68
N PRO A 103 36.47 -40.70 78.62
CA PRO A 103 37.22 -39.48 78.34
C PRO A 103 38.56 -39.82 77.70
N ASP A 104 39.03 -41.02 77.98
CA ASP A 104 40.32 -41.54 77.49
C ASP A 104 40.34 -41.91 76.00
N LEU A 105 39.18 -42.23 75.43
CA LEU A 105 39.14 -42.60 74.02
C LEU A 105 38.94 -41.36 73.18
N ARG A 106 39.45 -41.39 71.96
CA ARG A 106 39.29 -40.27 71.05
C ARG A 106 38.06 -40.55 70.18
N ILE A 107 37.11 -39.61 70.16
CA ILE A 107 35.88 -39.79 69.39
C ILE A 107 35.73 -38.89 68.17
N THR A 108 35.84 -39.51 66.99
CA THR A 108 35.75 -38.83 65.69
C THR A 108 34.35 -38.95 65.06
N ILE A 109 33.62 -37.84 64.99
CA ILE A 109 32.30 -37.82 64.38
C ILE A 109 32.41 -37.31 62.95
N VAL A 110 31.97 -38.10 61.98
CA VAL A 110 32.01 -37.65 60.58
C VAL A 110 30.58 -37.36 60.14
N GLU A 111 30.29 -36.09 59.87
CA GLU A 111 28.95 -35.69 59.44
C GLU A 111 28.92 -35.05 58.06
N ALA A 112 28.12 -35.65 57.17
CA ALA A 112 28.00 -35.19 55.79
C ALA A 112 27.56 -33.75 55.57
N GLY A 113 26.52 -33.31 56.27
CA GLY A 113 26.03 -31.96 56.08
C GLY A 113 26.76 -30.87 56.86
N VAL A 114 26.76 -29.66 56.32
CA VAL A 114 27.41 -28.54 56.99
C VAL A 114 26.84 -28.48 58.40
N ALA A 115 25.53 -28.68 58.50
CA ALA A 115 24.87 -28.63 59.79
C ALA A 115 24.58 -30.02 60.33
N PRO A 116 25.09 -30.31 61.53
CA PRO A 116 24.85 -31.62 62.14
C PRO A 116 23.40 -31.65 62.59
N GLY A 117 22.96 -32.74 63.21
CA GLY A 117 21.59 -32.80 63.67
C GLY A 117 20.70 -33.74 62.91
N GLY A 118 21.17 -34.24 61.77
CA GLY A 118 20.37 -35.15 60.98
C GLY A 118 18.93 -34.69 60.82
N GLY A 119 17.98 -35.60 61.03
CA GLY A 119 16.58 -35.23 60.89
C GLY A 119 15.92 -34.83 62.19
N ALA A 120 16.72 -34.42 63.16
CA ALA A 120 16.19 -34.05 64.47
C ALA A 120 16.04 -32.55 64.68
N TRP A 121 15.68 -31.82 63.63
CA TRP A 121 15.48 -30.37 63.73
C TRP A 121 13.99 -30.06 63.70
N LEU A 122 13.19 -31.08 63.41
CA LEU A 122 11.76 -30.95 63.33
C LEU A 122 11.11 -32.23 63.80
N GLY A 123 9.80 -32.17 63.93
CA GLY A 123 9.03 -33.34 64.31
C GLY A 123 8.51 -33.79 62.97
N GLY A 124 7.21 -34.07 62.86
CA GLY A 124 6.65 -34.51 61.59
C GLY A 124 5.95 -33.45 60.77
N GLN A 125 5.99 -33.61 59.44
CA GLN A 125 5.35 -32.70 58.50
C GLN A 125 5.72 -31.23 58.73
N LEU A 126 6.98 -31.03 59.12
CA LEU A 126 7.55 -29.70 59.40
C LEU A 126 7.10 -29.11 60.74
N PHE A 127 6.44 -29.91 61.56
CA PHE A 127 6.01 -29.41 62.86
C PHE A 127 7.17 -29.54 63.85
N SER A 128 7.08 -28.84 64.97
CA SER A 128 8.19 -28.76 65.94
C SER A 128 8.33 -29.70 67.14
N ALA A 129 7.23 -30.03 67.80
CA ALA A 129 7.28 -30.87 68.99
C ALA A 129 7.93 -32.23 68.80
N MET A 130 8.90 -32.52 69.67
CA MET A 130 9.62 -33.79 69.66
C MET A 130 9.04 -34.74 70.70
N VAL A 131 8.42 -35.84 70.25
CA VAL A 131 7.82 -36.83 71.15
C VAL A 131 8.73 -38.03 71.42
N MET A 132 8.92 -38.33 72.70
CA MET A 132 9.74 -39.47 73.12
C MET A 132 8.97 -40.33 74.11
N ARG A 133 8.67 -41.57 73.73
CA ARG A 133 7.97 -42.49 74.61
C ARG A 133 8.90 -42.84 75.77
N LYS A 134 8.33 -43.22 76.91
CA LYS A 134 9.15 -43.59 78.05
C LYS A 134 9.71 -44.99 77.87
N PRO A 135 10.86 -45.27 78.51
CA PRO A 135 11.59 -44.37 79.40
C PRO A 135 12.67 -43.53 78.74
N ALA A 136 12.47 -43.14 77.48
CA ALA A 136 13.49 -42.33 76.80
C ALA A 136 13.67 -40.99 77.49
N ASP A 137 12.85 -40.72 78.49
CA ASP A 137 12.94 -39.46 79.22
C ASP A 137 14.12 -39.53 80.19
N VAL A 138 14.55 -40.75 80.49
CA VAL A 138 15.67 -40.96 81.39
C VAL A 138 16.90 -40.35 80.74
N PHE A 139 16.92 -40.36 79.41
CA PHE A 139 18.04 -39.80 78.67
C PHE A 139 17.92 -38.28 78.57
N LEU A 140 16.68 -37.80 78.51
CA LEU A 140 16.43 -36.36 78.43
C LEU A 140 16.87 -35.70 79.73
N ASP A 141 16.71 -36.44 80.84
CA ASP A 141 17.13 -35.94 82.13
C ASP A 141 18.65 -35.92 82.14
N GLU A 142 19.23 -36.92 81.49
CA GLU A 142 20.67 -37.03 81.40
C GLU A 142 21.31 -35.82 80.71
N VAL A 143 20.80 -35.45 79.54
CA VAL A 143 21.35 -34.33 78.79
C VAL A 143 20.79 -32.96 79.20
N GLY A 144 19.84 -32.96 80.12
CA GLY A 144 19.27 -31.70 80.57
C GLY A 144 18.37 -31.02 79.55
N VAL A 145 17.42 -31.77 79.01
CA VAL A 145 16.49 -31.21 78.04
C VAL A 145 15.08 -31.24 78.65
N PRO A 146 14.51 -30.07 78.94
CA PRO A 146 13.17 -30.01 79.53
C PRO A 146 12.10 -30.66 78.65
N TYR A 147 10.93 -30.88 79.22
CA TYR A 147 9.82 -31.49 78.49
C TYR A 147 8.54 -31.56 79.31
N GLU A 148 7.43 -31.85 78.66
CA GLU A 148 6.14 -31.96 79.32
C GLU A 148 5.82 -33.44 79.48
N ASP A 149 5.56 -33.89 80.70
CA ASP A 149 5.25 -35.29 80.92
C ASP A 149 3.80 -35.52 80.52
N GLU A 150 3.58 -36.34 79.50
CA GLU A 150 2.23 -36.62 79.04
C GLU A 150 1.71 -37.97 79.51
N GLY A 151 2.51 -38.69 80.30
CA GLY A 151 2.10 -39.98 80.78
C GLY A 151 3.05 -41.07 80.32
N ASP A 152 2.72 -41.73 79.22
CA ASP A 152 3.57 -42.79 78.67
C ASP A 152 4.68 -42.17 77.84
N TYR A 153 4.50 -40.91 77.46
CA TYR A 153 5.48 -40.21 76.65
C TYR A 153 5.65 -38.78 77.13
N VAL A 154 6.77 -38.18 76.73
CA VAL A 154 7.10 -36.80 77.07
C VAL A 154 7.26 -36.02 75.76
N VAL A 155 7.17 -34.69 75.84
CA VAL A 155 7.29 -33.86 74.66
C VAL A 155 8.28 -32.72 74.85
N VAL A 156 9.31 -32.68 74.00
CA VAL A 156 10.27 -31.59 74.08
C VAL A 156 9.68 -30.42 73.27
N LYS A 157 9.73 -29.23 73.86
CA LYS A 157 9.19 -28.03 73.24
C LYS A 157 9.37 -27.95 71.72
N HIS A 158 10.59 -28.18 71.29
CA HIS A 158 10.95 -28.11 69.89
C HIS A 158 12.07 -29.12 69.71
N ALA A 159 12.04 -29.87 68.62
CA ALA A 159 13.07 -30.86 68.34
C ALA A 159 14.46 -30.21 68.51
N ALA A 160 14.60 -29.00 67.96
CA ALA A 160 15.86 -28.26 68.03
C ALA A 160 16.42 -28.08 69.43
N LEU A 161 15.57 -27.98 70.42
CA LEU A 161 16.06 -27.80 71.78
C LEU A 161 16.88 -29.02 72.18
N PHE A 162 16.40 -30.19 71.81
CA PHE A 162 17.09 -31.42 72.12
C PHE A 162 18.42 -31.52 71.38
N THR A 163 18.33 -31.38 70.06
CA THR A 163 19.48 -31.48 69.19
C THR A 163 20.58 -30.49 69.53
N SER A 164 20.24 -29.21 69.68
CA SER A 164 21.25 -28.22 70.01
C SER A 164 21.86 -28.45 71.39
N THR A 165 21.03 -28.81 72.37
CA THR A 165 21.54 -29.05 73.70
C THR A 165 22.54 -30.20 73.68
N VAL A 166 22.15 -31.33 73.08
CA VAL A 166 23.05 -32.48 73.01
C VAL A 166 24.32 -32.14 72.23
N LEU A 167 24.13 -31.46 71.10
CA LEU A 167 25.23 -31.06 70.25
C LEU A 167 26.25 -30.31 71.09
N SER A 168 25.79 -29.29 71.77
CA SER A 168 26.62 -28.45 72.61
C SER A 168 27.39 -29.23 73.67
N LYS A 169 26.71 -30.09 74.42
CA LYS A 169 27.38 -30.85 75.46
C LYS A 169 28.39 -31.85 74.89
N VAL A 170 28.18 -32.27 73.66
CA VAL A 170 29.09 -33.22 73.03
C VAL A 170 30.30 -32.48 72.44
N LEU A 171 30.06 -31.32 71.85
CA LEU A 171 31.14 -30.54 71.27
C LEU A 171 32.05 -29.95 72.34
N GLN A 172 31.54 -29.79 73.56
CA GLN A 172 32.32 -29.26 74.67
C GLN A 172 33.34 -30.28 75.16
N ARG A 173 33.07 -31.57 74.94
CA ARG A 173 33.99 -32.64 75.35
C ARG A 173 35.37 -32.44 74.74
N PRO A 174 36.42 -32.54 75.57
CA PRO A 174 37.80 -32.38 75.11
C PRO A 174 38.29 -33.55 74.25
N ASN A 175 37.54 -34.64 74.22
CA ASN A 175 37.96 -35.79 73.44
C ASN A 175 37.07 -36.04 72.22
N VAL A 176 36.41 -35.01 71.75
CA VAL A 176 35.53 -35.16 70.62
C VAL A 176 35.84 -34.18 69.50
N LYS A 177 35.71 -34.66 68.26
CA LYS A 177 35.94 -33.82 67.10
C LYS A 177 34.82 -34.03 66.07
N LEU A 178 34.18 -32.93 65.71
CA LEU A 178 33.12 -33.01 64.72
C LEU A 178 33.62 -32.57 63.35
N PHE A 179 33.74 -33.53 62.44
CA PHE A 179 34.16 -33.25 61.06
C PHE A 179 32.90 -33.17 60.21
N ASN A 180 32.26 -32.01 60.20
CA ASN A 180 31.06 -31.82 59.40
C ASN A 180 31.52 -31.46 57.99
N ALA A 181 30.58 -31.44 57.04
CA ALA A 181 30.88 -31.13 55.65
C ALA A 181 31.76 -32.22 55.04
N THR A 182 31.88 -33.32 55.78
CA THR A 182 32.68 -34.47 55.33
C THR A 182 31.78 -35.70 55.16
N THR A 183 31.93 -36.40 54.03
CA THR A 183 31.13 -37.58 53.73
C THR A 183 31.99 -38.85 53.76
N VAL A 184 31.41 -39.97 54.21
CA VAL A 184 32.13 -41.22 54.20
C VAL A 184 31.72 -41.89 52.88
N GLU A 185 32.69 -42.11 52.00
CA GLU A 185 32.43 -42.72 50.70
C GLU A 185 32.64 -44.22 50.70
N ASP A 186 33.48 -44.71 51.61
CA ASP A 186 33.75 -46.14 51.69
C ASP A 186 34.23 -46.53 53.08
N LEU A 187 34.45 -47.82 53.27
CA LEU A 187 34.92 -48.34 54.53
C LEU A 187 36.31 -48.90 54.33
N ILE A 188 37.13 -48.88 55.38
CA ILE A 188 38.46 -49.45 55.29
C ILE A 188 38.32 -50.85 55.83
N THR A 189 38.78 -51.83 55.08
CA THR A 189 38.67 -53.21 55.48
C THR A 189 39.98 -53.95 55.74
N ARG A 190 39.84 -55.12 56.36
CA ARG A 190 40.95 -55.99 56.71
C ARG A 190 40.39 -57.39 56.54
N LYS A 191 41.23 -58.37 56.25
CA LYS A 191 40.74 -59.73 56.07
C LYS A 191 40.33 -60.39 57.38
N HIS A 192 39.24 -61.17 57.30
CA HIS A 192 38.67 -61.90 58.43
C HIS A 192 38.49 -61.06 59.71
N ALA A 209 34.54 -64.86 51.65
CA ALA A 209 35.67 -64.14 52.23
C ALA A 209 35.20 -63.05 53.20
N LYS A 210 35.24 -63.35 54.51
CA LYS A 210 34.77 -62.41 55.53
C LYS A 210 35.77 -61.31 55.93
N VAL A 211 35.24 -60.13 56.25
CA VAL A 211 36.07 -58.98 56.62
C VAL A 211 35.76 -58.29 57.92
N ARG A 212 36.70 -57.42 58.31
CA ARG A 212 36.63 -56.60 59.51
C ARG A 212 36.68 -55.13 59.07
N ILE A 213 35.84 -54.31 59.68
CA ILE A 213 35.79 -52.90 59.36
C ILE A 213 36.78 -52.22 60.28
N ALA A 214 37.71 -51.46 59.72
CA ALA A 214 38.72 -50.79 60.52
C ALA A 214 38.98 -49.35 60.15
N GLY A 215 37.93 -48.61 59.80
CA GLY A 215 38.12 -47.23 59.43
C GLY A 215 37.17 -46.80 58.33
N VAL A 216 37.24 -45.52 57.99
CA VAL A 216 36.36 -44.96 56.96
C VAL A 216 37.13 -44.17 55.91
N VAL A 217 36.59 -44.16 54.69
CA VAL A 217 37.18 -43.42 53.58
C VAL A 217 36.39 -42.12 53.51
N THR A 218 37.08 -41.00 53.67
CA THR A 218 36.39 -39.72 53.67
C THR A 218 36.69 -38.79 52.50
N ASN A 219 35.97 -37.68 52.46
CA ASN A 219 36.14 -36.68 51.43
C ASN A 219 35.21 -35.53 51.82
N TRP A 220 35.33 -34.38 51.15
CA TRP A 220 34.44 -33.26 51.44
C TRP A 220 33.13 -33.73 50.85
N THR A 221 32.02 -33.37 51.47
CA THR A 221 30.72 -33.81 50.99
C THR A 221 30.40 -33.33 49.56
N LEU A 222 30.75 -32.09 49.26
CA LEU A 222 30.48 -31.58 47.93
C LEU A 222 31.26 -32.34 46.86
N VAL A 223 32.41 -32.89 47.25
CA VAL A 223 33.19 -33.63 46.28
C VAL A 223 32.53 -34.95 46.00
N SER A 224 32.04 -35.58 47.07
CA SER A 224 31.38 -36.87 46.97
C SER A 224 30.16 -36.76 46.07
N MET A 225 29.56 -35.58 46.03
CA MET A 225 28.37 -35.36 45.22
C MET A 225 28.65 -34.94 43.77
N HIS A 226 29.92 -34.75 43.44
CA HIS A 226 30.27 -34.33 42.08
C HIS A 226 31.41 -35.12 41.49
N HIS A 227 31.40 -36.42 41.71
CA HIS A 227 32.45 -37.26 41.15
C HIS A 227 32.31 -37.37 39.64
N ASP A 228 31.48 -36.51 39.05
CA ASP A 228 31.28 -36.51 37.60
C ASP A 228 31.49 -35.10 37.06
N ASP A 229 31.23 -34.12 37.92
CA ASP A 229 31.35 -32.71 37.58
C ASP A 229 32.77 -32.17 37.69
N GLN A 230 33.75 -33.07 37.62
CA GLN A 230 35.18 -32.71 37.70
C GLN A 230 36.04 -33.95 37.34
N SER A 231 37.35 -33.80 37.45
CA SER A 231 38.27 -34.89 37.19
C SER A 231 38.37 -35.70 38.47
N MET A 233 38.86 -37.13 41.98
CA MET A 233 39.19 -36.55 43.27
C MET A 233 39.23 -37.63 44.34
N ASP A 234 40.43 -38.16 44.59
CA ASP A 234 40.62 -39.22 45.57
C ASP A 234 40.21 -38.83 46.99
N PRO A 235 39.77 -39.81 47.78
CA PRO A 235 39.34 -39.58 49.16
C PRO A 235 40.52 -39.62 50.11
N ASN A 236 40.26 -39.40 51.39
CA ASN A 236 41.29 -39.46 52.41
C ASN A 236 40.89 -40.63 53.33
N THR A 237 41.63 -40.84 54.40
CA THR A 237 41.34 -41.97 55.28
C THR A 237 41.48 -41.74 56.79
N ILE A 238 40.74 -42.56 57.55
CA ILE A 238 40.74 -42.52 59.01
C ILE A 238 40.73 -43.94 59.57
N ASN A 239 41.84 -44.37 60.17
CA ASN A 239 41.93 -45.71 60.76
C ASN A 239 41.30 -45.73 62.15
N ALA A 240 40.53 -46.78 62.43
CA ALA A 240 39.86 -46.91 63.71
C ALA A 240 39.44 -48.35 63.97
N PRO A 241 39.62 -48.84 65.21
CA PRO A 241 39.25 -50.22 65.55
C PRO A 241 37.74 -50.45 65.58
N VAL A 242 36.96 -49.41 65.88
CA VAL A 242 35.51 -49.53 65.92
C VAL A 242 34.79 -48.35 65.27
N ILE A 243 33.83 -48.68 64.41
CA ILE A 243 33.03 -47.68 63.70
C ILE A 243 31.57 -47.87 64.04
N ILE A 244 30.92 -46.76 64.41
CA ILE A 244 29.51 -46.76 64.73
C ILE A 244 28.80 -46.04 63.58
N SER A 245 28.04 -46.77 62.78
CA SER A 245 27.35 -46.11 61.70
C SER A 245 25.90 -45.79 62.07
N THR A 246 25.55 -44.51 62.03
CA THR A 246 24.20 -44.04 62.33
C THR A 246 23.84 -43.03 61.23
N THR A 247 23.79 -43.49 59.99
CA THR A 247 23.50 -42.63 58.86
C THR A 247 22.03 -42.58 58.43
N GLY A 248 21.13 -42.91 59.34
CA GLY A 248 19.72 -42.89 59.00
C GLY A 248 19.35 -43.98 58.01
N HIS A 249 18.07 -44.03 57.65
CA HIS A 249 17.56 -45.04 56.74
C HIS A 249 17.84 -44.70 55.28
N ASP A 250 17.64 -45.70 54.42
CA ASP A 250 17.89 -45.60 52.98
C ASP A 250 17.43 -44.34 52.28
N GLY A 251 18.25 -43.91 51.32
CA GLY A 251 17.99 -42.73 50.54
C GLY A 251 19.32 -42.31 49.93
N PRO A 252 19.38 -41.16 49.25
CA PRO A 252 20.61 -40.67 48.63
C PRO A 252 21.80 -40.71 49.58
N PHE A 253 21.60 -40.19 50.79
CA PHE A 253 22.68 -40.16 51.78
C PHE A 253 22.61 -41.30 52.82
N GLY A 254 21.43 -41.57 53.35
CA GLY A 254 21.26 -42.59 54.37
C GLY A 254 21.69 -44.04 54.14
N ALA A 255 21.72 -44.79 55.25
CA ALA A 255 22.07 -46.22 55.29
C ALA A 255 23.32 -46.61 54.51
N PHE A 256 24.39 -45.86 54.73
CA PHE A 256 25.64 -46.12 54.04
C PHE A 256 26.34 -47.44 54.34
N SER A 257 26.79 -47.61 55.58
CA SER A 257 27.51 -48.82 55.99
C SER A 257 26.80 -50.12 55.64
N VAL A 258 25.49 -50.15 55.86
CA VAL A 258 24.70 -51.33 55.58
C VAL A 258 24.63 -51.65 54.08
N LYS A 259 24.41 -50.63 53.26
CA LYS A 259 24.33 -50.84 51.81
C LYS A 259 25.68 -51.23 51.22
N ARG A 260 26.75 -50.74 51.84
CA ARG A 260 28.10 -51.04 51.37
C ARG A 260 28.50 -52.48 51.69
N LEU A 261 27.99 -53.03 52.80
CA LEU A 261 28.29 -54.40 53.14
C LEU A 261 27.72 -55.31 52.06
N VAL A 262 26.66 -54.83 51.40
CA VAL A 262 26.04 -55.59 50.33
C VAL A 262 26.90 -55.56 49.07
N SER A 263 27.25 -54.36 48.60
CA SER A 263 28.07 -54.23 47.40
C SER A 263 29.45 -54.85 47.62
N MET A 264 29.87 -54.95 48.88
CA MET A 264 31.16 -55.55 49.20
C MET A 264 30.99 -57.05 49.21
N LYS A 265 29.75 -57.50 48.99
CA LYS A 265 29.41 -58.92 48.95
C LYS A 265 29.63 -59.58 50.30
N GLN A 266 29.12 -58.95 51.36
CA GLN A 266 29.24 -59.50 52.71
C GLN A 266 27.84 -59.78 53.22
N MET A 267 26.86 -59.27 52.48
CA MET A 267 25.45 -59.42 52.81
C MET A 267 24.74 -60.00 51.61
N GLU A 268 23.58 -60.59 51.84
CA GLU A 268 22.80 -61.16 50.75
C GLU A 268 21.99 -60.05 50.09
N ARG A 269 21.58 -59.09 50.91
CA ARG A 269 20.78 -57.97 50.44
C ARG A 269 20.26 -57.30 51.70
N LEU A 270 19.40 -56.31 51.52
CA LEU A 270 18.81 -55.62 52.65
C LEU A 270 17.33 -56.01 52.72
N ASN A 271 16.86 -56.33 53.92
CA ASN A 271 15.47 -56.69 54.09
C ASN A 271 14.69 -55.43 53.85
N GLY A 272 15.37 -54.29 54.05
CA GLY A 272 14.75 -53.00 53.85
C GLY A 272 13.84 -52.56 54.95
N MET A 273 13.70 -51.24 55.08
CA MET A 273 12.85 -50.63 56.10
C MET A 273 11.39 -50.98 55.80
N ARG A 274 10.65 -51.44 56.81
CA ARG A 274 9.26 -51.84 56.60
C ARG A 274 8.27 -50.71 56.90
N GLY A 275 6.98 -51.05 56.92
CA GLY A 275 5.96 -50.05 57.19
C GLY A 275 6.14 -49.34 58.53
N LEU A 276 5.24 -48.41 58.82
CA LEU A 276 5.31 -47.67 60.07
C LEU A 276 4.49 -48.33 61.17
N ASP A 277 5.16 -48.71 62.25
CA ASP A 277 4.53 -49.35 63.40
C ASP A 277 5.35 -48.97 64.61
N MET A 278 5.02 -47.83 65.20
CA MET A 278 5.75 -47.32 66.35
C MET A 278 6.04 -48.29 67.48
N GLN A 279 5.06 -49.05 67.92
CA GLN A 279 5.31 -49.97 69.01
C GLN A 279 6.33 -51.05 68.73
N SER A 280 6.27 -51.68 67.56
CA SER A 280 7.25 -52.72 67.27
C SER A 280 8.54 -52.16 66.68
N ALA A 281 8.48 -50.95 66.16
CA ALA A 281 9.67 -50.33 65.56
C ALA A 281 10.70 -49.92 66.60
N GLU A 282 10.30 -49.02 67.50
CA GLU A 282 11.22 -48.53 68.52
C GLU A 282 11.88 -49.63 69.32
N ASP A 283 11.10 -50.59 69.80
CA ASP A 283 11.66 -51.69 70.58
C ASP A 283 12.69 -52.47 69.78
N ALA A 284 12.33 -52.82 68.55
CA ALA A 284 13.22 -53.57 67.67
C ALA A 284 14.56 -52.85 67.51
N ILE A 285 14.50 -51.58 67.13
CA ILE A 285 15.71 -50.79 66.93
C ILE A 285 16.62 -50.73 68.15
N VAL A 286 16.04 -50.47 69.33
CA VAL A 286 16.85 -50.37 70.53
C VAL A 286 17.43 -51.70 70.96
N ASN A 287 16.59 -52.71 71.17
CA ASN A 287 17.12 -53.99 71.61
C ASN A 287 18.06 -54.70 70.63
N ASN A 288 18.11 -54.22 69.38
CA ASN A 288 18.97 -54.86 68.39
C ASN A 288 20.16 -54.05 67.89
N THR A 289 20.43 -52.90 68.52
CA THR A 289 21.59 -52.10 68.14
C THR A 289 22.80 -52.94 68.54
N ARG A 290 23.73 -53.17 67.61
CA ARG A 290 24.89 -53.99 67.90
C ARG A 290 25.96 -54.02 66.81
N GLU A 291 27.03 -54.76 67.09
CA GLU A 291 28.10 -54.91 66.14
C GLU A 291 27.61 -55.89 65.09
N ILE A 292 27.44 -55.38 63.86
CA ILE A 292 26.92 -56.17 62.73
C ILE A 292 27.96 -57.07 62.10
N VAL A 293 29.19 -56.55 62.03
CA VAL A 293 30.31 -57.29 61.45
C VAL A 293 31.46 -56.85 62.33
N PRO A 294 32.53 -57.66 62.43
CA PRO A 294 33.63 -57.21 63.29
C PRO A 294 34.04 -55.76 62.98
N GLY A 295 33.94 -54.89 63.98
CA GLY A 295 34.35 -53.50 63.80
C GLY A 295 33.28 -52.51 63.37
N LEU A 296 32.10 -53.00 62.99
CA LEU A 296 31.02 -52.14 62.56
C LEU A 296 29.76 -52.25 63.40
N ILE A 297 29.48 -51.20 64.16
CA ILE A 297 28.28 -51.16 65.01
C ILE A 297 27.23 -50.24 64.34
N VAL A 298 26.03 -50.74 64.15
CA VAL A 298 24.98 -49.95 63.53
C VAL A 298 23.80 -49.75 64.47
N GLY A 299 23.25 -48.53 64.46
CA GLY A 299 22.12 -48.19 65.29
C GLY A 299 21.27 -47.13 64.60
N GLY A 300 20.21 -46.66 65.28
CA GLY A 300 19.36 -45.68 64.66
C GLY A 300 18.57 -46.27 63.51
N MET A 301 18.00 -45.41 62.67
CA MET A 301 17.20 -45.87 61.55
C MET A 301 17.95 -46.54 60.42
N GLU A 302 19.26 -46.72 60.58
CA GLU A 302 20.03 -47.40 59.56
C GLU A 302 19.89 -48.88 59.84
N LEU A 303 19.79 -49.20 61.11
CA LEU A 303 19.64 -50.59 61.55
C LEU A 303 18.36 -51.21 60.99
N SER A 304 17.40 -50.37 60.63
CA SER A 304 16.15 -50.88 60.10
C SER A 304 16.27 -51.40 58.67
N GLU A 305 17.28 -50.92 57.95
CA GLU A 305 17.50 -51.37 56.58
C GLU A 305 18.02 -52.79 56.54
N ILE A 306 18.98 -53.07 57.41
CA ILE A 306 19.61 -54.38 57.47
C ILE A 306 18.78 -55.41 58.24
N ASP A 307 18.02 -54.95 59.24
CA ASP A 307 17.21 -55.87 60.01
C ASP A 307 15.79 -55.99 59.47
N GLY A 308 15.42 -55.10 58.56
CA GLY A 308 14.07 -55.14 58.02
C GLY A 308 13.04 -54.87 59.10
N ALA A 309 13.34 -53.90 59.96
CA ALA A 309 12.46 -53.52 61.05
C ALA A 309 11.51 -52.41 60.58
N ASN A 310 10.46 -52.18 61.36
CA ASN A 310 9.48 -51.16 61.07
C ASN A 310 10.05 -49.77 61.38
N ARG A 311 9.52 -48.75 60.72
CA ARG A 311 9.97 -47.37 60.95
C ARG A 311 9.01 -46.79 62.01
N MET A 312 9.42 -45.78 62.75
CA MET A 312 8.54 -45.22 63.76
C MET A 312 8.01 -43.83 63.46
N GLY A 313 8.43 -43.26 62.34
CA GLY A 313 7.95 -41.93 62.01
C GLY A 313 8.46 -40.87 62.98
N PRO A 314 7.64 -39.83 63.26
CA PRO A 314 7.93 -38.71 64.14
C PRO A 314 8.03 -38.91 65.64
N THR A 315 8.85 -39.85 66.07
CA THR A 315 9.05 -40.09 67.50
C THR A 315 10.55 -40.38 67.68
N PHE A 316 11.15 -39.86 68.75
CA PHE A 316 12.59 -40.03 68.94
C PHE A 316 13.10 -40.83 70.14
N GLY A 317 12.26 -41.66 70.73
CA GLY A 317 12.74 -42.44 71.87
C GLY A 317 13.80 -43.45 71.47
N ALA A 318 13.55 -44.13 70.37
CA ALA A 318 14.44 -45.16 69.84
C ALA A 318 15.81 -44.64 69.38
N MET A 319 15.89 -43.39 68.92
CA MET A 319 17.19 -42.89 68.47
C MET A 319 18.07 -42.59 69.68
N ALA A 320 17.49 -42.03 70.73
CA ALA A 320 18.26 -41.71 71.93
C ALA A 320 18.79 -42.97 72.58
N LEU A 321 17.93 -43.95 72.81
CA LEU A 321 18.38 -45.17 73.46
C LEU A 321 19.18 -46.06 72.52
N SER A 322 18.87 -46.05 71.23
CA SER A 322 19.63 -46.84 70.27
C SER A 322 21.08 -46.33 70.30
N GLY A 323 21.23 -45.00 70.44
CA GLY A 323 22.55 -44.42 70.50
C GLY A 323 23.23 -44.75 71.82
N VAL A 324 22.43 -44.86 72.88
CA VAL A 324 22.99 -45.21 74.20
C VAL A 324 23.52 -46.64 74.11
N LYS A 325 22.74 -47.52 73.49
CA LYS A 325 23.11 -48.91 73.33
C LYS A 325 24.36 -49.05 72.45
N ALA A 326 24.42 -48.25 71.39
CA ALA A 326 25.55 -48.30 70.46
C ALA A 326 26.85 -47.96 71.18
N ALA A 327 26.82 -46.89 71.98
CA ALA A 327 27.99 -46.47 72.74
C ALA A 327 28.42 -47.64 73.63
N HIS A 328 27.45 -48.32 74.20
CA HIS A 328 27.71 -49.45 75.07
C HIS A 328 28.44 -50.56 74.30
N GLU A 329 27.95 -50.88 73.11
CA GLU A 329 28.57 -51.91 72.26
C GLU A 329 30.01 -51.59 71.92
N ALA A 330 30.27 -50.30 71.68
CA ALA A 330 31.61 -49.84 71.34
C ALA A 330 32.55 -50.13 72.49
N ILE A 331 32.08 -49.88 73.72
CA ILE A 331 32.91 -50.13 74.88
C ILE A 331 33.13 -51.61 75.06
N ARG A 332 32.09 -52.39 74.83
CA ARG A 332 32.18 -53.84 74.97
C ARG A 332 33.16 -54.44 73.98
N VAL A 333 33.09 -53.97 72.74
CA VAL A 333 33.92 -54.48 71.65
C VAL A 333 35.30 -53.84 71.49
N PHE A 334 35.46 -52.61 71.96
CA PHE A 334 36.71 -51.88 71.79
C PHE A 334 38.04 -52.59 72.03
N ASP A 335 38.26 -53.09 73.24
CA ASP A 335 39.54 -53.74 73.51
C ASP A 335 39.86 -54.86 72.54
N LEU A 336 38.84 -55.57 72.07
CA LEU A 336 39.05 -56.65 71.11
C LEU A 336 39.49 -56.12 69.76
N ARG A 337 38.78 -55.13 69.24
CA ARG A 337 39.12 -54.58 67.93
C ARG A 337 40.42 -53.77 67.97
N LYS A 338 40.65 -53.08 69.08
CA LYS A 338 41.87 -52.29 69.23
C LYS A 338 43.06 -53.24 69.13
N ALA A 339 42.91 -54.42 69.74
CA ALA A 339 43.95 -55.44 69.74
C ALA A 339 44.18 -56.04 68.36
N GLN A 340 43.09 -56.24 67.61
CA GLN A 340 43.18 -56.79 66.28
C GLN A 340 43.63 -55.77 65.24
N ASN A 341 43.51 -54.49 65.56
CA ASN A 341 43.87 -53.45 64.61
C ASN A 341 45.32 -52.96 64.69
N ASP A 342 46.01 -53.24 65.79
CA ASP A 342 47.40 -52.80 65.93
C ASP A 342 48.40 -53.95 65.88
N GLY B 35 66.42 -46.08 25.66
CA GLY B 35 65.40 -46.99 26.28
C GLY B 35 65.15 -46.73 27.75
N LEU B 36 64.62 -47.75 28.44
CA LEU B 36 64.33 -47.64 29.87
C LEU B 36 65.58 -47.72 30.74
N SER B 37 65.45 -47.29 31.99
CA SER B 37 66.57 -47.33 32.92
C SER B 37 66.74 -48.78 33.36
N LYS B 38 67.98 -49.16 33.64
CA LYS B 38 68.27 -50.53 34.08
C LYS B 38 67.40 -50.94 35.28
N PRO B 39 67.26 -50.05 36.28
CA PRO B 39 66.43 -50.41 37.44
C PRO B 39 65.01 -50.81 37.06
N LEU B 40 64.38 -50.02 36.20
CA LEU B 40 63.02 -50.32 35.77
C LEU B 40 62.95 -51.55 34.88
N LEU B 41 64.03 -51.83 34.14
CA LEU B 41 64.05 -53.01 33.29
C LEU B 41 64.22 -54.26 34.15
N GLU B 42 64.89 -54.10 35.29
CA GLU B 42 65.11 -55.21 36.20
C GLU B 42 63.90 -55.51 37.05
N LEU B 43 62.97 -54.56 37.12
CA LEU B 43 61.76 -54.70 37.92
C LEU B 43 60.62 -55.36 37.13
N MET B 44 60.44 -54.92 35.89
CA MET B 44 59.38 -55.44 35.02
C MET B 44 59.15 -56.96 35.05
N PRO B 45 60.22 -57.76 34.93
CA PRO B 45 60.02 -59.21 34.95
C PRO B 45 59.39 -59.67 36.28
N THR B 46 59.59 -58.86 37.31
CA THR B 46 59.07 -59.16 38.65
C THR B 46 57.57 -58.99 38.77
N LEU B 47 57.01 -58.04 38.03
CA LEU B 47 55.58 -57.78 38.06
C LEU B 47 54.78 -58.98 37.57
N GLY B 48 53.78 -59.38 38.36
CA GLY B 48 52.96 -60.52 37.98
C GLY B 48 53.43 -61.81 38.63
N THR B 49 54.33 -61.67 39.60
CA THR B 49 54.89 -62.81 40.30
C THR B 49 54.96 -62.57 41.79
N ASP B 50 55.08 -63.64 42.56
CA ASP B 50 55.15 -63.54 44.01
C ASP B 50 56.34 -62.69 44.40
N ALA B 51 57.28 -62.53 43.49
CA ALA B 51 58.47 -61.74 43.75
C ALA B 51 58.15 -60.27 43.95
N PHE B 52 57.08 -59.80 43.33
CA PHE B 52 56.74 -58.39 43.48
C PHE B 52 55.78 -58.13 44.62
N THR B 53 56.03 -57.02 45.32
CA THR B 53 55.19 -56.60 46.44
C THR B 53 55.63 -55.20 46.86
N PHE B 54 54.68 -54.36 47.23
CA PHE B 54 54.98 -53.00 47.67
C PHE B 54 55.41 -53.02 49.14
N SER B 55 56.11 -51.97 49.57
CA SER B 55 56.55 -51.89 50.95
C SER B 55 55.34 -51.71 51.85
N PRO B 56 55.43 -52.16 53.11
CA PRO B 56 54.32 -52.04 54.06
C PRO B 56 53.82 -50.59 54.18
N ILE B 57 52.53 -50.41 54.45
CA ILE B 57 51.98 -49.08 54.62
C ILE B 57 50.73 -49.08 55.48
N ARG B 58 50.55 -48.00 56.24
CA ARG B 58 49.39 -47.83 57.11
C ARG B 58 48.69 -46.61 56.51
N GLU B 59 47.37 -46.69 56.33
CA GLU B 59 46.61 -45.60 55.73
C GLU B 59 46.83 -44.23 56.38
N SER B 60 46.97 -44.20 57.69
CA SER B 60 47.20 -42.96 58.42
C SER B 60 48.49 -42.28 57.98
N THR B 61 49.46 -43.08 57.53
CA THR B 61 50.74 -42.57 57.08
C THR B 61 50.52 -41.70 55.85
N VAL B 62 49.79 -42.24 54.88
CA VAL B 62 49.48 -41.52 53.65
C VAL B 62 48.74 -40.23 53.96
N SER B 63 47.68 -40.32 54.76
CA SER B 63 46.89 -39.16 55.11
C SER B 63 47.77 -38.05 55.68
N ARG B 64 48.52 -38.39 56.72
CA ARG B 64 49.39 -37.43 57.37
C ARG B 64 50.44 -36.87 56.43
N ALA B 65 50.91 -37.71 55.50
CA ALA B 65 51.90 -37.27 54.53
C ALA B 65 51.31 -36.15 53.68
N MET B 66 50.03 -36.27 53.38
CA MET B 66 49.36 -35.26 52.57
C MET B 66 48.96 -34.02 53.36
N THR B 67 48.21 -34.22 54.45
CA THR B 67 47.74 -33.13 55.28
C THR B 67 48.88 -32.28 55.86
N ARG B 68 49.81 -32.94 56.51
CA ARG B 68 50.97 -32.27 57.11
C ARG B 68 51.57 -31.30 56.08
N ARG B 69 51.77 -31.80 54.86
CA ARG B 69 52.35 -31.00 53.77
C ARG B 69 51.42 -29.91 53.25
N TYR B 70 50.14 -30.23 53.09
CA TYR B 70 49.20 -29.24 52.60
C TYR B 70 49.07 -28.08 53.60
N PHE B 71 48.97 -28.38 54.89
CA PHE B 71 48.87 -27.34 55.91
C PHE B 71 50.11 -26.46 55.84
N ALA B 72 51.26 -27.10 55.70
CA ALA B 72 52.50 -26.37 55.60
C ALA B 72 52.29 -25.29 54.53
N ASP B 73 51.93 -25.72 53.32
CA ASP B 73 51.69 -24.78 52.22
C ASP B 73 50.66 -23.72 52.58
N LEU B 74 49.52 -24.20 53.06
CA LEU B 74 48.39 -23.37 53.45
C LEU B 74 48.81 -22.29 54.42
N ASP B 75 49.69 -22.66 55.34
CA ASP B 75 50.18 -21.76 56.36
C ASP B 75 51.14 -20.73 55.72
N ALA B 76 52.16 -21.23 55.04
CA ALA B 76 53.16 -20.38 54.39
C ALA B 76 52.61 -19.42 53.33
N HIS B 77 51.50 -19.78 52.69
CA HIS B 77 50.95 -18.93 51.65
C HIS B 77 49.82 -18.04 52.10
N ALA B 78 49.47 -18.09 53.38
CA ALA B 78 48.39 -17.22 53.86
C ALA B 78 48.83 -15.77 53.66
N GLU B 79 50.14 -15.59 53.60
CA GLU B 79 50.77 -14.30 53.39
C GLU B 79 51.83 -14.62 52.34
N THR B 80 51.49 -14.36 51.08
CA THR B 80 52.40 -14.65 49.98
C THR B 80 52.88 -13.38 49.29
N ASP B 81 53.85 -13.52 48.39
CA ASP B 81 54.41 -12.38 47.66
C ASP B 81 53.60 -12.05 46.42
N ILE B 82 53.32 -13.06 45.61
CA ILE B 82 52.54 -12.84 44.40
C ILE B 82 51.52 -13.95 44.16
N VAL B 83 50.30 -13.55 43.86
CA VAL B 83 49.23 -14.51 43.59
C VAL B 83 48.88 -14.48 42.11
N ILE B 84 48.66 -15.65 41.54
CA ILE B 84 48.28 -15.74 40.13
C ILE B 84 46.96 -16.50 40.07
N VAL B 85 45.90 -15.81 39.66
CA VAL B 85 44.60 -16.44 39.57
C VAL B 85 44.40 -17.01 38.16
N GLY B 86 44.10 -18.29 38.07
CA GLY B 86 43.90 -18.91 36.76
C GLY B 86 45.17 -19.46 36.13
N ALA B 87 45.30 -20.78 36.10
CA ALA B 87 46.48 -21.42 35.54
C ALA B 87 46.27 -21.97 34.13
N GLY B 88 45.94 -21.08 33.19
CA GLY B 88 45.77 -21.48 31.82
C GLY B 88 47.07 -21.23 31.09
N SER B 89 47.00 -21.12 29.76
CA SER B 89 48.19 -20.87 28.96
C SER B 89 48.84 -19.58 29.42
N CYS B 90 48.05 -18.53 29.61
CA CYS B 90 48.58 -17.25 30.06
C CYS B 90 49.09 -17.23 31.49
N GLY B 91 48.29 -17.75 32.42
CA GLY B 91 48.69 -17.79 33.82
C GLY B 91 49.94 -18.62 34.03
N LEU B 92 50.02 -19.74 33.35
CA LEU B 92 51.19 -20.62 33.48
C LEU B 92 52.44 -19.96 32.91
N SER B 93 52.29 -19.29 31.78
CA SER B 93 53.40 -18.60 31.11
C SER B 93 53.93 -17.49 32.03
N ALA B 94 53.05 -16.92 32.83
CA ALA B 94 53.42 -15.86 33.75
C ALA B 94 54.11 -16.50 34.93
N ALA B 95 53.53 -17.57 35.43
CA ALA B 95 54.10 -18.29 36.58
C ALA B 95 55.53 -18.73 36.27
N TYR B 96 55.79 -19.07 35.01
CA TYR B 96 57.10 -19.52 34.59
C TYR B 96 58.14 -18.39 34.64
N VAL B 97 57.91 -17.36 33.82
CA VAL B 97 58.82 -16.23 33.77
C VAL B 97 59.09 -15.67 35.16
N LEU B 98 58.02 -15.37 35.89
CA LEU B 98 58.14 -14.81 37.23
C LEU B 98 58.99 -15.62 38.23
N SER B 99 58.73 -16.92 38.34
CA SER B 99 59.49 -17.74 39.30
C SER B 99 60.94 -17.94 38.89
N THR B 100 61.21 -17.84 37.60
CA THR B 100 62.57 -18.02 37.09
C THR B 100 63.43 -16.79 37.39
N LEU B 101 62.85 -15.60 37.19
CA LEU B 101 63.54 -14.35 37.43
C LEU B 101 63.62 -14.01 38.91
N ARG B 102 62.65 -14.48 39.69
CA ARG B 102 62.60 -14.17 41.11
C ARG B 102 62.46 -15.34 42.06
N PRO B 103 63.46 -16.23 42.12
CA PRO B 103 63.43 -17.40 43.00
C PRO B 103 63.23 -16.96 44.45
N ASP B 104 63.44 -15.68 44.70
CA ASP B 104 63.31 -15.10 46.03
C ASP B 104 61.86 -14.84 46.40
N LEU B 105 60.99 -14.77 45.40
CA LEU B 105 59.57 -14.51 45.65
C LEU B 105 58.74 -15.79 45.67
N ARG B 106 57.73 -15.79 46.53
CA ARG B 106 56.82 -16.91 46.67
C ARG B 106 55.65 -16.68 45.72
N ILE B 107 55.37 -17.69 44.91
CA ILE B 107 54.30 -17.59 43.93
C ILE B 107 53.17 -18.59 44.19
N THR B 108 52.00 -18.03 44.52
CA THR B 108 50.82 -18.82 44.82
C THR B 108 49.81 -18.83 43.67
N ILE B 109 49.71 -19.96 42.96
CA ILE B 109 48.77 -20.08 41.83
C ILE B 109 47.46 -20.69 42.31
N VAL B 110 46.37 -19.94 42.16
CA VAL B 110 45.07 -20.45 42.57
C VAL B 110 44.26 -20.77 41.31
N GLU B 111 44.10 -22.07 41.06
CA GLU B 111 43.38 -22.57 39.90
C GLU B 111 42.08 -23.28 40.25
N ALA B 112 40.98 -22.80 39.70
CA ALA B 112 39.66 -23.37 39.99
C ALA B 112 39.48 -24.85 39.69
N GLY B 113 39.80 -25.27 38.47
CA GLY B 113 39.63 -26.67 38.11
C GLY B 113 40.54 -27.63 38.85
N VAL B 114 40.21 -28.93 38.80
CA VAL B 114 41.06 -29.93 39.43
C VAL B 114 42.31 -29.94 38.56
N ALA B 115 42.12 -30.05 37.25
CA ALA B 115 43.23 -30.06 36.30
C ALA B 115 43.53 -28.63 35.85
N PRO B 116 44.81 -28.21 35.92
CA PRO B 116 45.14 -26.85 35.49
C PRO B 116 45.30 -26.87 33.96
N GLY B 117 45.55 -25.73 33.36
CA GLY B 117 45.74 -25.70 31.92
C GLY B 117 44.68 -24.93 31.15
N GLY B 118 43.60 -24.56 31.82
CA GLY B 118 42.56 -23.81 31.16
C GLY B 118 42.19 -24.38 29.81
N GLY B 119 41.97 -23.50 28.84
CA GLY B 119 41.59 -23.93 27.52
C GLY B 119 42.78 -24.12 26.62
N ALA B 120 43.79 -24.81 27.12
CA ALA B 120 45.00 -25.04 26.35
C ALA B 120 45.32 -26.52 26.21
N TRP B 121 44.31 -27.38 26.28
CA TRP B 121 44.56 -28.80 26.13
C TRP B 121 44.13 -29.13 24.72
N LEU B 122 43.53 -28.14 24.06
CA LEU B 122 43.04 -28.31 22.71
C LEU B 122 43.23 -27.09 21.84
N GLY B 123 43.14 -27.32 20.54
CA GLY B 123 43.24 -26.24 19.59
C GLY B 123 41.80 -25.82 19.38
N GLY B 124 41.40 -25.63 18.13
CA GLY B 124 40.04 -25.23 17.84
C GLY B 124 39.12 -26.36 17.45
N GLN B 125 37.84 -26.22 17.78
CA GLN B 125 36.82 -27.22 17.46
C GLN B 125 37.27 -28.62 17.88
N LEU B 126 37.81 -28.72 19.09
CA LEU B 126 38.26 -29.99 19.67
C LEU B 126 39.50 -30.58 18.98
N PHE B 127 40.04 -29.87 18.01
CA PHE B 127 41.20 -30.38 17.31
C PHE B 127 42.43 -30.22 18.23
N SER B 128 43.61 -30.68 17.77
CA SER B 128 44.82 -30.66 18.59
C SER B 128 45.90 -29.57 18.42
N ALA B 129 46.27 -29.32 17.19
CA ALA B 129 47.32 -28.36 16.85
C ALA B 129 47.24 -26.97 17.47
N MET B 130 48.32 -26.59 18.15
CA MET B 130 48.40 -25.26 18.79
C MET B 130 49.21 -24.31 17.90
N VAL B 131 48.54 -23.30 17.34
CA VAL B 131 49.23 -22.36 16.47
C VAL B 131 49.62 -21.04 17.15
N MET B 132 50.92 -20.78 17.18
CA MET B 132 51.48 -19.58 17.76
C MET B 132 52.20 -18.74 16.72
N ARG B 133 51.74 -17.51 16.53
CA ARG B 133 52.35 -16.61 15.56
C ARG B 133 53.63 -16.04 16.14
N LYS B 134 54.64 -15.90 15.28
CA LYS B 134 55.90 -15.34 15.72
C LYS B 134 55.63 -13.91 16.18
N PRO B 135 56.43 -13.39 17.13
CA PRO B 135 57.58 -14.00 17.79
C PRO B 135 57.31 -14.87 19.01
N ALA B 136 56.09 -15.39 19.16
CA ALA B 136 55.79 -16.23 20.32
C ALA B 136 56.70 -17.46 20.38
N ASP B 137 57.34 -17.78 19.25
CA ASP B 137 58.23 -18.94 19.21
C ASP B 137 59.41 -18.71 20.13
N VAL B 138 59.72 -17.45 20.40
CA VAL B 138 60.82 -17.16 21.31
C VAL B 138 60.46 -17.76 22.69
N PHE B 139 59.18 -17.75 23.03
CA PHE B 139 58.77 -18.30 24.32
C PHE B 139 58.79 -19.82 24.30
N LEU B 140 58.34 -20.41 23.19
CA LEU B 140 58.32 -21.87 23.07
C LEU B 140 59.75 -22.42 23.22
N ASP B 141 60.75 -21.70 22.70
CA ASP B 141 62.15 -22.12 22.82
C ASP B 141 62.53 -22.09 24.29
N GLU B 142 62.31 -20.94 24.91
CA GLU B 142 62.62 -20.76 26.32
C GLU B 142 62.16 -21.93 27.19
N VAL B 143 60.92 -22.35 27.01
CA VAL B 143 60.33 -23.42 27.81
C VAL B 143 60.57 -24.83 27.26
N GLY B 144 61.28 -24.92 26.15
CA GLY B 144 61.56 -26.22 25.57
C GLY B 144 60.43 -27.00 24.94
N VAL B 145 59.58 -26.32 24.18
CA VAL B 145 58.45 -26.97 23.52
C VAL B 145 58.63 -26.89 22.01
N PRO B 146 58.95 -28.04 21.39
CA PRO B 146 59.17 -28.21 19.94
C PRO B 146 58.02 -27.68 19.07
N TYR B 147 58.29 -27.50 17.78
CA TYR B 147 57.27 -26.98 16.87
C TYR B 147 57.68 -27.04 15.41
N GLU B 148 56.70 -26.90 14.51
CA GLU B 148 56.95 -26.89 13.08
C GLU B 148 56.95 -25.43 12.69
N ASP B 149 58.02 -24.97 12.03
CA ASP B 149 58.09 -23.59 11.61
C ASP B 149 57.42 -23.44 10.25
N GLU B 150 56.51 -22.48 10.14
CA GLU B 150 55.80 -22.25 8.88
C GLU B 150 56.07 -20.85 8.33
N GLY B 151 56.99 -20.13 8.94
CA GLY B 151 57.30 -18.79 8.49
C GLY B 151 56.83 -17.69 9.42
N ASP B 152 55.55 -17.31 9.31
CA ASP B 152 54.98 -16.27 10.15
C ASP B 152 54.41 -16.84 11.45
N TYR B 153 54.28 -18.16 11.52
CA TYR B 153 53.75 -18.80 12.71
C TYR B 153 54.37 -20.18 12.88
N VAL B 154 54.26 -20.74 14.08
CA VAL B 154 54.81 -22.06 14.37
C VAL B 154 53.66 -22.93 14.84
N VAL B 155 53.85 -24.25 14.84
CA VAL B 155 52.77 -25.16 15.25
C VAL B 155 53.24 -26.27 16.18
N VAL B 156 52.73 -26.29 17.40
CA VAL B 156 53.09 -27.33 18.35
C VAL B 156 52.23 -28.57 18.09
N LYS B 157 52.88 -29.72 17.97
CA LYS B 157 52.23 -31.01 17.70
C LYS B 157 50.83 -31.07 18.34
N HIS B 158 50.80 -30.84 19.65
CA HIS B 158 49.57 -30.88 20.41
C HIS B 158 49.61 -29.74 21.41
N ALA B 159 48.46 -29.13 21.66
CA ALA B 159 48.40 -28.03 22.61
C ALA B 159 48.70 -28.62 23.97
N ALA B 160 48.37 -29.89 24.16
CA ALA B 160 48.61 -30.59 25.41
C ALA B 160 50.10 -30.62 25.74
N LEU B 161 50.92 -30.82 24.72
CA LEU B 161 52.36 -30.87 24.88
C LEU B 161 52.87 -29.55 25.46
N PHE B 162 52.37 -28.44 24.95
CA PHE B 162 52.79 -27.13 25.45
C PHE B 162 52.39 -26.94 26.91
N THR B 163 51.12 -27.19 27.20
CA THR B 163 50.59 -27.00 28.54
C THR B 163 51.24 -27.93 29.57
N SER B 164 51.35 -29.21 29.23
CA SER B 164 51.95 -30.18 30.14
C SER B 164 53.42 -29.84 30.41
N THR B 165 54.14 -29.41 29.38
CA THR B 165 55.55 -29.08 29.56
C THR B 165 55.73 -27.87 30.47
N VAL B 166 55.13 -26.77 30.07
CA VAL B 166 55.24 -25.55 30.84
C VAL B 166 54.79 -25.84 32.28
N LEU B 167 53.69 -26.58 32.40
CA LEU B 167 53.12 -26.94 33.70
C LEU B 167 54.14 -27.70 34.51
N SER B 168 54.73 -28.71 33.90
CA SER B 168 55.75 -29.52 34.56
C SER B 168 56.89 -28.66 35.12
N LYS B 169 57.41 -27.74 34.30
CA LYS B 169 58.50 -26.89 34.74
C LYS B 169 58.12 -25.91 35.82
N VAL B 170 56.97 -25.25 35.68
CA VAL B 170 56.57 -24.30 36.69
C VAL B 170 56.56 -25.00 38.05
N LEU B 171 55.92 -26.16 38.09
CA LEU B 171 55.79 -26.96 39.31
C LEU B 171 57.12 -27.42 39.93
N GLN B 172 58.18 -27.51 39.13
CA GLN B 172 59.47 -27.92 39.64
C GLN B 172 60.09 -26.83 40.50
N ARG B 173 59.73 -25.59 40.19
CA ARG B 173 60.23 -24.43 40.92
C ARG B 173 59.91 -24.55 42.41
N PRO B 174 60.93 -24.43 43.27
CA PRO B 174 60.77 -24.52 44.72
C PRO B 174 59.94 -23.41 45.32
N ASN B 175 59.81 -22.29 44.61
CA ASN B 175 59.04 -21.15 45.11
C ASN B 175 57.59 -21.08 44.60
N VAL B 176 57.16 -22.10 43.85
CA VAL B 176 55.82 -22.13 43.30
C VAL B 176 54.92 -23.17 43.99
N LYS B 177 53.66 -22.81 44.19
CA LYS B 177 52.67 -23.70 44.80
C LYS B 177 51.37 -23.63 44.00
N LEU B 178 50.92 -24.77 43.48
CA LEU B 178 49.68 -24.78 42.71
C LEU B 178 48.50 -25.23 43.56
N PHE B 179 47.65 -24.28 43.96
CA PHE B 179 46.44 -24.60 44.73
C PHE B 179 45.30 -24.83 43.73
N ASN B 180 45.33 -25.98 43.06
CA ASN B 180 44.29 -26.33 42.11
C ASN B 180 43.03 -26.71 42.89
N ALA B 181 41.91 -26.84 42.19
CA ALA B 181 40.64 -27.19 42.83
C ALA B 181 40.23 -26.07 43.80
N THR B 182 40.82 -24.89 43.63
CA THR B 182 40.49 -23.77 44.49
C THR B 182 40.03 -22.56 43.68
N THR B 183 38.93 -21.95 44.10
CA THR B 183 38.37 -20.79 43.40
C THR B 183 38.54 -19.49 44.19
N VAL B 184 38.58 -18.39 43.44
CA VAL B 184 38.70 -17.05 43.99
C VAL B 184 37.31 -16.45 43.92
N GLU B 185 36.67 -16.30 45.07
CA GLU B 185 35.31 -15.76 45.13
C GLU B 185 35.25 -14.25 45.28
N ASP B 186 36.33 -13.65 45.75
CA ASP B 186 36.35 -12.21 45.94
C ASP B 186 37.78 -11.72 46.06
N LEU B 187 37.96 -10.41 46.10
CA LEU B 187 39.29 -9.81 46.23
C LEU B 187 39.43 -9.14 47.59
N ILE B 188 40.61 -9.22 48.20
CA ILE B 188 40.79 -8.54 49.47
C ILE B 188 41.14 -7.11 49.07
N THR B 189 40.36 -6.16 49.55
CA THR B 189 40.60 -4.76 49.20
C THR B 189 41.15 -3.89 50.33
N ARG B 190 41.54 -2.66 49.99
CA ARG B 190 42.07 -1.68 50.94
C ARG B 190 41.74 -0.29 50.38
N LYS B 191 41.77 0.72 51.23
CA LYS B 191 41.48 2.08 50.76
C LYS B 191 42.67 2.74 50.08
N HIS B 192 42.40 3.41 48.96
CA HIS B 192 43.38 4.16 48.16
C HIS B 192 44.52 3.32 47.59
N LYS B 210 38.51 5.02 45.54
CA LYS B 210 39.68 4.31 45.04
C LYS B 210 40.14 3.18 45.97
N VAL B 211 40.39 2.01 45.40
CA VAL B 211 40.83 0.88 46.20
C VAL B 211 42.04 0.19 45.58
N ARG B 212 42.79 -0.52 46.43
CA ARG B 212 43.96 -1.27 46.04
C ARG B 212 43.67 -2.73 46.37
N ILE B 213 44.03 -3.64 45.47
CA ILE B 213 43.81 -5.05 45.72
C ILE B 213 44.95 -5.54 46.61
N ALA B 214 44.63 -6.28 47.67
CA ALA B 214 45.68 -6.74 48.58
C ALA B 214 45.60 -8.22 48.94
N GLY B 215 44.91 -8.99 48.10
CA GLY B 215 44.79 -10.41 48.35
C GLY B 215 43.60 -11.03 47.65
N VAL B 216 43.34 -12.30 47.94
CA VAL B 216 42.20 -13.01 47.34
C VAL B 216 41.40 -13.83 48.36
N VAL B 217 40.10 -13.88 48.11
CA VAL B 217 39.19 -14.64 48.95
C VAL B 217 39.03 -15.96 48.20
N THR B 218 39.45 -17.02 48.84
CA THR B 218 39.43 -18.33 48.21
C THR B 218 38.47 -19.27 48.87
N ASN B 219 38.22 -20.39 48.19
CA ASN B 219 37.35 -21.45 48.69
C ASN B 219 37.52 -22.64 47.74
N TRP B 220 36.93 -23.78 48.09
CA TRP B 220 37.02 -24.95 47.23
C TRP B 220 36.09 -24.68 46.04
N THR B 221 36.58 -24.94 44.84
CA THR B 221 35.76 -24.70 43.65
C THR B 221 34.37 -25.31 43.78
N LEU B 222 34.31 -26.54 44.30
CA LEU B 222 33.02 -27.21 44.48
C LEU B 222 32.13 -26.47 45.47
N VAL B 223 32.74 -25.79 46.44
CA VAL B 223 31.98 -25.03 47.42
C VAL B 223 31.45 -23.75 46.74
N SER B 224 32.33 -23.04 46.03
CA SER B 224 31.94 -21.83 45.33
C SER B 224 30.74 -22.06 44.41
N MET B 225 30.57 -23.30 43.97
CA MET B 225 29.49 -23.66 43.05
C MET B 225 28.17 -24.06 43.71
N HIS B 226 28.19 -24.37 45.00
CA HIS B 226 26.97 -24.79 45.68
C HIS B 226 26.67 -24.00 46.95
N HIS B 227 26.79 -22.68 46.86
CA HIS B 227 26.51 -21.83 48.00
C HIS B 227 25.01 -21.76 48.22
N ASP B 228 24.29 -22.66 47.55
CA ASP B 228 22.84 -22.75 47.66
C ASP B 228 22.47 -24.18 48.05
N ASP B 229 23.32 -25.12 47.68
CA ASP B 229 23.12 -26.53 47.95
C ASP B 229 23.66 -27.01 49.29
N GLN B 230 23.67 -26.10 50.27
CA GLN B 230 24.11 -26.35 51.64
C GLN B 230 23.91 -25.09 52.48
N SER B 231 24.34 -25.13 53.74
CA SER B 231 24.24 -24.00 54.66
C SER B 231 25.44 -23.12 54.38
N MET B 233 28.85 -21.47 53.87
CA MET B 233 30.22 -21.96 53.90
C MET B 233 31.19 -20.83 53.61
N ASP B 234 31.68 -20.20 54.68
CA ASP B 234 32.62 -19.09 54.55
C ASP B 234 33.90 -19.43 53.82
N PRO B 235 34.49 -18.44 53.13
CA PRO B 235 35.74 -18.65 52.39
C PRO B 235 36.94 -18.42 53.30
N ASN B 236 38.13 -18.56 52.73
CA ASN B 236 39.38 -18.32 53.44
C ASN B 236 40.09 -17.18 52.72
N THR B 237 41.28 -16.80 53.19
CA THR B 237 41.99 -15.69 52.58
C THR B 237 43.45 -15.96 52.24
N ILE B 238 44.03 -15.02 51.50
CA ILE B 238 45.42 -15.05 51.10
C ILE B 238 45.86 -13.60 50.96
N ASN B 239 46.66 -13.12 51.91
CA ASN B 239 47.13 -11.74 51.84
C ASN B 239 48.32 -11.67 50.90
N ALA B 240 48.23 -10.78 49.91
CA ALA B 240 49.30 -10.60 48.93
C ALA B 240 49.30 -9.18 48.39
N PRO B 241 50.49 -8.60 48.22
CA PRO B 241 50.64 -7.25 47.71
C PRO B 241 50.28 -7.08 46.23
N VAL B 242 50.49 -8.14 45.45
CA VAL B 242 50.19 -8.09 44.02
C VAL B 242 49.46 -9.32 43.45
N ILE B 243 48.36 -9.06 42.74
CA ILE B 243 47.57 -10.12 42.15
C ILE B 243 47.49 -10.07 40.63
N ILE B 244 47.85 -11.17 39.98
CA ILE B 244 47.79 -11.27 38.53
C ILE B 244 46.57 -12.13 38.18
N SER B 245 45.58 -11.51 37.54
CA SER B 245 44.38 -12.26 37.18
C SER B 245 44.35 -12.61 35.71
N THR B 246 44.25 -13.91 35.45
CA THR B 246 44.21 -14.43 34.10
C THR B 246 43.18 -15.55 34.09
N THR B 247 41.94 -15.20 34.40
CA THR B 247 40.86 -16.20 34.46
C THR B 247 40.08 -16.38 33.17
N GLY B 248 40.63 -15.89 32.06
CA GLY B 248 39.94 -16.04 30.79
C GLY B 248 38.80 -15.06 30.65
N HIS B 249 38.09 -15.13 29.52
CA HIS B 249 36.98 -14.22 29.27
C HIS B 249 35.68 -14.58 29.94
N ASP B 250 34.78 -13.60 30.00
CA ASP B 250 33.48 -13.73 30.63
C ASP B 250 32.85 -15.11 30.44
N GLY B 251 32.29 -15.62 31.53
CA GLY B 251 31.65 -16.93 31.52
C GLY B 251 31.36 -17.36 32.95
N PRO B 252 30.70 -18.51 33.13
CA PRO B 252 30.38 -18.98 34.48
C PRO B 252 31.56 -18.86 35.45
N PHE B 253 32.75 -19.21 34.99
CA PHE B 253 33.92 -19.14 35.84
C PHE B 253 34.86 -17.97 35.51
N GLY B 254 35.07 -17.71 34.22
CA GLY B 254 35.98 -16.65 33.80
C GLY B 254 35.65 -15.18 34.02
N ALA B 255 36.67 -14.35 33.75
CA ALA B 255 36.61 -12.89 33.89
C ALA B 255 36.22 -12.45 35.30
N PHE B 256 36.78 -13.12 36.30
CA PHE B 256 36.43 -12.80 37.68
C PHE B 256 36.87 -11.48 38.30
N SER B 257 38.16 -11.17 38.19
CA SER B 257 38.70 -9.95 38.78
C SER B 257 38.15 -8.68 38.15
N VAL B 258 38.04 -8.74 36.82
CA VAL B 258 37.54 -7.63 36.03
C VAL B 258 36.05 -7.36 36.32
N LYS B 259 35.26 -8.43 36.46
CA LYS B 259 33.84 -8.31 36.75
C LYS B 259 33.57 -7.89 38.19
N ARG B 260 34.45 -8.26 39.11
CA ARG B 260 34.27 -7.92 40.51
C ARG B 260 34.54 -6.44 40.74
N LEU B 261 35.43 -5.86 39.94
CA LEU B 261 35.73 -4.44 40.06
C LEU B 261 34.47 -3.65 39.78
N VAL B 262 33.65 -4.17 38.88
CA VAL B 262 32.40 -3.51 38.50
C VAL B 262 31.33 -3.63 39.59
N SER B 263 31.22 -4.82 40.17
CA SER B 263 30.25 -5.05 41.25
C SER B 263 30.69 -4.34 42.52
N MET B 264 31.99 -4.05 42.60
CA MET B 264 32.53 -3.33 43.76
C MET B 264 32.45 -1.86 43.43
N LYS B 265 31.66 -1.56 42.40
CA LYS B 265 31.44 -0.19 41.92
C LYS B 265 32.73 0.61 41.78
N GLN B 266 33.74 -0.02 41.21
CA GLN B 266 35.05 0.61 40.98
C GLN B 266 35.16 0.90 39.49
N MET B 267 34.39 0.14 38.72
CA MET B 267 34.35 0.24 37.27
C MET B 267 32.92 0.56 36.87
N GLU B 268 32.77 1.19 35.71
CA GLU B 268 31.45 1.55 35.18
C GLU B 268 30.75 0.33 34.59
N ARG B 269 31.49 -0.37 33.75
CA ARG B 269 30.95 -1.54 33.08
C ARG B 269 32.11 -2.19 32.37
N LEU B 270 31.82 -3.25 31.61
CA LEU B 270 32.84 -3.93 30.86
C LEU B 270 32.55 -3.68 29.38
N ASN B 271 33.55 -3.19 28.66
CA ASN B 271 33.37 -2.93 27.23
C ASN B 271 32.91 -4.23 26.59
N GLY B 272 33.48 -5.34 27.07
CA GLY B 272 33.11 -6.65 26.57
C GLY B 272 33.94 -7.20 25.42
N MET B 273 34.40 -8.44 25.57
CA MET B 273 35.19 -9.09 24.53
C MET B 273 34.45 -8.89 23.21
N ARG B 274 35.16 -8.43 22.19
CA ARG B 274 34.54 -8.19 20.88
C ARG B 274 34.72 -9.34 19.90
N GLY B 275 34.16 -9.18 18.71
CA GLY B 275 34.25 -10.20 17.69
C GLY B 275 35.68 -10.65 17.44
N LEU B 276 35.84 -11.72 16.65
CA LEU B 276 37.17 -12.24 16.37
C LEU B 276 37.85 -11.55 15.21
N ASP B 277 39.10 -11.14 15.46
CA ASP B 277 39.99 -10.48 14.50
C ASP B 277 41.39 -10.79 15.04
N MET B 278 41.92 -11.94 14.68
CA MET B 278 43.23 -12.36 15.16
C MET B 278 44.32 -11.29 15.09
N GLN B 279 44.43 -10.60 13.97
CA GLN B 279 45.49 -9.62 13.84
C GLN B 279 45.49 -8.48 14.84
N SER B 280 44.35 -7.87 15.11
CA SER B 280 44.34 -6.78 16.08
C SER B 280 44.21 -7.29 17.52
N ALA B 281 43.58 -8.43 17.69
CA ALA B 281 43.39 -9.00 19.02
C ALA B 281 44.67 -9.33 19.79
N GLU B 282 45.46 -10.27 19.29
CA GLU B 282 46.68 -10.67 19.98
C GLU B 282 47.60 -9.49 20.27
N ASP B 283 47.72 -8.59 19.32
CA ASP B 283 48.56 -7.41 19.49
C ASP B 283 48.09 -6.60 20.70
N ALA B 284 46.79 -6.37 20.77
CA ALA B 284 46.17 -5.61 21.85
C ALA B 284 46.31 -6.24 23.22
N ILE B 285 45.99 -7.53 23.33
CA ILE B 285 46.07 -8.21 24.60
C ILE B 285 47.47 -8.13 25.20
N VAL B 286 48.48 -8.43 24.39
CA VAL B 286 49.87 -8.42 24.85
C VAL B 286 50.41 -7.06 25.27
N ASN B 287 50.17 -6.05 24.45
CA ASN B 287 50.67 -4.71 24.75
C ASN B 287 49.92 -3.96 25.84
N ASN B 288 48.68 -4.36 26.12
CA ASN B 288 47.90 -3.70 27.16
C ASN B 288 47.88 -4.45 28.48
N THR B 289 48.57 -5.59 28.54
CA THR B 289 48.65 -6.36 29.76
C THR B 289 49.41 -5.52 30.78
N ARG B 290 48.73 -5.14 31.86
CA ARG B 290 49.35 -4.33 32.88
C ARG B 290 48.53 -4.23 34.15
N GLU B 291 49.04 -3.44 35.11
CA GLU B 291 48.36 -3.21 36.37
C GLU B 291 47.14 -2.32 36.13
N ILE B 292 45.97 -2.95 36.15
CA ILE B 292 44.67 -2.31 35.93
C ILE B 292 44.33 -1.33 37.04
N VAL B 293 44.48 -1.83 38.26
CA VAL B 293 44.20 -1.09 39.46
C VAL B 293 45.37 -1.43 40.37
N PRO B 294 45.68 -0.58 41.37
CA PRO B 294 46.80 -0.88 42.25
C PRO B 294 46.71 -2.27 42.85
N GLY B 295 47.75 -3.07 42.62
CA GLY B 295 47.78 -4.42 43.17
C GLY B 295 47.12 -5.47 42.29
N LEU B 296 46.46 -5.03 41.23
CA LEU B 296 45.78 -5.95 40.33
C LEU B 296 46.27 -5.87 38.89
N ILE B 297 46.93 -6.92 38.44
CA ILE B 297 47.43 -7.01 37.08
C ILE B 297 46.56 -8.00 36.31
N VAL B 298 46.14 -7.60 35.11
CA VAL B 298 45.30 -8.44 34.28
C VAL B 298 45.99 -8.80 32.97
N GLY B 299 45.80 -10.05 32.54
CA GLY B 299 46.40 -10.50 31.29
C GLY B 299 45.46 -11.51 30.67
N GLY B 300 45.87 -12.12 29.56
CA GLY B 300 45.03 -13.12 28.92
C GLY B 300 43.73 -12.58 28.38
N MET B 301 42.80 -13.49 28.10
CA MET B 301 41.52 -13.07 27.58
C MET B 301 40.66 -12.29 28.57
N GLU B 302 40.98 -12.40 29.86
CA GLU B 302 40.19 -11.63 30.81
C GLU B 302 40.36 -10.15 30.46
N LEU B 303 41.56 -9.81 29.98
CA LEU B 303 41.87 -8.43 29.61
C LEU B 303 40.96 -7.95 28.48
N SER B 304 40.65 -8.84 27.54
CA SER B 304 39.77 -8.48 26.42
C SER B 304 38.40 -8.03 26.93
N GLU B 305 38.00 -8.53 28.08
CA GLU B 305 36.71 -8.18 28.67
C GLU B 305 36.68 -6.74 29.16
N ILE B 306 37.73 -6.34 29.87
CA ILE B 306 37.81 -4.99 30.42
C ILE B 306 38.15 -3.96 29.35
N ASP B 307 39.04 -4.31 28.42
CA ASP B 307 39.45 -3.39 27.37
C ASP B 307 38.56 -3.43 26.13
N GLY B 308 37.70 -4.44 26.02
CA GLY B 308 36.83 -4.54 24.86
C GLY B 308 37.61 -4.84 23.60
N ALA B 309 38.62 -5.71 23.74
CA ALA B 309 39.47 -6.09 22.62
C ALA B 309 38.80 -7.20 21.81
N ASN B 310 39.28 -7.44 20.60
CA ASN B 310 38.74 -8.51 19.78
C ASN B 310 39.31 -9.78 20.40
N ARG B 311 38.78 -10.93 19.97
CA ARG B 311 39.26 -12.21 20.47
C ARG B 311 40.13 -12.82 19.38
N MET B 312 40.99 -13.77 19.75
CA MET B 312 41.87 -14.38 18.76
C MET B 312 41.50 -15.79 18.32
N GLY B 313 40.49 -16.39 18.93
CA GLY B 313 40.11 -17.72 18.53
C GLY B 313 41.17 -18.74 18.91
N PRO B 314 41.37 -19.79 18.08
CA PRO B 314 42.36 -20.84 18.35
C PRO B 314 43.83 -20.53 18.02
N THR B 315 44.40 -19.53 18.70
CA THR B 315 45.81 -19.16 18.49
C THR B 315 46.32 -18.63 19.84
N PHE B 316 47.44 -19.16 20.33
CA PHE B 316 47.96 -18.81 21.65
C PHE B 316 49.15 -17.87 21.79
N GLY B 317 49.64 -17.30 20.71
CA GLY B 317 50.79 -16.42 20.84
C GLY B 317 50.61 -15.36 21.91
N ALA B 318 49.50 -14.64 21.82
CA ALA B 318 49.20 -13.57 22.75
C ALA B 318 49.12 -14.04 24.20
N MET B 319 48.47 -15.16 24.45
CA MET B 319 48.36 -15.66 25.81
C MET B 319 49.73 -15.83 26.43
N ALA B 320 50.62 -16.50 25.70
CA ALA B 320 51.97 -16.75 26.18
C ALA B 320 52.74 -15.45 26.49
N LEU B 321 52.83 -14.57 25.50
CA LEU B 321 53.55 -13.32 25.68
C LEU B 321 52.83 -12.39 26.65
N SER B 322 51.52 -12.55 26.77
CA SER B 322 50.78 -11.73 27.69
C SER B 322 51.18 -12.24 29.07
N GLY B 323 51.45 -13.54 29.15
CA GLY B 323 51.88 -14.11 30.41
C GLY B 323 53.20 -13.46 30.77
N VAL B 324 54.08 -13.37 29.77
CA VAL B 324 55.40 -12.76 29.95
C VAL B 324 55.27 -11.30 30.39
N LYS B 325 54.44 -10.54 29.67
CA LYS B 325 54.24 -9.14 30.00
C LYS B 325 53.81 -8.99 31.46
N ALA B 326 52.85 -9.82 31.87
CA ALA B 326 52.32 -9.77 33.23
C ALA B 326 53.39 -10.04 34.28
N ALA B 327 54.25 -11.03 34.03
CA ALA B 327 55.29 -11.32 35.00
C ALA B 327 56.19 -10.10 35.15
N HIS B 328 56.46 -9.46 34.02
CA HIS B 328 57.30 -8.28 33.98
C HIS B 328 56.65 -7.17 34.80
N GLU B 329 55.36 -6.96 34.59
CA GLU B 329 54.61 -5.94 35.31
C GLU B 329 54.62 -6.17 36.82
N ALA B 330 54.39 -7.41 37.21
CA ALA B 330 54.40 -7.77 38.62
C ALA B 330 55.71 -7.33 39.25
N ILE B 331 56.82 -7.65 38.58
CA ILE B 331 58.14 -7.30 39.07
C ILE B 331 58.28 -5.79 39.19
N ARG B 332 57.88 -5.08 38.14
CA ARG B 332 57.95 -3.63 38.10
C ARG B 332 57.16 -2.95 39.21
N VAL B 333 56.04 -3.55 39.57
CA VAL B 333 55.16 -2.97 40.58
C VAL B 333 55.35 -3.51 42.00
N PHE B 334 56.02 -4.66 42.11
CA PHE B 334 56.22 -5.33 43.39
C PHE B 334 56.69 -4.57 44.60
N ASP B 335 57.93 -4.07 44.57
CA ASP B 335 58.48 -3.34 45.72
C ASP B 335 57.53 -2.27 46.28
N LEU B 336 56.89 -1.54 45.38
CA LEU B 336 55.97 -0.50 45.79
C LEU B 336 54.79 -1.06 46.60
N ARG B 337 54.02 -1.95 45.96
CA ARG B 337 52.86 -2.57 46.59
C ARG B 337 53.20 -3.32 47.86
N LYS B 338 54.40 -3.89 47.89
CA LYS B 338 54.89 -4.64 49.05
C LYS B 338 54.97 -3.69 50.22
N ALA B 339 55.47 -2.49 49.96
CA ALA B 339 55.61 -1.47 50.98
C ALA B 339 54.24 -1.01 51.45
N GLN B 340 53.33 -0.87 50.51
CA GLN B 340 51.98 -0.43 50.82
C GLN B 340 51.17 -1.52 51.52
N ASN B 341 51.63 -2.76 51.45
CA ASN B 341 50.88 -3.83 52.09
C ASN B 341 51.35 -4.14 53.50
N ASP B 342 52.62 -3.86 53.81
CA ASP B 342 53.14 -4.13 55.15
C ASP B 342 52.98 -2.98 56.14
N GLY C 35 68.55 -18.84 34.61
CA GLY C 35 67.69 -17.69 34.19
C GLY C 35 67.04 -17.89 32.84
N LEU C 36 66.43 -16.83 32.32
CA LEU C 36 65.77 -16.90 31.02
C LEU C 36 66.80 -16.83 29.90
N SER C 37 66.34 -17.13 28.68
CA SER C 37 67.22 -17.09 27.51
C SER C 37 67.37 -15.66 27.01
N LYS C 38 68.52 -15.36 26.40
CA LYS C 38 68.77 -14.02 25.89
C LYS C 38 67.65 -13.56 24.96
N PRO C 39 67.30 -14.39 23.96
CA PRO C 39 66.23 -14.01 23.04
C PRO C 39 64.98 -13.52 23.74
N LEU C 40 64.60 -14.20 24.82
CA LEU C 40 63.41 -13.81 25.55
C LEU C 40 63.66 -12.53 26.36
N LEU C 41 64.85 -12.43 26.93
CA LEU C 41 65.22 -11.26 27.72
C LEU C 41 65.24 -10.01 26.86
N GLU C 42 65.49 -10.20 25.57
CA GLU C 42 65.53 -9.09 24.65
C GLU C 42 64.14 -8.71 24.15
N LEU C 43 63.24 -9.69 24.12
CA LEU C 43 61.88 -9.47 23.66
C LEU C 43 61.02 -8.77 24.70
N MET C 44 61.17 -9.17 25.96
CA MET C 44 60.39 -8.61 27.05
C MET C 44 60.18 -7.10 27.07
N PRO C 45 61.27 -6.32 27.00
CA PRO C 45 61.17 -4.85 27.02
C PRO C 45 60.30 -4.31 25.89
N THR C 46 60.11 -5.13 24.86
CA THR C 46 59.30 -4.77 23.69
C THR C 46 57.80 -4.81 23.97
N LEU C 47 57.37 -5.78 24.76
CA LEU C 47 55.97 -5.93 25.09
C LEU C 47 55.48 -4.68 25.80
N GLY C 48 54.44 -4.07 25.24
CA GLY C 48 53.90 -2.85 25.80
C GLY C 48 54.37 -1.61 25.06
N THR C 49 55.04 -1.82 23.93
CA THR C 49 55.54 -0.69 23.13
C THR C 49 55.14 -0.89 21.67
N ASP C 50 55.03 0.20 20.93
CA ASP C 50 54.64 0.10 19.51
C ASP C 50 55.60 -0.79 18.75
N ALA C 51 56.76 -1.05 19.33
CA ALA C 51 57.76 -1.87 18.69
C ALA C 51 57.37 -3.34 18.64
N PHE C 52 56.34 -3.72 19.40
CA PHE C 52 55.90 -5.10 19.38
C PHE C 52 54.65 -5.35 18.56
N THR C 53 54.71 -6.38 17.72
CA THR C 53 53.60 -6.75 16.88
C THR C 53 53.81 -8.17 16.40
N PHE C 54 52.76 -8.98 16.41
CA PHE C 54 52.90 -10.36 15.94
C PHE C 54 52.94 -10.30 14.43
N SER C 55 53.49 -11.34 13.82
CA SER C 55 53.55 -11.40 12.37
C SER C 55 52.13 -11.46 11.82
N PRO C 56 51.96 -11.17 10.52
CA PRO C 56 50.63 -11.21 9.90
C PRO C 56 50.03 -12.59 9.91
N ILE C 57 48.72 -12.66 9.83
CA ILE C 57 48.06 -13.94 9.82
C ILE C 57 46.63 -13.81 9.31
N ARG C 58 46.20 -14.81 8.56
CA ARG C 58 44.85 -14.86 8.03
C ARG C 58 44.21 -15.99 8.84
N GLU C 59 43.03 -15.75 9.42
CA GLU C 59 42.37 -16.78 10.23
C GLU C 59 42.41 -18.19 9.61
N SER C 60 41.93 -18.30 8.37
CA SER C 60 41.87 -19.58 7.68
C SER C 60 43.19 -20.33 7.65
N THR C 61 44.28 -19.62 7.91
CA THR C 61 45.59 -20.25 7.92
C THR C 61 45.69 -21.04 9.23
N VAL C 62 45.03 -20.52 10.26
CA VAL C 62 45.02 -21.17 11.55
C VAL C 62 44.14 -22.41 11.47
N SER C 63 42.97 -22.25 10.85
CA SER C 63 42.04 -23.36 10.70
C SER C 63 42.74 -24.50 10.00
N ARG C 64 43.08 -24.24 8.74
CA ARG C 64 43.76 -25.23 7.91
C ARG C 64 44.97 -25.82 8.61
N ALA C 65 45.64 -25.02 9.42
CA ALA C 65 46.82 -25.50 10.12
C ALA C 65 46.44 -26.61 11.08
N MET C 66 45.25 -26.51 11.67
CA MET C 66 44.80 -27.53 12.62
C MET C 66 44.05 -28.67 11.96
N THR C 67 43.09 -28.35 11.11
CA THR C 67 42.28 -29.37 10.44
C THR C 67 43.14 -30.30 9.59
N ARG C 68 44.12 -29.74 8.91
CA ARG C 68 44.98 -30.54 8.05
C ARG C 68 45.69 -31.61 8.90
N ARG C 69 46.33 -31.18 9.99
CA ARG C 69 47.05 -32.08 10.88
C ARG C 69 46.15 -33.06 11.61
N TYR C 70 44.97 -32.61 11.97
CA TYR C 70 44.02 -33.48 12.66
C TYR C 70 43.51 -34.59 11.75
N PHE C 71 43.18 -34.27 10.49
CA PHE C 71 42.71 -35.27 9.54
C PHE C 71 43.81 -36.31 9.34
N ALA C 72 45.05 -35.83 9.23
CA ALA C 72 46.19 -36.70 9.05
C ALA C 72 46.20 -37.74 10.17
N ASP C 73 46.03 -37.29 11.42
CA ASP C 73 46.00 -38.18 12.57
C ASP C 73 44.84 -39.18 12.43
N LEU C 74 43.66 -38.63 12.14
CA LEU C 74 42.44 -39.40 11.98
C LEU C 74 42.59 -40.42 10.87
N ASP C 75 43.33 -40.05 9.82
CA ASP C 75 43.51 -40.98 8.73
C ASP C 75 44.51 -42.04 9.15
N ALA C 76 45.59 -41.60 9.78
CA ALA C 76 46.64 -42.51 10.21
C ALA C 76 46.23 -43.49 11.31
N HIS C 77 45.53 -42.98 12.32
CA HIS C 77 45.13 -43.84 13.43
C HIS C 77 43.85 -44.61 13.26
N ALA C 78 43.18 -44.47 12.12
CA ALA C 78 41.94 -45.21 11.87
C ALA C 78 42.27 -46.70 12.01
N GLU C 79 43.50 -47.03 11.67
CA GLU C 79 44.03 -48.40 11.75
C GLU C 79 45.32 -48.26 12.55
N THR C 80 45.35 -48.77 13.78
CA THR C 80 46.56 -48.65 14.59
C THR C 80 47.04 -49.94 15.25
N ASP C 81 48.16 -49.86 15.95
CA ASP C 81 48.72 -51.01 16.63
C ASP C 81 48.14 -51.16 18.03
N ILE C 82 48.42 -50.19 18.89
CA ILE C 82 47.92 -50.25 20.26
C ILE C 82 47.07 -49.06 20.66
N VAL C 83 45.95 -49.35 21.33
CA VAL C 83 45.07 -48.29 21.81
C VAL C 83 45.08 -48.32 23.33
N ILE C 84 45.15 -47.12 23.93
CA ILE C 84 45.09 -47.00 25.38
C ILE C 84 43.87 -46.13 25.64
N VAL C 85 42.92 -46.66 26.40
CA VAL C 85 41.71 -45.91 26.72
C VAL C 85 41.79 -45.37 28.14
N GLY C 86 42.00 -44.07 28.27
CA GLY C 86 42.08 -43.48 29.59
C GLY C 86 43.44 -42.93 29.94
N ALA C 87 43.58 -41.62 29.84
CA ALA C 87 44.86 -40.97 30.14
C ALA C 87 45.05 -40.64 31.62
N GLY C 88 44.65 -41.54 32.50
CA GLY C 88 44.84 -41.34 33.92
C GLY C 88 46.25 -41.79 34.25
N SER C 89 46.66 -41.70 35.51
CA SER C 89 48.03 -42.08 35.90
C SER C 89 48.46 -43.46 35.37
N CYS C 90 47.56 -44.44 35.40
CA CYS C 90 47.88 -45.76 34.92
C CYS C 90 48.11 -45.79 33.41
N GLY C 91 47.11 -45.35 32.66
CA GLY C 91 47.22 -45.32 31.21
C GLY C 91 48.46 -44.57 30.73
N LEU C 92 48.71 -43.39 31.31
CA LEU C 92 49.87 -42.58 30.95
C LEU C 92 51.17 -43.33 31.18
N SER C 93 51.30 -43.96 32.34
CA SER C 93 52.51 -44.72 32.65
C SER C 93 52.70 -45.84 31.62
N ALA C 94 51.59 -46.45 31.19
CA ALA C 94 51.64 -47.51 30.19
C ALA C 94 52.11 -46.95 28.86
N ALA C 95 51.54 -45.81 28.47
CA ALA C 95 51.90 -45.17 27.21
C ALA C 95 53.39 -44.85 27.21
N TYR C 96 53.88 -44.31 28.33
CA TYR C 96 55.28 -43.95 28.43
C TYR C 96 56.20 -45.13 28.13
N VAL C 97 56.04 -46.19 28.94
CA VAL C 97 56.83 -47.40 28.82
C VAL C 97 56.68 -48.05 27.46
N LEU C 98 55.45 -48.06 26.96
CA LEU C 98 55.17 -48.67 25.67
C LEU C 98 55.79 -47.95 24.48
N SER C 99 55.66 -46.63 24.44
CA SER C 99 56.21 -45.84 23.33
C SER C 99 57.73 -45.77 23.41
N THR C 100 58.24 -46.00 24.60
CA THR C 100 59.68 -45.98 24.78
C THR C 100 60.23 -47.29 24.24
N LEU C 101 59.64 -48.41 24.67
CA LEU C 101 60.06 -49.74 24.25
C LEU C 101 59.76 -50.05 22.78
N ARG C 102 58.65 -49.53 22.26
CA ARG C 102 58.28 -49.84 20.90
C ARG C 102 57.98 -48.62 20.02
N PRO C 103 59.02 -47.88 19.63
CA PRO C 103 58.87 -46.69 18.79
C PRO C 103 58.33 -47.05 17.42
N ASP C 104 58.44 -48.33 17.09
CA ASP C 104 57.98 -48.89 15.81
C ASP C 104 56.47 -49.04 15.79
N LEU C 105 55.86 -49.01 16.97
CA LEU C 105 54.42 -49.16 17.09
C LEU C 105 53.68 -47.84 17.16
N ARG C 106 52.50 -47.81 16.57
CA ARG C 106 51.68 -46.60 16.60
C ARG C 106 50.75 -46.67 17.83
N ILE C 107 50.93 -45.74 18.76
CA ILE C 107 50.14 -45.71 19.97
C ILE C 107 49.05 -44.65 19.97
N THR C 108 47.81 -45.11 20.05
CA THR C 108 46.65 -44.23 20.03
C THR C 108 45.98 -44.08 21.40
N ILE C 109 46.19 -42.93 22.04
CA ILE C 109 45.58 -42.65 23.34
C ILE C 109 44.22 -41.92 23.18
N VAL C 110 43.15 -42.55 23.67
CA VAL C 110 41.81 -41.97 23.60
C VAL C 110 41.36 -41.58 25.01
N GLU C 111 41.24 -40.28 25.25
CA GLU C 111 40.83 -39.76 26.56
C GLU C 111 39.55 -38.94 26.50
N ALA C 112 38.58 -39.31 27.32
CA ALA C 112 37.30 -38.65 27.35
C ALA C 112 37.41 -37.15 27.62
N GLY C 113 38.00 -36.76 28.74
CA GLY C 113 38.11 -35.36 29.07
C GLY C 113 39.03 -34.52 28.20
N VAL C 114 38.79 -33.21 28.18
CA VAL C 114 39.63 -32.31 27.39
C VAL C 114 40.99 -32.34 28.09
N ALA C 115 40.94 -32.21 29.40
CA ALA C 115 42.15 -32.24 30.21
C ALA C 115 42.47 -33.70 30.47
N PRO C 116 43.70 -34.13 30.15
CA PRO C 116 44.03 -35.53 30.41
C PRO C 116 44.57 -35.66 31.85
N GLY C 117 44.80 -36.87 32.30
CA GLY C 117 45.35 -37.05 33.65
C GLY C 117 44.51 -37.78 34.67
N GLY C 118 43.24 -38.01 34.38
CA GLY C 118 42.39 -38.72 35.32
C GLY C 118 42.41 -38.12 36.72
N GLY C 119 42.53 -38.98 37.72
CA GLY C 119 42.57 -38.50 39.09
C GLY C 119 43.96 -38.18 39.58
N ALA C 120 44.88 -37.99 38.65
CA ALA C 120 46.26 -37.73 39.01
C ALA C 120 46.62 -36.26 39.18
N TRP C 121 45.62 -35.38 39.22
CA TRP C 121 45.87 -33.96 39.40
C TRP C 121 45.91 -33.53 40.88
N LEU C 122 45.36 -34.39 41.72
CA LEU C 122 45.31 -34.12 43.14
C LEU C 122 45.74 -35.35 43.92
N GLY C 123 45.82 -35.16 45.23
CA GLY C 123 46.16 -36.23 46.13
C GLY C 123 44.85 -36.61 46.78
N GLY C 124 44.83 -36.71 48.10
CA GLY C 124 43.60 -37.08 48.78
C GLY C 124 42.83 -35.92 49.37
N GLN C 125 41.51 -35.98 49.27
CA GLN C 125 40.61 -34.94 49.79
C GLN C 125 40.96 -33.53 49.27
N LEU C 126 41.24 -33.45 47.98
CA LEU C 126 41.59 -32.19 47.32
C LEU C 126 42.97 -31.66 47.71
N PHE C 127 43.74 -32.45 48.45
CA PHE C 127 45.07 -32.03 48.85
C PHE C 127 46.05 -32.35 47.72
N SER C 128 47.28 -31.87 47.84
CA SER C 128 48.28 -32.00 46.79
C SER C 128 49.25 -33.19 46.73
N ALA C 129 49.93 -33.46 47.85
CA ALA C 129 50.93 -34.51 47.95
C ALA C 129 50.60 -35.85 47.29
N MET C 130 51.52 -36.34 46.46
CA MET C 130 51.32 -37.62 45.82
C MET C 130 52.20 -38.67 46.48
N VAL C 131 51.59 -39.61 47.18
CA VAL C 131 52.35 -40.65 47.87
C VAL C 131 52.49 -41.92 47.06
N MET C 132 53.73 -42.39 46.93
CA MET C 132 53.99 -43.61 46.20
C MET C 132 54.85 -44.56 47.02
N ARG C 133 54.33 -45.76 47.22
CA ARG C 133 55.01 -46.79 47.98
C ARG C 133 56.09 -47.44 47.14
N LYS C 134 57.24 -47.72 47.76
CA LYS C 134 58.33 -48.38 47.05
C LYS C 134 57.90 -49.79 46.68
N PRO C 135 58.46 -50.34 45.59
CA PRO C 135 59.49 -49.76 44.72
C PRO C 135 59.04 -48.82 43.59
N ALA C 136 57.85 -48.21 43.67
CA ALA C 136 57.38 -47.32 42.60
C ALA C 136 58.33 -46.16 42.31
N ASP C 137 59.21 -45.86 43.27
CA ASP C 137 60.17 -44.76 43.09
C ASP C 137 61.07 -45.06 41.90
N VAL C 138 61.18 -46.34 41.54
CA VAL C 138 62.00 -46.76 40.40
C VAL C 138 61.41 -46.13 39.14
N PHE C 139 60.09 -46.16 39.05
CA PHE C 139 59.43 -45.58 37.90
C PHE C 139 59.64 -44.08 37.92
N LEU C 140 59.46 -43.47 39.09
CA LEU C 140 59.63 -42.04 39.21
C LEU C 140 60.99 -41.62 38.68
N ASP C 141 62.03 -42.37 39.03
CA ASP C 141 63.37 -42.04 38.55
C ASP C 141 63.37 -42.11 37.04
N GLU C 142 62.73 -43.16 36.50
CA GLU C 142 62.62 -43.38 35.07
C GLU C 142 62.03 -42.20 34.29
N VAL C 143 60.98 -41.61 34.84
CA VAL C 143 60.31 -40.49 34.19
C VAL C 143 60.82 -39.12 34.66
N GLY C 144 61.81 -39.14 35.54
CA GLY C 144 62.38 -37.91 36.03
C GLY C 144 61.47 -37.04 36.88
N VAL C 145 60.85 -37.62 37.88
CA VAL C 145 59.97 -36.86 38.76
C VAL C 145 60.53 -36.89 40.17
N PRO C 146 60.99 -35.74 40.67
CA PRO C 146 61.57 -35.63 42.02
C PRO C 146 60.60 -36.09 43.07
N TYR C 147 61.11 -36.40 44.26
CA TYR C 147 60.30 -36.85 45.38
C TYR C 147 61.10 -36.84 46.67
N GLU C 148 60.42 -37.00 47.79
CA GLU C 148 61.07 -37.04 49.10
C GLU C 148 61.06 -38.47 49.61
N ASP C 149 62.24 -39.05 49.82
CA ASP C 149 62.31 -40.41 50.32
C ASP C 149 61.89 -40.42 51.79
N GLU C 150 60.79 -41.12 52.09
CA GLU C 150 60.29 -41.18 53.45
C GLU C 150 60.51 -42.53 54.13
N GLY C 151 61.14 -43.47 53.43
CA GLY C 151 61.37 -44.78 54.01
C GLY C 151 60.81 -45.84 53.09
N ASP C 152 59.64 -46.37 53.42
CA ASP C 152 59.01 -47.39 52.57
C ASP C 152 58.26 -46.75 51.40
N TYR C 153 58.00 -45.46 51.51
CA TYR C 153 57.29 -44.73 50.46
C TYR C 153 58.01 -43.41 50.21
N VAL C 154 57.60 -42.74 49.14
CA VAL C 154 58.19 -41.46 48.78
C VAL C 154 57.04 -40.51 48.46
N VAL C 155 57.31 -39.22 48.52
CA VAL C 155 56.27 -38.23 48.26
C VAL C 155 56.63 -37.21 47.18
N VAL C 156 55.78 -37.09 46.17
CA VAL C 156 56.02 -36.11 45.14
C VAL C 156 55.31 -34.82 45.56
N LYS C 157 56.06 -33.73 45.56
CA LYS C 157 55.61 -32.41 45.95
C LYS C 157 54.14 -32.16 45.63
N HIS C 158 53.73 -32.51 44.42
CA HIS C 158 52.35 -32.30 44.00
C HIS C 158 51.98 -33.38 43.00
N ALA C 159 50.78 -33.92 43.09
CA ALA C 159 50.36 -34.95 42.16
C ALA C 159 50.53 -34.41 40.74
N ALA C 160 50.18 -33.13 40.58
CA ALA C 160 50.28 -32.48 39.28
C ALA C 160 51.69 -32.57 38.69
N LEU C 161 52.72 -32.46 39.54
CA LEU C 161 54.10 -32.53 39.06
C LEU C 161 54.39 -33.83 38.32
N PHE C 162 53.81 -34.92 38.80
CA PHE C 162 54.01 -36.22 38.17
C PHE C 162 53.30 -36.31 36.81
N THR C 163 51.99 -36.05 36.83
CA THR C 163 51.14 -36.14 35.64
C THR C 163 51.61 -35.30 34.44
N SER C 164 51.97 -34.04 34.68
CA SER C 164 52.43 -33.14 33.62
C SER C 164 53.77 -33.58 33.05
N THR C 165 54.63 -34.10 33.92
CA THR C 165 55.95 -34.58 33.50
C THR C 165 55.78 -35.78 32.58
N VAL C 166 55.06 -36.79 33.06
CA VAL C 166 54.81 -37.99 32.27
C VAL C 166 54.10 -37.64 30.96
N LEU C 167 53.09 -36.79 31.05
CA LEU C 167 52.30 -36.36 29.90
C LEU C 167 53.22 -35.69 28.87
N SER C 168 54.07 -34.79 29.36
CA SER C 168 55.02 -34.08 28.51
C SER C 168 55.94 -35.03 27.78
N LYS C 169 56.50 -35.99 28.51
CA LYS C 169 57.39 -36.95 27.90
C LYS C 169 56.67 -37.86 26.93
N VAL C 170 55.44 -38.24 27.26
CA VAL C 170 54.67 -39.10 26.38
C VAL C 170 54.32 -38.39 25.07
N LEU C 171 53.86 -37.14 25.18
CA LEU C 171 53.46 -36.37 24.02
C LEU C 171 54.63 -35.95 23.15
N GLN C 172 55.83 -36.33 23.55
CA GLN C 172 57.01 -35.97 22.77
C GLN C 172 57.43 -37.08 21.82
N ARG C 173 56.94 -38.29 22.07
CA ARG C 173 57.27 -39.41 21.21
C ARG C 173 56.52 -39.24 19.90
N PRO C 174 57.21 -39.39 18.76
CA PRO C 174 56.59 -39.24 17.45
C PRO C 174 55.59 -40.34 17.10
N ASN C 175 55.57 -41.40 17.90
CA ASN C 175 54.68 -42.52 17.65
C ASN C 175 53.42 -42.50 18.53
N VAL C 176 53.18 -41.39 19.19
CA VAL C 176 52.02 -41.26 20.07
C VAL C 176 51.13 -40.09 19.71
N LYS C 177 49.83 -40.33 19.78
CA LYS C 177 48.82 -39.31 19.49
C LYS C 177 47.78 -39.31 20.60
N LEU C 178 47.42 -38.12 21.07
CA LEU C 178 46.43 -37.99 22.13
C LEU C 178 45.10 -37.44 21.61
N PHE C 179 44.10 -38.31 21.54
CA PHE C 179 42.78 -37.89 21.10
C PHE C 179 41.95 -37.57 22.34
N ASN C 180 42.16 -36.39 22.89
CA ASN C 180 41.42 -35.97 24.07
C ASN C 180 40.06 -35.42 23.65
N ALA C 181 39.16 -35.27 24.62
CA ALA C 181 37.80 -34.81 24.37
C ALA C 181 37.10 -35.84 23.49
N THR C 182 37.67 -37.06 23.47
CA THR C 182 37.16 -38.17 22.68
C THR C 182 36.81 -39.33 23.63
N THR C 183 35.61 -39.89 23.48
CA THR C 183 35.17 -40.97 24.36
C THR C 183 35.00 -42.30 23.63
N VAL C 184 35.32 -43.40 24.30
CA VAL C 184 35.14 -44.72 23.71
C VAL C 184 33.74 -45.19 24.13
N GLU C 185 32.82 -45.26 23.18
CA GLU C 185 31.45 -45.67 23.47
C GLU C 185 31.19 -47.17 23.38
N ASP C 186 32.04 -47.88 22.64
CA ASP C 186 31.87 -49.32 22.50
C ASP C 186 33.16 -49.96 22.00
N LEU C 187 33.16 -51.28 21.90
CA LEU C 187 34.33 -51.99 21.44
C LEU C 187 34.06 -52.64 20.09
N ILE C 188 35.11 -52.80 19.29
CA ILE C 188 34.96 -53.47 18.01
C ILE C 188 35.29 -54.92 18.28
N THR C 189 34.32 -55.79 18.06
CA THR C 189 34.48 -57.21 18.33
C THR C 189 34.64 -58.07 17.08
N ARG C 190 35.10 -59.29 17.30
CA ARG C 190 35.29 -60.26 16.22
C ARG C 190 34.93 -61.60 16.85
N LYS C 191 34.52 -62.56 16.04
CA LYS C 191 34.16 -63.87 16.57
C LYS C 191 35.39 -64.70 16.96
N HIS C 192 35.34 -65.27 18.16
CA HIS C 192 36.41 -66.10 18.72
C HIS C 192 37.78 -65.39 18.78
N ALA C 209 29.50 -67.74 23.09
CA ALA C 209 30.10 -67.21 21.87
C ALA C 209 31.20 -66.18 22.19
N LYS C 210 32.42 -66.67 22.41
CA LYS C 210 33.57 -65.82 22.75
C LYS C 210 33.93 -64.77 21.69
N VAL C 211 34.44 -63.63 22.13
CA VAL C 211 34.81 -62.57 21.20
C VAL C 211 36.20 -62.02 21.43
N ARG C 212 36.78 -61.47 20.37
CA ARG C 212 38.09 -60.87 20.44
C ARG C 212 37.87 -59.37 20.25
N ILE C 213 38.53 -58.57 21.10
CA ILE C 213 38.43 -57.12 21.02
C ILE C 213 39.42 -56.69 19.95
N ALA C 214 38.92 -56.08 18.87
CA ALA C 214 39.74 -55.66 17.75
C ALA C 214 39.72 -54.17 17.48
N GLY C 215 39.43 -53.38 18.49
CA GLY C 215 39.42 -51.95 18.29
C GLY C 215 38.37 -51.27 19.13
N VAL C 216 38.22 -49.96 18.94
CA VAL C 216 37.24 -49.20 19.70
C VAL C 216 36.30 -48.36 18.85
N VAL C 217 35.13 -48.09 19.40
CA VAL C 217 34.12 -47.26 18.75
C VAL C 217 34.29 -45.91 19.45
N THR C 218 34.53 -44.86 18.68
CA THR C 218 34.76 -43.55 19.28
C THR C 218 33.68 -42.52 19.00
N ASN C 219 33.88 -41.35 19.59
CA ASN C 219 32.98 -40.22 19.41
C ASN C 219 33.41 -39.09 20.33
N TRP C 220 33.07 -37.85 19.95
CA TRP C 220 33.40 -36.69 20.76
C TRP C 220 32.69 -36.90 22.11
N THR C 221 33.42 -36.74 23.21
CA THR C 221 32.84 -36.90 24.55
C THR C 221 31.55 -36.13 24.74
N LEU C 222 31.49 -34.90 24.26
CA LEU C 222 30.30 -34.10 24.39
C LEU C 222 29.12 -34.74 23.67
N VAL C 223 29.39 -35.50 22.61
CA VAL C 223 28.32 -36.17 21.89
C VAL C 223 27.89 -37.39 22.68
N SER C 224 28.85 -38.04 23.33
CA SER C 224 28.55 -39.23 24.13
C SER C 224 27.60 -38.88 25.27
N MET C 225 27.85 -37.73 25.89
CA MET C 225 27.04 -37.28 27.01
C MET C 225 25.67 -36.69 26.66
N HIS C 226 25.35 -36.62 25.37
CA HIS C 226 24.06 -36.05 24.98
C HIS C 226 23.37 -36.79 23.87
N HIS C 227 23.35 -38.11 24.00
CA HIS C 227 22.70 -38.94 23.01
C HIS C 227 21.18 -38.90 23.15
N ASP C 228 20.68 -37.76 23.63
CA ASP C 228 19.23 -37.57 23.82
C ASP C 228 18.86 -36.13 23.43
N ASP C 229 19.69 -35.19 23.87
CA ASP C 229 19.48 -33.78 23.61
C ASP C 229 19.61 -33.41 22.13
N GLN C 230 19.70 -34.43 21.27
CA GLN C 230 19.83 -34.20 19.82
C GLN C 230 19.30 -35.43 19.08
N SER C 231 19.44 -35.41 17.75
CA SER C 231 19.01 -36.52 16.90
C SER C 231 20.16 -37.51 16.87
N MET C 233 23.45 -39.44 16.55
CA MET C 233 24.81 -39.08 16.19
C MET C 233 25.72 -40.29 16.25
N ASP C 234 25.88 -40.96 15.11
CA ASP C 234 26.70 -42.14 15.01
C ASP C 234 28.14 -41.91 15.40
N PRO C 235 28.80 -42.97 15.90
CA PRO C 235 30.19 -42.98 16.34
C PRO C 235 31.13 -43.22 15.19
N ASN C 236 32.42 -43.22 15.50
CA ASN C 236 33.43 -43.49 14.51
C ASN C 236 34.14 -44.73 15.00
N THR C 237 35.18 -45.15 14.27
CA THR C 237 35.89 -46.37 14.63
C THR C 237 37.40 -46.29 14.52
N ILE C 238 38.06 -47.17 15.27
CA ILE C 238 39.51 -47.28 15.26
C ILE C 238 39.83 -48.77 15.35
N ASN C 239 40.39 -49.33 14.28
CA ASN C 239 40.74 -50.75 14.31
C ASN C 239 42.10 -50.92 14.99
N ALA C 240 42.24 -51.97 15.80
CA ALA C 240 43.49 -52.20 16.49
C ALA C 240 43.58 -53.62 17.02
N PRO C 241 44.77 -54.25 16.91
CA PRO C 241 44.99 -55.61 17.38
C PRO C 241 44.93 -55.74 18.90
N VAL C 242 45.47 -54.76 19.62
CA VAL C 242 45.44 -54.80 21.08
C VAL C 242 44.97 -53.49 21.71
N ILE C 243 44.03 -53.61 22.65
CA ILE C 243 43.45 -52.47 23.35
C ILE C 243 43.70 -52.52 24.85
N ILE C 244 44.31 -51.47 25.38
CA ILE C 244 44.60 -51.38 26.81
C ILE C 244 43.53 -50.45 27.40
N SER C 245 42.80 -50.94 28.40
CA SER C 245 41.77 -50.11 29.03
C SER C 245 42.12 -49.77 30.46
N THR C 246 42.27 -48.47 30.71
CA THR C 246 42.61 -47.95 32.01
C THR C 246 41.69 -46.75 32.25
N THR C 247 40.40 -47.02 32.29
CA THR C 247 39.40 -45.97 32.49
C THR C 247 38.99 -45.79 33.94
N GLY C 248 39.79 -46.33 34.86
CA GLY C 248 39.50 -46.18 36.27
C GLY C 248 38.31 -47.01 36.72
N HIS C 249 37.93 -46.86 37.98
CA HIS C 249 36.81 -47.64 38.52
C HIS C 249 35.42 -47.11 38.20
N ASP C 250 34.44 -48.01 38.36
CA ASP C 250 33.04 -47.73 38.07
C ASP C 250 32.53 -46.36 38.47
N GLY C 251 31.77 -45.77 37.54
CA GLY C 251 31.19 -44.47 37.74
C GLY C 251 30.62 -44.05 36.39
N PRO C 252 29.86 -42.95 36.33
CA PRO C 252 29.26 -42.48 35.08
C PRO C 252 30.14 -42.69 33.86
N PHE C 253 31.39 -42.24 33.94
CA PHE C 253 32.31 -42.40 32.83
C PHE C 253 33.17 -43.67 32.91
N GLY C 254 33.79 -43.89 34.08
CA GLY C 254 34.69 -45.01 34.29
C GLY C 254 34.35 -46.49 34.11
N ALA C 255 35.42 -47.30 34.11
CA ALA C 255 35.36 -48.76 33.97
C ALA C 255 34.56 -49.20 32.75
N PHE C 256 34.88 -48.64 31.59
CA PHE C 256 34.14 -48.96 30.39
C PHE C 256 34.25 -50.39 29.86
N SER C 257 35.46 -50.81 29.52
CA SER C 257 35.66 -52.15 28.97
C SER C 257 35.05 -53.26 29.82
N VAL C 258 35.39 -53.27 31.10
CA VAL C 258 34.88 -54.30 32.00
C VAL C 258 33.35 -54.35 32.01
N LYS C 259 32.71 -53.19 32.16
CA LYS C 259 31.24 -53.11 32.19
C LYS C 259 30.65 -53.52 30.85
N ARG C 260 31.39 -53.27 29.77
CA ARG C 260 30.92 -53.62 28.44
C ARG C 260 31.01 -55.13 28.22
N LEU C 261 32.05 -55.76 28.77
CA LEU C 261 32.18 -57.21 28.62
C LEU C 261 30.96 -57.92 29.21
N VAL C 262 30.45 -57.37 30.31
CA VAL C 262 29.28 -57.93 30.97
C VAL C 262 28.01 -57.81 30.11
N SER C 263 27.74 -56.62 29.62
CA SER C 263 26.56 -56.37 28.78
C SER C 263 26.63 -57.04 27.41
N MET C 264 27.83 -57.34 26.93
CA MET C 264 27.96 -58.02 25.65
C MET C 264 27.76 -59.51 25.94
N LYS C 265 27.44 -59.82 27.19
CA LYS C 265 27.19 -61.18 27.66
C LYS C 265 28.43 -62.07 27.65
N GLN C 266 29.59 -61.49 27.96
CA GLN C 266 30.84 -62.23 28.00
C GLN C 266 31.32 -62.45 29.42
N MET C 267 30.64 -61.84 30.38
CA MET C 267 30.98 -61.95 31.79
C MET C 267 29.72 -62.25 32.58
N GLU C 268 29.89 -62.93 33.71
CA GLU C 268 28.77 -63.26 34.55
C GLU C 268 28.31 -61.99 35.26
N ARG C 269 29.24 -61.05 35.42
CA ARG C 269 28.96 -59.78 36.09
C ARG C 269 30.30 -59.24 36.57
N LEU C 270 30.24 -58.21 37.39
CA LEU C 270 31.43 -57.59 37.96
C LEU C 270 31.47 -57.88 39.44
N ASN C 271 32.62 -58.35 39.93
CA ASN C 271 32.74 -58.62 41.35
C ASN C 271 32.66 -57.27 42.07
N GLY C 272 32.99 -56.20 41.34
CA GLY C 272 32.94 -54.86 41.89
C GLY C 272 34.04 -54.48 42.87
N MET C 273 34.48 -53.23 42.76
CA MET C 273 35.53 -52.67 43.62
C MET C 273 35.15 -52.82 45.08
N ARG C 274 36.02 -53.38 45.89
CA ARG C 274 35.71 -53.56 47.30
C ARG C 274 36.25 -52.42 48.17
N GLY C 275 36.32 -52.70 49.49
CA GLY C 275 36.77 -51.71 50.45
C GLY C 275 38.21 -51.27 50.33
N LEU C 276 38.58 -50.23 51.05
CA LEU C 276 39.94 -49.73 50.99
C LEU C 276 40.89 -50.49 51.91
N ASP C 277 41.95 -51.01 51.32
CA ASP C 277 42.96 -51.76 52.04
C ASP C 277 44.18 -51.60 51.15
N MET C 278 44.91 -50.52 51.35
CA MET C 278 46.08 -50.22 50.55
C MET C 278 47.07 -51.38 50.40
N GLN C 279 47.44 -52.00 51.51
CA GLN C 279 48.39 -53.09 51.41
C GLN C 279 47.96 -54.21 50.49
N SER C 280 46.71 -54.65 50.57
CA SER C 280 46.31 -55.73 49.70
C SER C 280 45.89 -55.25 48.32
N ALA C 281 45.48 -53.99 48.23
CA ALA C 281 45.02 -53.43 46.96
C ALA C 281 46.11 -53.24 45.90
N GLU C 282 47.19 -52.56 46.24
CA GLU C 282 48.25 -52.27 45.28
C GLU C 282 48.91 -53.51 44.70
N ASP C 283 49.16 -54.51 45.54
CA ASP C 283 49.76 -55.75 45.07
C ASP C 283 48.81 -56.43 44.10
N ALA C 284 47.56 -56.57 44.53
CA ALA C 284 46.52 -57.19 43.72
C ALA C 284 46.42 -56.55 42.33
N ILE C 285 46.34 -55.22 42.29
CA ILE C 285 46.22 -54.52 41.00
C ILE C 285 47.42 -54.74 40.10
N VAL C 286 48.61 -54.36 40.55
CA VAL C 286 49.80 -54.52 39.74
C VAL C 286 49.97 -55.95 39.26
N ASN C 287 50.12 -56.88 40.20
CA ASN C 287 50.32 -58.28 39.84
C ASN C 287 49.32 -58.94 38.90
N ASN C 288 48.11 -58.39 38.79
CA ASN C 288 47.09 -59.00 37.93
C ASN C 288 46.74 -58.25 36.65
N THR C 289 47.48 -57.19 36.36
CA THR C 289 47.22 -56.46 35.13
C THR C 289 47.48 -57.52 34.06
N ARG C 290 46.60 -57.61 33.07
CA ARG C 290 46.72 -58.64 32.05
C ARG C 290 45.74 -58.49 30.90
N GLU C 291 45.82 -59.42 29.96
CA GLU C 291 44.90 -59.44 28.84
C GLU C 291 43.72 -60.18 29.47
N ILE C 292 42.60 -59.50 29.64
CA ILE C 292 41.42 -60.12 30.24
C ILE C 292 40.68 -61.01 29.26
N VAL C 293 40.70 -60.62 28.00
CA VAL C 293 40.04 -61.35 26.93
C VAL C 293 40.92 -61.04 25.72
N PRO C 294 40.88 -61.89 24.67
CA PRO C 294 41.71 -61.62 23.49
C PRO C 294 41.54 -60.19 22.95
N GLY C 295 42.65 -59.49 22.82
CA GLY C 295 42.62 -58.13 22.30
C GLY C 295 42.34 -57.04 23.32
N LEU C 296 42.12 -57.41 24.57
CA LEU C 296 41.83 -56.44 25.62
C LEU C 296 42.63 -56.67 26.88
N ILE C 297 43.38 -55.65 27.30
CA ILE C 297 44.17 -55.72 28.53
C ILE C 297 43.58 -54.69 29.49
N VAL C 298 43.54 -55.02 30.78
CA VAL C 298 42.99 -54.09 31.75
C VAL C 298 43.99 -53.81 32.83
N GLY C 299 44.04 -52.55 33.26
CA GLY C 299 44.96 -52.19 34.32
C GLY C 299 44.36 -51.07 35.13
N GLY C 300 45.09 -50.62 36.15
CA GLY C 300 44.61 -49.52 36.97
C GLY C 300 43.42 -49.90 37.81
N MET C 301 42.59 -48.92 38.15
CA MET C 301 41.44 -49.20 38.97
C MET C 301 40.28 -49.83 38.25
N GLU C 302 40.35 -49.90 36.93
CA GLU C 302 39.26 -50.53 36.20
C GLU C 302 39.34 -52.01 36.50
N LEU C 303 40.56 -52.47 36.74
CA LEU C 303 40.79 -53.88 37.02
C LEU C 303 40.11 -54.31 38.32
N SER C 304 40.16 -53.45 39.33
CA SER C 304 39.57 -53.77 40.62
C SER C 304 38.10 -54.15 40.50
N GLU C 305 37.43 -53.64 39.46
CA GLU C 305 36.01 -53.93 39.25
C GLU C 305 35.75 -55.36 38.79
N ILE C 306 36.55 -55.84 37.84
CA ILE C 306 36.35 -57.20 37.35
C ILE C 306 36.94 -58.24 38.32
N ASP C 307 38.05 -57.87 38.97
CA ASP C 307 38.71 -58.76 39.90
C ASP C 307 38.11 -58.71 41.29
N GLY C 308 37.41 -57.62 41.61
CA GLY C 308 36.84 -57.48 42.92
C GLY C 308 37.97 -57.28 43.93
N ALA C 309 38.86 -56.34 43.64
CA ALA C 309 39.98 -56.05 44.51
C ALA C 309 39.70 -54.82 45.34
N ASN C 310 40.46 -54.66 46.41
CA ASN C 310 40.32 -53.50 47.29
C ASN C 310 40.85 -52.25 46.60
N ARG C 311 40.44 -51.09 47.09
CA ARG C 311 40.90 -49.81 46.54
C ARG C 311 42.02 -49.36 47.49
N MET C 312 42.85 -48.43 47.03
CA MET C 312 43.95 -47.96 47.85
C MET C 312 43.83 -46.47 48.18
N GLY C 313 42.86 -45.81 47.56
CA GLY C 313 42.68 -44.40 47.81
C GLY C 313 43.81 -43.55 47.26
N PRO C 314 44.20 -42.49 47.99
CA PRO C 314 45.27 -41.54 47.64
C PRO C 314 46.72 -42.03 47.65
N THR C 315 47.04 -43.00 46.80
CA THR C 315 48.41 -43.53 46.68
C THR C 315 48.55 -44.05 45.24
N PHE C 316 49.60 -43.62 44.55
CA PHE C 316 49.76 -43.99 43.13
C PHE C 316 50.83 -44.99 42.71
N GLY C 317 51.39 -45.75 43.63
CA GLY C 317 52.40 -46.73 43.26
C GLY C 317 51.84 -47.77 42.29
N ALA C 318 50.70 -48.34 42.64
CA ALA C 318 50.04 -49.35 41.83
C ALA C 318 49.64 -48.85 40.45
N MET C 319 49.14 -47.62 40.35
CA MET C 319 48.74 -47.10 39.06
C MET C 319 49.94 -47.03 38.13
N ALA C 320 51.08 -46.64 38.68
CA ALA C 320 52.29 -46.54 37.89
C ALA C 320 52.80 -47.93 37.45
N LEU C 321 53.03 -48.82 38.41
CA LEU C 321 53.52 -50.14 38.03
C LEU C 321 52.50 -50.98 37.28
N SER C 322 51.21 -50.74 37.51
CA SER C 322 50.18 -51.48 36.79
C SER C 322 50.25 -51.08 35.31
N GLY C 323 50.57 -49.81 35.08
CA GLY C 323 50.69 -49.30 33.72
C GLY C 323 51.96 -49.88 33.09
N VAL C 324 52.98 -50.07 33.92
CA VAL C 324 54.23 -50.63 33.44
C VAL C 324 53.92 -52.04 32.96
N LYS C 325 53.16 -52.77 33.78
CA LYS C 325 52.78 -54.14 33.46
C LYS C 325 51.80 -54.20 32.29
N ALA C 326 50.94 -53.19 32.18
CA ALA C 326 49.97 -53.14 31.09
C ALA C 326 50.71 -53.07 29.75
N ALA C 327 51.78 -52.29 29.72
CA ALA C 327 52.60 -52.13 28.53
C ALA C 327 53.35 -53.43 28.21
N HIS C 328 53.82 -54.10 29.26
CA HIS C 328 54.55 -55.35 29.14
C HIS C 328 53.65 -56.41 28.53
N GLU C 329 52.40 -56.43 28.98
CA GLU C 329 51.42 -57.39 28.49
C GLU C 329 51.10 -57.13 27.02
N ALA C 330 50.98 -55.86 26.67
CA ALA C 330 50.69 -55.48 25.30
C ALA C 330 51.75 -56.08 24.40
N ILE C 331 53.01 -55.79 24.70
CA ILE C 331 54.11 -56.30 23.89
C ILE C 331 54.12 -57.81 23.80
N ARG C 332 53.83 -58.48 24.91
CA ARG C 332 53.83 -59.94 24.93
C ARG C 332 52.79 -60.53 23.97
N VAL C 333 51.68 -59.84 23.86
CA VAL C 333 50.54 -60.28 23.08
C VAL C 333 50.39 -59.67 21.68
N PHE C 334 51.07 -58.57 21.42
CA PHE C 334 50.90 -57.88 20.13
C PHE C 334 50.96 -58.70 18.85
N ASP C 335 52.06 -59.40 18.63
CA ASP C 335 52.21 -60.19 17.41
C ASP C 335 51.07 -61.15 17.19
N LEU C 336 50.69 -61.87 18.25
CA LEU C 336 49.61 -62.84 18.18
C LEU C 336 48.32 -62.19 17.70
N ARG C 337 47.92 -61.11 18.38
CA ARG C 337 46.69 -60.40 18.04
C ARG C 337 46.80 -59.69 16.70
N LYS C 338 48.00 -59.19 16.42
CA LYS C 338 48.29 -58.49 15.17
C LYS C 338 48.06 -59.45 13.99
N ALA C 339 48.48 -60.69 14.16
CA ALA C 339 48.30 -61.71 13.13
C ALA C 339 46.83 -62.07 12.98
N GLN C 340 46.16 -62.24 14.11
CA GLN C 340 44.75 -62.58 14.11
C GLN C 340 43.91 -61.47 13.50
N ASN C 341 44.29 -60.22 13.79
CA ASN C 341 43.52 -59.08 13.30
C ASN C 341 43.59 -58.79 11.80
N ASP C 342 44.70 -59.12 11.15
CA ASP C 342 44.82 -58.85 9.72
C ASP C 342 44.37 -60.02 8.85
N GLY D 35 30.88 -38.39 85.00
CA GLY D 35 30.04 -39.62 85.03
C GLY D 35 28.58 -39.40 84.65
N LEU D 36 27.93 -40.47 84.20
CA LEU D 36 26.53 -40.42 83.80
C LEU D 36 25.61 -40.39 85.01
N SER D 37 24.30 -40.28 84.75
CA SER D 37 23.30 -40.27 85.82
C SER D 37 22.98 -41.70 86.23
N LYS D 38 22.64 -41.90 87.50
CA LYS D 38 22.30 -43.23 88.00
C LYS D 38 21.10 -43.84 87.28
N PRO D 39 20.08 -43.03 86.98
CA PRO D 39 18.91 -43.57 86.29
C PRO D 39 19.30 -44.15 84.93
N LEU D 40 20.12 -43.41 84.20
CA LEU D 40 20.57 -43.86 82.89
C LEU D 40 21.46 -45.09 83.07
N LEU D 41 22.37 -45.02 84.03
CA LEU D 41 23.27 -46.13 84.31
C LEU D 41 22.51 -47.41 84.66
N GLU D 42 21.36 -47.26 85.28
CA GLU D 42 20.58 -48.42 85.65
C GLU D 42 19.76 -48.93 84.48
N LEU D 43 19.51 -48.06 83.50
CA LEU D 43 18.73 -48.41 82.33
C LEU D 43 19.51 -49.19 81.28
N MET D 44 20.74 -48.74 81.00
CA MET D 44 21.59 -49.37 80.00
C MET D 44 21.62 -50.89 79.99
N PRO D 45 21.99 -51.53 81.11
CA PRO D 45 22.03 -53.00 81.11
C PRO D 45 20.74 -53.64 80.57
N THR D 46 19.65 -52.91 80.63
CA THR D 46 18.34 -53.38 80.17
C THR D 46 18.28 -53.44 78.63
N LEU D 47 18.89 -52.46 77.99
CA LEU D 47 18.91 -52.36 76.55
C LEU D 47 19.53 -53.60 75.87
N GLY D 48 18.73 -54.27 75.04
CA GLY D 48 19.22 -55.44 74.35
C GLY D 48 18.73 -56.71 74.99
N THR D 49 17.75 -56.59 75.87
CA THR D 49 17.19 -57.73 76.58
C THR D 49 15.68 -57.63 76.55
N ASP D 50 14.99 -58.74 76.83
CA ASP D 50 13.54 -58.73 76.84
C ASP D 50 13.02 -57.86 77.97
N ALA D 51 13.91 -57.44 78.86
CA ALA D 51 13.52 -56.60 79.98
C ALA D 51 13.32 -55.15 79.55
N PHE D 52 13.52 -54.86 78.26
CA PHE D 52 13.35 -53.49 77.79
C PHE D 52 12.20 -53.34 76.79
N THR D 53 11.48 -52.23 76.92
CA THR D 53 10.36 -51.95 76.04
C THR D 53 9.82 -50.56 76.32
N PHE D 54 9.42 -49.83 75.27
CA PHE D 54 8.87 -48.50 75.45
C PHE D 54 7.42 -48.61 75.93
N SER D 55 6.91 -47.53 76.53
CA SER D 55 5.52 -47.51 77.01
C SER D 55 4.62 -47.59 75.79
N PRO D 56 3.37 -48.05 75.96
CA PRO D 56 2.47 -48.16 74.81
C PRO D 56 2.27 -46.85 74.07
N ILE D 57 1.90 -46.95 72.80
CA ILE D 57 1.67 -45.78 71.98
C ILE D 57 0.78 -46.08 70.78
N ARG D 58 0.09 -45.05 70.33
CA ARG D 58 -0.80 -45.11 69.17
C ARG D 58 -0.34 -43.91 68.35
N GLU D 59 -0.05 -44.15 67.08
CA GLU D 59 0.42 -43.08 66.19
C GLU D 59 -0.35 -41.78 66.35
N SER D 60 -1.67 -41.84 66.26
CA SER D 60 -2.51 -40.65 66.37
C SER D 60 -2.18 -39.77 67.57
N THR D 61 -1.68 -40.40 68.63
CA THR D 61 -1.34 -39.64 69.82
C THR D 61 -0.17 -38.70 69.58
N VAL D 62 0.84 -39.21 68.87
CA VAL D 62 2.04 -38.42 68.56
C VAL D 62 1.67 -37.31 67.58
N SER D 63 0.81 -37.63 66.62
CA SER D 63 0.39 -36.64 65.63
C SER D 63 -0.32 -35.47 66.30
N ARG D 64 -1.22 -35.78 67.23
CA ARG D 64 -1.98 -34.76 67.92
C ARG D 64 -1.10 -33.99 68.88
N ALA D 65 -0.07 -34.65 69.41
CA ALA D 65 0.84 -33.99 70.33
C ALA D 65 1.63 -32.92 69.60
N MET D 66 1.86 -33.13 68.32
CA MET D 66 2.61 -32.18 67.52
C MET D 66 1.74 -31.09 66.90
N THR D 67 0.65 -31.48 66.25
CA THR D 67 -0.22 -30.51 65.59
C THR D 67 -0.86 -29.56 66.57
N ARG D 68 -1.32 -30.12 67.68
CA ARG D 68 -1.96 -29.34 68.73
C ARG D 68 -1.04 -28.19 69.15
N ARG D 69 0.22 -28.52 69.41
CA ARG D 69 1.20 -27.53 69.83
C ARG D 69 1.60 -26.59 68.72
N TYR D 70 1.70 -27.11 67.50
CA TYR D 70 2.09 -26.26 66.38
C TYR D 70 1.01 -25.24 66.10
N PHE D 71 -0.25 -25.64 66.29
CA PHE D 71 -1.35 -24.70 66.08
C PHE D 71 -1.25 -23.60 67.13
N ALA D 72 -1.08 -24.02 68.38
CA ALA D 72 -0.96 -23.08 69.48
C ALA D 72 0.06 -22.00 69.10
N ASP D 73 1.20 -22.43 68.60
CA ASP D 73 2.24 -21.49 68.22
C ASP D 73 1.75 -20.63 67.06
N LEU D 74 1.22 -21.27 66.03
CA LEU D 74 0.72 -20.59 64.83
C LEU D 74 -0.38 -19.58 65.17
N ASP D 75 -1.21 -19.90 66.16
CA ASP D 75 -2.29 -19.01 66.56
C ASP D 75 -1.78 -17.83 67.38
N ALA D 76 -0.80 -18.09 68.25
CA ALA D 76 -0.23 -17.05 69.11
C ALA D 76 0.75 -16.10 68.41
N HIS D 77 1.46 -16.58 67.40
CA HIS D 77 2.42 -15.74 66.72
C HIS D 77 1.91 -15.01 65.48
N ALA D 78 0.66 -15.28 65.09
CA ALA D 78 0.09 -14.61 63.91
C ALA D 78 0.15 -13.11 64.16
N GLU D 79 0.08 -12.76 65.43
CA GLU D 79 0.15 -11.37 65.89
C GLU D 79 1.24 -11.49 66.96
N THR D 80 2.42 -10.97 66.67
CA THR D 80 3.51 -11.10 67.62
C THR D 80 4.22 -9.76 67.88
N ASP D 81 5.16 -9.74 68.84
CA ASP D 81 5.88 -8.51 69.19
C ASP D 81 7.08 -8.22 68.31
N ILE D 82 8.07 -9.10 68.34
CA ILE D 82 9.28 -8.95 67.54
C ILE D 82 9.54 -10.17 66.68
N VAL D 83 9.75 -9.95 65.38
CA VAL D 83 10.05 -11.06 64.47
C VAL D 83 11.48 -10.96 63.99
N ILE D 84 12.21 -12.06 64.07
CA ILE D 84 13.60 -12.10 63.61
C ILE D 84 13.66 -13.03 62.40
N VAL D 85 13.95 -12.47 61.23
CA VAL D 85 14.06 -13.29 60.02
C VAL D 85 15.52 -13.74 59.86
N GLY D 86 15.75 -15.06 59.83
CA GLY D 86 17.09 -15.57 59.68
C GLY D 86 17.76 -15.97 60.98
N ALA D 87 17.88 -17.28 61.21
CA ALA D 87 18.50 -17.79 62.43
C ALA D 87 19.99 -18.06 62.28
N GLY D 88 20.70 -17.13 61.64
CA GLY D 88 22.14 -17.26 61.47
C GLY D 88 22.84 -16.85 62.77
N SER D 89 24.13 -16.56 62.72
CA SER D 89 24.84 -16.19 63.93
C SER D 89 24.34 -14.85 64.46
N CYS D 90 24.12 -13.91 63.55
CA CYS D 90 23.64 -12.60 63.94
C CYS D 90 22.23 -12.67 64.53
N GLY D 91 21.32 -13.30 63.79
CA GLY D 91 19.95 -13.42 64.25
C GLY D 91 19.88 -14.13 65.59
N LEU D 92 20.53 -15.28 65.68
CA LEU D 92 20.56 -16.05 66.91
C LEU D 92 21.07 -15.19 68.07
N SER D 93 22.14 -14.43 67.83
CA SER D 93 22.68 -13.58 68.86
C SER D 93 21.66 -12.52 69.27
N ALA D 94 20.99 -11.93 68.29
CA ALA D 94 19.99 -10.93 68.59
C ALA D 94 18.89 -11.56 69.44
N ALA D 95 18.37 -12.70 68.98
CA ALA D 95 17.31 -13.41 69.69
C ALA D 95 17.66 -13.65 71.15
N TYR D 96 18.91 -14.05 71.41
CA TYR D 96 19.35 -14.30 72.77
C TYR D 96 19.27 -13.02 73.59
N VAL D 97 20.04 -12.03 73.19
CA VAL D 97 20.05 -10.75 73.89
C VAL D 97 18.67 -10.14 74.11
N LEU D 98 17.79 -10.32 73.13
CA LEU D 98 16.45 -9.75 73.22
C LEU D 98 15.53 -10.46 74.20
N SER D 99 15.46 -11.79 74.12
CA SER D 99 14.61 -12.54 75.03
C SER D 99 15.11 -12.48 76.46
N THR D 100 16.40 -12.19 76.63
CA THR D 100 16.96 -12.12 77.97
C THR D 100 16.67 -10.78 78.65
N LEU D 101 16.49 -9.74 77.83
CA LEU D 101 16.21 -8.42 78.35
C LEU D 101 14.71 -8.15 78.40
N ARG D 102 13.95 -8.83 77.57
CA ARG D 102 12.51 -8.61 77.53
C ARG D 102 11.65 -9.87 77.56
N PRO D 103 11.70 -10.62 78.67
CA PRO D 103 10.90 -11.85 78.77
C PRO D 103 9.41 -11.58 78.50
N ASP D 104 9.04 -10.31 78.50
CA ASP D 104 7.67 -9.91 78.28
C ASP D 104 7.30 -9.89 76.80
N LEU D 105 8.31 -9.81 75.94
CA LEU D 105 8.04 -9.77 74.52
C LEU D 105 8.08 -11.17 73.92
N ARG D 106 7.19 -11.42 72.97
CA ARG D 106 7.14 -12.70 72.29
C ARG D 106 8.03 -12.57 71.07
N ILE D 107 9.03 -13.43 70.97
CA ILE D 107 9.97 -13.40 69.86
C ILE D 107 9.73 -14.55 68.90
N THR D 108 9.42 -14.17 67.67
CA THR D 108 9.14 -15.11 66.57
C THR D 108 10.31 -15.16 65.58
N ILE D 109 11.02 -16.28 65.56
CA ILE D 109 12.16 -16.47 64.64
C ILE D 109 11.74 -17.28 63.43
N VAL D 110 11.95 -16.73 62.24
CA VAL D 110 11.62 -17.47 61.03
C VAL D 110 12.93 -17.84 60.34
N GLU D 111 13.17 -19.15 60.19
CA GLU D 111 14.39 -19.63 59.54
C GLU D 111 14.02 -20.46 58.32
N ALA D 112 14.56 -20.06 57.17
CA ALA D 112 14.26 -20.76 55.94
C ALA D 112 14.66 -22.22 55.99
N GLY D 113 15.85 -22.49 56.51
CA GLY D 113 16.33 -23.86 56.54
C GLY D 113 15.79 -24.79 57.60
N VAL D 114 15.91 -26.09 57.33
CA VAL D 114 15.47 -27.10 58.28
C VAL D 114 16.38 -26.92 59.48
N ALA D 115 17.67 -26.85 59.22
CA ALA D 115 18.63 -26.65 60.29
C ALA D 115 18.90 -25.15 60.43
N PRO D 116 18.87 -24.63 61.67
CA PRO D 116 19.14 -23.21 61.85
C PRO D 116 20.65 -23.02 61.99
N GLY D 117 21.10 -21.78 62.16
CA GLY D 117 22.53 -21.56 62.34
C GLY D 117 23.26 -20.83 61.22
N GLY D 118 22.63 -20.76 60.04
CA GLY D 118 23.25 -20.07 58.92
C GLY D 118 24.65 -20.59 58.61
N GLY D 119 25.57 -19.67 58.37
CA GLY D 119 26.93 -20.06 58.06
C GLY D 119 27.81 -20.22 59.28
N ALA D 120 27.17 -20.46 60.44
CA ALA D 120 27.92 -20.59 61.68
C ALA D 120 28.17 -22.02 62.15
N TRP D 121 28.23 -22.95 61.21
CA TRP D 121 28.52 -24.35 61.56
C TRP D 121 29.97 -24.67 61.19
N LEU D 122 30.59 -23.78 60.43
CA LEU D 122 31.96 -23.98 59.99
C LEU D 122 32.75 -22.69 60.10
N GLY D 123 34.04 -22.79 59.82
CA GLY D 123 34.91 -21.63 59.83
C GLY D 123 35.06 -21.29 58.36
N GLY D 124 36.28 -21.18 57.89
CA GLY D 124 36.49 -20.88 56.49
C GLY D 124 36.95 -22.07 55.71
N GLN D 125 36.58 -22.11 54.43
CA GLN D 125 36.97 -23.19 53.53
C GLN D 125 36.65 -24.56 54.12
N LEU D 126 35.47 -24.66 54.73
CA LEU D 126 35.02 -25.91 55.34
C LEU D 126 35.76 -26.29 56.63
N PHE D 127 36.64 -25.43 57.12
CA PHE D 127 37.34 -25.74 58.35
C PHE D 127 36.47 -25.45 59.57
N SER D 128 36.95 -25.80 60.76
CA SER D 128 36.15 -25.65 61.97
C SER D 128 36.24 -24.36 62.81
N ALA D 129 37.44 -24.09 63.33
CA ALA D 129 37.73 -22.95 64.18
C ALA D 129 36.99 -21.64 63.89
N MET D 130 36.31 -21.11 64.91
CA MET D 130 35.58 -19.86 64.78
C MET D 130 36.37 -18.73 65.42
N VAL D 131 36.81 -17.78 64.60
CA VAL D 131 37.58 -16.65 65.09
C VAL D 131 36.73 -15.42 65.35
N MET D 132 36.86 -14.89 66.56
CA MET D 132 36.13 -13.68 66.95
C MET D 132 37.11 -12.68 67.52
N ARG D 133 37.14 -11.49 66.95
CA ARG D 133 38.02 -10.41 67.40
C ARG D 133 37.36 -9.71 68.58
N LYS D 134 38.16 -9.37 69.59
CA LYS D 134 37.63 -8.70 70.77
C LYS D 134 37.07 -7.33 70.36
N PRO D 135 36.14 -6.77 71.15
CA PRO D 135 35.59 -7.30 72.40
C PRO D 135 34.47 -8.33 72.22
N ALA D 136 34.39 -8.95 71.05
CA ALA D 136 33.36 -9.95 70.81
C ALA D 136 33.42 -11.08 71.83
N ASP D 137 34.51 -11.17 72.58
CA ASP D 137 34.67 -12.20 73.59
C ASP D 137 33.73 -11.96 74.79
N VAL D 138 33.33 -10.70 74.97
CA VAL D 138 32.44 -10.36 76.06
C VAL D 138 31.15 -11.17 75.88
N PHE D 139 30.68 -11.22 74.63
CA PHE D 139 29.46 -11.94 74.26
C PHE D 139 29.55 -13.46 74.46
N LEU D 140 30.73 -14.03 74.20
CA LEU D 140 30.93 -15.47 74.38
C LEU D 140 30.91 -15.81 75.87
N ASP D 141 31.34 -14.88 76.71
CA ASP D 141 31.32 -15.12 78.15
C ASP D 141 29.88 -15.12 78.63
N GLU D 142 29.05 -14.32 77.96
CA GLU D 142 27.64 -14.19 78.31
C GLU D 142 26.80 -15.43 77.99
N VAL D 143 27.05 -16.03 76.83
CA VAL D 143 26.29 -17.20 76.42
C VAL D 143 26.97 -18.49 76.84
N GLY D 144 28.06 -18.37 77.59
CA GLY D 144 28.77 -19.55 78.05
C GLY D 144 29.42 -20.42 77.00
N VAL D 145 30.23 -19.81 76.12
CA VAL D 145 30.93 -20.56 75.08
C VAL D 145 32.43 -20.38 75.28
N PRO D 146 33.16 -21.46 75.58
CA PRO D 146 34.61 -21.41 75.81
C PRO D 146 35.42 -20.97 74.59
N TYR D 147 36.67 -20.57 74.84
CA TYR D 147 37.57 -20.12 73.78
C TYR D 147 39.02 -20.03 74.25
N GLU D 148 39.94 -19.89 73.30
CA GLU D 148 41.36 -19.75 73.60
C GLU D 148 41.63 -18.29 73.32
N ASP D 149 42.17 -17.58 74.30
CA ASP D 149 42.49 -16.16 74.12
C ASP D 149 43.81 -16.11 73.35
N GLU D 150 43.83 -15.34 72.27
CA GLU D 150 45.04 -15.21 71.46
C GLU D 150 45.56 -13.78 71.42
N GLY D 151 45.13 -12.98 72.38
CA GLY D 151 45.55 -11.59 72.41
C GLY D 151 44.45 -10.68 71.92
N ASP D 152 44.54 -10.24 70.66
CA ASP D 152 43.54 -9.35 70.08
C ASP D 152 42.25 -10.07 69.68
N TYR D 153 42.32 -11.40 69.63
CA TYR D 153 41.16 -12.20 69.27
C TYR D 153 41.13 -13.49 70.06
N VAL D 154 40.07 -14.27 69.86
CA VAL D 154 39.91 -15.53 70.55
C VAL D 154 39.44 -16.59 69.55
N VAL D 155 39.54 -17.86 69.96
CA VAL D 155 39.15 -18.93 69.07
C VAL D 155 38.25 -19.97 69.71
N VAL D 156 37.06 -20.12 69.16
CA VAL D 156 36.12 -21.11 69.68
C VAL D 156 36.45 -22.40 68.92
N LYS D 157 36.75 -23.46 69.69
CA LYS D 157 37.10 -24.77 69.16
C LYS D 157 36.54 -25.10 67.78
N HIS D 158 35.21 -25.05 67.68
CA HIS D 158 34.49 -25.34 66.46
C HIS D 158 33.34 -24.33 66.42
N ALA D 159 33.01 -23.85 65.23
CA ALA D 159 31.92 -22.89 65.10
C ALA D 159 30.64 -23.52 65.64
N ALA D 160 30.53 -24.84 65.48
CA ALA D 160 29.36 -25.58 65.94
C ALA D 160 29.14 -25.48 67.44
N LEU D 161 30.20 -25.20 68.21
CA LEU D 161 30.04 -25.07 69.65
C LEU D 161 29.29 -23.79 69.94
N PHE D 162 29.70 -22.70 69.32
CA PHE D 162 29.04 -21.41 69.51
C PHE D 162 27.57 -21.49 69.10
N THR D 163 27.33 -21.91 67.87
CA THR D 163 25.98 -22.00 67.35
C THR D 163 25.07 -22.93 68.15
N SER D 164 25.58 -24.11 68.49
CA SER D 164 24.78 -25.06 69.26
C SER D 164 24.49 -24.54 70.67
N THR D 165 25.49 -23.92 71.30
CA THR D 165 25.28 -23.39 72.64
C THR D 165 24.25 -22.25 72.60
N VAL D 166 24.53 -21.20 71.84
CA VAL D 166 23.61 -20.08 71.73
C VAL D 166 22.21 -20.59 71.40
N LEU D 167 22.12 -21.40 70.34
CA LEU D 167 20.86 -21.98 69.89
C LEU D 167 20.11 -22.62 71.06
N SER D 168 20.78 -23.53 71.76
CA SER D 168 20.20 -24.20 72.91
C SER D 168 19.64 -23.21 73.94
N LYS D 169 20.43 -22.20 74.29
CA LYS D 169 19.99 -21.23 75.28
C LYS D 169 18.82 -20.37 74.82
N VAL D 170 18.79 -20.03 73.53
CA VAL D 170 17.69 -19.23 73.00
C VAL D 170 16.38 -20.03 73.01
N LEU D 171 16.41 -21.25 72.48
CA LEU D 171 15.22 -22.08 72.42
C LEU D 171 14.62 -22.39 73.78
N GLN D 172 15.40 -22.26 74.85
CA GLN D 172 14.89 -22.55 76.19
C GLN D 172 13.97 -21.46 76.69
N ARG D 173 14.20 -20.24 76.21
CA ARG D 173 13.38 -19.08 76.60
C ARG D 173 11.91 -19.35 76.34
N PRO D 174 11.05 -19.15 77.35
CA PRO D 174 9.61 -19.37 77.21
C PRO D 174 8.90 -18.39 76.28
N ASN D 175 9.55 -17.29 75.96
CA ASN D 175 8.92 -16.30 75.08
C ASN D 175 9.47 -16.35 73.66
N VAL D 176 10.25 -17.39 73.36
CA VAL D 176 10.84 -17.56 72.05
C VAL D 176 10.24 -18.74 71.27
N LYS D 177 10.09 -18.55 69.96
CA LYS D 177 9.56 -19.59 69.10
C LYS D 177 10.34 -19.66 67.81
N LEU D 178 10.79 -20.86 67.45
CA LEU D 178 11.53 -21.06 66.23
C LEU D 178 10.69 -21.73 65.15
N PHE D 179 10.37 -20.98 64.10
CA PHE D 179 9.61 -21.53 62.97
C PHE D 179 10.60 -21.82 61.86
N ASN D 180 11.31 -22.94 61.99
CA ASN D 180 12.28 -23.34 60.97
C ASN D 180 11.54 -23.98 59.80
N ALA D 181 12.23 -24.13 58.68
CA ALA D 181 11.66 -24.69 57.45
C ALA D 181 10.64 -23.70 56.87
N THR D 182 10.71 -22.46 57.36
CA THR D 182 9.79 -21.41 56.94
C THR D 182 10.49 -20.21 56.31
N THR D 183 10.02 -19.81 55.14
CA THR D 183 10.61 -18.69 54.42
C THR D 183 9.75 -17.45 54.37
N VAL D 184 10.41 -16.29 54.45
CA VAL D 184 9.72 -15.01 54.37
C VAL D 184 9.71 -14.66 52.89
N GLU D 185 8.57 -14.80 52.24
CA GLU D 185 8.44 -14.51 50.82
C GLU D 185 8.27 -13.03 50.55
N ASP D 186 7.62 -12.32 51.47
CA ASP D 186 7.41 -10.89 51.29
C ASP D 186 7.25 -10.19 52.64
N LEU D 187 6.87 -8.93 52.61
CA LEU D 187 6.69 -8.15 53.83
C LEU D 187 5.29 -7.54 53.92
N ILE D 188 4.88 -7.22 55.14
CA ILE D 188 3.59 -6.58 55.34
C ILE D 188 3.90 -5.09 55.46
N THR D 189 3.29 -4.29 54.60
CA THR D 189 3.51 -2.85 54.57
C THR D 189 2.28 -2.02 54.93
N ARG D 190 2.54 -0.80 55.36
CA ARG D 190 1.51 0.18 55.75
C ARG D 190 2.09 1.49 55.26
N LYS D 191 1.25 2.51 55.13
CA LYS D 191 1.74 3.79 54.65
C LYS D 191 2.32 4.69 55.75
N HIS D 192 3.40 5.40 55.39
CA HIS D 192 4.11 6.33 56.29
C HIS D 192 4.82 5.63 57.46
N ALA D 209 6.31 8.26 48.47
CA ALA D 209 5.50 7.11 48.89
C ALA D 209 6.21 6.26 49.95
N LYS D 210 6.47 6.85 51.12
CA LYS D 210 7.16 6.15 52.21
C LYS D 210 6.27 5.09 52.90
N VAL D 211 6.90 3.97 53.28
CA VAL D 211 6.16 2.88 53.91
C VAL D 211 6.78 2.37 55.21
N ARG D 212 5.96 1.69 56.01
CA ARG D 212 6.38 1.11 57.28
C ARG D 212 6.22 -0.40 57.19
N ILE D 213 7.16 -1.14 57.77
CA ILE D 213 7.06 -2.59 57.75
C ILE D 213 6.28 -3.02 58.99
N ALA D 214 5.27 -3.87 58.77
CA ALA D 214 4.41 -4.31 59.87
C ALA D 214 4.19 -5.80 59.91
N GLY D 215 5.13 -6.57 59.38
CA GLY D 215 5.00 -8.01 59.40
C GLY D 215 5.74 -8.70 58.28
N VAL D 216 5.57 -10.01 58.21
CA VAL D 216 6.23 -10.85 57.20
C VAL D 216 5.25 -11.82 56.55
N VAL D 217 5.40 -11.99 55.25
CA VAL D 217 4.56 -12.90 54.48
C VAL D 217 5.36 -14.20 54.51
N THR D 218 4.74 -15.27 55.01
CA THR D 218 5.45 -16.53 55.15
C THR D 218 4.96 -17.69 54.30
N ASN D 219 5.79 -18.73 54.25
CA ASN D 219 5.49 -19.95 53.54
C ASN D 219 6.50 -21.05 53.88
N TRP D 220 6.12 -22.29 53.62
CA TRP D 220 7.00 -23.41 53.85
C TRP D 220 8.13 -23.15 52.86
N THR D 221 9.37 -23.22 53.32
CA THR D 221 10.49 -22.98 52.42
C THR D 221 10.41 -23.78 51.13
N LEU D 222 10.16 -25.08 51.22
CA LEU D 222 10.05 -25.92 50.02
C LEU D 222 9.02 -25.41 49.03
N VAL D 223 8.00 -24.72 49.55
CA VAL D 223 6.98 -24.17 48.67
C VAL D 223 7.56 -22.94 47.99
N SER D 224 8.22 -22.09 48.77
CA SER D 224 8.83 -20.88 48.26
C SER D 224 9.75 -21.22 47.09
N MET D 225 10.32 -22.41 47.14
CA MET D 225 11.25 -22.85 46.11
C MET D 225 10.62 -23.51 44.90
N HIS D 226 9.31 -23.66 44.89
CA HIS D 226 8.64 -24.31 43.77
C HIS D 226 7.34 -23.67 43.31
N HIS D 227 7.32 -22.34 43.24
CA HIS D 227 6.14 -21.62 42.79
C HIS D 227 5.97 -21.78 41.28
N ASP D 228 6.52 -22.88 40.74
CA ASP D 228 6.43 -23.19 39.32
C ASP D 228 6.24 -24.70 39.20
N ASP D 229 6.67 -25.42 40.22
CA ASP D 229 6.58 -26.88 40.28
C ASP D 229 5.24 -27.35 40.85
N GLN D 230 4.21 -26.51 40.73
CA GLN D 230 2.85 -26.81 41.23
C GLN D 230 1.91 -25.65 40.85
N SER D 231 0.66 -25.74 41.32
CA SER D 231 -0.33 -24.70 41.07
C SER D 231 -0.11 -23.64 42.14
N MET D 233 0.27 -21.52 45.28
CA MET D 233 0.27 -21.80 46.71
C MET D 233 0.48 -20.52 47.52
N ASP D 234 -0.64 -19.91 47.93
CA ASP D 234 -0.61 -18.68 48.70
C ASP D 234 0.15 -18.79 50.02
N PRO D 235 0.78 -17.68 50.44
CA PRO D 235 1.55 -17.61 51.68
C PRO D 235 0.63 -17.28 52.85
N ASN D 236 1.19 -17.35 54.05
CA ASN D 236 0.43 -17.03 55.24
C ASN D 236 1.02 -15.71 55.72
N THR D 237 0.58 -15.25 56.89
CA THR D 237 1.05 -13.96 57.39
C THR D 237 1.34 -13.92 58.89
N ILE D 238 2.11 -12.91 59.29
CA ILE D 238 2.45 -12.68 60.69
C ILE D 238 2.57 -11.16 60.91
N ASN D 239 1.66 -10.59 61.69
CA ASN D 239 1.67 -9.15 61.97
C ASN D 239 2.52 -8.87 63.22
N ALA D 240 3.36 -7.84 63.11
CA ALA D 240 4.21 -7.44 64.21
C ALA D 240 4.71 -6.03 63.96
N PRO D 241 4.99 -5.29 65.04
CA PRO D 241 5.48 -3.92 64.98
C PRO D 241 6.93 -3.76 64.54
N VAL D 242 7.81 -4.65 65.01
CA VAL D 242 9.21 -4.57 64.63
C VAL D 242 9.75 -5.89 64.04
N ILE D 243 10.50 -5.76 62.95
CA ILE D 243 11.08 -6.91 62.24
C ILE D 243 12.59 -6.73 62.10
N ILE D 244 13.34 -7.68 62.65
CA ILE D 244 14.80 -7.66 62.57
C ILE D 244 15.22 -8.60 61.45
N SER D 245 15.74 -8.06 60.35
CA SER D 245 16.17 -8.90 59.25
C SER D 245 17.68 -9.16 59.23
N THR D 246 18.04 -10.42 59.40
CA THR D 246 19.43 -10.86 59.41
C THR D 246 19.52 -12.11 58.53
N THR D 247 19.33 -11.94 57.23
CA THR D 247 19.36 -13.07 56.29
C THR D 247 20.65 -13.24 55.45
N GLY D 248 21.79 -12.88 56.03
CA GLY D 248 23.04 -13.00 55.30
C GLY D 248 23.07 -12.13 54.07
N HIS D 249 24.16 -12.21 53.31
CA HIS D 249 24.33 -11.42 52.09
C HIS D 249 23.70 -12.04 50.85
N ASP D 250 23.51 -11.19 49.85
CA ASP D 250 22.88 -11.54 48.58
C ASP D 250 23.13 -12.94 48.05
N GLY D 251 22.08 -13.53 47.50
CA GLY D 251 22.12 -14.87 46.94
C GLY D 251 20.69 -15.36 46.73
N PRO D 252 20.49 -16.63 46.33
CA PRO D 252 19.14 -17.18 46.12
C PRO D 252 18.22 -16.99 47.32
N PHE D 253 18.76 -17.17 48.52
CA PHE D 253 17.99 -17.01 49.74
C PHE D 253 18.36 -15.73 50.49
N GLY D 254 19.66 -15.43 50.54
CA GLY D 254 20.16 -14.26 51.25
C GLY D 254 19.70 -12.86 50.91
N ALA D 255 19.97 -11.94 51.84
CA ALA D 255 19.62 -10.51 51.71
C ALA D 255 18.21 -10.33 51.20
N PHE D 256 17.22 -10.63 52.02
CA PHE D 256 15.84 -10.52 51.57
C PHE D 256 15.12 -9.18 51.72
N SER D 257 14.98 -8.71 52.95
CA SER D 257 14.30 -7.45 53.23
C SER D 257 14.91 -6.33 52.40
N VAL D 258 16.24 -6.29 52.40
CA VAL D 258 16.98 -5.28 51.65
C VAL D 258 16.64 -5.30 50.16
N LYS D 259 16.66 -6.50 49.58
CA LYS D 259 16.34 -6.68 48.17
C LYS D 259 14.88 -6.35 47.93
N ARG D 260 14.05 -6.57 48.94
CA ARG D 260 12.61 -6.30 48.81
C ARG D 260 12.30 -4.80 48.90
N LEU D 261 13.03 -4.07 49.74
CA LEU D 261 12.79 -2.65 49.85
C LEU D 261 12.96 -2.02 48.46
N VAL D 262 13.90 -2.58 47.69
CA VAL D 262 14.17 -2.08 46.34
C VAL D 262 13.09 -2.44 45.33
N SER D 263 12.74 -3.73 45.29
CA SER D 263 11.70 -4.20 44.37
C SER D 263 10.37 -3.53 44.66
N MET D 264 10.18 -3.09 45.90
CA MET D 264 8.95 -2.41 46.30
C MET D 264 9.06 -0.93 45.93
N LYS D 265 10.17 -0.58 45.28
CA LYS D 265 10.42 0.80 44.86
C LYS D 265 10.50 1.73 46.06
N GLN D 266 11.36 1.38 47.01
CA GLN D 266 11.56 2.19 48.22
C GLN D 266 13.04 2.52 48.39
N MET D 267 13.86 1.91 47.53
CA MET D 267 15.31 2.11 47.52
C MET D 267 15.75 2.33 46.09
N GLU D 268 16.73 3.20 45.90
CA GLU D 268 17.23 3.48 44.55
C GLU D 268 17.93 2.26 43.95
N ARG D 269 18.56 1.47 44.80
CA ARG D 269 19.27 0.29 44.35
C ARG D 269 20.00 -0.27 45.55
N LEU D 270 20.89 -1.23 45.31
CA LEU D 270 21.68 -1.84 46.37
C LEU D 270 23.13 -1.49 46.07
N ASN D 271 23.81 -0.88 47.02
CA ASN D 271 25.21 -0.53 46.83
C ASN D 271 25.99 -1.81 46.57
N GLY D 272 25.55 -2.88 47.23
CA GLY D 272 26.20 -4.16 47.07
C GLY D 272 27.37 -4.37 48.00
N MET D 273 27.49 -5.59 48.54
CA MET D 273 28.58 -5.96 49.44
C MET D 273 29.90 -5.78 48.70
N ARG D 274 30.89 -5.20 49.36
CA ARG D 274 32.18 -4.99 48.71
C ARG D 274 33.23 -6.05 49.01
N GLY D 275 34.45 -5.79 48.57
CA GLY D 275 35.54 -6.74 48.80
C GLY D 275 35.78 -7.08 50.26
N LEU D 276 36.61 -8.08 50.52
CA LEU D 276 36.89 -8.45 51.89
C LEU D 276 37.99 -7.55 52.46
N ASP D 277 37.66 -6.91 53.59
CA ASP D 277 38.55 -6.00 54.31
C ASP D 277 38.03 -6.06 55.74
N MET D 278 38.45 -7.10 56.45
CA MET D 278 38.03 -7.33 57.82
C MET D 278 38.03 -6.13 58.77
N GLN D 279 39.11 -5.37 58.80
CA GLN D 279 39.18 -4.23 59.69
C GLN D 279 38.09 -3.19 59.50
N SER D 280 37.81 -2.83 58.25
CA SER D 280 36.77 -1.83 58.04
C SER D 280 35.38 -2.48 58.01
N ALA D 281 35.32 -3.75 57.64
CA ALA D 281 34.04 -4.47 57.56
C ALA D 281 33.33 -4.64 58.89
N GLU D 282 33.97 -5.29 59.86
CA GLU D 282 33.33 -5.55 61.14
C GLU D 282 32.84 -4.33 61.93
N ASP D 283 33.65 -3.27 61.99
CA ASP D 283 33.22 -2.06 62.71
C ASP D 283 31.99 -1.48 62.00
N ALA D 284 32.07 -1.44 60.68
CA ALA D 284 31.00 -0.90 59.83
C ALA D 284 29.67 -1.62 60.02
N ILE D 285 29.69 -2.95 59.96
CA ILE D 285 28.46 -3.70 60.12
C ILE D 285 27.85 -3.49 61.51
N VAL D 286 28.70 -3.52 62.53
CA VAL D 286 28.24 -3.36 63.90
C VAL D 286 27.73 -1.97 64.24
N ASN D 287 28.51 -0.95 63.96
CA ASN D 287 28.09 0.40 64.30
C ASN D 287 26.96 0.95 63.42
N ASN D 288 26.65 0.27 62.31
CA ASN D 288 25.60 0.74 61.42
C ASN D 288 24.33 -0.10 61.44
N THR D 289 24.27 -1.05 62.36
CA THR D 289 23.10 -1.91 62.50
C THR D 289 21.98 -1.03 63.04
N ARG D 290 20.87 -0.92 62.31
CA ARG D 290 19.80 -0.06 62.77
C ARG D 290 18.50 -0.17 62.01
N GLU D 291 17.48 0.53 62.50
CA GLU D 291 16.18 0.54 61.86
C GLU D 291 16.37 1.33 60.54
N ILE D 292 16.38 0.60 59.43
CA ILE D 292 16.56 1.19 58.10
C ILE D 292 15.31 1.89 57.63
N VAL D 293 14.17 1.34 58.02
CA VAL D 293 12.86 1.86 57.62
C VAL D 293 11.95 1.66 58.82
N PRO D 294 10.93 2.51 58.97
CA PRO D 294 10.01 2.34 60.12
C PRO D 294 9.51 0.90 60.22
N GLY D 295 9.86 0.21 61.31
CA GLY D 295 9.41 -1.16 61.49
C GLY D 295 10.40 -2.24 61.09
N LEU D 296 11.45 -1.86 60.36
CA LEU D 296 12.45 -2.81 59.89
C LEU D 296 13.89 -2.51 60.33
N ILE D 297 14.44 -3.37 61.19
CA ILE D 297 15.83 -3.23 61.64
C ILE D 297 16.65 -4.22 60.80
N VAL D 298 17.82 -3.82 60.33
CA VAL D 298 18.65 -4.73 59.56
C VAL D 298 20.03 -4.90 60.19
N GLY D 299 20.54 -6.13 60.19
CA GLY D 299 21.84 -6.40 60.77
C GLY D 299 22.59 -7.52 60.06
N GLY D 300 23.61 -8.06 60.72
CA GLY D 300 24.39 -9.14 60.13
C GLY D 300 24.95 -8.78 58.76
N MET D 301 25.16 -9.77 57.92
CA MET D 301 25.70 -9.50 56.60
C MET D 301 24.69 -8.95 55.60
N GLU D 302 23.40 -8.99 55.92
CA GLU D 302 22.42 -8.45 55.00
C GLU D 302 22.68 -6.97 54.87
N LEU D 303 23.00 -6.35 56.00
CA LEU D 303 23.30 -4.92 56.06
C LEU D 303 24.37 -4.52 55.05
N SER D 304 25.34 -5.40 54.83
CA SER D 304 26.43 -5.11 53.91
C SER D 304 25.91 -4.87 52.49
N GLU D 305 24.79 -5.49 52.14
CA GLU D 305 24.20 -5.33 50.82
C GLU D 305 23.65 -3.94 50.62
N ILE D 306 22.91 -3.45 51.62
CA ILE D 306 22.34 -2.12 51.53
C ILE D 306 23.34 -0.99 51.78
N ASP D 307 24.34 -1.22 52.63
CA ASP D 307 25.31 -0.16 52.91
C ASP D 307 26.55 -0.16 52.02
N GLY D 308 26.78 -1.23 51.28
CA GLY D 308 27.97 -1.25 50.45
C GLY D 308 29.22 -1.31 51.33
N ALA D 309 29.12 -2.11 52.39
CA ALA D 309 30.23 -2.28 53.31
C ALA D 309 31.04 -3.50 52.88
N ASN D 310 32.28 -3.57 53.36
CA ASN D 310 33.17 -4.68 53.05
C ASN D 310 32.70 -5.94 53.78
N ARG D 311 33.10 -7.11 53.28
CA ARG D 311 32.75 -8.40 53.89
C ARG D 311 33.91 -8.76 54.82
N MET D 312 33.69 -9.65 55.80
CA MET D 312 34.77 -10.02 56.71
C MET D 312 35.29 -11.45 56.57
N GLY D 313 34.63 -12.26 55.76
CA GLY D 313 35.08 -13.63 55.61
C GLY D 313 34.82 -14.42 56.88
N PRO D 314 35.63 -15.45 57.15
CA PRO D 314 35.53 -16.33 58.32
C PRO D 314 35.85 -15.74 59.68
N THR D 315 35.13 -14.69 60.06
CA THR D 315 35.34 -14.07 61.36
C THR D 315 33.95 -13.60 61.80
N PHE D 316 33.50 -14.12 62.93
CA PHE D 316 32.16 -13.87 63.44
C PHE D 316 31.97 -12.81 64.53
N GLY D 317 33.01 -12.06 64.85
CA GLY D 317 32.87 -11.05 65.88
C GLY D 317 31.74 -10.07 65.60
N ALA D 318 31.75 -9.50 64.39
CA ALA D 318 30.74 -8.54 63.97
C ALA D 318 29.33 -9.11 63.99
N MET D 319 29.17 -10.37 63.62
CA MET D 319 27.84 -10.97 63.61
C MET D 319 27.25 -10.95 65.00
N ALA D 320 28.01 -11.47 65.96
CA ALA D 320 27.56 -11.51 67.35
C ALA D 320 27.22 -10.11 67.92
N LEU D 321 28.10 -9.15 67.73
CA LEU D 321 27.84 -7.82 68.27
C LEU D 321 26.86 -7.02 67.41
N SER D 322 26.63 -7.47 66.19
CA SER D 322 25.67 -6.82 65.31
C SER D 322 24.31 -7.26 65.82
N GLY D 323 24.28 -8.50 66.31
CA GLY D 323 23.05 -9.03 66.85
C GLY D 323 22.66 -8.30 68.13
N VAL D 324 23.62 -8.09 69.02
CA VAL D 324 23.37 -7.39 70.28
C VAL D 324 22.83 -6.01 69.95
N LYS D 325 23.44 -5.38 68.95
CA LYS D 325 23.01 -4.05 68.54
C LYS D 325 21.60 -4.02 67.97
N ALA D 326 21.23 -5.05 67.22
CA ALA D 326 19.89 -5.12 66.63
C ALA D 326 18.83 -5.29 67.72
N ALA D 327 19.08 -6.17 68.67
CA ALA D 327 18.15 -6.38 69.77
C ALA D 327 17.92 -5.05 70.45
N HIS D 328 19.02 -4.33 70.71
CA HIS D 328 18.97 -3.04 71.38
C HIS D 328 18.11 -2.01 70.62
N GLU D 329 18.32 -1.93 69.30
CA GLU D 329 17.56 -1.03 68.45
C GLU D 329 16.08 -1.35 68.48
N ALA D 330 15.77 -2.64 68.51
CA ALA D 330 14.39 -3.08 68.54
C ALA D 330 13.72 -2.63 69.84
N ILE D 331 14.48 -2.57 70.91
CA ILE D 331 13.89 -2.14 72.17
C ILE D 331 13.67 -0.64 72.10
N ARG D 332 14.69 0.08 71.64
CA ARG D 332 14.61 1.53 71.52
C ARG D 332 13.40 1.92 70.69
N VAL D 333 13.17 1.18 69.62
CA VAL D 333 12.09 1.45 68.67
C VAL D 333 10.71 0.82 68.94
N PHE D 334 10.66 -0.24 69.74
CA PHE D 334 9.41 -0.97 70.01
C PHE D 334 8.13 -0.25 70.44
N ASP D 335 8.17 0.46 71.56
CA ASP D 335 6.97 1.15 72.04
C ASP D 335 6.37 2.00 70.92
N LEU D 336 7.22 2.78 70.28
CA LEU D 336 6.76 3.65 69.21
C LEU D 336 6.08 2.88 68.09
N ARG D 337 6.73 1.83 67.58
CA ARG D 337 6.13 1.07 66.49
C ARG D 337 4.91 0.30 66.96
N LYS D 338 5.00 -0.30 68.14
CA LYS D 338 3.86 -1.03 68.70
C LYS D 338 2.63 -0.13 68.59
N ALA D 339 2.77 1.11 69.05
CA ALA D 339 1.68 2.08 69.01
C ALA D 339 1.18 2.27 67.58
N GLN D 340 2.11 2.53 66.67
CA GLN D 340 1.76 2.74 65.29
C GLN D 340 1.07 1.53 64.68
N ASN D 341 1.34 0.35 65.23
CA ASN D 341 0.72 -0.85 64.68
C ASN D 341 -0.68 -1.15 65.18
N ASP D 342 -1.06 -0.61 66.35
CA ASP D 342 -2.39 -0.86 66.91
C ASP D 342 -3.39 0.30 66.76
N GLY E 35 -29.51 -40.28 49.46
CA GLY E 35 -29.22 -41.68 49.02
C GLY E 35 -28.88 -41.79 47.55
N LEU E 36 -28.27 -42.90 47.16
CA LEU E 36 -27.91 -43.10 45.77
C LEU E 36 -29.16 -43.27 44.94
N SER E 37 -29.01 -43.31 43.63
CA SER E 37 -30.15 -43.49 42.73
C SER E 37 -30.38 -44.97 42.48
N LYS E 38 -31.64 -45.38 42.40
CA LYS E 38 -31.99 -46.77 42.17
C LYS E 38 -31.16 -47.40 41.06
N PRO E 39 -31.07 -46.73 39.89
CA PRO E 39 -30.27 -47.31 38.80
C PRO E 39 -28.87 -47.72 39.26
N LEU E 40 -28.20 -46.82 39.97
CA LEU E 40 -26.86 -47.12 40.46
C LEU E 40 -26.93 -48.26 41.45
N LEU E 41 -27.76 -48.09 42.47
CA LEU E 41 -27.92 -49.12 43.51
C LEU E 41 -28.16 -50.50 42.94
N GLU E 42 -28.83 -50.57 41.80
CA GLU E 42 -29.12 -51.84 41.17
C GLU E 42 -27.89 -52.39 40.42
N LEU E 43 -27.05 -51.50 39.93
CA LEU E 43 -25.85 -51.88 39.20
C LEU E 43 -24.77 -52.44 40.12
N MET E 44 -24.52 -51.76 41.24
CA MET E 44 -23.51 -52.14 42.23
C MET E 44 -23.32 -53.63 42.54
N PRO E 45 -24.40 -54.34 42.94
CA PRO E 45 -24.26 -55.76 43.25
C PRO E 45 -23.76 -56.55 42.03
N THR E 46 -23.85 -55.94 40.85
CA THR E 46 -23.42 -56.56 39.62
C THR E 46 -21.90 -56.53 39.48
N LEU E 47 -21.29 -55.50 40.06
CA LEU E 47 -19.84 -55.31 39.99
C LEU E 47 -19.09 -56.41 40.74
N GLY E 48 -18.17 -57.06 40.03
CA GLY E 48 -17.39 -58.12 40.64
C GLY E 48 -18.02 -59.47 40.40
N THR E 49 -18.96 -59.52 39.46
CA THR E 49 -19.64 -60.76 39.10
C THR E 49 -19.60 -60.88 37.58
N ASP E 50 -19.88 -62.08 37.07
CA ASP E 50 -19.88 -62.31 35.62
C ASP E 50 -20.99 -61.55 34.91
N ALA E 51 -21.97 -61.08 35.68
CA ALA E 51 -23.10 -60.35 35.14
C ALA E 51 -22.74 -58.93 34.71
N PHE E 52 -21.58 -58.44 35.14
CA PHE E 52 -21.19 -57.09 34.74
C PHE E 52 -20.19 -57.07 33.59
N THR E 53 -20.44 -56.18 32.64
CA THR E 53 -19.57 -56.03 31.49
C THR E 53 -19.88 -54.73 30.76
N PHE E 54 -18.86 -54.11 30.18
CA PHE E 54 -19.07 -52.85 29.46
C PHE E 54 -19.50 -53.15 28.04
N SER E 55 -20.25 -52.23 27.45
CA SER E 55 -20.71 -52.37 26.08
C SER E 55 -19.49 -52.43 25.16
N PRO E 56 -19.67 -52.98 23.95
CA PRO E 56 -18.56 -53.10 23.00
C PRO E 56 -17.99 -51.77 22.54
N ILE E 57 -16.66 -51.70 22.46
CA ILE E 57 -15.98 -50.51 21.99
C ILE E 57 -14.75 -50.90 21.18
N ARG E 58 -14.36 -50.01 20.29
CA ARG E 58 -13.19 -50.16 19.44
C ARG E 58 -12.42 -48.90 19.78
N GLU E 59 -11.09 -49.00 19.94
CA GLU E 59 -10.29 -47.82 20.30
C GLU E 59 -10.51 -46.63 19.37
N SER E 60 -10.48 -46.90 18.06
CA SER E 60 -10.66 -45.86 17.06
C SER E 60 -11.94 -45.05 17.28
N THR E 61 -12.97 -45.70 17.83
CA THR E 61 -14.22 -45.00 18.07
C THR E 61 -13.99 -43.89 19.06
N VAL E 62 -13.36 -44.24 20.19
CA VAL E 62 -13.06 -43.29 21.25
C VAL E 62 -12.20 -42.16 20.70
N SER E 63 -11.14 -42.53 19.97
CA SER E 63 -10.25 -41.56 19.38
C SER E 63 -11.04 -40.53 18.58
N ARG E 64 -11.83 -41.02 17.64
CA ARG E 64 -12.64 -40.17 16.79
C ARG E 64 -13.65 -39.33 17.54
N ALA E 65 -14.11 -39.86 18.68
CA ALA E 65 -15.09 -39.16 19.51
C ALA E 65 -14.47 -37.91 20.13
N MET E 66 -13.17 -37.94 20.34
CA MET E 66 -12.50 -36.80 20.94
C MET E 66 -12.03 -35.77 19.92
N THR E 67 -11.29 -36.24 18.92
CA THR E 67 -10.73 -35.37 17.90
C THR E 67 -11.77 -34.60 17.10
N ARG E 68 -12.86 -35.28 16.78
CA ARG E 68 -13.94 -34.67 16.03
C ARG E 68 -14.50 -33.48 16.81
N ARG E 69 -14.70 -33.66 18.12
CA ARG E 69 -15.24 -32.59 18.96
C ARG E 69 -14.18 -31.52 19.23
N TYR E 70 -12.91 -31.93 19.29
CA TYR E 70 -11.84 -30.97 19.52
C TYR E 70 -11.64 -30.11 18.29
N PHE E 71 -11.74 -30.72 17.12
CA PHE E 71 -11.61 -29.99 15.86
C PHE E 71 -12.76 -29.01 15.79
N ALA E 72 -13.95 -29.48 16.11
CA ALA E 72 -15.11 -28.62 16.08
C ALA E 72 -14.79 -27.38 16.92
N ASP E 73 -14.33 -27.60 18.15
CA ASP E 73 -14.00 -26.49 19.05
C ASP E 73 -12.91 -25.59 18.51
N LEU E 74 -11.84 -26.21 18.00
CA LEU E 74 -10.68 -25.49 17.46
C LEU E 74 -11.04 -24.66 16.23
N ASP E 75 -12.07 -25.09 15.52
CA ASP E 75 -12.54 -24.43 14.31
C ASP E 75 -13.52 -23.32 14.66
N ALA E 76 -14.42 -23.60 15.60
CA ALA E 76 -15.41 -22.61 15.99
C ALA E 76 -14.81 -21.46 16.77
N HIS E 77 -13.76 -21.72 17.53
CA HIS E 77 -13.14 -20.69 18.34
C HIS E 77 -11.96 -19.97 17.72
N ALA E 78 -11.55 -20.40 16.53
CA ALA E 78 -10.43 -19.75 15.85
C ALA E 78 -10.77 -18.26 15.77
N GLU E 79 -12.06 -18.00 15.73
CA GLU E 79 -12.61 -16.66 15.66
C GLU E 79 -13.66 -16.62 16.78
N THR E 80 -13.35 -15.93 17.87
CA THR E 80 -14.31 -15.87 18.98
C THR E 80 -14.66 -14.44 19.38
N ASP E 81 -15.60 -14.32 20.31
CA ASP E 81 -16.05 -13.01 20.79
C ASP E 81 -15.21 -12.50 21.95
N ILE E 82 -15.01 -13.34 22.96
CA ILE E 82 -14.24 -12.95 24.15
C ILE E 82 -13.30 -14.07 24.58
N VAL E 83 -12.06 -13.72 24.89
CA VAL E 83 -11.09 -14.72 25.31
C VAL E 83 -10.67 -14.42 26.75
N ILE E 84 -10.61 -15.45 27.58
CA ILE E 84 -10.19 -15.29 28.95
C ILE E 84 -8.90 -16.07 29.15
N VAL E 85 -7.81 -15.36 29.45
CA VAL E 85 -6.54 -16.02 29.66
C VAL E 85 -6.37 -16.24 31.15
N GLY E 86 -6.31 -17.51 31.55
CA GLY E 86 -6.15 -17.86 32.95
C GLY E 86 -7.42 -18.30 33.64
N ALA E 87 -7.54 -19.59 33.95
CA ALA E 87 -8.73 -20.10 34.62
C ALA E 87 -8.53 -20.20 36.13
N GLY E 88 -8.05 -19.11 36.73
CA GLY E 88 -7.87 -19.07 38.17
C GLY E 88 -9.15 -18.57 38.84
N SER E 89 -9.08 -18.24 40.12
CA SER E 89 -10.25 -17.76 40.83
C SER E 89 -10.85 -16.53 40.15
N CYS E 90 -10.00 -15.63 39.69
CA CYS E 90 -10.47 -14.41 39.03
C CYS E 90 -11.04 -14.66 37.64
N GLY E 91 -10.25 -15.26 36.76
CA GLY E 91 -10.71 -15.54 35.41
C GLY E 91 -12.01 -16.32 35.42
N LEU E 92 -12.06 -17.35 36.27
CA LEU E 92 -13.26 -18.17 36.37
C LEU E 92 -14.47 -17.36 36.80
N SER E 93 -14.28 -16.46 37.76
CA SER E 93 -15.39 -15.62 38.23
C SER E 93 -15.86 -14.79 37.06
N ALA E 94 -14.91 -14.31 36.26
CA ALA E 94 -15.23 -13.47 35.11
C ALA E 94 -15.92 -14.30 34.03
N ALA E 95 -15.50 -15.55 33.88
CA ALA E 95 -16.09 -16.43 32.88
C ALA E 95 -17.54 -16.71 33.25
N TYR E 96 -17.79 -16.93 34.54
CA TYR E 96 -19.13 -17.22 35.05
C TYR E 96 -20.07 -16.06 34.73
N VAL E 97 -19.82 -14.92 35.37
CA VAL E 97 -20.62 -13.71 35.18
C VAL E 97 -20.81 -13.38 33.71
N LEU E 98 -19.72 -13.40 32.96
CA LEU E 98 -19.78 -13.06 31.54
C LEU E 98 -20.61 -14.01 30.67
N SER E 99 -20.56 -15.31 30.94
CA SER E 99 -21.33 -16.24 30.12
C SER E 99 -22.79 -16.22 30.53
N THR E 100 -23.04 -15.90 31.79
CA THR E 100 -24.40 -15.84 32.31
C THR E 100 -25.18 -14.62 31.80
N LEU E 101 -24.52 -13.46 31.75
CA LEU E 101 -25.17 -12.24 31.29
C LEU E 101 -25.22 -12.15 29.77
N ARG E 102 -24.41 -12.95 29.09
CA ARG E 102 -24.40 -12.91 27.63
C ARG E 102 -24.26 -14.28 26.96
N PRO E 103 -25.35 -15.07 26.97
CA PRO E 103 -25.39 -16.41 26.37
C PRO E 103 -25.07 -16.33 24.87
N ASP E 104 -25.40 -15.19 24.26
CA ASP E 104 -25.19 -14.95 22.86
C ASP E 104 -23.71 -14.89 22.46
N LEU E 105 -22.85 -14.53 23.40
CA LEU E 105 -21.43 -14.44 23.09
C LEU E 105 -20.69 -15.75 23.34
N ARG E 106 -19.67 -16.01 22.51
CA ARG E 106 -18.85 -17.20 22.65
C ARG E 106 -17.67 -16.83 23.54
N ILE E 107 -17.46 -17.62 24.59
CA ILE E 107 -16.37 -17.36 25.53
C ILE E 107 -15.30 -18.45 25.47
N THR E 108 -14.11 -18.04 25.05
CA THR E 108 -12.98 -18.95 24.91
C THR E 108 -11.96 -18.81 26.03
N ILE E 109 -11.90 -19.80 26.91
CA ILE E 109 -10.96 -19.80 28.04
C ILE E 109 -9.69 -20.59 27.70
N VAL E 110 -8.54 -19.94 27.74
CA VAL E 110 -7.26 -20.60 27.48
C VAL E 110 -6.52 -20.71 28.81
N GLU E 111 -6.31 -21.94 29.27
CA GLU E 111 -5.65 -22.19 30.54
C GLU E 111 -4.35 -22.97 30.37
N ALA E 112 -3.26 -22.38 30.82
CA ALA E 112 -1.94 -23.02 30.70
C ALA E 112 -1.89 -24.39 31.34
N GLY E 113 -2.18 -24.46 32.63
CA GLY E 113 -2.13 -25.72 33.34
C GLY E 113 -3.08 -26.80 32.86
N VAL E 114 -2.77 -28.05 33.21
CA VAL E 114 -3.61 -29.18 32.86
C VAL E 114 -4.86 -29.06 33.73
N ALA E 115 -4.65 -28.68 34.99
CA ALA E 115 -5.77 -28.50 35.88
C ALA E 115 -6.06 -27.00 35.97
N PRO E 116 -7.34 -26.63 35.81
CA PRO E 116 -7.70 -25.21 35.89
C PRO E 116 -7.86 -24.85 37.36
N GLY E 117 -7.93 -23.56 37.68
CA GLY E 117 -8.09 -23.17 39.06
C GLY E 117 -6.97 -22.30 39.62
N GLY E 118 -5.81 -22.36 39.01
CA GLY E 118 -4.70 -21.54 39.49
C GLY E 118 -4.43 -21.72 40.97
N GLY E 119 -4.27 -20.60 41.68
CA GLY E 119 -3.97 -20.68 43.10
C GLY E 119 -5.14 -20.84 44.05
N ALA E 120 -6.30 -21.23 43.53
CA ALA E 120 -7.47 -21.38 44.37
C ALA E 120 -7.81 -22.80 44.80
N TRP E 121 -6.81 -23.68 44.86
CA TRP E 121 -7.07 -25.03 45.32
C TRP E 121 -6.64 -25.11 46.78
N LEU E 122 -6.06 -24.01 47.25
CA LEU E 122 -5.58 -23.92 48.61
C LEU E 122 -5.67 -22.52 49.18
N GLY E 123 -5.47 -22.43 50.49
CA GLY E 123 -5.48 -21.15 51.17
C GLY E 123 -4.00 -20.81 51.29
N GLY E 124 -3.58 -20.32 52.45
CA GLY E 124 -2.17 -19.99 52.62
C GLY E 124 -1.38 -21.07 53.33
N GLN E 125 -0.10 -21.18 52.98
CA GLN E 125 0.81 -22.16 53.58
C GLN E 125 0.25 -23.59 53.48
N LEU E 126 -0.28 -23.93 52.31
CA LEU E 126 -0.83 -25.24 52.04
C LEU E 126 -2.07 -25.60 52.87
N PHE E 127 -2.58 -24.66 53.65
CA PHE E 127 -3.77 -24.95 54.43
C PHE E 127 -4.99 -24.87 53.51
N SER E 128 -6.19 -25.19 54.00
CA SER E 128 -7.39 -25.23 53.14
C SER E 128 -8.46 -24.12 53.14
N ALA E 129 -8.67 -23.50 54.29
CA ALA E 129 -9.69 -22.47 54.47
C ALA E 129 -9.59 -21.26 53.56
N MET E 130 -10.63 -21.04 52.77
CA MET E 130 -10.69 -19.89 51.85
C MET E 130 -11.41 -18.71 52.51
N VAL E 131 -10.67 -17.63 52.76
CA VAL E 131 -11.27 -16.47 53.39
C VAL E 131 -11.60 -15.37 52.38
N MET E 132 -12.83 -14.87 52.45
CA MET E 132 -13.30 -13.80 51.58
C MET E 132 -13.96 -12.70 52.44
N ARG E 133 -13.48 -11.48 52.32
CA ARG E 133 -14.02 -10.36 53.08
C ARG E 133 -15.29 -9.92 52.38
N LYS E 134 -16.26 -9.42 53.14
CA LYS E 134 -17.51 -8.95 52.53
C LYS E 134 -17.23 -7.67 51.74
N PRO E 135 -18.06 -7.38 50.72
CA PRO E 135 -19.25 -8.09 50.26
C PRO E 135 -19.02 -9.24 49.28
N ALA E 136 -17.87 -9.90 49.39
CA ALA E 136 -17.57 -11.01 48.49
C ALA E 136 -18.61 -12.14 48.64
N ASP E 137 -19.13 -12.29 49.87
CA ASP E 137 -20.13 -13.30 50.17
C ASP E 137 -21.28 -13.23 49.19
N VAL E 138 -21.54 -12.03 48.66
CA VAL E 138 -22.60 -11.85 47.68
C VAL E 138 -22.34 -12.69 46.44
N PHE E 139 -21.07 -12.81 46.06
CA PHE E 139 -20.72 -13.62 44.91
C PHE E 139 -20.88 -15.10 45.24
N LEU E 140 -20.40 -15.48 46.42
CA LEU E 140 -20.49 -16.87 46.86
C LEU E 140 -21.94 -17.31 46.86
N ASP E 141 -22.85 -16.41 47.23
CA ASP E 141 -24.28 -16.75 47.22
C ASP E 141 -24.66 -17.06 45.78
N GLU E 142 -24.27 -16.16 44.88
CA GLU E 142 -24.55 -16.30 43.46
C GLU E 142 -24.19 -17.66 42.85
N VAL E 143 -22.97 -18.11 43.12
CA VAL E 143 -22.50 -19.38 42.57
C VAL E 143 -22.88 -20.60 43.40
N GLY E 144 -23.55 -20.39 44.52
CA GLY E 144 -23.94 -21.53 45.35
C GLY E 144 -22.85 -22.18 46.19
N VAL E 145 -22.00 -21.37 46.80
CA VAL E 145 -20.94 -21.91 47.63
C VAL E 145 -21.20 -21.55 49.09
N PRO E 146 -21.47 -22.56 49.93
CA PRO E 146 -21.75 -22.38 51.36
C PRO E 146 -20.55 -21.80 52.10
N TYR E 147 -20.79 -21.20 53.25
CA TYR E 147 -19.70 -20.58 54.00
C TYR E 147 -20.07 -20.22 55.43
N GLU E 148 -19.06 -19.98 56.26
CA GLU E 148 -19.30 -19.57 57.65
C GLU E 148 -19.11 -18.05 57.72
N ASP E 149 -20.11 -17.36 58.25
CA ASP E 149 -20.04 -15.92 58.38
C ASP E 149 -19.36 -15.58 59.70
N GLU E 150 -18.35 -14.72 59.63
CA GLU E 150 -17.62 -14.33 60.83
C GLU E 150 -17.79 -12.85 61.12
N GLY E 151 -18.60 -12.16 60.31
CA GLY E 151 -18.80 -10.75 60.51
C GLY E 151 -18.34 -10.00 59.29
N ASP E 152 -17.11 -9.51 59.31
CA ASP E 152 -16.58 -8.77 58.16
C ASP E 152 -16.14 -9.68 57.02
N TYR E 153 -15.95 -10.95 57.34
CA TYR E 153 -15.54 -11.93 56.33
C TYR E 153 -16.28 -13.25 56.48
N VAL E 154 -16.17 -14.06 55.45
CA VAL E 154 -16.78 -15.38 55.44
C VAL E 154 -15.68 -16.39 55.10
N VAL E 155 -15.85 -17.62 55.58
CA VAL E 155 -14.86 -18.66 55.34
C VAL E 155 -15.48 -19.84 54.60
N VAL E 156 -14.91 -20.20 53.45
CA VAL E 156 -15.39 -21.35 52.69
C VAL E 156 -14.60 -22.57 53.21
N LYS E 157 -15.31 -23.65 53.51
CA LYS E 157 -14.73 -24.90 54.05
C LYS E 157 -13.36 -25.27 53.48
N HIS E 158 -13.27 -25.28 52.16
CA HIS E 158 -12.05 -25.61 51.44
C HIS E 158 -12.04 -24.78 50.16
N ALA E 159 -10.86 -24.27 49.79
CA ALA E 159 -10.74 -23.45 48.58
C ALA E 159 -11.20 -24.26 47.37
N ALA E 160 -10.91 -25.56 47.41
CA ALA E 160 -11.27 -26.49 46.35
C ALA E 160 -12.76 -26.48 46.11
N LEU E 161 -13.53 -26.31 47.20
CA LEU E 161 -14.99 -26.29 47.10
C LEU E 161 -15.45 -25.14 46.21
N PHE E 162 -14.94 -23.95 46.49
CA PHE E 162 -15.30 -22.78 45.71
C PHE E 162 -14.96 -23.03 44.23
N THR E 163 -13.68 -23.23 43.97
CA THR E 163 -13.16 -23.44 42.63
C THR E 163 -13.84 -24.58 41.85
N SER E 164 -14.08 -25.72 42.51
CA SER E 164 -14.72 -26.83 41.82
C SER E 164 -16.15 -26.47 41.42
N THR E 165 -16.85 -25.73 42.28
CA THR E 165 -18.22 -25.38 41.98
C THR E 165 -18.33 -24.34 40.87
N VAL E 166 -17.55 -23.28 40.96
CA VAL E 166 -17.60 -22.24 39.94
C VAL E 166 -17.22 -22.86 38.59
N LEU E 167 -16.13 -23.61 38.62
CA LEU E 167 -15.62 -24.28 37.45
C LEU E 167 -16.68 -25.18 36.82
N SER E 168 -17.38 -25.94 37.66
CA SER E 168 -18.42 -26.83 37.16
C SER E 168 -19.55 -26.07 36.49
N LYS E 169 -19.93 -24.93 37.05
CA LYS E 169 -21.02 -24.16 36.48
C LYS E 169 -20.59 -23.45 35.20
N VAL E 170 -19.37 -22.94 35.19
CA VAL E 170 -18.83 -22.28 34.01
C VAL E 170 -18.79 -23.26 32.82
N LEU E 171 -18.30 -24.47 33.09
CA LEU E 171 -18.18 -25.48 32.06
C LEU E 171 -19.50 -26.01 31.53
N GLN E 172 -20.56 -25.85 32.33
CA GLN E 172 -21.86 -26.31 31.90
C GLN E 172 -22.47 -25.42 30.85
N ARG E 173 -22.17 -24.12 30.91
CA ARG E 173 -22.70 -23.16 29.95
C ARG E 173 -22.41 -23.64 28.52
N PRO E 174 -23.40 -23.53 27.64
CA PRO E 174 -23.30 -23.94 26.24
C PRO E 174 -22.41 -23.05 25.40
N ASN E 175 -22.11 -21.86 25.90
CA ASN E 175 -21.27 -20.93 25.14
C ASN E 175 -19.82 -20.83 25.59
N VAL E 176 -19.42 -21.72 26.50
CA VAL E 176 -18.06 -21.71 27.01
C VAL E 176 -17.22 -22.93 26.62
N LYS E 177 -15.98 -22.66 26.24
CA LYS E 177 -15.03 -23.71 25.88
C LYS E 177 -13.77 -23.51 26.69
N LEU E 178 -13.28 -24.57 27.34
CA LEU E 178 -12.06 -24.49 28.12
C LEU E 178 -10.90 -25.20 27.43
N PHE E 179 -9.98 -24.43 26.86
CA PHE E 179 -8.81 -24.99 26.21
C PHE E 179 -7.69 -25.02 27.25
N ASN E 180 -7.66 -26.08 28.06
CA ASN E 180 -6.64 -26.22 29.09
C ASN E 180 -5.40 -26.87 28.50
N ALA E 181 -4.33 -26.95 29.28
CA ALA E 181 -3.09 -27.53 28.80
C ALA E 181 -2.59 -26.68 27.63
N THR E 182 -3.17 -25.49 27.49
CA THR E 182 -2.83 -24.54 26.43
C THR E 182 -2.33 -23.21 27.00
N THR E 183 -1.28 -22.65 26.40
CA THR E 183 -0.72 -21.38 26.86
C THR E 183 -0.81 -20.27 25.82
N VAL E 184 -0.85 -19.02 26.27
CA VAL E 184 -0.85 -17.88 25.38
C VAL E 184 0.61 -17.38 25.40
N GLU E 185 1.31 -17.58 24.29
CA GLU E 185 2.71 -17.18 24.17
C GLU E 185 2.85 -15.72 23.75
N ASP E 186 1.84 -15.18 23.08
CA ASP E 186 1.90 -13.80 22.63
C ASP E 186 0.48 -13.28 22.38
N LEU E 187 0.39 -12.01 21.99
CA LEU E 187 -0.91 -11.39 21.71
C LEU E 187 -0.98 -10.98 20.24
N ILE E 188 -2.18 -10.96 19.68
CA ILE E 188 -2.34 -10.52 18.29
C ILE E 188 -2.53 -9.02 18.36
N THR E 189 -1.81 -8.30 17.51
CA THR E 189 -1.89 -6.85 17.52
C THR E 189 -2.39 -6.22 16.21
N ARG E 190 -2.83 -4.97 16.32
CA ARG E 190 -3.32 -4.17 15.20
C ARG E 190 -2.93 -2.73 15.51
N LYS E 191 -2.68 -1.95 14.48
CA LYS E 191 -2.30 -0.56 14.67
C LYS E 191 -3.46 0.29 15.18
N HIS E 192 -3.15 1.18 16.14
CA HIS E 192 -4.13 2.10 16.75
C HIS E 192 -5.12 1.36 17.66
N LYS E 210 0.61 3.25 19.27
CA LYS E 210 -0.40 2.62 20.10
C LYS E 210 -0.93 1.40 19.37
N VAL E 211 -1.30 0.36 20.12
CA VAL E 211 -1.82 -0.83 19.48
C VAL E 211 -3.11 -1.34 20.08
N ARG E 212 -3.87 -2.09 19.28
CA ARG E 212 -5.12 -2.70 19.74
C ARG E 212 -4.88 -4.19 19.82
N ILE E 213 -5.36 -4.83 20.87
CA ILE E 213 -5.20 -6.28 21.05
C ILE E 213 -6.37 -6.95 20.32
N ALA E 214 -6.06 -7.84 19.39
CA ALA E 214 -7.10 -8.50 18.61
C ALA E 214 -7.09 -10.02 18.63
N GLY E 215 -6.47 -10.61 19.65
CA GLY E 215 -6.45 -12.05 19.70
C GLY E 215 -5.24 -12.53 20.47
N VAL E 216 -5.05 -13.85 20.53
CA VAL E 216 -3.93 -14.41 21.26
C VAL E 216 -3.22 -15.51 20.48
N VAL E 217 -1.90 -15.58 20.68
CA VAL E 217 -1.07 -16.59 20.04
C VAL E 217 -1.01 -17.73 21.04
N THR E 218 -1.49 -18.90 20.63
CA THR E 218 -1.53 -20.06 21.50
C THR E 218 -0.62 -21.20 21.09
N ASN E 219 -0.44 -22.13 22.02
CA ASN E 219 0.39 -23.32 21.80
C ASN E 219 0.15 -24.27 22.98
N TRP E 220 0.54 -25.53 22.83
CA TRP E 220 0.39 -26.50 23.90
C TRP E 220 1.35 -26.01 24.96
N THR E 221 0.90 -25.99 26.21
CA THR E 221 1.76 -25.50 27.29
C THR E 221 3.12 -26.17 27.32
N LEU E 222 3.16 -27.48 27.10
CA LEU E 222 4.44 -28.20 27.11
C LEU E 222 5.35 -27.74 25.98
N VAL E 223 4.76 -27.29 24.87
CA VAL E 223 5.55 -26.79 23.75
C VAL E 223 6.09 -25.40 24.07
N SER E 224 5.31 -24.61 24.81
CA SER E 224 5.75 -23.27 25.18
C SER E 224 6.89 -23.33 26.19
N MET E 225 6.95 -24.42 26.95
CA MET E 225 7.99 -24.60 27.96
C MET E 225 9.28 -25.23 27.43
N HIS E 226 9.25 -25.76 26.20
CA HIS E 226 10.45 -26.37 25.65
C HIS E 226 10.77 -25.90 24.24
N HIS E 227 10.80 -24.58 24.04
CA HIS E 227 11.13 -24.05 22.72
C HIS E 227 12.64 -24.07 22.51
N ASP E 228 13.28 -25.11 23.04
CA ASP E 228 14.73 -25.31 22.93
C ASP E 228 14.94 -26.80 22.76
N ASP E 229 14.29 -27.55 23.66
CA ASP E 229 14.34 -29.00 23.70
C ASP E 229 13.81 -29.68 22.45
N GLN E 230 13.72 -28.93 21.35
CA GLN E 230 13.26 -29.44 20.05
C GLN E 230 13.53 -28.40 18.96
N SER E 231 13.09 -28.70 17.74
CA SER E 231 13.26 -27.79 16.61
C SER E 231 12.10 -26.81 16.68
N MET E 233 8.80 -24.91 16.81
CA MET E 233 7.40 -25.29 16.88
C MET E 233 6.50 -24.06 16.90
N ASP E 234 6.03 -23.66 15.73
CA ASP E 234 5.16 -22.49 15.60
C ASP E 234 3.87 -22.61 16.38
N PRO E 235 3.36 -21.46 16.87
CA PRO E 235 2.11 -21.43 17.63
C PRO E 235 0.88 -21.33 16.76
N ASN E 236 -0.29 -21.30 17.37
CA ASN E 236 -1.56 -21.16 16.64
C ASN E 236 -2.12 -19.82 17.03
N THR E 237 -3.29 -19.48 16.48
CA THR E 237 -3.90 -18.18 16.75
C THR E 237 -5.41 -18.21 17.04
N ILE E 238 -5.91 -17.13 17.62
CA ILE E 238 -7.33 -16.98 17.94
C ILE E 238 -7.63 -15.47 17.85
N ASN E 239 -8.55 -15.10 16.97
CA ASN E 239 -8.92 -13.71 16.81
C ASN E 239 -10.10 -13.41 17.72
N ALA E 240 -10.00 -12.28 18.43
CA ALA E 240 -11.05 -11.83 19.34
C ALA E 240 -10.94 -10.31 19.50
N PRO E 241 -12.08 -9.61 19.57
CA PRO E 241 -12.12 -8.16 19.73
C PRO E 241 -11.76 -7.73 21.15
N VAL E 242 -11.99 -8.62 22.12
CA VAL E 242 -11.63 -8.30 23.50
C VAL E 242 -11.00 -9.50 24.22
N ILE E 243 -9.91 -9.24 24.93
CA ILE E 243 -9.21 -10.29 25.64
C ILE E 243 -9.11 -9.94 27.11
N ILE E 244 -9.53 -10.86 27.95
CA ILE E 244 -9.46 -10.65 29.39
C ILE E 244 -8.29 -11.48 29.89
N SER E 245 -7.26 -10.81 30.36
CA SER E 245 -6.10 -11.51 30.87
C SER E 245 -6.11 -11.47 32.38
N THR E 246 -6.02 -12.65 32.98
CA THR E 246 -6.00 -12.81 34.43
C THR E 246 -5.06 -13.99 34.64
N THR E 247 -3.77 -13.74 34.40
CA THR E 247 -2.77 -14.78 34.53
C THR E 247 -1.95 -14.70 35.82
N GLY E 248 -2.57 -14.22 36.88
CA GLY E 248 -1.86 -14.13 38.15
C GLY E 248 -0.69 -13.17 38.05
N HIS E 249 0.02 -13.00 39.16
CA HIS E 249 1.15 -12.08 39.21
C HIS E 249 2.46 -12.71 38.74
N ASP E 250 3.45 -11.86 38.49
CA ASP E 250 4.77 -12.26 37.99
C ASP E 250 5.29 -13.61 38.45
N GLY E 251 6.16 -14.18 37.62
CA GLY E 251 6.77 -15.48 37.86
C GLY E 251 7.01 -16.09 36.49
N PRO E 252 7.31 -17.40 36.41
CA PRO E 252 7.54 -18.03 35.09
C PRO E 252 6.31 -17.92 34.19
N PHE E 253 5.20 -18.46 34.67
CA PHE E 253 3.96 -18.42 33.90
C PHE E 253 3.20 -17.08 34.01
N GLY E 254 3.07 -16.59 35.24
CA GLY E 254 2.34 -15.35 35.52
C GLY E 254 2.59 -13.99 34.88
N ALA E 255 1.57 -13.14 35.00
CA ALA E 255 1.55 -11.76 34.49
C ALA E 255 1.96 -11.66 33.03
N PHE E 256 1.35 -12.49 32.20
CA PHE E 256 1.70 -12.51 30.78
C PHE E 256 1.46 -11.26 29.93
N SER E 257 0.21 -10.85 29.80
CA SER E 257 -0.14 -9.69 28.98
C SER E 257 0.54 -8.39 29.38
N VAL E 258 0.62 -8.13 30.69
CA VAL E 258 1.25 -6.91 31.16
C VAL E 258 2.73 -6.89 30.80
N LYS E 259 3.41 -8.01 31.05
CA LYS E 259 4.84 -8.13 30.72
C LYS E 259 5.06 -8.02 29.21
N ARG E 260 4.12 -8.58 28.45
CA ARG E 260 4.22 -8.56 27.00
C ARG E 260 4.01 -7.15 26.45
N LEU E 261 3.25 -6.32 27.16
CA LEU E 261 3.05 -4.96 26.71
C LEU E 261 4.35 -4.18 26.79
N VAL E 262 5.24 -4.60 27.66
CA VAL E 262 6.53 -3.93 27.80
C VAL E 262 7.48 -4.41 26.70
N SER E 263 7.55 -5.73 26.51
CA SER E 263 8.44 -6.28 25.50
C SER E 263 8.05 -5.84 24.09
N MET E 264 6.84 -5.31 23.96
CA MET E 264 6.34 -4.82 22.67
C MET E 264 6.52 -3.31 22.62
N LYS E 265 7.26 -2.78 23.59
CA LYS E 265 7.51 -1.35 23.67
C LYS E 265 6.22 -0.52 23.70
N GLN E 266 5.29 -0.90 24.58
CA GLN E 266 4.02 -0.20 24.72
C GLN E 266 3.87 0.33 26.14
N MET E 267 4.78 -0.11 27.01
CA MET E 267 4.80 0.26 28.42
C MET E 267 6.21 0.62 28.84
N GLU E 268 6.32 1.58 29.75
CA GLU E 268 7.63 2.02 30.24
C GLU E 268 8.30 0.96 31.11
N ARG E 269 7.47 0.21 31.83
CA ARG E 269 7.95 -0.85 32.71
C ARG E 269 6.77 -1.25 33.56
N LEU E 270 6.99 -2.22 34.44
CA LEU E 270 5.97 -2.69 35.35
C LEU E 270 6.25 -2.08 36.72
N ASN E 271 5.22 -1.45 37.29
CA ASN E 271 5.39 -0.84 38.61
C ASN E 271 5.74 -1.93 39.62
N GLY E 272 5.40 -3.17 39.26
CA GLY E 272 5.68 -4.31 40.11
C GLY E 272 4.74 -4.47 41.30
N MET E 273 4.37 -5.71 41.57
CA MET E 273 3.49 -6.03 42.70
C MET E 273 4.22 -5.63 43.99
N ARG E 274 3.54 -4.87 44.85
CA ARG E 274 4.15 -4.41 46.09
C ARG E 274 3.83 -5.29 47.30
N GLY E 275 4.27 -4.83 48.47
CA GLY E 275 4.07 -5.56 49.71
C GLY E 275 2.63 -5.94 50.03
N LEU E 276 2.47 -6.79 51.04
CA LEU E 276 1.15 -7.26 51.44
C LEU E 276 0.49 -6.34 52.48
N ASP E 277 -0.61 -5.72 52.04
CA ASP E 277 -1.42 -4.79 52.82
C ASP E 277 -2.84 -5.09 52.36
N MET E 278 -3.38 -6.23 52.79
CA MET E 278 -4.72 -6.68 52.41
C MET E 278 -5.76 -5.57 52.27
N GLN E 279 -5.89 -4.73 53.29
CA GLN E 279 -6.87 -3.66 53.23
C GLN E 279 -6.71 -2.71 52.06
N SER E 280 -5.50 -2.24 51.80
CA SER E 280 -5.34 -1.31 50.69
C SER E 280 -5.27 -2.01 49.31
N ALA E 281 -4.92 -3.29 49.31
CA ALA E 281 -4.81 -4.03 48.05
C ALA E 281 -6.11 -4.47 47.37
N GLU E 282 -6.89 -5.32 48.02
CA GLU E 282 -8.13 -5.80 47.42
C GLU E 282 -9.04 -4.73 46.81
N ASP E 283 -9.17 -3.58 47.48
CA ASP E 283 -9.98 -2.48 46.96
C ASP E 283 -9.37 -2.00 45.67
N ALA E 284 -8.04 -1.93 45.65
CA ALA E 284 -7.30 -1.47 44.49
C ALA E 284 -7.47 -2.40 43.32
N ILE E 285 -7.24 -3.69 43.54
CA ILE E 285 -7.39 -4.64 42.45
C ILE E 285 -8.78 -4.52 41.83
N VAL E 286 -9.81 -4.61 42.68
CA VAL E 286 -11.18 -4.52 42.21
C VAL E 286 -11.54 -3.24 41.46
N ASN E 287 -11.40 -2.10 42.12
CA ASN E 287 -11.77 -0.84 41.50
C ASN E 287 -11.01 -0.42 40.26
N ASN E 288 -9.84 -1.00 40.05
CA ASN E 288 -9.03 -0.65 38.88
C ASN E 288 -9.03 -1.69 37.75
N THR E 289 -9.78 -2.78 37.92
CA THR E 289 -9.84 -3.79 36.88
C THR E 289 -10.55 -3.12 35.70
N ARG E 290 -9.89 -3.11 34.55
CA ARG E 290 -10.45 -2.48 33.37
C ARG E 290 -9.63 -2.68 32.11
N GLU E 291 -10.12 -2.14 31.01
CA GLU E 291 -9.42 -2.23 29.74
C GLU E 291 -8.15 -1.37 29.80
N ILE E 292 -7.01 -2.04 29.78
CA ILE E 292 -5.71 -1.38 29.83
C ILE E 292 -5.37 -0.72 28.50
N VAL E 293 -5.61 -1.48 27.44
CA VAL E 293 -5.36 -1.08 26.06
C VAL E 293 -6.59 -1.56 25.29
N PRO E 294 -6.94 -0.91 24.17
CA PRO E 294 -8.11 -1.35 23.41
C PRO E 294 -8.10 -2.86 23.15
N GLY E 295 -9.10 -3.57 23.67
CA GLY E 295 -9.17 -5.00 23.48
C GLY E 295 -8.52 -5.81 24.58
N LEU E 296 -7.73 -5.17 25.44
CA LEU E 296 -7.08 -5.89 26.53
C LEU E 296 -7.46 -5.44 27.94
N ILE E 297 -8.25 -6.27 28.61
CA ILE E 297 -8.67 -6.00 29.96
C ILE E 297 -7.83 -6.86 30.89
N VAL E 298 -7.30 -6.26 31.95
CA VAL E 298 -6.49 -7.02 32.89
C VAL E 298 -7.18 -7.00 34.25
N GLY E 299 -7.17 -8.15 34.92
CA GLY E 299 -7.77 -8.27 36.23
C GLY E 299 -7.03 -9.27 37.09
N GLY E 300 -7.48 -9.44 38.33
CA GLY E 300 -6.83 -10.38 39.22
C GLY E 300 -5.46 -9.87 39.65
N MET E 301 -4.62 -10.76 40.17
CA MET E 301 -3.31 -10.32 40.61
C MET E 301 -2.40 -9.84 39.48
N GLU E 302 -2.69 -10.25 38.25
CA GLU E 302 -1.88 -9.77 37.13
C GLU E 302 -1.96 -8.26 37.18
N LEU E 303 -3.16 -7.75 37.41
CA LEU E 303 -3.38 -6.32 37.47
C LEU E 303 -2.42 -5.65 38.45
N SER E 304 -2.12 -6.33 39.55
CA SER E 304 -1.22 -5.76 40.55
C SER E 304 0.14 -5.42 39.96
N GLU E 305 0.61 -6.25 39.01
CA GLU E 305 1.91 -6.00 38.40
C GLU E 305 1.98 -4.67 37.64
N ILE E 306 0.99 -4.43 36.78
CA ILE E 306 0.96 -3.20 36.00
C ILE E 306 0.62 -1.96 36.82
N ASP E 307 -0.17 -2.11 37.90
CA ASP E 307 -0.55 -0.97 38.72
C ASP E 307 0.36 -0.69 39.91
N GLY E 308 1.21 -1.65 40.24
CA GLY E 308 2.09 -1.48 41.38
C GLY E 308 1.26 -1.43 42.65
N ALA E 309 0.35 -2.38 42.79
CA ALA E 309 -0.51 -2.45 43.95
C ALA E 309 -0.04 -3.50 44.96
N ASN E 310 -0.50 -3.35 46.20
CA ASN E 310 -0.13 -4.30 47.26
C ASN E 310 -0.81 -5.65 46.98
N ARG E 311 -0.33 -6.70 47.64
CA ARG E 311 -0.87 -8.05 47.49
C ARG E 311 -1.71 -8.36 48.73
N MET E 312 -2.67 -9.28 48.60
CA MET E 312 -3.51 -9.62 49.75
C MET E 312 -3.17 -10.98 50.36
N GLY E 313 -2.44 -11.79 49.62
CA GLY E 313 -2.09 -13.09 50.15
C GLY E 313 -3.26 -14.06 50.10
N PRO E 314 -3.42 -14.88 51.15
CA PRO E 314 -4.49 -15.88 51.26
C PRO E 314 -5.93 -15.40 51.45
N THR E 315 -6.38 -14.49 50.60
CA THR E 315 -7.77 -14.02 50.69
C THR E 315 -8.25 -13.78 49.25
N PHE E 316 -9.42 -14.33 48.92
CA PHE E 316 -9.96 -14.25 47.54
C PHE E 316 -11.16 -13.37 47.19
N GLY E 317 -11.54 -12.44 48.05
CA GLY E 317 -12.67 -11.59 47.70
C GLY E 317 -12.34 -10.81 46.44
N ALA E 318 -11.23 -10.08 46.49
CA ALA E 318 -10.77 -9.26 45.37
C ALA E 318 -10.83 -10.02 44.05
N MET E 319 -10.22 -11.21 44.03
CA MET E 319 -10.19 -12.04 42.84
C MET E 319 -11.60 -12.28 42.27
N ALA E 320 -12.53 -12.65 43.14
CA ALA E 320 -13.90 -12.90 42.70
C ALA E 320 -14.57 -11.64 42.17
N LEU E 321 -14.55 -10.57 42.95
CA LEU E 321 -15.17 -9.32 42.52
C LEU E 321 -14.45 -8.67 41.35
N SER E 322 -13.15 -8.93 41.25
CA SER E 322 -12.34 -8.39 40.15
C SER E 322 -12.83 -9.04 38.86
N GLY E 323 -13.17 -10.33 38.96
CA GLY E 323 -13.66 -11.06 37.81
C GLY E 323 -15.01 -10.52 37.41
N VAL E 324 -15.86 -10.28 38.41
CA VAL E 324 -17.19 -9.73 38.17
C VAL E 324 -17.00 -8.43 37.38
N LYS E 325 -16.10 -7.59 37.87
CA LYS E 325 -15.79 -6.32 37.24
C LYS E 325 -15.26 -6.53 35.82
N ALA E 326 -14.39 -7.53 35.67
CA ALA E 326 -13.81 -7.82 34.36
C ALA E 326 -14.90 -8.09 33.34
N ALA E 327 -15.83 -8.96 33.69
CA ALA E 327 -16.92 -9.30 32.79
C ALA E 327 -17.69 -8.05 32.36
N HIS E 328 -17.84 -7.11 33.28
CA HIS E 328 -18.53 -5.84 33.02
C HIS E 328 -17.79 -5.05 31.94
N GLU E 329 -16.48 -4.84 32.14
CA GLU E 329 -15.65 -4.10 31.19
C GLU E 329 -15.72 -4.67 29.78
N ALA E 330 -15.75 -5.99 29.69
CA ALA E 330 -15.80 -6.67 28.41
C ALA E 330 -17.13 -6.33 27.72
N ILE E 331 -18.21 -6.31 28.49
CA ILE E 331 -19.51 -6.00 27.92
C ILE E 331 -19.55 -4.54 27.51
N ARG E 332 -19.09 -3.67 28.39
CA ARG E 332 -19.05 -2.24 28.12
C ARG E 332 -18.34 -1.96 26.80
N VAL E 333 -17.16 -2.55 26.67
CA VAL E 333 -16.28 -2.36 25.54
C VAL E 333 -16.52 -3.27 24.32
N PHE E 334 -17.31 -4.34 24.47
CA PHE E 334 -17.51 -5.27 23.37
C PHE E 334 -17.94 -4.75 21.99
N ASP E 335 -19.12 -4.14 21.90
CA ASP E 335 -19.60 -3.64 20.61
C ASP E 335 -18.60 -2.77 19.87
N LEU E 336 -17.93 -1.87 20.59
CA LEU E 336 -16.96 -1.00 19.96
C LEU E 336 -15.77 -1.79 19.43
N ARG E 337 -15.22 -2.68 20.26
CA ARG E 337 -14.08 -3.46 19.80
C ARG E 337 -14.49 -4.38 18.68
N LYS E 338 -15.62 -5.07 18.86
CA LYS E 338 -16.15 -5.97 17.84
C LYS E 338 -16.18 -5.26 16.49
N ALA E 339 -16.77 -4.06 16.48
CA ALA E 339 -16.90 -3.26 15.27
C ALA E 339 -15.53 -3.01 14.61
N GLN E 340 -14.58 -2.57 15.40
CA GLN E 340 -13.24 -2.27 14.92
C GLN E 340 -12.48 -3.48 14.40
N ASN E 341 -12.75 -4.63 15.01
CA ASN E 341 -12.04 -5.85 14.63
C ASN E 341 -12.54 -6.52 13.35
N ASP E 342 -13.75 -6.19 12.89
CA ASP E 342 -14.29 -6.80 11.68
C ASP E 342 -14.12 -5.89 10.46
N GLY F 35 -30.22 -15.51 34.31
CA GLY F 35 -29.84 -14.18 34.87
C GLY F 35 -29.12 -14.30 36.21
N LEU F 36 -28.49 -13.21 36.63
CA LEU F 36 -27.77 -13.18 37.90
C LEU F 36 -28.68 -12.80 39.07
N SER F 37 -28.16 -12.92 40.28
CA SER F 37 -28.92 -12.59 41.49
C SER F 37 -29.06 -11.07 41.59
N LYS F 38 -30.10 -10.63 42.30
CA LYS F 38 -30.34 -9.20 42.46
C LYS F 38 -29.23 -8.53 43.26
N PRO F 39 -28.79 -9.15 44.36
CA PRO F 39 -27.72 -8.53 45.17
C PRO F 39 -26.45 -8.28 44.36
N LEU F 40 -26.08 -9.23 43.51
CA LEU F 40 -24.90 -9.10 42.68
C LEU F 40 -25.11 -8.00 41.64
N LEU F 41 -26.28 -8.00 41.00
CA LEU F 41 -26.62 -6.99 39.99
C LEU F 41 -26.62 -5.60 40.59
N GLU F 42 -26.92 -5.50 41.87
CA GLU F 42 -26.93 -4.22 42.56
C GLU F 42 -25.51 -3.84 42.98
N LEU F 43 -24.62 -4.81 43.03
CA LEU F 43 -23.24 -4.58 43.44
C LEU F 43 -22.29 -4.21 42.30
N MET F 44 -22.53 -4.75 41.10
CA MET F 44 -21.68 -4.49 39.94
C MET F 44 -21.41 -3.02 39.59
N PRO F 45 -22.45 -2.17 39.54
CA PRO F 45 -22.31 -0.75 39.23
C PRO F 45 -21.33 -0.06 40.17
N THR F 46 -21.28 -0.57 41.40
CA THR F 46 -20.43 -0.08 42.47
C THR F 46 -18.94 -0.28 42.20
N LEU F 47 -18.63 -1.43 41.61
CA LEU F 47 -17.25 -1.80 41.31
C LEU F 47 -16.57 -0.83 40.35
N GLY F 48 -15.50 -0.20 40.81
CA GLY F 48 -14.78 0.74 39.98
C GLY F 48 -14.98 2.18 40.40
N THR F 49 -15.80 2.39 41.44
CA THR F 49 -16.07 3.73 41.97
C THR F 49 -15.50 3.80 43.37
N ASP F 50 -15.26 5.02 43.88
CA ASP F 50 -14.72 5.14 45.23
C ASP F 50 -15.71 4.64 46.25
N ALA F 51 -16.90 4.27 45.81
CA ALA F 51 -17.92 3.77 46.71
C ALA F 51 -17.66 2.32 47.11
N PHE F 52 -17.10 1.54 46.19
CA PHE F 52 -16.84 0.17 46.57
C PHE F 52 -15.64 0.03 47.48
N THR F 53 -15.81 -0.78 48.51
CA THR F 53 -14.73 -1.02 49.45
C THR F 53 -15.03 -2.29 50.24
N PHE F 54 -14.00 -3.04 50.56
CA PHE F 54 -14.12 -4.28 51.33
C PHE F 54 -14.12 -3.99 52.84
N SER F 55 -14.84 -4.83 53.57
CA SER F 55 -14.92 -4.72 55.02
C SER F 55 -13.51 -4.75 55.59
N PRO F 56 -13.30 -4.14 56.76
CA PRO F 56 -12.00 -4.08 57.44
C PRO F 56 -11.43 -5.46 57.71
N ILE F 57 -10.12 -5.56 57.78
CA ILE F 57 -9.48 -6.84 58.06
C ILE F 57 -8.06 -6.66 58.55
N ARG F 58 -7.64 -7.62 59.36
CA ARG F 58 -6.32 -7.67 59.93
C ARG F 58 -5.82 -9.01 59.43
N GLU F 59 -4.65 -9.01 58.81
CA GLU F 59 -4.07 -10.23 58.26
C GLU F 59 -4.17 -11.40 59.24
N SER F 60 -3.67 -11.21 60.46
CA SER F 60 -3.68 -12.26 61.48
C SER F 60 -5.06 -12.91 61.63
N THR F 61 -6.10 -12.14 61.34
CA THR F 61 -7.46 -12.66 61.43
C THR F 61 -7.60 -13.76 60.38
N VAL F 62 -7.11 -13.49 59.17
CA VAL F 62 -7.19 -14.47 58.09
C VAL F 62 -6.35 -15.70 58.46
N SER F 63 -5.11 -15.47 58.91
CA SER F 63 -4.21 -16.56 59.29
C SER F 63 -4.87 -17.49 60.29
N ARG F 64 -5.40 -16.92 61.36
CA ARG F 64 -6.05 -17.73 62.38
C ARG F 64 -7.30 -18.41 61.85
N ALA F 65 -7.95 -17.80 60.87
CA ALA F 65 -9.15 -18.36 60.29
C ALA F 65 -8.81 -19.68 59.63
N MET F 66 -7.62 -19.74 59.05
CA MET F 66 -7.13 -20.92 58.35
C MET F 66 -6.48 -21.96 59.27
N THR F 67 -5.45 -21.53 59.99
CA THR F 67 -4.72 -22.42 60.88
C THR F 67 -5.63 -23.11 61.87
N ARG F 68 -6.58 -22.36 62.42
CA ARG F 68 -7.50 -22.91 63.41
C ARG F 68 -8.27 -24.09 62.82
N ARG F 69 -8.92 -23.87 61.68
CA ARG F 69 -9.71 -24.91 61.02
C ARG F 69 -8.87 -26.09 60.54
N TYR F 70 -7.73 -25.78 59.93
CA TYR F 70 -6.88 -26.83 59.42
C TYR F 70 -6.39 -27.75 60.54
N PHE F 71 -5.88 -27.16 61.61
CA PHE F 71 -5.39 -27.96 62.73
C PHE F 71 -6.55 -28.69 63.40
N ALA F 72 -7.74 -28.18 63.18
CA ALA F 72 -8.93 -28.85 63.70
C ALA F 72 -9.03 -30.13 62.86
N ASP F 73 -8.86 -29.99 61.54
CA ASP F 73 -8.94 -31.14 60.65
C ASP F 73 -7.87 -32.18 61.02
N LEU F 74 -6.65 -31.70 61.24
CA LEU F 74 -5.54 -32.57 61.58
C LEU F 74 -5.85 -33.40 62.83
N ASP F 75 -6.45 -32.76 63.81
CA ASP F 75 -6.80 -33.41 65.07
C ASP F 75 -7.86 -34.49 64.87
N ALA F 76 -8.92 -34.12 64.16
CA ALA F 76 -10.03 -35.04 63.90
C ALA F 76 -9.67 -36.22 63.01
N HIS F 77 -8.86 -35.97 61.98
CA HIS F 77 -8.50 -37.03 61.05
C HIS F 77 -7.28 -37.88 61.40
N ALA F 78 -6.51 -37.48 62.41
CA ALA F 78 -5.33 -38.23 62.82
C ALA F 78 -5.78 -39.68 63.02
N GLU F 79 -7.01 -39.82 63.49
CA GLU F 79 -7.64 -41.11 63.73
C GLU F 79 -8.97 -40.99 62.95
N THR F 80 -9.02 -41.63 61.79
CA THR F 80 -10.20 -41.57 60.93
C THR F 80 -10.76 -42.95 60.65
N ASP F 81 -11.81 -43.03 59.84
CA ASP F 81 -12.44 -44.31 59.50
C ASP F 81 -11.94 -44.88 58.20
N ILE F 82 -12.15 -44.14 57.12
CA ILE F 82 -11.71 -44.59 55.81
C ILE F 82 -10.80 -43.56 55.16
N VAL F 83 -9.72 -44.02 54.54
CA VAL F 83 -8.78 -43.12 53.87
C VAL F 83 -8.73 -43.46 52.38
N ILE F 84 -8.79 -42.44 51.54
CA ILE F 84 -8.71 -42.61 50.10
C ILE F 84 -7.43 -41.88 49.63
N VAL F 85 -6.47 -42.64 49.14
CA VAL F 85 -5.22 -42.05 48.66
C VAL F 85 -5.31 -41.91 47.13
N GLY F 86 -5.44 -40.67 46.66
CA GLY F 86 -5.54 -40.42 45.23
C GLY F 86 -6.87 -39.83 44.82
N ALA F 87 -6.89 -38.53 44.61
CA ALA F 87 -8.12 -37.83 44.22
C ALA F 87 -8.30 -37.79 42.69
N GLY F 88 -8.16 -38.95 42.05
CA GLY F 88 -8.33 -39.02 40.61
C GLY F 88 -9.77 -39.38 40.31
N SER F 89 -10.06 -39.72 39.06
CA SER F 89 -11.43 -40.06 38.69
C SER F 89 -11.97 -41.23 39.48
N CYS F 90 -11.10 -42.18 39.79
CA CYS F 90 -11.53 -43.35 40.55
C CYS F 90 -11.66 -43.01 42.04
N GLY F 91 -10.62 -42.40 42.60
CA GLY F 91 -10.67 -42.03 44.00
C GLY F 91 -11.85 -41.13 44.32
N LEU F 92 -12.11 -40.16 43.44
CA LEU F 92 -13.20 -39.23 43.63
C LEU F 92 -14.55 -39.90 43.56
N SER F 93 -14.71 -40.83 42.62
CA SER F 93 -15.98 -41.55 42.48
C SER F 93 -16.20 -42.39 43.75
N ALA F 94 -15.14 -43.06 44.20
CA ALA F 94 -15.22 -43.88 45.40
C ALA F 94 -15.67 -43.01 46.56
N ALA F 95 -15.03 -41.86 46.72
CA ALA F 95 -15.34 -40.92 47.81
C ALA F 95 -16.77 -40.44 47.74
N TYR F 96 -17.28 -40.24 46.52
CA TYR F 96 -18.65 -39.79 46.36
C TYR F 96 -19.64 -40.86 46.83
N VAL F 97 -19.45 -42.09 46.36
CA VAL F 97 -20.33 -43.19 46.72
C VAL F 97 -20.22 -43.48 48.22
N LEU F 98 -19.00 -43.48 48.73
CA LEU F 98 -18.76 -43.74 50.13
C LEU F 98 -19.48 -42.73 51.04
N SER F 99 -19.12 -41.46 50.93
CA SER F 99 -19.75 -40.43 51.77
C SER F 99 -21.27 -40.36 51.65
N THR F 100 -21.79 -40.69 50.47
CA THR F 100 -23.24 -40.66 50.26
C THR F 100 -23.93 -41.83 50.97
N LEU F 101 -23.34 -43.01 50.88
CA LEU F 101 -23.93 -44.18 51.53
C LEU F 101 -23.59 -44.27 52.99
N ARG F 102 -22.59 -43.50 53.42
CA ARG F 102 -22.20 -43.57 54.81
C ARG F 102 -21.81 -42.23 55.41
N PRO F 103 -22.80 -41.37 55.64
CA PRO F 103 -22.55 -40.05 56.21
C PRO F 103 -22.01 -40.15 57.62
N ASP F 104 -22.14 -41.32 58.22
CA ASP F 104 -21.67 -41.52 59.60
C ASP F 104 -20.16 -41.70 59.68
N LEU F 105 -19.55 -42.19 58.61
CA LEU F 105 -18.11 -42.41 58.59
C LEU F 105 -17.31 -41.18 58.18
N ARG F 106 -16.14 -41.01 58.77
CA ARG F 106 -15.29 -39.87 58.43
C ARG F 106 -14.40 -40.30 57.26
N ILE F 107 -14.41 -39.52 56.19
CA ILE F 107 -13.62 -39.85 55.02
C ILE F 107 -12.49 -38.86 54.82
N THR F 108 -11.28 -39.39 54.84
CA THR F 108 -10.06 -38.60 54.70
C THR F 108 -9.38 -38.85 53.36
N ILE F 109 -9.41 -37.84 52.48
CA ILE F 109 -8.79 -37.96 51.16
C ILE F 109 -7.43 -37.29 51.16
N VAL F 110 -6.39 -38.06 50.85
CA VAL F 110 -5.04 -37.54 50.82
C VAL F 110 -4.57 -37.50 49.36
N GLU F 111 -4.49 -36.28 48.81
CA GLU F 111 -4.09 -36.04 47.41
C GLU F 111 -2.77 -35.28 47.22
N ALA F 112 -1.79 -35.95 46.65
CA ALA F 112 -0.47 -35.36 46.40
C ALA F 112 -0.52 -33.99 45.74
N GLY F 113 -1.15 -33.90 44.58
CA GLY F 113 -1.22 -32.63 43.89
C GLY F 113 -1.96 -31.52 44.61
N VAL F 114 -1.65 -30.28 44.26
CA VAL F 114 -2.34 -29.14 44.85
C VAL F 114 -3.75 -29.22 44.24
N ALA F 115 -3.80 -29.39 42.93
CA ALA F 115 -5.08 -29.52 42.27
C ALA F 115 -5.37 -31.01 42.26
N PRO F 116 -6.58 -31.41 42.67
CA PRO F 116 -6.92 -32.84 42.67
C PRO F 116 -7.51 -33.15 41.29
N GLY F 117 -7.91 -34.39 41.07
CA GLY F 117 -8.50 -34.76 39.80
C GLY F 117 -7.66 -35.64 38.90
N GLY F 118 -6.43 -35.92 39.34
CA GLY F 118 -5.54 -36.76 38.57
C GLY F 118 -5.51 -36.46 37.10
N GLY F 119 -5.70 -37.49 36.28
CA GLY F 119 -5.70 -37.30 34.85
C GLY F 119 -7.10 -37.15 34.29
N ALA F 120 -8.02 -36.64 35.11
CA ALA F 120 -9.39 -36.47 34.67
C ALA F 120 -9.74 -35.05 34.19
N TRP F 121 -8.73 -34.25 33.86
CA TRP F 121 -8.95 -32.88 33.39
C TRP F 121 -8.90 -32.81 31.86
N LEU F 122 -8.38 -33.87 31.26
CA LEU F 122 -8.25 -33.95 29.81
C LEU F 122 -8.70 -35.30 29.30
N GLY F 123 -8.85 -35.40 27.99
CA GLY F 123 -9.22 -36.67 27.38
C GLY F 123 -7.89 -37.25 26.93
N GLY F 124 -7.77 -37.60 25.66
CA GLY F 124 -6.51 -38.13 25.16
C GLY F 124 -5.71 -37.09 24.39
N GLN F 125 -4.40 -37.21 24.42
CA GLN F 125 -3.51 -36.30 23.67
C GLN F 125 -3.88 -34.82 23.83
N LEU F 126 -4.16 -34.43 25.06
CA LEU F 126 -4.51 -33.06 25.41
C LEU F 126 -5.84 -32.58 24.87
N PHE F 127 -6.68 -33.49 24.39
CA PHE F 127 -7.99 -33.10 23.89
C PHE F 127 -8.99 -33.09 25.04
N SER F 128 -10.17 -32.53 24.81
CA SER F 128 -11.17 -32.40 25.86
C SER F 128 -12.16 -33.54 26.14
N ALA F 129 -12.95 -33.93 25.14
CA ALA F 129 -13.97 -34.97 25.29
C ALA F 129 -13.64 -36.18 26.17
N MET F 130 -14.56 -36.49 27.07
CA MET F 130 -14.42 -37.62 28.00
C MET F 130 -15.39 -38.74 27.62
N VAL F 131 -14.85 -39.85 27.13
CA VAL F 131 -15.67 -40.98 26.71
C VAL F 131 -15.86 -42.05 27.77
N MET F 132 -17.13 -42.33 28.06
CA MET F 132 -17.49 -43.37 29.01
C MET F 132 -18.44 -44.38 28.37
N ARG F 133 -18.06 -45.65 28.42
CA ARG F 133 -18.87 -46.72 27.85
C ARG F 133 -20.00 -47.05 28.81
N LYS F 134 -21.08 -47.61 28.31
CA LYS F 134 -22.20 -47.95 29.17
C LYS F 134 -21.84 -49.25 29.91
N PRO F 135 -22.42 -49.47 31.08
CA PRO F 135 -23.42 -48.64 31.76
C PRO F 135 -22.88 -47.54 32.68
N ALA F 136 -21.65 -47.09 32.47
CA ALA F 136 -21.06 -46.06 33.32
C ALA F 136 -21.95 -44.80 33.35
N ASP F 137 -22.75 -44.62 32.31
CA ASP F 137 -23.66 -43.48 32.19
C ASP F 137 -24.64 -43.44 33.38
N VAL F 138 -24.82 -44.59 34.01
CA VAL F 138 -25.69 -44.71 35.18
C VAL F 138 -25.07 -43.88 36.30
N PHE F 139 -23.74 -43.85 36.29
CA PHE F 139 -23.01 -43.10 37.29
C PHE F 139 -23.04 -41.61 36.97
N LEU F 140 -22.94 -41.29 35.68
CA LEU F 140 -22.97 -39.88 35.26
C LEU F 140 -24.30 -39.25 35.67
N ASP F 141 -25.37 -40.04 35.65
CA ASP F 141 -26.67 -39.54 36.06
C ASP F 141 -26.64 -39.30 37.56
N GLU F 142 -25.98 -40.20 38.28
CA GLU F 142 -25.88 -40.10 39.73
C GLU F 142 -25.21 -38.80 40.21
N VAL F 143 -24.04 -38.52 39.66
CA VAL F 143 -23.28 -37.34 40.01
C VAL F 143 -23.73 -36.06 39.31
N GLY F 144 -24.80 -36.16 38.53
CA GLY F 144 -25.35 -35.01 37.83
C GLY F 144 -24.55 -34.41 36.70
N VAL F 145 -23.82 -35.23 35.96
CA VAL F 145 -23.00 -34.75 34.83
C VAL F 145 -23.62 -35.11 33.47
N PRO F 146 -24.01 -34.09 32.67
CA PRO F 146 -24.61 -34.28 31.34
C PRO F 146 -23.67 -34.94 30.34
N TYR F 147 -24.24 -35.50 29.28
CA TYR F 147 -23.45 -36.18 28.25
C TYR F 147 -24.23 -36.42 26.96
N GLU F 148 -23.52 -36.73 25.89
CA GLU F 148 -24.14 -37.03 24.61
C GLU F 148 -24.16 -38.54 24.50
N ASP F 149 -25.34 -39.10 24.27
CA ASP F 149 -25.44 -40.55 24.15
C ASP F 149 -25.12 -40.96 22.72
N GLU F 150 -24.14 -41.85 22.56
CA GLU F 150 -23.73 -42.32 21.25
C GLU F 150 -24.14 -43.77 21.00
N GLY F 151 -25.01 -44.29 21.85
CA GLY F 151 -25.44 -45.67 21.70
C GLY F 151 -24.77 -46.57 22.71
N ASP F 152 -23.57 -47.07 22.35
CA ASP F 152 -22.80 -47.96 23.22
C ASP F 152 -21.93 -47.22 24.21
N TYR F 153 -21.86 -45.90 24.06
CA TYR F 153 -21.05 -45.08 24.93
C TYR F 153 -21.56 -43.65 24.92
N VAL F 154 -21.27 -42.92 25.99
CA VAL F 154 -21.69 -41.52 26.10
C VAL F 154 -20.43 -40.66 26.13
N VAL F 155 -20.57 -39.38 25.75
CA VAL F 155 -19.45 -38.45 25.72
C VAL F 155 -19.71 -37.19 26.51
N VAL F 156 -18.85 -36.92 27.49
CA VAL F 156 -19.01 -35.72 28.28
C VAL F 156 -18.24 -34.59 27.61
N LYS F 157 -18.89 -33.44 27.52
CA LYS F 157 -18.33 -32.25 26.89
C LYS F 157 -16.83 -32.08 27.12
N HIS F 158 -16.45 -32.02 28.38
CA HIS F 158 -15.07 -31.82 28.77
C HIS F 158 -14.82 -32.68 29.99
N ALA F 159 -13.71 -33.41 29.99
CA ALA F 159 -13.36 -34.25 31.13
C ALA F 159 -13.53 -33.41 32.39
N ALA F 160 -13.10 -32.16 32.30
CA ALA F 160 -13.18 -31.19 33.39
C ALA F 160 -14.59 -31.05 33.97
N LEU F 161 -15.60 -31.11 33.11
CA LEU F 161 -16.97 -30.98 33.61
C LEU F 161 -17.26 -32.08 34.62
N PHE F 162 -16.85 -33.30 34.29
CA PHE F 162 -17.06 -34.44 35.17
C PHE F 162 -16.39 -34.26 36.51
N THR F 163 -15.07 -34.05 36.45
CA THR F 163 -14.22 -33.87 37.62
C THR F 163 -14.63 -32.73 38.54
N SER F 164 -14.83 -31.54 37.99
CA SER F 164 -15.21 -30.40 38.81
C SER F 164 -16.58 -30.61 39.47
N THR F 165 -17.49 -31.28 38.76
CA THR F 165 -18.84 -31.56 39.26
C THR F 165 -18.80 -32.55 40.42
N VAL F 166 -18.11 -33.66 40.22
CA VAL F 166 -18.00 -34.67 41.25
C VAL F 166 -17.24 -34.12 42.46
N LEU F 167 -16.14 -33.44 42.17
CA LEU F 167 -15.29 -32.83 43.18
C LEU F 167 -16.16 -31.92 44.04
N SER F 168 -17.00 -31.14 43.37
CA SER F 168 -17.89 -30.22 44.03
C SER F 168 -18.88 -30.93 44.94
N LYS F 169 -19.49 -32.01 44.46
CA LYS F 169 -20.45 -32.71 45.28
C LYS F 169 -19.81 -33.50 46.41
N VAL F 170 -18.56 -33.90 46.23
CA VAL F 170 -17.87 -34.64 47.30
C VAL F 170 -17.47 -33.68 48.42
N LEU F 171 -16.79 -32.59 48.07
CA LEU F 171 -16.35 -31.62 49.06
C LEU F 171 -17.50 -31.06 49.89
N GLN F 172 -18.69 -31.05 49.31
CA GLN F 172 -19.86 -30.55 50.01
C GLN F 172 -20.30 -31.44 51.16
N ARG F 173 -20.10 -32.75 51.04
CA ARG F 173 -20.46 -33.65 52.13
C ARG F 173 -19.72 -33.18 53.38
N PRO F 174 -20.43 -33.11 54.51
CA PRO F 174 -19.84 -32.67 55.79
C PRO F 174 -18.93 -33.67 56.45
N ASN F 175 -18.96 -34.92 56.01
CA ASN F 175 -18.11 -35.94 56.61
C ASN F 175 -16.80 -36.19 55.84
N VAL F 176 -16.52 -35.34 54.86
CA VAL F 176 -15.31 -35.50 54.06
C VAL F 176 -14.33 -34.33 54.14
N LYS F 177 -13.04 -34.68 54.15
CA LYS F 177 -11.97 -33.70 54.20
C LYS F 177 -10.98 -33.99 53.08
N LEU F 178 -10.54 -32.94 52.39
CA LEU F 178 -9.58 -33.11 51.30
C LEU F 178 -8.22 -32.58 51.70
N PHE F 179 -7.26 -33.48 51.84
CA PHE F 179 -5.90 -33.06 52.19
C PHE F 179 -5.05 -33.02 50.93
N ASN F 180 -5.23 -31.96 50.13
CA ASN F 180 -4.47 -31.78 48.90
C ASN F 180 -3.07 -31.27 49.22
N ALA F 181 -2.14 -31.42 48.28
CA ALA F 181 -0.74 -31.01 48.47
C ALA F 181 -0.06 -31.93 49.50
N THR F 182 -0.77 -32.98 49.90
CA THR F 182 -0.26 -33.94 50.88
C THR F 182 -0.02 -35.30 50.24
N THR F 183 1.18 -35.86 50.47
CA THR F 183 1.53 -37.14 49.90
C THR F 183 1.63 -38.25 50.93
N VAL F 184 1.29 -39.46 50.49
CA VAL F 184 1.36 -40.65 51.33
C VAL F 184 2.69 -41.30 50.96
N GLU F 185 3.66 -41.29 51.88
CA GLU F 185 4.97 -41.86 51.60
C GLU F 185 5.11 -43.29 52.03
N ASP F 186 4.25 -43.73 52.94
CA ASP F 186 4.34 -45.11 53.42
C ASP F 186 3.02 -45.51 54.06
N LEU F 187 2.93 -46.78 54.48
CA LEU F 187 1.72 -47.30 55.10
C LEU F 187 1.94 -47.62 56.58
N ILE F 188 0.87 -47.53 57.38
CA ILE F 188 0.97 -47.89 58.78
C ILE F 188 0.59 -49.35 58.78
N THR F 189 1.37 -50.17 59.46
CA THR F 189 1.10 -51.59 59.49
C THR F 189 0.95 -52.22 60.88
N ARG F 190 0.53 -53.48 60.89
CA ARG F 190 0.34 -54.27 62.09
C ARG F 190 0.53 -55.72 61.67
N LYS F 191 0.92 -56.59 62.60
CA LYS F 191 1.13 -58.00 62.25
C LYS F 191 -0.20 -58.74 62.05
N HIS F 192 -0.18 -59.72 61.14
CA HIS F 192 -1.34 -60.55 60.79
C HIS F 192 -2.66 -59.78 60.58
N ALA F 209 6.32 -62.15 57.42
CA ALA F 209 5.09 -62.27 58.18
C ALA F 209 4.00 -61.37 57.59
N LYS F 210 2.78 -61.93 57.47
CA LYS F 210 1.65 -61.20 56.91
C LYS F 210 1.33 -59.96 57.75
N VAL F 211 0.84 -58.91 57.10
CA VAL F 211 0.50 -57.67 57.79
C VAL F 211 -0.86 -57.14 57.40
N ARG F 212 -1.33 -56.17 58.18
CA ARG F 212 -2.61 -55.52 57.95
C ARG F 212 -2.31 -54.04 57.81
N ILE F 213 -2.88 -53.41 56.80
CA ILE F 213 -2.64 -51.99 56.61
C ILE F 213 -3.59 -51.24 57.53
N ALA F 214 -3.03 -50.42 58.42
CA ALA F 214 -3.82 -49.68 59.40
C ALA F 214 -3.68 -48.16 59.38
N GLY F 215 -3.45 -47.59 58.19
CA GLY F 215 -3.30 -46.15 58.10
C GLY F 215 -2.20 -45.73 57.14
N VAL F 216 -2.05 -44.43 56.97
CA VAL F 216 -1.04 -43.92 56.06
C VAL F 216 -0.04 -43.00 56.75
N VAL F 217 1.19 -43.00 56.22
CA VAL F 217 2.27 -42.14 56.69
C VAL F 217 2.23 -40.97 55.69
N THR F 218 2.12 -39.75 56.20
CA THR F 218 1.98 -38.60 55.32
C THR F 218 3.04 -37.52 55.43
N ASN F 219 2.95 -36.58 54.51
CA ASN F 219 3.84 -35.43 54.48
C ASN F 219 3.43 -34.51 53.33
N TRP F 220 3.89 -33.26 53.35
CA TRP F 220 3.59 -32.30 52.29
C TRP F 220 4.24 -32.84 51.03
N THR F 221 3.52 -32.82 49.90
CA THR F 221 4.09 -33.32 48.66
C THR F 221 5.45 -32.70 48.38
N LEU F 222 5.56 -31.39 48.54
CA LEU F 222 6.83 -30.74 48.27
C LEU F 222 7.97 -31.31 49.10
N VAL F 223 7.67 -31.80 50.30
CA VAL F 223 8.71 -32.37 51.14
C VAL F 223 9.04 -33.78 50.67
N SER F 224 8.03 -34.50 50.20
CA SER F 224 8.23 -35.86 49.71
C SER F 224 9.19 -35.89 48.53
N MET F 225 9.16 -34.84 47.72
CA MET F 225 10.03 -34.74 46.54
C MET F 225 11.42 -34.15 46.77
N HIS F 226 11.73 -33.74 48.00
CA HIS F 226 13.04 -33.16 48.27
C HIS F 226 13.71 -33.71 49.53
N HIS F 227 13.62 -35.03 49.71
CA HIS F 227 14.22 -35.69 50.85
C HIS F 227 15.73 -35.79 50.75
N ASP F 228 16.35 -34.77 50.16
CA ASP F 228 17.80 -34.70 50.00
C ASP F 228 18.14 -33.22 49.99
N ASP F 229 17.30 -32.47 49.27
CA ASP F 229 17.43 -31.04 49.12
C ASP F 229 17.30 -30.31 50.46
N GLN F 230 17.42 -31.07 51.55
CA GLN F 230 17.33 -30.51 52.92
C GLN F 230 17.78 -31.59 53.92
N SER F 231 17.66 -31.27 55.20
CA SER F 231 18.01 -32.20 56.27
C SER F 231 16.80 -33.10 56.49
N MET F 233 13.40 -34.69 57.22
CA MET F 233 12.07 -34.17 57.49
C MET F 233 11.08 -35.32 57.69
N ASP F 234 10.89 -35.69 58.95
CA ASP F 234 9.99 -36.78 59.28
C ASP F 234 8.56 -36.56 58.84
N PRO F 235 7.83 -37.66 58.60
CA PRO F 235 6.43 -37.61 58.16
C PRO F 235 5.47 -37.57 59.35
N ASN F 236 4.17 -37.56 59.05
CA ASN F 236 3.14 -37.55 60.08
C ASN F 236 2.33 -38.84 59.86
N THR F 237 1.23 -39.00 60.59
CA THR F 237 0.46 -40.23 60.47
C THR F 237 -1.06 -40.07 60.55
N ILE F 238 -1.75 -41.08 60.07
CA ILE F 238 -3.21 -41.12 60.07
C ILE F 238 -3.58 -42.57 60.30
N ASN F 239 -4.10 -42.90 61.48
CA ASN F 239 -4.51 -44.28 61.73
C ASN F 239 -5.88 -44.47 61.10
N ALA F 240 -6.08 -45.61 60.44
CA ALA F 240 -7.35 -45.91 59.79
C ALA F 240 -7.45 -47.42 59.56
N PRO F 241 -8.62 -48.03 59.84
CA PRO F 241 -8.77 -49.47 59.63
C PRO F 241 -8.94 -49.87 58.17
N VAL F 242 -9.18 -48.90 57.29
CA VAL F 242 -9.35 -49.22 55.89
C VAL F 242 -8.85 -48.14 54.94
N ILE F 243 -7.92 -48.51 54.07
CA ILE F 243 -7.34 -47.59 53.11
C ILE F 243 -7.67 -47.99 51.69
N ILE F 244 -8.25 -47.07 50.93
CA ILE F 244 -8.56 -47.31 49.53
C ILE F 244 -7.45 -46.60 48.77
N SER F 245 -6.66 -47.36 48.02
CA SER F 245 -5.57 -46.78 47.26
C SER F 245 -5.90 -46.74 45.77
N THR F 246 -6.03 -45.51 45.26
CA THR F 246 -6.36 -45.25 43.87
C THR F 246 -5.38 -44.20 43.36
N THR F 247 -4.11 -44.57 43.26
CA THR F 247 -3.09 -43.63 42.84
C THR F 247 -2.59 -43.76 41.40
N GLY F 248 -3.38 -44.40 40.55
CA GLY F 248 -2.99 -44.54 39.15
C GLY F 248 -1.89 -45.55 38.91
N HIS F 249 -1.51 -45.73 37.65
CA HIS F 249 -0.48 -46.70 37.32
C HIS F 249 0.93 -46.23 37.63
N ASP F 250 1.85 -47.17 37.62
CA ASP F 250 3.26 -46.90 37.91
C ASP F 250 3.77 -45.61 37.29
N GLY F 251 4.74 -45.01 37.96
CA GLY F 251 5.33 -43.77 37.51
C GLY F 251 5.95 -43.12 38.73
N PRO F 252 6.56 -41.94 38.59
CA PRO F 252 7.18 -41.28 39.75
C PRO F 252 6.25 -41.21 40.96
N PHE F 253 5.02 -40.76 40.72
CA PHE F 253 4.03 -40.62 41.76
C PHE F 253 3.11 -41.85 41.92
N GLY F 254 2.63 -42.38 40.79
CA GLY F 254 1.70 -43.50 40.80
C GLY F 254 1.99 -44.85 41.45
N ALA F 255 0.93 -45.64 41.54
CA ALA F 255 0.93 -46.99 42.09
C ALA F 255 1.68 -47.10 43.40
N PHE F 256 1.40 -46.19 44.33
CA PHE F 256 2.09 -46.21 45.61
C PHE F 256 1.96 -47.49 46.43
N SER F 257 0.75 -47.78 46.92
CA SER F 257 0.51 -48.97 47.74
C SER F 257 0.95 -50.30 47.13
N VAL F 258 0.59 -50.53 45.88
CA VAL F 258 0.96 -51.77 45.22
C VAL F 258 2.48 -51.98 45.19
N LYS F 259 3.24 -50.92 44.92
CA LYS F 259 4.69 -51.00 44.88
C LYS F 259 5.25 -51.13 46.29
N ARG F 260 4.55 -50.53 47.24
CA ARG F 260 4.99 -50.57 48.63
C ARG F 260 4.83 -51.96 49.19
N LEU F 261 3.75 -52.64 48.82
CA LEU F 261 3.52 -54.01 49.30
C LEU F 261 4.72 -54.86 48.92
N VAL F 262 5.23 -54.63 47.71
CA VAL F 262 6.38 -55.36 47.21
C VAL F 262 7.63 -55.06 48.05
N SER F 263 7.99 -53.79 48.15
CA SER F 263 9.17 -53.40 48.93
C SER F 263 9.07 -53.82 50.40
N MET F 264 7.86 -54.10 50.86
CA MET F 264 7.67 -54.54 52.24
C MET F 264 7.78 -56.06 52.26
N LYS F 265 8.19 -56.60 51.12
CA LYS F 265 8.37 -58.03 50.96
C LYS F 265 7.10 -58.86 51.24
N GLN F 266 5.94 -58.28 50.91
CA GLN F 266 4.65 -58.95 51.10
C GLN F 266 4.10 -59.41 49.75
N MET F 267 4.80 -58.99 48.69
CA MET F 267 4.43 -59.30 47.31
C MET F 267 5.70 -59.71 46.57
N GLU F 268 5.53 -60.66 45.63
CA GLU F 268 6.65 -61.17 44.85
C GLU F 268 7.22 -60.15 43.87
N ARG F 269 6.32 -59.50 43.14
CA ARG F 269 6.72 -58.51 42.15
C ARG F 269 5.42 -58.06 41.50
N LEU F 270 5.43 -56.91 40.86
CA LEU F 270 4.24 -56.41 40.20
C LEU F 270 4.15 -57.03 38.80
N ASN F 271 2.97 -57.53 38.44
CA ASN F 271 2.80 -58.12 37.12
C ASN F 271 2.95 -57.01 36.10
N GLY F 272 2.66 -55.79 36.53
CA GLY F 272 2.78 -54.62 35.68
C GLY F 272 1.72 -54.38 34.63
N MET F 273 1.30 -53.12 34.50
CA MET F 273 0.30 -52.71 33.53
C MET F 273 0.70 -53.24 32.16
N ARG F 274 -0.26 -53.81 31.43
CA ARG F 274 0.01 -54.37 30.11
C ARG F 274 -0.39 -53.43 28.97
N GLY F 275 -0.32 -53.95 27.76
CA GLY F 275 -0.65 -53.18 26.57
C GLY F 275 -2.07 -52.64 26.61
N LEU F 276 -2.39 -51.72 25.71
CA LEU F 276 -3.73 -51.15 25.68
C LEU F 276 -4.75 -51.97 24.91
N ASP F 277 -5.84 -52.32 25.60
CA ASP F 277 -6.95 -53.09 25.04
C ASP F 277 -8.17 -52.71 25.86
N MET F 278 -8.85 -51.64 25.44
CA MET F 278 -10.01 -51.16 26.16
C MET F 278 -11.03 -52.23 26.53
N GLN F 279 -11.48 -53.01 25.55
CA GLN F 279 -12.49 -54.03 25.81
C GLN F 279 -12.24 -55.00 26.94
N SER F 280 -11.02 -55.50 27.11
CA SER F 280 -10.80 -56.43 28.20
C SER F 280 -10.26 -55.74 29.45
N ALA F 281 -9.70 -54.55 29.27
CA ALA F 281 -9.14 -53.77 30.37
C ALA F 281 -10.17 -53.25 31.37
N GLU F 282 -11.17 -52.51 30.90
CA GLU F 282 -12.18 -51.94 31.79
C GLU F 282 -12.91 -52.98 32.61
N ASP F 283 -13.33 -54.06 31.98
CA ASP F 283 -14.03 -55.13 32.69
C ASP F 283 -13.17 -55.64 33.84
N ALA F 284 -11.93 -55.97 33.53
CA ALA F 284 -10.98 -56.50 34.49
C ALA F 284 -10.71 -55.53 35.63
N ILE F 285 -10.70 -54.23 35.33
CA ILE F 285 -10.44 -53.23 36.35
C ILE F 285 -11.61 -53.10 37.31
N VAL F 286 -12.82 -53.03 36.77
CA VAL F 286 -13.99 -52.88 37.61
C VAL F 286 -14.28 -54.16 38.37
N ASN F 287 -14.32 -55.27 37.65
CA ASN F 287 -14.63 -56.56 38.26
C ASN F 287 -13.66 -57.12 39.30
N ASN F 288 -12.40 -56.68 39.30
CA ASN F 288 -11.47 -57.21 40.29
C ASN F 288 -11.04 -56.21 41.36
N THR F 289 -11.70 -55.05 41.39
CA THR F 289 -11.39 -54.04 42.39
C THR F 289 -11.71 -54.61 43.77
N ARG F 290 -10.75 -54.58 44.70
CA ARG F 290 -11.01 -55.14 46.02
C ARG F 290 -9.92 -55.03 47.08
N GLU F 291 -10.20 -55.62 48.24
CA GLU F 291 -9.24 -55.62 49.33
C GLU F 291 -8.15 -56.61 48.95
N ILE F 292 -6.96 -56.08 48.69
CA ILE F 292 -5.82 -56.89 48.31
C ILE F 292 -5.15 -57.52 49.51
N VAL F 293 -5.17 -56.78 50.60
CA VAL F 293 -4.57 -57.19 51.85
C VAL F 293 -5.43 -56.59 52.95
N PRO F 294 -5.45 -57.21 54.13
CA PRO F 294 -6.25 -56.68 55.24
C PRO F 294 -6.06 -55.17 55.41
N GLY F 295 -7.15 -54.42 55.28
CA GLY F 295 -7.10 -52.97 55.43
C GLY F 295 -6.67 -52.17 54.20
N LEU F 296 -6.45 -52.84 53.09
CA LEU F 296 -6.04 -52.16 51.89
C LEU F 296 -6.85 -52.55 50.69
N ILE F 297 -7.65 -51.61 50.20
CA ILE F 297 -8.47 -51.84 49.02
C ILE F 297 -7.83 -51.04 47.89
N VAL F 298 -7.61 -51.70 46.76
CA VAL F 298 -7.00 -51.04 45.60
C VAL F 298 -7.94 -51.03 44.40
N GLY F 299 -8.00 -49.90 43.71
CA GLY F 299 -8.88 -49.78 42.55
C GLY F 299 -8.33 -48.81 41.52
N GLY F 300 -9.09 -48.55 40.46
CA GLY F 300 -8.61 -47.63 39.45
C GLY F 300 -7.48 -48.26 38.66
N MET F 301 -6.55 -47.44 38.16
CA MET F 301 -5.45 -47.99 37.38
C MET F 301 -4.29 -48.54 38.19
N GLU F 302 -4.27 -48.30 39.50
CA GLU F 302 -3.20 -48.85 40.32
C GLU F 302 -3.37 -50.36 40.30
N LEU F 303 -4.61 -50.79 40.13
CA LEU F 303 -4.94 -52.21 40.11
C LEU F 303 -4.23 -52.96 39.00
N SER F 304 -4.13 -52.34 37.82
CA SER F 304 -3.47 -52.98 36.68
C SER F 304 -2.02 -53.32 36.94
N GLU F 305 -1.38 -52.55 37.82
CA GLU F 305 0.02 -52.77 38.17
C GLU F 305 0.24 -54.08 38.94
N ILE F 306 -0.62 -54.35 39.89
CA ILE F 306 -0.49 -55.54 40.71
C ILE F 306 -1.14 -56.76 40.04
N ASP F 307 -2.26 -56.51 39.37
CA ASP F 307 -3.01 -57.56 38.68
C ASP F 307 -2.41 -57.91 37.33
N GLY F 308 -1.76 -56.93 36.72
CA GLY F 308 -1.18 -57.16 35.42
C GLY F 308 -2.26 -57.08 34.36
N ALA F 309 -3.19 -56.14 34.53
CA ALA F 309 -4.28 -55.97 33.57
C ALA F 309 -3.94 -54.99 32.43
N ASN F 310 -4.68 -55.08 31.31
CA ASN F 310 -4.48 -54.19 30.18
C ASN F 310 -4.84 -52.76 30.58
N ARG F 311 -4.51 -51.79 29.73
CA ARG F 311 -4.83 -50.40 30.01
C ARG F 311 -5.88 -49.97 29.00
N MET F 312 -6.70 -48.98 29.36
CA MET F 312 -7.76 -48.51 28.48
C MET F 312 -7.53 -47.16 27.84
N GLY F 313 -6.50 -46.45 28.28
CA GLY F 313 -6.21 -45.16 27.70
C GLY F 313 -7.24 -44.08 27.98
N PRO F 314 -7.65 -43.30 26.96
CA PRO F 314 -8.61 -42.19 27.00
C PRO F 314 -10.11 -42.47 27.21
N THR F 315 -10.45 -43.39 28.12
CA THR F 315 -11.85 -43.70 28.39
C THR F 315 -11.98 -43.86 29.91
N PHE F 316 -13.08 -43.39 30.50
CA PHE F 316 -13.19 -43.46 31.96
C PHE F 316 -14.29 -44.30 32.62
N GLY F 317 -15.06 -45.04 31.85
CA GLY F 317 -16.11 -45.85 32.46
C GLY F 317 -15.60 -46.71 33.62
N ALA F 318 -14.52 -47.44 33.38
CA ALA F 318 -13.95 -48.33 34.37
C ALA F 318 -13.47 -47.62 35.63
N MET F 319 -12.92 -46.42 35.48
CA MET F 319 -12.43 -45.71 36.66
C MET F 319 -13.62 -45.35 37.53
N ALA F 320 -14.66 -44.80 36.92
CA ALA F 320 -15.86 -44.41 37.63
C ALA F 320 -16.54 -45.59 38.39
N LEU F 321 -16.81 -46.68 37.67
CA LEU F 321 -17.46 -47.82 38.31
C LEU F 321 -16.52 -48.58 39.23
N SER F 322 -15.22 -48.35 39.08
CA SER F 322 -14.27 -49.03 39.95
C SER F 322 -14.34 -48.38 41.32
N GLY F 323 -14.42 -47.05 41.34
CA GLY F 323 -14.50 -46.34 42.60
C GLY F 323 -15.77 -46.77 43.31
N VAL F 324 -16.82 -46.96 42.53
CA VAL F 324 -18.11 -47.40 43.04
C VAL F 324 -17.93 -48.75 43.70
N LYS F 325 -17.13 -49.61 43.07
CA LYS F 325 -16.87 -50.94 43.61
C LYS F 325 -15.96 -50.83 44.82
N ALA F 326 -15.01 -49.90 44.75
CA ALA F 326 -14.07 -49.66 45.85
C ALA F 326 -14.84 -49.29 47.11
N ALA F 327 -15.78 -48.36 46.96
CA ALA F 327 -16.61 -47.90 48.05
C ALA F 327 -17.48 -49.04 48.60
N HIS F 328 -17.95 -49.91 47.70
CA HIS F 328 -18.77 -51.03 48.12
C HIS F 328 -17.94 -51.97 48.99
N GLU F 329 -16.69 -52.17 48.58
CA GLU F 329 -15.79 -53.05 49.32
C GLU F 329 -15.39 -52.49 50.68
N ALA F 330 -15.12 -51.19 50.73
CA ALA F 330 -14.75 -50.57 51.99
C ALA F 330 -15.85 -50.86 52.99
N ILE F 331 -17.10 -50.63 52.56
CA ILE F 331 -18.24 -50.87 53.43
C ILE F 331 -18.34 -52.33 53.85
N ARG F 332 -18.15 -53.25 52.91
CA ARG F 332 -18.22 -54.67 53.23
C ARG F 332 -17.19 -55.07 54.27
N VAL F 333 -16.01 -54.47 54.18
CA VAL F 333 -14.88 -54.76 55.04
C VAL F 333 -14.74 -53.95 56.33
N PHE F 334 -15.27 -52.73 56.33
CA PHE F 334 -15.12 -51.81 57.45
C PHE F 334 -15.26 -52.29 58.90
N ASP F 335 -16.39 -52.87 59.26
CA ASP F 335 -16.58 -53.32 60.63
C ASP F 335 -15.48 -54.29 61.07
N LEU F 336 -15.25 -55.34 60.28
CA LEU F 336 -14.20 -56.29 60.61
C LEU F 336 -12.86 -55.62 60.87
N ARG F 337 -12.46 -54.72 59.98
CA ARG F 337 -11.17 -54.05 60.12
C ARG F 337 -11.16 -53.12 61.30
N LYS F 338 -12.27 -52.42 61.50
CA LYS F 338 -12.39 -51.48 62.61
C LYS F 338 -12.19 -52.24 63.91
N ALA F 339 -12.85 -53.39 64.01
CA ALA F 339 -12.77 -54.22 65.20
C ALA F 339 -11.32 -54.57 65.47
N GLN F 340 -10.66 -55.07 64.44
CA GLN F 340 -9.26 -55.45 64.54
C GLN F 340 -8.36 -54.26 64.90
N ASN F 341 -8.67 -53.09 64.34
CA ASN F 341 -7.87 -51.89 64.56
C ASN F 341 -7.97 -51.26 65.94
N ASP F 342 -9.02 -51.54 66.67
CA ASP F 342 -9.18 -50.94 68.01
C ASP F 342 -8.90 -51.92 69.15
N GLY G 35 18.82 -22.66 -14.54
CA GLY G 35 18.38 -21.32 -13.99
C GLY G 35 17.02 -21.30 -13.31
N LEU G 36 16.69 -20.19 -12.66
CA LEU G 36 15.40 -20.07 -11.99
C LEU G 36 14.31 -19.96 -13.06
N SER G 37 13.05 -20.00 -12.62
CA SER G 37 11.89 -19.88 -13.51
C SER G 37 11.64 -18.40 -13.81
N LYS G 38 11.07 -18.10 -14.98
CA LYS G 38 10.80 -16.72 -15.33
C LYS G 38 9.93 -16.07 -14.28
N PRO G 39 8.88 -16.77 -13.83
CA PRO G 39 8.00 -16.18 -12.82
C PRO G 39 8.80 -15.67 -11.61
N LEU G 40 9.66 -16.53 -11.06
CA LEU G 40 10.47 -16.15 -9.91
C LEU G 40 11.46 -15.05 -10.26
N LEU G 41 12.06 -15.14 -11.44
CA LEU G 41 12.99 -14.11 -11.87
C LEU G 41 12.29 -12.77 -12.04
N GLU G 42 10.99 -12.80 -12.37
CA GLU G 42 10.21 -11.58 -12.54
C GLU G 42 9.74 -11.00 -11.21
N LEU G 43 9.68 -11.84 -10.17
CA LEU G 43 9.24 -11.41 -8.85
C LEU G 43 10.37 -10.82 -8.02
N MET G 44 11.54 -11.43 -8.10
CA MET G 44 12.72 -10.99 -7.35
C MET G 44 12.99 -9.48 -7.29
N PRO G 45 13.02 -8.82 -8.45
CA PRO G 45 13.28 -7.37 -8.46
C PRO G 45 12.29 -6.62 -7.58
N THR G 46 11.08 -7.16 -7.47
CA THR G 46 10.04 -6.55 -6.68
C THR G 46 10.29 -6.60 -5.18
N LEU G 47 10.94 -7.67 -4.72
CA LEU G 47 11.26 -7.83 -3.30
C LEU G 47 12.09 -6.65 -2.77
N GLY G 48 11.54 -5.92 -1.82
CA GLY G 48 12.25 -4.79 -1.26
C GLY G 48 11.72 -3.45 -1.75
N THR G 49 10.61 -3.48 -2.47
CA THR G 49 10.01 -2.25 -3.00
C THR G 49 8.54 -2.18 -2.57
N ASP G 50 7.98 -0.97 -2.52
CA ASP G 50 6.60 -0.81 -2.13
C ASP G 50 5.70 -1.60 -3.05
N ALA G 51 6.21 -1.92 -4.23
CA ALA G 51 5.44 -2.67 -5.20
C ALA G 51 5.10 -4.08 -4.69
N PHE G 52 5.90 -4.61 -3.77
CA PHE G 52 5.65 -5.95 -3.23
C PHE G 52 4.74 -6.02 -2.01
N THR G 53 3.86 -7.00 -2.00
CA THR G 53 2.93 -7.17 -0.90
C THR G 53 2.20 -8.52 -0.97
N PHE G 54 2.19 -9.25 0.15
CA PHE G 54 1.50 -10.54 0.20
C PHE G 54 -0.02 -10.37 0.14
N SER G 55 -0.70 -11.34 -0.48
CA SER G 55 -2.15 -11.28 -0.57
C SER G 55 -2.77 -11.19 0.82
N PRO G 56 -3.95 -10.58 0.93
CA PRO G 56 -4.64 -10.42 2.21
C PRO G 56 -4.79 -11.74 2.95
N ILE G 57 -4.85 -11.65 4.28
CA ILE G 57 -5.01 -12.84 5.10
C ILE G 57 -5.51 -12.45 6.49
N ARG G 58 -6.19 -13.40 7.14
CA ARG G 58 -6.72 -13.24 8.48
C ARG G 58 -6.23 -14.49 9.22
N GLU G 59 -5.55 -14.28 10.34
CA GLU G 59 -5.01 -15.37 11.16
C GLU G 59 -5.90 -16.61 11.32
N SER G 60 -7.20 -16.39 11.55
CA SER G 60 -8.15 -17.48 11.75
C SER G 60 -8.25 -18.36 10.51
N THR G 61 -7.86 -17.81 9.37
CA THR G 61 -7.89 -18.56 8.13
C THR G 61 -6.74 -19.55 8.14
N VAL G 62 -5.62 -19.14 8.73
CA VAL G 62 -4.44 -20.01 8.81
C VAL G 62 -4.65 -21.12 9.85
N SER G 63 -5.28 -20.79 10.96
CA SER G 63 -5.53 -21.78 11.99
C SER G 63 -6.43 -22.87 11.41
N ARG G 64 -7.55 -22.46 10.84
CA ARG G 64 -8.48 -23.40 10.24
C ARG G 64 -7.84 -24.21 9.10
N ALA G 65 -7.04 -23.56 8.29
CA ALA G 65 -6.39 -24.25 7.18
C ALA G 65 -5.61 -25.46 7.69
N MET G 66 -4.99 -25.30 8.86
CA MET G 66 -4.20 -26.39 9.45
C MET G 66 -5.04 -27.37 10.25
N THR G 67 -5.82 -26.87 11.21
CA THR G 67 -6.65 -27.72 12.05
C THR G 67 -7.58 -28.63 11.25
N ARG G 68 -8.35 -28.03 10.35
CA ARG G 68 -9.29 -28.77 9.53
C ARG G 68 -8.56 -29.96 8.87
N ARG G 69 -7.34 -29.74 8.37
CA ARG G 69 -6.57 -30.80 7.72
C ARG G 69 -5.98 -31.81 8.68
N TYR G 70 -5.38 -31.31 9.76
CA TYR G 70 -4.77 -32.19 10.76
C TYR G 70 -5.78 -33.14 11.36
N PHE G 71 -6.98 -32.65 11.64
CA PHE G 71 -8.01 -33.48 12.24
C PHE G 71 -8.65 -34.43 11.23
N ALA G 72 -8.49 -34.12 9.94
CA ALA G 72 -9.01 -34.97 8.88
C ALA G 72 -8.11 -36.21 8.89
N ASP G 73 -6.82 -35.95 9.09
CA ASP G 73 -5.83 -37.02 9.14
C ASP G 73 -6.07 -37.88 10.39
N LEU G 74 -6.27 -37.21 11.51
CA LEU G 74 -6.51 -37.86 12.78
C LEU G 74 -7.69 -38.82 12.67
N ASP G 75 -8.71 -38.37 11.92
CA ASP G 75 -9.92 -39.14 11.72
C ASP G 75 -9.65 -40.35 10.82
N ALA G 76 -9.03 -40.12 9.68
CA ALA G 76 -8.73 -41.19 8.73
C ALA G 76 -7.70 -42.22 9.21
N HIS G 77 -6.73 -41.77 10.01
CA HIS G 77 -5.69 -42.65 10.50
C HIS G 77 -5.96 -43.31 11.84
N ALA G 78 -7.05 -42.92 12.49
CA ALA G 78 -7.39 -43.53 13.77
C ALA G 78 -7.48 -45.04 13.53
N GLU G 79 -7.87 -45.40 12.31
CA GLU G 79 -8.02 -46.78 11.86
C GLU G 79 -7.20 -46.80 10.56
N THR G 80 -6.04 -47.45 10.60
CA THR G 80 -5.17 -47.48 9.42
C THR G 80 -4.78 -48.89 8.97
N ASP G 81 -3.99 -48.97 7.90
CA ASP G 81 -3.56 -50.26 7.40
C ASP G 81 -2.21 -50.66 7.96
N ILE G 82 -1.27 -49.72 7.92
CA ILE G 82 0.06 -50.00 8.42
C ILE G 82 0.63 -48.81 9.18
N VAL G 83 1.20 -49.10 10.34
CA VAL G 83 1.82 -48.08 11.17
C VAL G 83 3.33 -48.31 11.15
N ILE G 84 4.10 -47.24 10.95
CA ILE G 84 5.54 -47.34 10.96
C ILE G 84 5.99 -46.39 12.06
N VAL G 85 6.64 -46.94 13.08
CA VAL G 85 7.12 -46.14 14.20
C VAL G 85 8.58 -45.74 14.02
N GLY G 86 8.84 -44.43 14.02
CA GLY G 86 10.20 -43.95 13.88
C GLY G 86 10.62 -43.72 12.45
N ALA G 87 10.69 -42.44 12.06
CA ALA G 87 11.06 -42.04 10.71
C ALA G 87 12.56 -41.91 10.47
N GLY G 88 13.32 -42.92 10.85
CA GLY G 88 14.76 -42.91 10.64
C GLY G 88 15.10 -43.52 9.29
N SER G 89 16.37 -43.68 8.99
CA SER G 89 16.77 -44.27 7.70
C SER G 89 16.06 -45.59 7.39
N CYS G 90 15.96 -46.46 8.38
CA CYS G 90 15.31 -47.74 8.17
C CYS G 90 13.81 -47.58 7.92
N GLY G 91 13.15 -46.85 8.81
CA GLY G 91 11.71 -46.63 8.66
C GLY G 91 11.36 -45.89 7.39
N LEU G 92 12.06 -44.79 7.12
CA LEU G 92 11.81 -44.02 5.92
C LEU G 92 11.96 -44.87 4.66
N SER G 93 12.93 -45.77 4.67
CA SER G 93 13.14 -46.64 3.52
C SER G 93 11.92 -47.58 3.38
N ALA G 94 11.59 -48.27 4.46
CA ALA G 94 10.47 -49.18 4.47
C ALA G 94 9.22 -48.47 3.96
N ALA G 95 9.07 -47.23 4.40
CA ALA G 95 7.92 -46.42 4.01
C ALA G 95 7.95 -46.20 2.51
N TYR G 96 9.12 -45.88 1.98
CA TYR G 96 9.23 -45.64 0.56
C TYR G 96 8.75 -46.84 -0.26
N VAL G 97 9.28 -48.01 0.06
CA VAL G 97 8.93 -49.21 -0.67
C VAL G 97 7.49 -49.64 -0.47
N LEU G 98 7.00 -49.52 0.77
CA LEU G 98 5.63 -49.93 1.03
C LEU G 98 4.58 -49.10 0.31
N SER G 99 4.76 -47.78 0.27
CA SER G 99 3.78 -46.90 -0.37
C SER G 99 3.82 -46.96 -1.89
N THR G 100 4.97 -47.33 -2.43
CA THR G 100 5.14 -47.40 -3.87
C THR G 100 4.61 -48.74 -4.43
N LEU G 101 4.75 -49.79 -3.64
CA LEU G 101 4.29 -51.13 -4.01
C LEU G 101 2.81 -51.31 -3.73
N ARG G 102 2.30 -50.61 -2.72
CA ARG G 102 0.91 -50.72 -2.33
C ARG G 102 0.27 -49.37 -2.13
N PRO G 103 0.06 -48.62 -3.21
CA PRO G 103 -0.56 -47.29 -3.15
C PRO G 103 -1.96 -47.34 -2.57
N ASP G 104 -2.50 -48.55 -2.48
CA ASP G 104 -3.84 -48.81 -1.97
C ASP G 104 -3.91 -48.80 -0.45
N LEU G 105 -2.79 -49.05 0.20
CA LEU G 105 -2.77 -49.10 1.64
C LEU G 105 -2.41 -47.77 2.29
N ARG G 106 -3.10 -47.47 3.38
CA ARG G 106 -2.86 -46.24 4.13
C ARG G 106 -1.66 -46.47 5.05
N ILE G 107 -0.63 -45.64 4.88
CA ILE G 107 0.58 -45.75 5.68
C ILE G 107 0.74 -44.64 6.69
N THR G 108 0.67 -45.00 7.96
CA THR G 108 0.77 -44.04 9.05
C THR G 108 2.14 -44.10 9.71
N ILE G 109 2.90 -43.01 9.57
CA ILE G 109 4.24 -42.91 10.15
C ILE G 109 4.22 -42.09 11.45
N VAL G 110 4.60 -42.71 12.56
CA VAL G 110 4.62 -41.98 13.83
C VAL G 110 6.08 -41.72 14.23
N GLU G 111 6.46 -40.45 14.25
CA GLU G 111 7.83 -40.06 14.58
C GLU G 111 7.88 -39.13 15.78
N ALA G 112 8.67 -39.50 16.78
CA ALA G 112 8.78 -38.72 18.00
C ALA G 112 9.33 -37.31 17.82
N GLY G 113 10.48 -37.19 17.17
CA GLY G 113 11.09 -35.89 16.99
C GLY G 113 10.33 -34.93 16.09
N VAL G 114 10.58 -33.63 16.24
CA VAL G 114 9.93 -32.63 15.40
C VAL G 114 10.44 -32.87 13.98
N ALA G 115 11.73 -33.11 13.89
CA ALA G 115 12.37 -33.37 12.60
C ALA G 115 12.50 -34.88 12.45
N PRO G 116 12.18 -35.39 11.26
CA PRO G 116 12.30 -36.84 11.04
C PRO G 116 13.73 -37.13 10.57
N GLY G 117 14.01 -38.38 10.21
CA GLY G 117 15.34 -38.69 9.71
C GLY G 117 16.20 -39.52 10.65
N GLY G 118 15.81 -39.58 11.91
CA GLY G 118 16.57 -40.35 12.90
C GLY G 118 18.01 -39.92 12.99
N GLY G 119 18.91 -40.90 12.90
CA GLY G 119 20.33 -40.62 12.96
C GLY G 119 20.98 -40.66 11.60
N ALA G 120 20.25 -40.21 10.58
CA ALA G 120 20.72 -40.20 9.21
C ALA G 120 20.98 -38.79 8.67
N TRP G 121 21.27 -37.86 9.57
CA TRP G 121 21.56 -36.50 9.17
C TRP G 121 23.07 -36.33 9.17
N LEU G 122 23.76 -37.31 9.75
CA LEU G 122 25.21 -37.25 9.83
C LEU G 122 25.83 -38.60 9.58
N GLY G 123 27.16 -38.58 9.52
CA GLY G 123 27.95 -39.79 9.36
C GLY G 123 28.38 -40.13 10.77
N GLY G 124 29.68 -40.38 10.96
CA GLY G 124 30.18 -40.70 12.28
C GLY G 124 30.93 -39.52 12.90
N GLN G 125 30.88 -39.40 14.22
CA GLN G 125 31.57 -38.31 14.96
C GLN G 125 31.27 -36.94 14.35
N LEU G 126 30.00 -36.72 14.03
CA LEU G 126 29.51 -35.47 13.44
C LEU G 126 29.96 -35.17 12.01
N PHE G 127 30.61 -36.12 11.36
CA PHE G 127 31.04 -35.88 9.99
C PHE G 127 29.87 -36.13 9.05
N SER G 128 30.01 -35.79 7.76
CA SER G 128 28.91 -35.89 6.80
C SER G 128 28.70 -37.07 5.85
N ALA G 129 29.78 -37.62 5.31
CA ALA G 129 29.67 -38.70 4.35
C ALA G 129 28.88 -39.93 4.77
N MET G 130 27.97 -40.36 3.91
CA MET G 130 27.17 -41.55 4.20
C MET G 130 27.69 -42.74 3.41
N VAL G 131 28.24 -43.73 4.12
CA VAL G 131 28.77 -44.90 3.45
C VAL G 131 27.75 -46.03 3.32
N MET G 132 27.67 -46.60 2.12
CA MET G 132 26.77 -47.71 1.90
C MET G 132 27.44 -48.82 1.11
N ARG G 133 27.59 -49.98 1.77
CA ARG G 133 28.20 -51.14 1.15
C ARG G 133 27.21 -51.73 0.18
N LYS G 134 27.71 -52.23 -0.95
CA LYS G 134 26.85 -52.83 -1.95
C LYS G 134 26.23 -54.14 -1.40
N PRO G 135 25.08 -54.56 -1.94
CA PRO G 135 24.31 -53.95 -3.03
C PRO G 135 23.38 -52.81 -2.63
N ALA G 136 23.57 -52.22 -1.45
CA ALA G 136 22.70 -51.13 -1.00
C ALA G 136 22.59 -50.00 -2.02
N ASP G 137 23.54 -49.93 -2.95
CA ASP G 137 23.55 -48.90 -3.97
C ASP G 137 22.33 -49.07 -4.91
N VAL G 138 21.78 -50.27 -4.95
CA VAL G 138 20.62 -50.52 -5.78
C VAL G 138 19.45 -49.69 -5.25
N PHE G 139 19.42 -49.53 -3.93
CA PHE G 139 18.36 -48.75 -3.29
C PHE G 139 18.58 -47.26 -3.59
N LEU G 140 19.83 -46.80 -3.44
CA LEU G 140 20.12 -45.40 -3.71
C LEU G 140 19.70 -45.08 -5.13
N ASP G 141 19.83 -46.06 -6.02
CA ASP G 141 19.44 -45.90 -7.42
C ASP G 141 17.93 -45.70 -7.46
N GLU G 142 17.23 -46.55 -6.72
CA GLU G 142 15.78 -46.50 -6.63
C GLU G 142 15.24 -45.12 -6.25
N VAL G 143 15.76 -44.55 -5.17
CA VAL G 143 15.28 -43.25 -4.70
C VAL G 143 15.91 -42.02 -5.35
N GLY G 144 16.95 -42.23 -6.15
CA GLY G 144 17.56 -41.10 -6.81
C GLY G 144 18.54 -40.30 -5.98
N VAL G 145 19.35 -40.98 -5.18
CA VAL G 145 20.36 -40.30 -4.38
C VAL G 145 21.73 -40.64 -5.00
N PRO G 146 22.39 -39.66 -5.62
CA PRO G 146 23.70 -39.87 -6.25
C PRO G 146 24.77 -40.30 -5.26
N TYR G 147 25.89 -40.83 -5.76
CA TYR G 147 26.97 -41.30 -4.90
C TYR G 147 28.23 -41.61 -5.69
N GLU G 148 29.35 -41.74 -4.98
CA GLU G 148 30.63 -42.08 -5.58
C GLU G 148 30.82 -43.57 -5.40
N ASP G 149 31.16 -44.27 -6.48
CA ASP G 149 31.37 -45.71 -6.39
C ASP G 149 32.82 -45.98 -5.97
N GLU G 150 33.00 -46.54 -4.77
CA GLU G 150 34.35 -46.84 -4.28
C GLU G 150 34.70 -48.31 -4.41
N GLY G 151 33.84 -49.07 -5.08
CA GLY G 151 34.10 -50.50 -5.24
C GLY G 151 33.10 -51.35 -4.48
N ASP G 152 33.49 -51.83 -3.30
CA ASP G 152 32.60 -52.64 -2.48
C ASP G 152 31.55 -51.76 -1.85
N TYR G 153 31.87 -50.47 -1.74
CA TYR G 153 30.96 -49.51 -1.15
C TYR G 153 30.87 -48.23 -1.96
N VAL G 154 29.73 -47.55 -1.83
CA VAL G 154 29.49 -46.28 -2.51
C VAL G 154 29.39 -45.24 -1.40
N VAL G 155 29.61 -43.97 -1.73
CA VAL G 155 29.57 -42.92 -0.72
C VAL G 155 28.70 -41.73 -1.13
N VAL G 156 27.66 -41.48 -0.34
CA VAL G 156 26.76 -40.37 -0.60
C VAL G 156 27.34 -39.09 0.00
N LYS G 157 27.38 -38.03 -0.79
CA LYS G 157 27.93 -36.73 -0.41
C LYS G 157 27.70 -36.28 1.04
N HIS G 158 26.46 -36.38 1.50
CA HIS G 158 26.09 -36.00 2.86
C HIS G 158 24.88 -36.84 3.22
N ALA G 159 24.89 -37.40 4.43
CA ALA G 159 23.77 -38.22 4.88
C ALA G 159 22.44 -37.51 4.63
N ALA G 160 22.40 -36.21 4.93
CA ALA G 160 21.19 -35.40 4.75
C ALA G 160 20.63 -35.45 3.32
N LEU G 161 21.50 -35.56 2.32
CA LEU G 161 21.02 -35.64 0.93
C LEU G 161 20.18 -36.90 0.77
N PHE G 162 20.66 -38.00 1.35
CA PHE G 162 19.91 -39.26 1.27
C PHE G 162 18.61 -39.11 2.03
N THR G 163 18.72 -38.70 3.29
CA THR G 163 17.56 -38.55 4.14
C THR G 163 16.56 -37.55 3.60
N SER G 164 17.00 -36.36 3.25
CA SER G 164 16.07 -35.36 2.72
C SER G 164 15.44 -35.83 1.41
N THR G 165 16.25 -36.45 0.55
CA THR G 165 15.77 -36.93 -0.72
C THR G 165 14.65 -37.98 -0.52
N VAL G 166 14.94 -39.03 0.25
CA VAL G 166 13.94 -40.08 0.49
C VAL G 166 12.71 -39.52 1.21
N LEU G 167 12.97 -38.62 2.13
CA LEU G 167 11.92 -37.97 2.90
C LEU G 167 10.95 -37.29 1.93
N SER G 168 11.50 -36.47 1.05
CA SER G 168 10.70 -35.76 0.08
C SER G 168 9.76 -36.67 -0.72
N LYS G 169 10.29 -37.78 -1.23
CA LYS G 169 9.47 -38.69 -2.02
C LYS G 169 8.39 -39.43 -1.25
N VAL G 170 8.74 -39.88 -0.05
CA VAL G 170 7.77 -40.58 0.78
C VAL G 170 6.60 -39.66 1.05
N LEU G 171 6.91 -38.44 1.47
CA LEU G 171 5.88 -37.45 1.78
C LEU G 171 5.03 -37.06 0.60
N GLN G 172 5.53 -37.31 -0.62
CA GLN G 172 4.79 -36.99 -1.83
C GLN G 172 3.68 -37.99 -2.08
N ARG G 173 3.83 -39.22 -1.59
CA ARG G 173 2.81 -40.24 -1.79
C ARG G 173 1.46 -39.83 -1.15
N PRO G 174 0.36 -40.00 -1.90
CA PRO G 174 -0.99 -39.64 -1.42
C PRO G 174 -1.56 -40.53 -0.33
N ASN G 175 -0.92 -41.68 -0.09
CA ASN G 175 -1.40 -42.61 0.93
C ASN G 175 -0.54 -42.64 2.20
N VAL G 176 0.44 -41.74 2.27
CA VAL G 176 1.34 -41.63 3.41
C VAL G 176 0.98 -40.42 4.27
N LYS G 177 1.21 -40.57 5.57
CA LYS G 177 0.93 -39.51 6.52
C LYS G 177 2.02 -39.46 7.58
N LEU G 178 2.64 -38.29 7.75
CA LEU G 178 3.69 -38.15 8.74
C LEU G 178 3.26 -37.46 10.01
N PHE G 179 3.01 -38.23 11.07
CA PHE G 179 2.64 -37.66 12.36
C PHE G 179 3.96 -37.47 13.14
N ASN G 180 4.70 -36.40 12.82
CA ASN G 180 5.95 -36.11 13.52
C ASN G 180 5.61 -35.44 14.83
N ALA G 181 6.60 -35.30 15.71
CA ALA G 181 6.38 -34.71 17.03
C ALA G 181 5.38 -35.55 17.83
N THR G 182 5.24 -36.82 17.45
CA THR G 182 4.31 -37.74 18.10
C THR G 182 5.04 -39.01 18.56
N THR G 183 4.86 -39.37 19.82
CA THR G 183 5.51 -40.55 20.37
C THR G 183 4.58 -41.74 20.62
N VAL G 184 5.12 -42.93 20.41
CA VAL G 184 4.39 -44.17 20.67
C VAL G 184 4.78 -44.53 22.12
N GLU G 185 3.82 -44.51 23.04
CA GLU G 185 4.08 -44.81 24.45
C GLU G 185 3.75 -46.25 24.83
N ASP G 186 2.99 -46.93 23.97
CA ASP G 186 2.62 -48.30 24.23
C ASP G 186 2.04 -48.90 22.96
N LEU G 187 1.75 -50.19 22.98
CA LEU G 187 1.20 -50.89 21.84
C LEU G 187 -0.22 -51.32 22.14
N ILE G 188 -1.06 -51.37 21.11
CA ILE G 188 -2.42 -51.83 21.30
C ILE G 188 -2.31 -53.34 21.14
N THR G 189 -2.96 -54.08 22.04
CA THR G 189 -2.88 -55.53 22.00
C THR G 189 -4.20 -56.28 21.93
N ARG G 190 -4.09 -57.55 21.55
CA ARG G 190 -5.22 -58.46 21.44
C ARG G 190 -4.67 -59.83 21.86
N LYS G 191 -5.53 -60.77 22.23
CA LYS G 191 -5.05 -62.08 22.65
C LYS G 191 -4.87 -63.04 21.46
N HIS G 192 -3.79 -63.82 21.50
CA HIS G 192 -3.46 -64.82 20.48
C HIS G 192 -3.22 -64.25 19.07
N LYS G 210 -0.03 -65.60 25.09
CA LYS G 210 0.53 -64.90 23.93
C LYS G 210 -0.40 -63.81 23.41
N VAL G 211 0.17 -62.78 22.78
CA VAL G 211 -0.62 -61.69 22.26
C VAL G 211 -0.31 -61.27 20.83
N ARG G 212 -1.22 -60.50 20.24
CA ARG G 212 -1.07 -59.97 18.89
C ARG G 212 -1.03 -58.45 19.01
N ILE G 213 -0.14 -57.81 18.26
CA ILE G 213 -0.05 -56.35 18.30
C ILE G 213 -1.04 -55.80 17.28
N ALA G 214 -1.95 -54.95 17.75
CA ALA G 214 -2.99 -54.40 16.89
C ALA G 214 -3.12 -52.89 16.86
N GLY G 215 -2.02 -52.17 17.06
CA GLY G 215 -2.09 -50.73 17.03
C GLY G 215 -1.06 -50.11 17.94
N VAL G 216 -1.08 -48.78 18.04
CA VAL G 216 -0.16 -48.06 18.90
C VAL G 216 -0.88 -47.05 19.76
N VAL G 217 -0.35 -46.83 20.96
CA VAL G 217 -0.88 -45.86 21.90
C VAL G 217 0.02 -44.65 21.63
N THR G 218 -0.60 -43.52 21.33
CA THR G 218 0.18 -42.33 20.98
C THR G 218 0.00 -41.16 21.92
N ASN G 219 0.78 -40.12 21.68
CA ASN G 219 0.73 -38.91 22.46
C ASN G 219 1.74 -37.93 21.87
N TRP G 220 1.71 -36.68 22.31
CA TRP G 220 2.67 -35.72 21.80
C TRP G 220 3.97 -36.05 22.51
N THR G 221 5.07 -36.09 21.78
CA THR G 221 6.36 -36.38 22.39
C THR G 221 6.63 -35.60 23.67
N LEU G 222 6.36 -34.30 23.64
CA LEU G 222 6.58 -33.47 24.81
C LEU G 222 5.75 -33.93 26.00
N VAL G 223 4.58 -34.51 25.74
CA VAL G 223 3.76 -34.98 26.83
C VAL G 223 4.38 -36.25 27.42
N SER G 224 4.85 -37.12 26.54
CA SER G 224 5.49 -38.38 26.94
C SER G 224 6.72 -38.12 27.82
N MET G 225 7.44 -37.06 27.48
CA MET G 225 8.63 -36.70 28.23
C MET G 225 8.33 -36.01 29.56
N HIS G 226 7.09 -35.58 29.78
CA HIS G 226 6.76 -34.90 31.02
C HIS G 226 5.56 -35.45 31.75
N HIS G 227 5.50 -36.77 31.88
CA HIS G 227 4.39 -37.40 32.59
C HIS G 227 4.53 -37.20 34.10
N ASP G 228 5.29 -36.17 34.49
CA ASP G 228 5.48 -35.87 35.91
C ASP G 228 5.33 -34.38 36.13
N ASP G 229 5.81 -33.60 35.18
CA ASP G 229 5.77 -32.15 35.22
C ASP G 229 4.36 -31.58 35.06
N GLN G 230 3.35 -32.43 35.20
CA GLN G 230 1.95 -32.01 35.04
C GLN G 230 1.03 -33.07 35.66
N SER G 231 -0.28 -32.88 35.50
CA SER G 231 -1.28 -33.83 36.00
C SER G 231 -1.43 -34.89 34.91
N MET G 233 -2.03 -37.01 31.79
CA MET G 233 -2.33 -36.71 30.39
C MET G 233 -2.44 -37.99 29.58
N ASP G 234 -3.67 -38.49 29.47
CA ASP G 234 -3.92 -39.73 28.73
C ASP G 234 -3.50 -39.67 27.27
N PRO G 235 -3.15 -40.83 26.71
CA PRO G 235 -2.73 -40.95 25.31
C PRO G 235 -3.91 -41.08 24.37
N ASN G 236 -3.62 -41.26 23.09
CA ASN G 236 -4.63 -41.45 22.06
C ASN G 236 -4.34 -42.80 21.39
N THR G 237 -5.09 -43.16 20.36
CA THR G 237 -4.88 -44.47 19.73
C THR G 237 -5.00 -44.54 18.21
N ILE G 238 -4.43 -45.60 17.65
CA ILE G 238 -4.44 -45.88 16.22
C ILE G 238 -4.49 -47.39 16.01
N ASN G 239 -5.65 -47.90 15.59
CA ASN G 239 -5.80 -49.32 15.35
C ASN G 239 -5.15 -49.64 14.00
N ALA G 240 -4.42 -50.75 13.95
CA ALA G 240 -3.75 -51.18 12.73
C ALA G 240 -3.44 -52.67 12.84
N PRO G 241 -3.53 -53.39 11.71
CA PRO G 241 -3.25 -54.83 11.71
C PRO G 241 -1.78 -55.18 11.78
N VAL G 242 -0.95 -54.37 11.14
CA VAL G 242 0.48 -54.58 11.13
C VAL G 242 1.23 -53.31 11.56
N ILE G 243 2.24 -53.50 12.41
CA ILE G 243 3.04 -52.39 12.92
C ILE G 243 4.49 -52.70 12.64
N ILE G 244 5.16 -51.78 11.95
CA ILE G 244 6.58 -51.89 11.61
C ILE G 244 7.30 -50.96 12.59
N SER G 245 8.03 -51.54 13.53
CA SER G 245 8.74 -50.73 14.51
C SER G 245 10.21 -50.61 14.11
N THR G 246 10.65 -49.38 13.91
CA THR G 246 12.03 -49.08 13.53
C THR G 246 12.51 -47.87 14.34
N THR G 247 12.68 -48.05 15.64
CA THR G 247 13.07 -46.95 16.50
C THR G 247 14.49 -46.96 17.00
N GLY G 248 15.39 -47.56 16.24
CA GLY G 248 16.80 -47.60 16.62
C GLY G 248 17.10 -48.45 17.84
N HIS G 249 18.38 -48.50 18.22
CA HIS G 249 18.80 -49.28 19.36
C HIS G 249 18.45 -48.60 20.67
N ASP G 250 18.56 -49.35 21.76
CA ASP G 250 18.20 -48.87 23.08
C ASP G 250 18.87 -47.59 23.58
N GLY G 251 18.04 -46.77 24.21
CA GLY G 251 18.45 -45.50 24.77
C GLY G 251 17.18 -44.94 25.37
N PRO G 252 17.17 -43.68 25.81
CA PRO G 252 15.94 -43.12 26.38
C PRO G 252 14.75 -43.27 25.45
N PHE G 253 14.96 -43.01 24.17
CA PHE G 253 13.88 -43.11 23.18
C PHE G 253 13.84 -44.47 22.47
N GLY G 254 14.99 -44.86 21.92
CA GLY G 254 15.10 -46.11 21.16
C GLY G 254 14.54 -47.44 21.65
N ALA G 255 14.56 -48.41 20.73
CA ALA G 255 14.11 -49.78 20.96
C ALA G 255 12.83 -49.89 21.76
N PHE G 256 11.79 -49.18 21.34
CA PHE G 256 10.53 -49.19 22.07
C PHE G 256 9.73 -50.49 22.08
N SER G 257 9.23 -50.89 20.92
CA SER G 257 8.41 -52.09 20.84
C SER G 257 9.13 -53.31 21.36
N VAL G 258 10.44 -53.38 21.10
CA VAL G 258 11.25 -54.51 21.54
C VAL G 258 11.33 -54.59 23.07
N LYS G 259 11.46 -53.44 23.73
CA LYS G 259 11.53 -53.39 25.18
C LYS G 259 10.15 -53.62 25.80
N ARG G 260 9.12 -53.05 25.19
CA ARG G 260 7.77 -53.18 25.70
C ARG G 260 7.27 -54.62 25.69
N LEU G 261 7.75 -55.42 24.73
CA LEU G 261 7.32 -56.81 24.68
C LEU G 261 7.79 -57.45 25.97
N VAL G 262 9.01 -57.10 26.39
CA VAL G 262 9.60 -57.63 27.62
C VAL G 262 8.78 -57.23 28.85
N SER G 263 8.46 -55.95 28.96
CA SER G 263 7.68 -55.47 30.10
C SER G 263 6.26 -56.02 30.13
N MET G 264 5.77 -56.48 28.98
CA MET G 264 4.42 -57.07 28.93
C MET G 264 4.53 -58.56 29.23
N LYS G 265 5.72 -59.00 29.59
CA LYS G 265 6.00 -60.40 29.93
C LYS G 265 5.83 -61.37 28.77
N GLN G 266 6.18 -60.92 27.57
CA GLN G 266 6.09 -61.73 26.35
C GLN G 266 7.48 -62.17 25.91
N MET G 267 8.48 -61.43 26.37
CA MET G 267 9.88 -61.70 26.03
C MET G 267 10.63 -62.07 27.30
N GLU G 268 11.63 -62.93 27.16
CA GLU G 268 12.42 -63.35 28.30
C GLU G 268 13.37 -62.24 28.73
N ARG G 269 13.72 -61.39 27.77
CA ARG G 269 14.62 -60.27 28.02
C ARG G 269 15.18 -59.83 26.67
N LEU G 270 16.10 -58.88 26.72
CA LEU G 270 16.74 -58.37 25.52
C LEU G 270 18.19 -58.83 25.53
N ASN G 271 18.61 -59.50 24.46
CA ASN G 271 19.97 -59.96 24.36
C ASN G 271 20.86 -58.72 24.33
N GLY G 272 20.28 -57.62 23.88
CA GLY G 272 20.99 -56.35 23.81
C GLY G 272 22.01 -56.27 22.70
N MET G 273 22.08 -55.11 22.07
CA MET G 273 23.02 -54.84 20.98
C MET G 273 24.43 -55.19 21.43
N ARG G 274 25.18 -55.88 20.58
CA ARG G 274 26.53 -56.30 20.91
C ARG G 274 27.61 -55.36 20.36
N GLY G 275 28.86 -55.80 20.40
CA GLY G 275 29.96 -54.98 19.91
C GLY G 275 29.85 -54.60 18.45
N LEU G 276 30.73 -53.70 18.00
CA LEU G 276 30.70 -53.27 16.61
C LEU G 276 31.53 -54.18 15.71
N ASP G 277 30.87 -54.67 14.66
CA ASP G 277 31.49 -55.56 13.66
C ASP G 277 30.66 -55.44 12.40
N MET G 278 30.94 -54.42 11.61
CA MET G 278 30.21 -54.16 10.36
C MET G 278 29.88 -55.36 9.47
N GLN G 279 30.84 -56.22 9.19
CA GLN G 279 30.58 -57.36 8.32
C GLN G 279 29.50 -58.32 8.80
N SER G 280 29.44 -58.61 10.09
CA SER G 280 28.42 -59.52 10.58
C SER G 280 27.12 -58.83 11.02
N ALA G 281 27.22 -57.56 11.41
CA ALA G 281 26.04 -56.83 11.84
C ALA G 281 25.04 -56.63 10.71
N GLU G 282 25.45 -55.94 9.65
CA GLU G 282 24.55 -55.65 8.54
C GLU G 282 23.91 -56.88 7.90
N ASP G 283 24.70 -57.93 7.70
CA ASP G 283 24.16 -59.15 7.10
C ASP G 283 23.05 -59.68 8.01
N ALA G 284 23.30 -59.63 9.32
CA ALA G 284 22.35 -60.10 10.32
C ALA G 284 21.07 -59.27 10.35
N ILE G 285 21.21 -57.97 10.57
CA ILE G 285 20.07 -57.08 10.62
C ILE G 285 19.16 -57.20 9.39
N VAL G 286 19.75 -57.22 8.21
CA VAL G 286 18.96 -57.31 7.00
C VAL G 286 18.27 -58.66 6.88
N ASN G 287 19.05 -59.74 6.94
CA ASN G 287 18.47 -61.07 6.81
C ASN G 287 17.48 -61.52 7.88
N ASN G 288 17.54 -60.93 9.06
CA ASN G 288 16.63 -61.33 10.13
C ASN G 288 15.48 -60.40 10.42
N THR G 289 15.28 -59.40 9.57
CA THR G 289 14.16 -58.48 9.73
C THR G 289 12.91 -59.29 9.43
N ARG G 290 11.97 -59.30 10.36
CA ARG G 290 10.73 -60.06 10.19
C ARG G 290 9.66 -59.69 11.19
N GLU G 291 8.58 -60.47 11.15
CA GLU G 291 7.49 -60.28 12.08
C GLU G 291 7.94 -61.04 13.31
N ILE G 292 8.17 -60.33 14.41
CA ILE G 292 8.63 -60.92 15.67
C ILE G 292 7.48 -61.56 16.45
N VAL G 293 6.34 -60.90 16.42
CA VAL G 293 5.12 -61.33 17.11
C VAL G 293 4.00 -61.01 16.13
N PRO G 294 2.87 -61.72 16.21
CA PRO G 294 1.81 -61.38 15.26
C PRO G 294 1.51 -59.87 15.31
N GLY G 295 1.58 -59.21 14.15
CA GLY G 295 1.32 -57.78 14.08
C GLY G 295 2.53 -56.86 14.26
N LEU G 296 3.65 -57.39 14.72
CA LEU G 296 4.83 -56.56 14.93
C LEU G 296 6.05 -56.94 14.11
N ILE G 297 6.37 -56.11 13.13
CA ILE G 297 7.54 -56.32 12.27
C ILE G 297 8.64 -55.36 12.73
N VAL G 298 9.76 -55.92 13.15
CA VAL G 298 10.90 -55.13 13.63
C VAL G 298 12.07 -55.12 12.64
N GLY G 299 12.63 -53.95 12.40
CA GLY G 299 13.76 -53.83 11.50
C GLY G 299 14.68 -52.74 11.98
N GLY G 300 15.73 -52.45 11.21
CA GLY G 300 16.66 -51.41 11.60
C GLY G 300 17.46 -51.79 12.82
N MET G 301 18.06 -50.80 13.47
CA MET G 301 18.86 -51.07 14.65
C MET G 301 18.05 -51.50 15.87
N GLU G 302 16.74 -51.35 15.84
CA GLU G 302 15.94 -51.78 16.97
C GLU G 302 15.99 -53.32 17.04
N LEU G 303 16.14 -53.97 15.89
CA LEU G 303 16.19 -55.42 15.84
C LEU G 303 17.44 -55.99 16.50
N SER G 304 18.50 -55.19 16.58
CA SER G 304 19.71 -55.68 17.21
C SER G 304 19.55 -55.88 18.73
N GLU G 305 18.57 -55.21 19.33
CA GLU G 305 18.38 -55.36 20.76
C GLU G 305 17.72 -56.69 21.08
N ILE G 306 16.74 -57.09 20.28
CA ILE G 306 16.07 -58.36 20.54
C ILE G 306 16.87 -59.57 20.03
N ASP G 307 17.71 -59.37 19.02
CA ASP G 307 18.49 -60.48 18.48
C ASP G 307 19.91 -60.61 19.02
N GLY G 308 20.41 -59.59 19.70
CA GLY G 308 21.77 -59.66 20.21
C GLY G 308 22.78 -59.59 19.07
N ALA G 309 22.42 -58.80 18.06
CA ALA G 309 23.27 -58.61 16.88
C ALA G 309 24.28 -57.50 17.13
N ASN G 310 25.40 -57.57 16.43
CA ASN G 310 26.47 -56.57 16.52
C ASN G 310 25.96 -55.27 15.91
N ARG G 311 26.65 -54.16 16.21
CA ARG G 311 26.29 -52.85 15.67
C ARG G 311 27.29 -52.56 14.54
N MET G 312 26.91 -51.68 13.63
CA MET G 312 27.79 -51.37 12.50
C MET G 312 28.42 -49.97 12.55
N GLY G 313 27.78 -49.05 13.25
CA GLY G 313 28.33 -47.72 13.31
C GLY G 313 27.92 -46.91 12.11
N PRO G 314 28.76 -45.95 11.68
CA PRO G 314 28.53 -45.04 10.55
C PRO G 314 28.36 -45.62 9.15
N THR G 315 27.52 -46.63 9.01
CA THR G 315 27.27 -47.20 7.69
C THR G 315 25.78 -47.48 7.58
N PHE G 316 25.17 -47.00 6.51
CA PHE G 316 23.72 -47.16 6.35
C PHE G 316 23.22 -48.19 5.34
N GLY G 317 24.07 -49.12 4.94
CA GLY G 317 23.64 -50.12 3.99
C GLY G 317 22.49 -50.98 4.51
N ALA G 318 22.68 -51.52 5.71
CA ALA G 318 21.68 -52.37 6.33
C ALA G 318 20.37 -51.63 6.57
N MET G 319 20.44 -50.45 7.20
CA MET G 319 19.23 -49.71 7.49
C MET G 319 18.33 -49.59 6.26
N ALA G 320 18.93 -49.45 5.09
CA ALA G 320 18.17 -49.32 3.85
C ALA G 320 17.51 -50.63 3.42
N LEU G 321 18.29 -51.70 3.41
CA LEU G 321 17.73 -52.98 2.99
C LEU G 321 16.84 -53.63 4.05
N SER G 322 17.09 -53.32 5.32
CA SER G 322 16.25 -53.88 6.38
C SER G 322 14.90 -53.21 6.20
N GLY G 323 14.95 -51.93 5.83
CA GLY G 323 13.73 -51.18 5.59
C GLY G 323 12.99 -51.83 4.43
N VAL G 324 13.70 -52.09 3.34
CA VAL G 324 13.07 -52.74 2.18
C VAL G 324 12.44 -54.07 2.61
N LYS G 325 13.17 -54.86 3.39
CA LYS G 325 12.68 -56.17 3.83
C LYS G 325 11.53 -56.04 4.83
N ALA G 326 11.58 -55.01 5.66
CA ALA G 326 10.51 -54.83 6.63
C ALA G 326 9.21 -54.61 5.86
N ALA G 327 9.29 -53.80 4.80
CA ALA G 327 8.12 -53.50 3.97
C ALA G 327 7.64 -54.77 3.29
N HIS G 328 8.58 -55.58 2.84
CA HIS G 328 8.26 -56.83 2.17
C HIS G 328 7.50 -57.75 3.15
N GLU G 329 8.00 -57.85 4.38
CA GLU G 329 7.35 -58.68 5.38
C GLU G 329 5.99 -58.12 5.71
N ALA G 330 5.89 -56.79 5.62
CA ALA G 330 4.62 -56.14 5.89
C ALA G 330 3.60 -56.69 4.90
N ILE G 331 3.93 -56.62 3.62
CA ILE G 331 3.04 -57.10 2.58
C ILE G 331 2.68 -58.57 2.75
N ARG G 332 3.67 -59.39 3.06
CA ARG G 332 3.44 -60.83 3.23
C ARG G 332 2.41 -61.14 4.32
N VAL G 333 2.53 -60.43 5.42
CA VAL G 333 1.70 -60.62 6.60
C VAL G 333 0.38 -59.80 6.67
N PHE G 334 0.25 -58.80 5.82
CA PHE G 334 -0.94 -57.94 5.86
C PHE G 334 -2.33 -58.58 5.84
N ASP G 335 -2.66 -59.29 4.79
CA ASP G 335 -3.98 -59.91 4.69
C ASP G 335 -4.34 -60.71 5.95
N LEU G 336 -3.42 -61.56 6.39
CA LEU G 336 -3.66 -62.36 7.57
C LEU G 336 -4.04 -61.51 8.79
N ARG G 337 -3.16 -60.58 9.17
CA ARG G 337 -3.41 -59.74 10.34
C ARG G 337 -4.64 -58.87 10.19
N LYS G 338 -4.88 -58.40 8.98
CA LYS G 338 -6.03 -57.56 8.70
C LYS G 338 -7.29 -58.37 8.96
N ALA G 339 -7.30 -59.64 8.53
CA ALA G 339 -8.45 -60.52 8.72
C ALA G 339 -8.69 -60.76 10.20
N GLN G 340 -7.62 -60.99 10.94
CA GLN G 340 -7.75 -61.21 12.37
C GLN G 340 -8.12 -59.93 13.12
N ASN G 341 -7.53 -58.81 12.73
CA ASN G 341 -7.80 -57.56 13.41
C ASN G 341 -9.23 -57.06 13.26
N ASP G 342 -9.91 -57.44 12.19
CA ASP G 342 -11.29 -56.99 12.00
C ASP G 342 -12.36 -57.93 12.54
N GLY H 35 6.09 -47.59 -10.03
CA GLY H 35 6.62 -48.86 -9.47
C GLY H 35 8.11 -48.79 -9.16
N LEU H 36 8.63 -49.87 -8.56
CA LEU H 36 10.04 -49.93 -8.20
C LEU H 36 10.88 -50.30 -9.42
N SER H 37 12.19 -50.17 -9.28
CA SER H 37 13.11 -50.53 -10.36
C SER H 37 13.24 -52.05 -10.37
N LYS H 38 13.63 -52.61 -11.51
CA LYS H 38 13.80 -54.06 -11.64
C LYS H 38 14.97 -54.59 -10.81
N PRO H 39 16.07 -53.83 -10.75
CA PRO H 39 17.21 -54.29 -9.96
C PRO H 39 16.81 -54.51 -8.50
N LEU H 40 16.00 -53.60 -7.97
CA LEU H 40 15.56 -53.71 -6.58
C LEU H 40 14.55 -54.82 -6.44
N LEU H 41 13.63 -54.93 -7.41
CA LEU H 41 12.64 -55.99 -7.36
C LEU H 41 13.37 -57.33 -7.40
N GLU H 42 14.49 -57.34 -8.11
CA GLU H 42 15.29 -58.54 -8.22
C GLU H 42 16.05 -58.83 -6.94
N LEU H 43 16.41 -57.79 -6.19
CA LEU H 43 17.16 -57.96 -4.94
C LEU H 43 16.31 -58.45 -3.77
N MET H 44 15.10 -57.90 -3.66
CA MET H 44 14.20 -58.23 -2.57
C MET H 44 14.05 -59.72 -2.23
N PRO H 45 13.69 -60.56 -3.22
CA PRO H 45 13.55 -61.99 -2.90
C PRO H 45 14.78 -62.55 -2.20
N THR H 46 15.90 -61.87 -2.38
CA THR H 46 17.17 -62.28 -1.81
C THR H 46 17.25 -62.07 -0.29
N LEU H 47 16.84 -60.89 0.14
CA LEU H 47 16.86 -60.53 1.55
C LEU H 47 16.15 -61.62 2.35
N GLY H 48 16.74 -62.00 3.47
CA GLY H 48 16.17 -63.03 4.31
C GLY H 48 16.69 -64.40 3.96
N THR H 49 17.64 -64.47 3.02
CA THR H 49 18.21 -65.75 2.61
C THR H 49 19.74 -65.72 2.63
N ASP H 50 20.36 -66.90 2.52
CA ASP H 50 21.80 -66.99 2.52
C ASP H 50 22.34 -66.39 1.24
N ALA H 51 21.46 -66.25 0.25
CA ALA H 51 21.82 -65.68 -1.04
C ALA H 51 22.11 -64.19 -0.91
N PHE H 52 21.80 -63.61 0.24
CA PHE H 52 22.06 -62.20 0.43
C PHE H 52 23.24 -61.95 1.35
N THR H 53 24.09 -61.00 0.97
CA THR H 53 25.25 -60.65 1.75
C THR H 53 25.81 -59.33 1.26
N PHE H 54 26.37 -58.54 2.16
CA PHE H 54 26.96 -57.26 1.77
C PHE H 54 28.40 -57.48 1.32
N SER H 55 28.90 -56.61 0.43
CA SER H 55 30.28 -56.74 -0.02
C SER H 55 31.16 -56.66 1.20
N PRO H 56 32.43 -57.07 1.09
CA PRO H 56 33.28 -57.00 2.27
C PRO H 56 33.62 -55.57 2.66
N ILE H 57 34.04 -55.39 3.91
CA ILE H 57 34.40 -54.07 4.41
C ILE H 57 35.27 -54.13 5.69
N ARG H 58 36.01 -53.06 5.92
CA ARG H 58 36.86 -52.93 7.09
C ARG H 58 36.47 -51.57 7.68
N GLU H 59 36.25 -51.52 8.99
CA GLU H 59 35.86 -50.27 9.67
C GLU H 59 36.72 -49.07 9.28
N SER H 60 38.03 -49.24 9.31
CA SER H 60 38.94 -48.15 8.95
C SER H 60 38.61 -47.57 7.57
N THR H 61 38.06 -48.40 6.69
CA THR H 61 37.71 -47.97 5.35
C THR H 61 36.62 -46.92 5.37
N VAL H 62 35.60 -47.17 6.19
CA VAL H 62 34.46 -46.26 6.33
C VAL H 62 34.88 -44.97 7.03
N SER H 63 35.58 -45.11 8.15
CA SER H 63 36.06 -43.96 8.91
C SER H 63 36.86 -43.02 8.01
N ARG H 64 37.67 -43.60 7.13
CA ARG H 64 38.49 -42.83 6.23
C ARG H 64 37.66 -42.20 5.13
N ALA H 65 36.66 -42.92 4.64
CA ALA H 65 35.79 -42.38 3.59
C ALA H 65 35.20 -41.06 4.09
N MET H 66 34.84 -41.03 5.37
CA MET H 66 34.25 -39.85 5.97
C MET H 66 35.23 -38.74 6.34
N THR H 67 36.25 -39.06 7.13
CA THR H 67 37.21 -38.04 7.57
C THR H 67 37.91 -37.38 6.39
N ARG H 68 38.22 -38.17 5.37
CA ARG H 68 38.89 -37.68 4.19
C ARG H 68 38.03 -36.61 3.52
N ARG H 69 36.76 -36.95 3.27
CA ARG H 69 35.83 -36.02 2.64
C ARG H 69 35.47 -34.81 3.50
N TYR H 70 35.39 -35.02 4.82
CA TYR H 70 35.04 -33.94 5.71
C TYR H 70 36.14 -32.89 5.80
N PHE H 71 37.35 -33.35 6.10
CA PHE H 71 38.46 -32.43 6.20
C PHE H 71 38.72 -31.76 4.87
N ALA H 72 38.28 -32.38 3.80
CA ALA H 72 38.44 -31.78 2.48
C ALA H 72 37.51 -30.57 2.37
N ASP H 73 36.29 -30.69 2.88
CA ASP H 73 35.35 -29.58 2.86
C ASP H 73 35.82 -28.53 3.84
N LEU H 74 36.26 -29.02 5.00
CA LEU H 74 36.77 -28.19 6.08
C LEU H 74 37.90 -27.30 5.56
N ASP H 75 38.73 -27.86 4.69
CA ASP H 75 39.85 -27.12 4.11
C ASP H 75 39.34 -26.12 3.08
N ALA H 76 38.60 -26.63 2.09
CA ALA H 76 38.06 -25.80 1.01
C ALA H 76 37.17 -24.64 1.45
N HIS H 77 36.51 -24.76 2.60
CA HIS H 77 35.61 -23.71 3.08
C HIS H 77 36.16 -22.82 4.18
N ALA H 78 37.43 -23.00 4.57
CA ALA H 78 38.01 -22.15 5.60
C ALA H 78 37.97 -20.73 5.04
N GLU H 79 38.07 -20.65 3.72
CA GLU H 79 38.01 -19.38 2.98
C GLU H 79 36.86 -19.62 1.98
N THR H 80 35.71 -19.01 2.24
CA THR H 80 34.58 -19.23 1.36
C THR H 80 34.00 -17.96 0.75
N ASP H 81 32.99 -18.09 -0.10
CA ASP H 81 32.38 -16.94 -0.74
C ASP H 81 31.17 -16.40 0.01
N ILE H 82 30.24 -17.28 0.35
CA ILE H 82 29.04 -16.86 1.07
C ILE H 82 28.69 -17.83 2.19
N VAL H 83 28.57 -17.32 3.41
CA VAL H 83 28.21 -18.13 4.56
C VAL H 83 26.77 -17.86 4.95
N ILE H 84 25.97 -18.91 5.06
CA ILE H 84 24.58 -18.77 5.46
C ILE H 84 24.43 -19.36 6.86
N VAL H 85 24.16 -18.50 7.84
CA VAL H 85 23.97 -18.97 9.21
C VAL H 85 22.49 -19.32 9.42
N GLY H 86 22.22 -20.58 9.74
CA GLY H 86 20.84 -20.99 9.96
C GLY H 86 20.19 -21.62 8.74
N ALA H 87 19.96 -22.94 8.82
CA ALA H 87 19.36 -23.68 7.72
C ALA H 87 17.89 -23.98 7.94
N GLY H 88 17.12 -22.91 8.11
CA GLY H 88 15.68 -23.04 8.28
C GLY H 88 15.03 -22.77 6.93
N SER H 89 13.74 -22.46 6.95
CA SER H 89 13.01 -22.17 5.72
C SER H 89 13.63 -20.99 5.01
N CYS H 90 14.00 -19.96 5.76
CA CYS H 90 14.60 -18.79 5.16
C CYS H 90 16.00 -19.12 4.68
N GLY H 91 16.83 -19.63 5.58
CA GLY H 91 18.19 -19.98 5.21
C GLY H 91 18.17 -20.85 3.98
N LEU H 92 17.43 -21.95 4.05
CA LEU H 92 17.34 -22.88 2.93
C LEU H 92 16.92 -22.23 1.63
N SER H 93 15.84 -21.44 1.68
CA SER H 93 15.36 -20.77 0.49
C SER H 93 16.44 -19.91 -0.14
N ALA H 94 17.18 -19.16 0.67
CA ALA H 94 18.27 -18.32 0.17
C ALA H 94 19.38 -19.17 -0.44
N ALA H 95 19.71 -20.29 0.19
CA ALA H 95 20.75 -21.17 -0.33
C ALA H 95 20.33 -21.71 -1.69
N TYR H 96 19.07 -22.10 -1.82
CA TYR H 96 18.58 -22.61 -3.09
C TYR H 96 18.76 -21.59 -4.21
N VAL H 97 18.10 -20.44 -4.09
CA VAL H 97 18.20 -19.40 -5.12
C VAL H 97 19.65 -19.00 -5.37
N LEU H 98 20.39 -18.77 -4.30
CA LEU H 98 21.77 -18.35 -4.44
C LEU H 98 22.62 -19.34 -5.25
N SER H 99 22.70 -20.59 -4.82
CA SER H 99 23.52 -21.57 -5.54
C SER H 99 23.02 -21.86 -6.95
N THR H 100 21.75 -21.58 -7.21
CA THR H 100 21.19 -21.80 -8.55
C THR H 100 21.64 -20.68 -9.48
N LEU H 101 21.68 -19.47 -8.96
CA LEU H 101 22.08 -18.32 -9.77
C LEU H 101 23.59 -18.15 -9.90
N ARG H 102 24.34 -18.68 -8.93
CA ARG H 102 25.79 -18.54 -8.95
C ARG H 102 26.50 -19.87 -8.71
N PRO H 103 26.49 -20.76 -9.72
CA PRO H 103 27.16 -22.05 -9.55
C PRO H 103 28.63 -21.83 -9.24
N ASP H 104 29.12 -20.63 -9.59
CA ASP H 104 30.51 -20.24 -9.39
C ASP H 104 30.87 -19.97 -7.94
N LEU H 105 29.93 -19.38 -7.20
CA LEU H 105 30.18 -19.07 -5.80
C LEU H 105 30.10 -20.32 -4.92
N ARG H 106 30.88 -20.31 -3.86
CA ARG H 106 30.92 -21.42 -2.90
C ARG H 106 30.04 -21.02 -1.72
N ILE H 107 28.98 -21.76 -1.49
CA ILE H 107 28.08 -21.45 -0.39
C ILE H 107 28.27 -22.41 0.78
N THR H 108 28.58 -21.82 1.93
CA THR H 108 28.79 -22.58 3.15
C THR H 108 27.62 -22.39 4.11
N ILE H 109 26.80 -23.43 4.27
CA ILE H 109 25.65 -23.38 5.17
C ILE H 109 26.04 -23.95 6.54
N VAL H 110 26.03 -23.13 7.57
CA VAL H 110 26.36 -23.58 8.92
C VAL H 110 25.11 -23.67 9.79
N GLU H 111 24.60 -24.88 9.97
CA GLU H 111 23.40 -25.14 10.77
C GLU H 111 23.71 -25.74 12.14
N ALA H 112 23.11 -25.16 13.18
CA ALA H 112 23.32 -25.57 14.56
C ALA H 112 22.91 -27.00 14.93
N GLY H 113 21.65 -27.34 14.70
CA GLY H 113 21.17 -28.66 15.04
C GLY H 113 21.68 -29.78 14.17
N VAL H 114 21.56 -31.01 14.66
CA VAL H 114 21.99 -32.15 13.87
C VAL H 114 21.11 -32.15 12.62
N ALA H 115 19.81 -31.98 12.83
CA ALA H 115 18.86 -31.96 11.72
C ALA H 115 18.61 -30.54 11.25
N PRO H 116 18.68 -30.32 9.93
CA PRO H 116 18.44 -28.97 9.40
C PRO H 116 16.92 -28.74 9.27
N GLY H 117 16.52 -27.60 8.69
CA GLY H 117 15.10 -27.34 8.53
C GLY H 117 14.47 -26.34 9.48
N GLY H 118 15.24 -25.86 10.47
CA GLY H 118 14.74 -24.89 11.43
C GLY H 118 13.38 -25.26 11.98
N GLY H 119 12.45 -24.32 11.95
CA GLY H 119 11.11 -24.61 12.46
C GLY H 119 10.10 -24.87 11.37
N ALA H 120 10.54 -25.44 10.26
CA ALA H 120 9.67 -25.71 9.13
C ALA H 120 9.32 -27.19 8.95
N TRP H 121 9.31 -27.94 10.05
CA TRP H 121 8.96 -29.35 9.98
C TRP H 121 7.50 -29.50 10.38
N LEU H 122 6.96 -28.42 10.95
CA LEU H 122 5.59 -28.40 11.40
C LEU H 122 4.88 -27.12 11.05
N GLY H 123 3.56 -27.15 11.24
CA GLY H 123 2.73 -25.99 11.04
C GLY H 123 2.64 -25.42 12.44
N GLY H 124 1.45 -24.99 12.87
CA GLY H 124 1.31 -24.44 14.20
C GLY H 124 0.81 -25.44 15.21
N GLN H 125 1.25 -25.27 16.47
CA GLN H 125 0.83 -26.15 17.55
C GLN H 125 0.98 -27.65 17.21
N LEU H 126 2.14 -28.01 16.67
CA LEU H 126 2.47 -29.38 16.30
C LEU H 126 1.66 -29.96 15.14
N PHE H 127 0.92 -29.11 14.44
CA PHE H 127 0.13 -29.58 13.31
C PHE H 127 1.02 -29.54 12.08
N SER H 128 0.61 -30.20 11.00
CA SER H 128 1.45 -30.29 9.78
C SER H 128 1.33 -29.26 8.67
N ALA H 129 0.10 -29.00 8.23
CA ALA H 129 -0.19 -28.08 7.15
C ALA H 129 0.65 -26.80 7.08
N MET H 130 1.36 -26.60 5.98
CA MET H 130 2.16 -25.39 5.81
C MET H 130 1.41 -24.38 4.95
N VAL H 131 1.09 -23.21 5.52
CA VAL H 131 0.36 -22.20 4.78
C VAL H 131 1.22 -21.06 4.25
N MET H 132 1.14 -20.82 2.95
CA MET H 132 1.91 -19.73 2.33
C MET H 132 0.96 -18.82 1.55
N ARG H 133 1.05 -17.52 1.80
CA ARG H 133 0.21 -16.56 1.10
C ARG H 133 0.89 -16.22 -0.21
N LYS H 134 0.09 -16.00 -1.25
CA LYS H 134 0.65 -15.64 -2.53
C LYS H 134 1.29 -14.25 -2.38
N PRO H 135 2.26 -13.92 -3.25
CA PRO H 135 2.77 -14.76 -4.35
C PRO H 135 3.88 -15.75 -3.97
N ALA H 136 3.86 -16.25 -2.73
CA ALA H 136 4.88 -17.21 -2.31
C ALA H 136 4.79 -18.49 -3.14
N ASP H 137 3.64 -18.69 -3.78
CA ASP H 137 3.45 -19.88 -4.59
C ASP H 137 4.37 -19.95 -5.80
N VAL H 138 4.87 -18.78 -6.23
CA VAL H 138 5.78 -18.73 -7.37
C VAL H 138 7.09 -19.44 -7.00
N PHE H 139 7.47 -19.30 -5.73
CA PHE H 139 8.68 -19.95 -5.23
C PHE H 139 8.44 -21.45 -5.06
N LEU H 140 7.25 -21.81 -4.59
CA LEU H 140 6.90 -23.22 -4.42
C LEU H 140 6.91 -23.92 -5.77
N ASP H 141 6.68 -23.15 -6.85
CA ASP H 141 6.70 -23.70 -8.21
C ASP H 141 8.15 -23.89 -8.64
N GLU H 142 8.99 -22.96 -8.24
CA GLU H 142 10.40 -23.02 -8.57
C GLU H 142 11.07 -24.30 -8.05
N VAL H 143 10.87 -24.59 -6.76
CA VAL H 143 11.47 -25.75 -6.12
C VAL H 143 10.62 -27.01 -6.25
N GLY H 144 9.58 -26.94 -7.07
CA GLY H 144 8.71 -28.08 -7.28
C GLY H 144 8.02 -28.68 -6.09
N VAL H 145 7.36 -27.85 -5.28
CA VAL H 145 6.64 -28.34 -4.13
C VAL H 145 5.15 -28.20 -4.41
N PRO H 146 4.42 -29.33 -4.47
CA PRO H 146 2.97 -29.34 -4.73
C PRO H 146 2.17 -28.60 -3.65
N TYR H 147 0.96 -28.16 -3.96
CA TYR H 147 0.14 -27.46 -2.97
C TYR H 147 -1.31 -27.32 -3.42
N GLU H 148 -2.18 -26.91 -2.50
CA GLU H 148 -3.59 -26.69 -2.79
C GLU H 148 -3.75 -25.18 -2.89
N ASP H 149 -4.45 -24.72 -3.91
CA ASP H 149 -4.68 -23.29 -4.09
C ASP H 149 -6.02 -22.93 -3.44
N GLU H 150 -5.98 -22.10 -2.42
CA GLU H 150 -7.19 -21.71 -1.71
C GLU H 150 -7.64 -20.28 -2.05
N GLY H 151 -6.93 -19.64 -2.98
CA GLY H 151 -7.26 -18.28 -3.36
C GLY H 151 -6.09 -17.34 -3.10
N ASP H 152 -6.13 -16.63 -1.98
CA ASP H 152 -5.06 -15.70 -1.64
C ASP H 152 -3.87 -16.40 -1.01
N TYR H 153 -4.04 -17.68 -0.70
CA TYR H 153 -2.97 -18.47 -0.12
C TYR H 153 -3.01 -19.89 -0.67
N VAL H 154 -1.92 -20.61 -0.47
CA VAL H 154 -1.82 -21.99 -0.91
C VAL H 154 -1.41 -22.79 0.29
N VAL H 155 -1.74 -24.07 0.29
CA VAL H 155 -1.39 -24.91 1.42
C VAL H 155 -0.61 -26.15 1.03
N VAL H 156 0.56 -26.32 1.63
CA VAL H 156 1.38 -27.49 1.36
C VAL H 156 0.90 -28.60 2.30
N LYS H 157 0.81 -29.82 1.78
CA LYS H 157 0.32 -30.97 2.51
C LYS H 157 0.90 -31.10 3.92
N HIS H 158 2.22 -31.07 3.99
CA HIS H 158 2.92 -31.16 5.27
C HIS H 158 4.13 -30.22 5.16
N ALA H 159 4.40 -29.46 6.20
CA ALA H 159 5.54 -28.55 6.17
C ALA H 159 6.81 -29.31 5.83
N ALA H 160 6.84 -30.61 6.18
CA ALA H 160 7.99 -31.46 5.91
C ALA H 160 8.21 -31.67 4.42
N LEU H 161 7.16 -31.57 3.62
CA LEU H 161 7.29 -31.78 2.19
C LEU H 161 8.10 -30.65 1.58
N PHE H 162 7.87 -29.43 2.04
CA PHE H 162 8.60 -28.28 1.55
C PHE H 162 10.07 -28.39 1.96
N THR H 163 10.27 -28.43 3.28
CA THR H 163 11.60 -28.53 3.85
C THR H 163 12.46 -29.66 3.31
N SER H 164 11.90 -30.86 3.17
CA SER H 164 12.70 -31.95 2.64
C SER H 164 13.03 -31.73 1.17
N THR H 165 12.02 -31.41 0.37
CA THR H 165 12.24 -31.16 -1.06
C THR H 165 13.33 -30.12 -1.26
N VAL H 166 13.17 -28.96 -0.63
CA VAL H 166 14.15 -27.88 -0.77
C VAL H 166 15.52 -28.29 -0.27
N LEU H 167 15.54 -28.99 0.87
CA LEU H 167 16.78 -29.46 1.46
C LEU H 167 17.45 -30.36 0.44
N SER H 168 16.68 -31.30 -0.07
CA SER H 168 17.19 -32.23 -1.07
C SER H 168 17.81 -31.51 -2.27
N LYS H 169 17.09 -30.54 -2.83
CA LYS H 169 17.61 -29.82 -3.98
C LYS H 169 18.83 -28.97 -3.71
N VAL H 170 18.89 -28.35 -2.54
CA VAL H 170 20.02 -27.51 -2.18
C VAL H 170 21.30 -28.35 -1.97
N LEU H 171 21.13 -29.52 -1.36
CA LEU H 171 22.25 -30.41 -1.08
C LEU H 171 22.83 -31.01 -2.36
N GLN H 172 22.01 -31.17 -3.39
CA GLN H 172 22.46 -31.74 -4.65
C GLN H 172 23.40 -30.82 -5.41
N ARG H 173 23.29 -29.51 -5.16
CA ARG H 173 24.17 -28.53 -5.82
C ARG H 173 25.65 -28.82 -5.52
N PRO H 174 26.49 -28.81 -6.57
CA PRO H 174 27.92 -29.08 -6.45
C PRO H 174 28.71 -28.08 -5.63
N ASN H 175 28.18 -26.86 -5.48
CA ASN H 175 28.90 -25.83 -4.75
C ASN H 175 28.37 -25.53 -3.36
N VAL H 176 27.40 -26.31 -2.90
CA VAL H 176 26.81 -26.10 -1.58
C VAL H 176 27.29 -27.12 -0.57
N LYS H 177 27.76 -26.64 0.59
CA LYS H 177 28.21 -27.53 1.66
C LYS H 177 27.44 -27.26 2.94
N LEU H 178 26.95 -28.32 3.56
CA LEU H 178 26.18 -28.18 4.78
C LEU H 178 26.90 -28.71 6.00
N PHE H 179 27.25 -27.81 6.91
CA PHE H 179 27.91 -28.15 8.17
C PHE H 179 26.85 -28.15 9.27
N ASN H 180 26.15 -29.27 9.44
CA ASN H 180 25.14 -29.36 10.49
C ASN H 180 25.87 -29.75 11.78
N ALA H 181 25.24 -29.50 12.93
CA ALA H 181 25.82 -29.77 14.25
C ALA H 181 26.91 -28.74 14.56
N THR H 182 26.95 -27.70 13.73
CA THR H 182 27.94 -26.64 13.89
C THR H 182 27.28 -25.31 14.18
N THR H 183 27.65 -24.74 15.32
CA THR H 183 27.07 -23.49 15.78
C THR H 183 28.00 -22.30 15.54
N VAL H 184 27.41 -21.16 15.19
CA VAL H 184 28.21 -19.95 15.02
C VAL H 184 28.25 -19.27 16.40
N GLU H 185 29.44 -19.19 16.99
CA GLU H 185 29.58 -18.58 18.31
C GLU H 185 29.92 -17.10 18.30
N ASP H 186 30.56 -16.62 17.24
CA ASP H 186 30.89 -15.20 17.18
C ASP H 186 31.02 -14.80 15.72
N LEU H 187 31.45 -13.56 15.50
CA LEU H 187 31.62 -13.05 14.15
C LEU H 187 33.05 -12.57 13.93
N ILE H 188 33.57 -12.82 12.75
CA ILE H 188 34.90 -12.34 12.43
C ILE H 188 34.66 -10.90 11.98
N THR H 189 35.34 -9.96 12.64
CA THR H 189 35.19 -8.56 12.32
C THR H 189 36.42 -7.97 11.68
N ARG H 190 36.27 -6.75 11.18
CA ARG H 190 37.36 -6.01 10.53
C ARG H 190 36.99 -4.54 10.74
N LYS H 191 37.97 -3.65 10.74
CA LYS H 191 37.66 -2.24 10.94
C LYS H 191 37.08 -1.55 9.72
N HIS H 192 36.02 -0.77 9.96
CA HIS H 192 35.29 -0.01 8.94
C HIS H 192 34.80 -0.86 7.75
N LYS H 210 33.24 1.79 13.51
CA LYS H 210 32.31 1.00 12.71
C LYS H 210 33.01 -0.25 12.18
N VAL H 211 32.27 -1.33 12.03
CA VAL H 211 32.86 -2.60 11.57
C VAL H 211 32.24 -3.26 10.34
N ARG H 212 32.97 -4.25 9.82
CA ARG H 212 32.53 -5.04 8.68
C ARG H 212 32.66 -6.49 9.13
N ILE H 213 31.69 -7.31 8.72
CA ILE H 213 31.69 -8.71 9.06
C ILE H 213 32.43 -9.48 7.97
N ALA H 214 33.49 -10.17 8.37
CA ALA H 214 34.34 -10.90 7.44
C ALA H 214 34.32 -12.42 7.60
N GLY H 215 33.40 -12.93 8.40
CA GLY H 215 33.35 -14.37 8.57
C GLY H 215 32.69 -14.78 9.86
N VAL H 216 32.70 -16.07 10.16
CA VAL H 216 32.08 -16.56 11.38
C VAL H 216 33.00 -17.40 12.25
N VAL H 217 32.74 -17.37 13.55
CA VAL H 217 33.51 -18.15 14.50
C VAL H 217 32.66 -19.39 14.75
N THR H 218 33.22 -20.56 14.44
CA THR H 218 32.47 -21.80 14.58
C THR H 218 32.93 -22.77 15.67
N ASN H 219 32.06 -23.74 15.93
CA ASN H 219 32.32 -24.78 16.92
C ASN H 219 31.23 -25.84 16.86
N TRP H 220 31.50 -27.00 17.46
CA TRP H 220 30.50 -28.06 17.49
C TRP H 220 29.39 -27.57 18.42
N THR H 221 28.15 -27.63 17.95
CA THR H 221 27.01 -27.20 18.76
C THR H 221 27.08 -27.75 20.19
N LEU H 222 27.39 -29.03 20.34
CA LEU H 222 27.46 -29.62 21.68
C LEU H 222 28.55 -29.00 22.54
N VAL H 223 29.55 -28.36 21.92
CA VAL H 223 30.62 -27.71 22.66
C VAL H 223 30.12 -26.31 23.05
N SER H 224 29.46 -25.65 22.10
CA SER H 224 28.92 -24.33 22.34
C SER H 224 28.01 -24.37 23.55
N MET H 225 27.30 -25.49 23.71
CA MET H 225 26.35 -25.65 24.81
C MET H 225 26.95 -26.09 26.15
N HIS H 226 28.25 -26.35 26.19
CA HIS H 226 28.85 -26.78 27.44
C HIS H 226 30.18 -26.13 27.72
N HIS H 227 30.24 -24.82 27.59
CA HIS H 227 31.48 -24.10 27.85
C HIS H 227 31.74 -23.96 29.35
N ASP H 228 31.13 -24.84 30.13
CA ASP H 228 31.29 -24.85 31.58
C ASP H 228 31.37 -26.30 32.02
N ASP H 229 30.89 -27.17 31.15
CA ASP H 229 30.87 -28.60 31.43
C ASP H 229 32.15 -29.28 30.97
N GLN H 230 33.23 -28.49 30.90
CA GLN H 230 34.55 -28.97 30.50
C GLN H 230 35.57 -27.83 30.62
N SER H 231 36.81 -28.08 30.19
CA SER H 231 37.87 -27.07 30.21
C SER H 231 37.71 -26.25 28.94
N MET H 233 37.44 -24.84 25.42
CA MET H 233 37.40 -25.43 24.08
C MET H 233 37.28 -24.35 23.03
N ASP H 234 38.42 -23.92 22.50
CA ASP H 234 38.46 -22.87 21.47
C ASP H 234 37.68 -23.21 20.21
N PRO H 235 37.11 -22.18 19.59
CA PRO H 235 36.32 -22.31 18.36
C PRO H 235 37.22 -22.38 17.15
N ASN H 236 36.60 -22.51 15.99
CA ASN H 236 37.35 -22.55 14.74
C ASN H 236 36.83 -21.35 13.97
N THR H 237 37.17 -21.26 12.69
CA THR H 237 36.76 -20.11 11.90
C THR H 237 36.59 -20.36 10.41
N ILE H 238 35.87 -19.45 9.76
CA ILE H 238 35.64 -19.50 8.32
C ILE H 238 35.61 -18.06 7.81
N ASN H 239 36.52 -17.72 6.90
CA ASN H 239 36.54 -16.36 6.36
C ASN H 239 35.58 -16.22 5.19
N ALA H 240 34.81 -15.14 5.18
CA ALA H 240 33.86 -14.90 4.11
C ALA H 240 33.51 -13.42 3.97
N PRO H 241 33.47 -12.92 2.71
CA PRO H 241 33.15 -11.51 2.44
C PRO H 241 31.71 -11.18 2.72
N VAL H 242 30.83 -12.17 2.54
CA VAL H 242 29.41 -11.95 2.78
C VAL H 242 28.79 -13.06 3.64
N ILE H 243 28.10 -12.64 4.68
CA ILE H 243 27.45 -13.55 5.62
C ILE H 243 25.94 -13.31 5.67
N ILE H 244 25.17 -14.38 5.47
CA ILE H 244 23.72 -14.30 5.54
C ILE H 244 23.31 -14.95 6.85
N SER H 245 22.64 -14.18 7.70
CA SER H 245 22.20 -14.71 8.97
C SER H 245 20.69 -14.86 9.01
N THR H 246 20.24 -16.09 9.20
CA THR H 246 18.83 -16.43 9.26
C THR H 246 18.67 -17.44 10.42
N THR H 247 18.88 -16.95 11.64
CA THR H 247 18.79 -17.80 12.82
C THR H 247 17.51 -17.65 13.64
N GLY H 248 16.40 -17.34 12.98
CA GLY H 248 15.14 -17.18 13.68
C GLY H 248 15.21 -16.10 14.74
N HIS H 249 14.10 -15.84 15.41
CA HIS H 249 14.03 -14.80 16.44
C HIS H 249 14.66 -15.22 17.78
N ASP H 250 14.95 -14.22 18.60
CA ASP H 250 15.60 -14.41 19.90
C ASP H 250 15.17 -15.65 20.70
N GLY H 251 16.15 -16.22 21.40
CA GLY H 251 15.95 -17.40 22.21
C GLY H 251 17.33 -17.93 22.53
N PRO H 252 17.45 -19.10 23.18
CA PRO H 252 18.76 -19.66 23.50
C PRO H 252 19.65 -19.79 22.28
N PHE H 253 19.05 -20.25 21.17
CA PHE H 253 19.78 -20.42 19.94
C PHE H 253 19.65 -19.24 18.96
N GLY H 254 18.41 -18.81 18.73
CA GLY H 254 18.12 -17.75 17.78
C GLY H 254 18.65 -16.33 17.86
N ALA H 255 18.37 -15.60 16.78
CA ALA H 255 18.76 -14.19 16.60
C ALA H 255 20.18 -13.92 17.04
N PHE H 256 21.11 -14.78 16.62
CA PHE H 256 22.49 -14.64 17.01
C PHE H 256 23.23 -13.42 16.51
N SER H 257 23.20 -13.19 15.20
CA SER H 257 23.91 -12.06 14.63
C SER H 257 23.53 -10.73 15.24
N VAL H 258 22.27 -10.38 15.09
CA VAL H 258 21.75 -9.13 15.63
C VAL H 258 22.06 -8.94 17.12
N LYS H 259 21.98 -10.02 17.90
CA LYS H 259 22.28 -9.95 19.33
C LYS H 259 23.78 -9.68 19.52
N ARG H 260 24.59 -10.28 18.64
CA ARG H 260 26.01 -10.10 18.71
C ARG H 260 26.40 -8.66 18.37
N LEU H 261 25.68 -8.04 17.44
CA LEU H 261 25.97 -6.66 17.07
C LEU H 261 25.78 -5.74 18.27
N VAL H 262 24.84 -6.11 19.13
CA VAL H 262 24.54 -5.34 20.34
C VAL H 262 25.63 -5.52 21.37
N SER H 263 25.93 -6.79 21.69
CA SER H 263 26.95 -7.14 22.67
C SER H 263 28.36 -6.75 22.22
N MET H 264 28.52 -6.42 20.94
CA MET H 264 29.82 -6.01 20.39
C MET H 264 29.89 -4.50 20.49
N LYS H 265 28.81 -3.89 20.96
CA LYS H 265 28.71 -2.45 21.13
C LYS H 265 28.65 -1.74 19.77
N GLN H 266 27.92 -2.34 18.83
CA GLN H 266 27.77 -1.79 17.48
C GLN H 266 26.33 -1.39 17.21
N MET H 267 25.43 -1.82 18.08
CA MET H 267 24.00 -1.54 17.96
C MET H 267 23.49 -0.94 19.27
N GLU H 268 22.55 -0.01 19.17
CA GLU H 268 21.99 0.63 20.34
C GLU H 268 21.32 -0.40 21.26
N ARG H 269 20.45 -1.22 20.67
CA ARG H 269 19.72 -2.25 21.39
C ARG H 269 18.80 -2.93 20.40
N LEU H 270 18.23 -4.07 20.78
CA LEU H 270 17.32 -4.79 19.90
C LEU H 270 15.90 -4.22 20.06
N ASN H 271 15.32 -3.80 18.94
CA ASN H 271 13.96 -3.25 18.97
C ASN H 271 13.01 -4.30 19.51
N GLY H 272 13.34 -5.56 19.22
CA GLY H 272 12.53 -6.68 19.70
C GLY H 272 11.41 -7.12 18.79
N MET H 273 11.19 -8.43 18.71
CA MET H 273 10.12 -8.99 17.90
C MET H 273 8.81 -8.60 18.58
N ARG H 274 7.88 -8.04 17.82
CA ARG H 274 6.61 -7.62 18.41
C ARG H 274 5.49 -8.66 18.35
N GLY H 275 4.26 -8.19 18.54
CA GLY H 275 3.12 -9.08 18.52
C GLY H 275 2.86 -9.73 17.16
N LEU H 276 1.88 -10.62 17.12
CA LEU H 276 1.54 -11.29 15.89
C LEU H 276 0.49 -10.53 15.10
N ASP H 277 0.85 -10.20 13.86
CA ASP H 277 0.00 -9.48 12.93
C ASP H 277 0.56 -9.91 11.58
N MET H 278 0.08 -11.05 11.10
CA MET H 278 0.52 -11.61 9.84
C MET H 278 0.64 -10.63 8.68
N GLN H 279 -0.43 -9.91 8.37
CA GLN H 279 -0.40 -8.97 7.26
C GLN H 279 0.75 -7.96 7.33
N SER H 280 0.86 -7.24 8.43
CA SER H 280 1.94 -6.28 8.50
C SER H 280 3.29 -6.98 8.60
N ALA H 281 3.35 -8.10 9.32
CA ALA H 281 4.60 -8.82 9.50
C ALA H 281 5.32 -9.34 8.26
N GLU H 282 4.66 -10.19 7.47
CA GLU H 282 5.28 -10.76 6.29
C GLU H 282 5.85 -9.76 5.31
N ASP H 283 5.10 -8.70 5.03
CA ASP H 283 5.58 -7.66 4.12
C ASP H 283 6.85 -7.02 4.68
N ALA H 284 6.86 -6.80 6.00
CA ALA H 284 7.99 -6.19 6.68
C ALA H 284 9.28 -7.03 6.65
N ILE H 285 9.15 -8.33 6.89
CA ILE H 285 10.33 -9.19 6.87
C ILE H 285 10.93 -9.22 5.49
N VAL H 286 10.09 -9.49 4.50
CA VAL H 286 10.52 -9.57 3.12
C VAL H 286 11.10 -8.28 2.58
N ASN H 287 10.31 -7.21 2.58
CA ASN H 287 10.79 -5.95 2.02
C ASN H 287 11.99 -5.29 2.69
N ASN H 288 12.31 -5.71 3.90
CA ASN H 288 13.44 -5.12 4.62
C ASN H 288 14.69 -5.97 4.81
N THR H 289 14.72 -7.15 4.18
CA THR H 289 15.88 -8.03 4.25
C THR H 289 16.99 -7.34 3.46
N ARG H 290 18.12 -7.08 4.10
CA ARG H 290 19.22 -6.41 3.41
C ARG H 290 20.51 -6.48 4.18
N GLU H 291 21.57 -5.95 3.59
CA GLU H 291 22.86 -5.94 4.28
C GLU H 291 22.63 -4.94 5.41
N ILE H 292 22.78 -5.41 6.64
CA ILE H 292 22.60 -4.57 7.83
C ILE H 292 23.87 -3.81 8.18
N VAL H 293 25.00 -4.40 7.82
CA VAL H 293 26.31 -3.82 8.07
C VAL H 293 27.22 -4.44 6.99
N PRO H 294 28.30 -3.73 6.58
CA PRO H 294 29.17 -4.31 5.55
C PRO H 294 29.49 -5.79 5.78
N GLY H 295 29.07 -6.63 4.83
CA GLY H 295 29.34 -8.04 4.93
C GLY H 295 28.32 -8.90 5.67
N LEU H 296 27.28 -8.26 6.22
CA LEU H 296 26.26 -8.99 6.97
C LEU H 296 24.83 -8.76 6.50
N ILE H 297 24.22 -9.79 5.95
CA ILE H 297 22.85 -9.71 5.48
C ILE H 297 21.97 -10.49 6.47
N VAL H 298 20.83 -9.92 6.85
CA VAL H 298 19.93 -10.58 7.78
C VAL H 298 18.53 -10.71 7.20
N GLY H 299 17.93 -11.88 7.35
CA GLY H 299 16.58 -12.11 6.85
C GLY H 299 15.85 -13.10 7.75
N GLY H 300 14.64 -13.50 7.37
CA GLY H 300 13.92 -14.43 8.21
C GLY H 300 13.44 -13.77 9.48
N MET H 301 13.14 -14.56 10.52
CA MET H 301 12.67 -13.96 11.74
C MET H 301 13.74 -13.28 12.57
N GLU H 302 15.00 -13.54 12.28
CA GLU H 302 16.05 -12.88 13.03
C GLU H 302 15.89 -11.39 12.77
N LEU H 303 15.48 -11.06 11.55
CA LEU H 303 15.29 -9.69 11.12
C LEU H 303 14.27 -8.99 12.00
N SER H 304 13.23 -9.70 12.43
CA SER H 304 12.21 -9.09 13.26
C SER H 304 12.78 -8.61 14.60
N GLU H 305 13.87 -9.23 15.05
CA GLU H 305 14.51 -8.85 16.31
C GLU H 305 15.16 -7.47 16.25
N ILE H 306 15.81 -7.17 15.13
CA ILE H 306 16.47 -5.88 14.98
C ILE H 306 15.52 -4.79 14.48
N ASP H 307 14.65 -5.14 13.53
CA ASP H 307 13.70 -4.18 12.97
C ASP H 307 12.47 -3.97 13.83
N GLY H 308 12.31 -4.80 14.85
CA GLY H 308 11.14 -4.68 15.71
C GLY H 308 9.85 -4.85 14.94
N ALA H 309 9.81 -5.84 14.07
CA ALA H 309 8.63 -6.11 13.27
C ALA H 309 7.73 -7.12 13.98
N ASN H 310 6.51 -7.25 13.47
CA ASN H 310 5.53 -8.20 14.04
C ASN H 310 5.93 -9.61 13.63
N ARG H 311 5.33 -10.61 14.28
CA ARG H 311 5.59 -12.00 13.96
C ARG H 311 4.41 -12.51 13.13
N MET H 312 4.58 -13.62 12.41
CA MET H 312 3.49 -14.14 11.58
C MET H 312 2.97 -15.52 11.97
N GLY H 313 3.55 -16.11 13.01
CA GLY H 313 3.11 -17.42 13.43
C GLY H 313 3.33 -18.48 12.38
N PRO H 314 2.37 -19.39 12.20
CA PRO H 314 2.41 -20.51 11.24
C PRO H 314 2.11 -20.21 9.76
N THR H 315 2.98 -19.42 9.12
CA THR H 315 2.83 -19.10 7.70
C THR H 315 4.25 -18.82 7.19
N PHE H 316 4.63 -19.50 6.12
CA PHE H 316 6.00 -19.40 5.60
C PHE H 316 6.35 -18.59 4.37
N GLY H 317 5.38 -17.91 3.77
CA GLY H 317 5.68 -17.13 2.57
C GLY H 317 6.85 -16.17 2.75
N ALA H 318 6.78 -15.37 3.81
CA ALA H 318 7.81 -14.39 4.10
C ALA H 318 9.16 -15.05 4.31
N MET H 319 9.19 -16.14 5.07
CA MET H 319 10.45 -16.85 5.29
C MET H 319 11.05 -17.26 3.96
N ALA H 320 10.22 -17.74 3.05
CA ALA H 320 10.67 -18.17 1.73
C ALA H 320 11.11 -17.00 0.85
N LEU H 321 10.27 -15.98 0.72
CA LEU H 321 10.64 -14.85 -0.12
C LEU H 321 11.72 -13.97 0.50
N SER H 322 11.85 -14.01 1.83
CA SER H 322 12.90 -13.25 2.50
C SER H 322 14.20 -13.92 2.10
N GLY H 323 14.12 -15.24 1.90
CA GLY H 323 15.28 -15.99 1.49
C GLY H 323 15.69 -15.59 0.10
N VAL H 324 14.71 -15.46 -0.79
CA VAL H 324 15.01 -15.06 -2.16
C VAL H 324 15.65 -13.67 -2.12
N LYS H 325 15.11 -12.79 -1.26
CA LYS H 325 15.63 -11.44 -1.12
C LYS H 325 17.06 -11.46 -0.60
N ALA H 326 17.31 -12.28 0.42
CA ALA H 326 18.65 -12.40 1.01
C ALA H 326 19.65 -12.79 -0.07
N ALA H 327 19.23 -13.73 -0.92
CA ALA H 327 20.04 -14.23 -2.02
C ALA H 327 20.39 -13.09 -2.96
N HIS H 328 19.37 -12.33 -3.37
CA HIS H 328 19.57 -11.21 -4.27
C HIS H 328 20.57 -10.21 -3.65
N GLU H 329 20.43 -9.96 -2.35
CA GLU H 329 21.30 -9.03 -1.64
C GLU H 329 22.77 -9.46 -1.57
N ALA H 330 23.00 -10.76 -1.41
CA ALA H 330 24.38 -11.25 -1.37
C ALA H 330 25.01 -10.96 -2.72
N ILE H 331 24.25 -11.19 -3.79
CA ILE H 331 24.73 -10.95 -5.15
C ILE H 331 24.99 -9.47 -5.42
N ARG H 332 24.06 -8.62 -5.03
CA ARG H 332 24.22 -7.18 -5.24
C ARG H 332 25.49 -6.68 -4.56
N VAL H 333 25.64 -7.07 -3.30
CA VAL H 333 26.75 -6.67 -2.45
C VAL H 333 28.06 -7.48 -2.57
N PHE H 334 28.01 -8.63 -3.24
CA PHE H 334 29.19 -9.48 -3.32
C PHE H 334 30.52 -8.93 -3.83
N ASP H 335 30.62 -8.60 -5.12
CA ASP H 335 31.89 -8.10 -5.67
C ASP H 335 32.60 -7.07 -4.79
N LEU H 336 31.85 -6.13 -4.24
CA LEU H 336 32.43 -5.11 -3.38
C LEU H 336 33.00 -5.68 -2.07
N ARG H 337 32.17 -6.39 -1.31
CA ARG H 337 32.64 -6.96 -0.05
C ARG H 337 33.80 -7.91 -0.30
N LYS H 338 33.79 -8.54 -1.46
CA LYS H 338 34.82 -9.49 -1.86
C LYS H 338 36.14 -8.75 -2.02
N ALA H 339 36.08 -7.61 -2.70
CA ALA H 339 37.26 -6.80 -2.95
C ALA H 339 37.79 -6.24 -1.64
N GLN H 340 36.88 -5.87 -0.75
CA GLN H 340 37.26 -5.33 0.54
C GLN H 340 37.92 -6.38 1.41
N ASN H 341 37.59 -7.64 1.17
CA ASN H 341 38.12 -8.72 1.98
C ASN H 341 39.39 -9.39 1.47
N ASP H 342 39.94 -8.92 0.34
CA ASP H 342 41.17 -9.51 -0.21
C ASP H 342 42.32 -8.50 -0.20
N GLY I 35 -66.08 20.80 -52.29
CA GLY I 35 -65.54 19.43 -52.64
C GLY I 35 -64.40 19.44 -53.64
N LEU I 36 -63.81 18.27 -53.90
CA LEU I 36 -62.70 18.16 -54.84
C LEU I 36 -63.26 18.04 -56.25
N SER I 37 -62.38 18.04 -57.24
CA SER I 37 -62.80 17.91 -58.63
C SER I 37 -62.99 16.43 -58.95
N LYS I 38 -63.86 16.12 -59.91
CA LYS I 38 -64.10 14.73 -60.28
C LYS I 38 -62.85 14.00 -60.74
N PRO I 39 -62.00 14.66 -61.55
CA PRO I 39 -60.79 14.00 -62.02
C PRO I 39 -59.89 13.56 -60.86
N LEU I 40 -59.70 14.46 -59.89
CA LEU I 40 -58.86 14.18 -58.73
C LEU I 40 -59.48 13.07 -57.90
N LEU I 41 -60.79 13.12 -57.74
CA LEU I 41 -61.49 12.07 -56.99
C LEU I 41 -61.33 10.72 -57.68
N GLU I 42 -61.32 10.72 -59.01
CA GLU I 42 -61.17 9.50 -59.78
C GLU I 42 -59.75 8.93 -59.68
N LEU I 43 -58.77 9.80 -59.54
CA LEU I 43 -57.37 9.38 -59.45
C LEU I 43 -56.97 8.83 -58.08
N MET I 44 -57.32 9.55 -57.02
CA MET I 44 -56.99 9.14 -55.65
C MET I 44 -56.98 7.65 -55.32
N PRO I 45 -58.08 6.94 -55.60
CA PRO I 45 -58.13 5.50 -55.30
C PRO I 45 -56.98 4.72 -55.93
N THR I 46 -56.50 5.23 -57.06
CA THR I 46 -55.42 4.59 -57.79
C THR I 46 -54.07 4.70 -57.08
N LEU I 47 -53.90 5.77 -56.31
CA LEU I 47 -52.66 5.99 -55.58
C LEU I 47 -52.47 4.92 -54.50
N GLY I 48 -51.33 4.22 -54.58
CA GLY I 48 -51.05 3.16 -53.64
C GLY I 48 -51.26 1.80 -54.26
N THR I 49 -51.42 1.78 -55.59
CA THR I 49 -51.64 0.54 -56.31
C THR I 49 -50.73 0.46 -57.54
N ASP I 50 -50.47 -0.75 -58.01
CA ASP I 50 -49.62 -0.95 -59.18
C ASP I 50 -50.23 -0.29 -60.39
N ALA I 51 -51.50 0.11 -60.25
CA ALA I 51 -52.19 0.76 -61.33
C ALA I 51 -51.67 2.17 -61.58
N PHE I 52 -51.09 2.78 -60.54
CA PHE I 52 -50.57 4.14 -60.68
C PHE I 52 -49.10 4.24 -61.07
N THR I 53 -48.82 5.15 -62.00
CA THR I 53 -47.45 5.37 -62.46
C THR I 53 -47.34 6.70 -63.22
N PHE I 54 -46.30 7.47 -62.93
CA PHE I 54 -46.12 8.74 -63.62
C PHE I 54 -45.68 8.50 -65.05
N SER I 55 -46.04 9.41 -65.95
CA SER I 55 -45.64 9.27 -67.36
C SER I 55 -44.11 9.21 -67.43
N PRO I 56 -43.57 8.61 -68.49
CA PRO I 56 -42.12 8.51 -68.65
C PRO I 56 -41.44 9.87 -68.64
N ILE I 57 -40.17 9.87 -68.29
CA ILE I 57 -39.38 11.09 -68.26
C ILE I 57 -37.90 10.71 -68.20
N ARG I 58 -37.06 11.65 -68.61
CA ARG I 58 -35.62 11.50 -68.64
C ARG I 58 -35.14 12.78 -67.91
N GLU I 59 -34.13 12.66 -67.06
CA GLU I 59 -33.63 13.83 -66.32
C GLU I 59 -33.28 15.04 -67.18
N SER I 60 -32.45 14.85 -68.20
CA SER I 60 -32.03 15.94 -69.09
C SER I 60 -33.23 16.71 -69.63
N THR I 61 -34.40 16.08 -69.60
CA THR I 61 -35.59 16.72 -70.09
C THR I 61 -36.03 17.76 -69.08
N VAL I 62 -35.93 17.42 -67.79
CA VAL I 62 -36.31 18.35 -66.73
C VAL I 62 -35.31 19.50 -66.62
N SER I 63 -34.02 19.17 -66.78
CA SER I 63 -32.96 20.16 -66.72
C SER I 63 -33.19 21.20 -67.80
N ARG I 64 -33.38 20.73 -69.02
CA ARG I 64 -33.62 21.61 -70.15
C ARG I 64 -34.91 22.40 -70.01
N ALA I 65 -35.96 21.76 -69.51
CA ALA I 65 -37.23 22.45 -69.36
C ALA I 65 -37.05 23.67 -68.43
N MET I 66 -36.22 23.50 -67.41
CA MET I 66 -35.97 24.61 -66.49
C MET I 66 -35.01 25.65 -67.05
N THR I 67 -33.77 25.25 -67.34
CA THR I 67 -32.75 26.15 -67.86
C THR I 67 -33.19 26.97 -69.07
N ARG I 68 -33.77 26.31 -70.05
CA ARG I 68 -34.20 26.99 -71.25
C ARG I 68 -35.04 28.22 -70.85
N ARG I 69 -35.99 28.00 -69.94
CA ARG I 69 -36.87 29.09 -69.48
C ARG I 69 -36.16 30.14 -68.64
N TYR I 70 -35.34 29.70 -67.70
CA TYR I 70 -34.64 30.64 -66.85
C TYR I 70 -33.77 31.57 -67.66
N PHE I 71 -33.20 31.04 -68.74
CA PHE I 71 -32.35 31.85 -69.61
C PHE I 71 -33.20 32.85 -70.37
N ALA I 72 -34.35 32.40 -70.83
CA ALA I 72 -35.25 33.28 -71.57
C ALA I 72 -35.54 34.50 -70.70
N ASP I 73 -35.76 34.26 -69.41
CA ASP I 73 -36.04 35.33 -68.46
C ASP I 73 -34.79 36.23 -68.24
N LEU I 74 -33.64 35.57 -68.13
CA LEU I 74 -32.38 36.24 -67.92
C LEU I 74 -32.06 37.11 -69.13
N ASP I 75 -32.49 36.65 -70.29
CA ASP I 75 -32.27 37.33 -71.56
C ASP I 75 -33.20 38.53 -71.69
N ALA I 76 -34.48 38.29 -71.43
CA ALA I 76 -35.49 39.34 -71.53
C ALA I 76 -35.40 40.43 -70.47
N HIS I 77 -34.97 40.06 -69.26
CA HIS I 77 -34.89 41.01 -68.17
C HIS I 77 -33.57 41.73 -68.00
N ALA I 78 -32.57 41.35 -68.80
CA ALA I 78 -31.29 42.02 -68.72
C ALA I 78 -31.56 43.50 -68.97
N GLU I 79 -32.62 43.75 -69.74
CA GLU I 79 -33.08 45.09 -70.11
C GLU I 79 -34.58 45.12 -69.80
N THR I 80 -34.93 45.73 -68.68
CA THR I 80 -36.31 45.78 -68.22
C THR I 80 -36.89 47.20 -68.11
N ASP I 81 -38.16 47.31 -67.74
CA ASP I 81 -38.79 48.61 -67.58
C ASP I 81 -38.75 49.03 -66.12
N ILE I 82 -39.10 48.10 -65.23
CA ILE I 82 -39.10 48.40 -63.81
C ILE I 82 -38.57 47.25 -62.96
N VAL I 83 -37.70 47.60 -62.01
CA VAL I 83 -37.11 46.63 -61.09
C VAL I 83 -37.60 46.91 -59.67
N ILE I 84 -38.01 45.86 -58.97
CA ILE I 84 -38.44 46.01 -57.59
C ILE I 84 -37.53 45.11 -56.76
N VAL I 85 -36.80 45.72 -55.82
CA VAL I 85 -35.88 45.00 -54.96
C VAL I 85 -36.51 44.65 -53.61
N GLY I 86 -36.47 43.37 -53.25
CA GLY I 86 -37.05 42.95 -51.99
C GLY I 86 -38.53 42.65 -52.12
N ALA I 87 -38.88 41.38 -52.11
CA ALA I 87 -40.27 40.94 -52.24
C ALA I 87 -41.02 40.82 -50.92
N GLY I 88 -40.95 41.86 -50.10
CA GLY I 88 -41.67 41.85 -48.83
C GLY I 88 -43.05 42.42 -49.06
N SER I 89 -43.81 42.62 -48.00
CA SER I 89 -45.16 43.16 -48.11
C SER I 89 -45.23 44.43 -48.96
N CYS I 90 -44.28 45.35 -48.74
CA CYS I 90 -44.29 46.59 -49.48
C CYS I 90 -43.95 46.40 -50.96
N GLY I 91 -42.89 45.65 -51.24
CA GLY I 91 -42.51 45.41 -52.61
C GLY I 91 -43.58 44.60 -53.34
N LEU I 92 -44.10 43.58 -52.67
CA LEU I 92 -45.14 42.74 -53.26
C LEU I 92 -46.41 43.52 -53.59
N SER I 93 -46.78 44.45 -52.71
CA SER I 93 -47.97 45.26 -52.95
C SER I 93 -47.75 46.16 -54.16
N ALA I 94 -46.58 46.80 -54.19
CA ALA I 94 -46.22 47.68 -55.29
C ALA I 94 -46.17 46.90 -56.59
N ALA I 95 -45.73 45.64 -56.48
CA ALA I 95 -45.65 44.79 -57.64
C ALA I 95 -47.06 44.53 -58.16
N TYR I 96 -47.99 44.29 -57.23
CA TYR I 96 -49.36 44.03 -57.59
C TYR I 96 -49.99 45.24 -58.30
N VAL I 97 -49.90 46.40 -57.68
CA VAL I 97 -50.48 47.59 -58.27
C VAL I 97 -49.85 47.93 -59.61
N LEU I 98 -48.53 47.91 -59.66
CA LEU I 98 -47.83 48.25 -60.89
C LEU I 98 -48.11 47.31 -62.06
N SER I 99 -48.11 46.00 -61.80
CA SER I 99 -48.34 45.05 -62.88
C SER I 99 -49.77 45.10 -63.38
N THR I 100 -50.68 45.51 -62.51
CA THR I 100 -52.09 45.58 -62.87
C THR I 100 -52.47 46.87 -63.62
N LEU I 101 -51.87 47.99 -63.20
CA LEU I 101 -52.13 49.28 -63.85
C LEU I 101 -51.40 49.40 -65.18
N ARG I 102 -50.23 48.78 -65.26
CA ARG I 102 -49.39 48.83 -66.45
C ARG I 102 -48.98 47.44 -66.89
N PRO I 103 -49.90 46.71 -67.53
CA PRO I 103 -49.63 45.33 -68.00
C PRO I 103 -48.64 45.32 -69.15
N ASP I 104 -48.40 46.50 -69.71
CA ASP I 104 -47.49 46.69 -70.85
C ASP I 104 -46.02 46.75 -70.44
N LEU I 105 -45.78 47.02 -69.16
CA LEU I 105 -44.43 47.13 -68.64
C LEU I 105 -43.86 45.85 -68.01
N ARG I 106 -42.64 45.51 -68.41
CA ARG I 106 -41.97 44.34 -67.87
C ARG I 106 -41.47 44.67 -66.46
N ILE I 107 -41.94 43.87 -65.49
CA ILE I 107 -41.58 44.07 -64.09
C ILE I 107 -40.65 42.99 -63.57
N THR I 108 -39.50 43.42 -63.05
CA THR I 108 -38.49 42.53 -62.53
C THR I 108 -38.32 42.66 -61.02
N ILE I 109 -38.65 41.59 -60.30
CA ILE I 109 -38.55 41.54 -58.84
C ILE I 109 -37.32 40.75 -58.41
N VAL I 110 -36.45 41.38 -57.65
CA VAL I 110 -35.26 40.70 -57.18
C VAL I 110 -35.32 40.48 -55.68
N GLU I 111 -35.46 39.20 -55.29
CA GLU I 111 -35.55 38.82 -53.88
C GLU I 111 -34.37 37.95 -53.42
N ALA I 112 -33.69 38.40 -52.37
CA ALA I 112 -32.53 37.69 -51.84
C ALA I 112 -32.86 36.33 -51.26
N GLY I 113 -34.01 36.23 -50.61
CA GLY I 113 -34.39 34.97 -50.00
C GLY I 113 -34.90 33.95 -50.99
N VAL I 114 -34.79 32.67 -50.64
CA VAL I 114 -35.29 31.61 -51.49
C VAL I 114 -36.82 31.77 -51.48
N ALA I 115 -37.32 32.14 -50.31
CA ALA I 115 -38.74 32.35 -50.12
C ALA I 115 -39.05 33.84 -50.10
N PRO I 116 -40.00 34.28 -50.92
CA PRO I 116 -40.31 35.71 -50.90
C PRO I 116 -41.20 35.96 -49.67
N GLY I 117 -41.63 37.20 -49.46
CA GLY I 117 -42.49 37.49 -48.33
C GLY I 117 -41.93 38.45 -47.29
N GLY I 118 -40.62 38.46 -47.11
CA GLY I 118 -40.00 39.34 -46.13
C GLY I 118 -40.44 39.05 -44.70
N GLY I 119 -40.80 40.10 -43.98
CA GLY I 119 -41.26 39.92 -42.61
C GLY I 119 -42.77 39.91 -42.53
N ALA I 120 -43.40 39.30 -43.55
CA ALA I 120 -44.86 39.23 -43.63
C ALA I 120 -45.44 37.83 -43.49
N TRP I 121 -44.69 36.92 -42.88
CA TRP I 121 -45.19 35.56 -42.69
C TRP I 121 -45.67 35.42 -41.26
N LEU I 122 -45.39 36.44 -40.45
CA LEU I 122 -45.81 36.43 -39.06
C LEU I 122 -46.34 37.76 -38.64
N GLY I 123 -46.79 37.80 -37.40
CA GLY I 123 -47.28 39.02 -36.80
C GLY I 123 -46.10 39.41 -35.94
N GLY I 124 -46.36 39.74 -34.68
CA GLY I 124 -45.28 40.12 -33.78
C GLY I 124 -44.98 39.02 -32.79
N GLN I 125 -43.70 38.85 -32.45
CA GLN I 125 -43.24 37.84 -31.49
C GLN I 125 -43.59 36.41 -31.91
N LEU I 126 -43.50 36.14 -33.20
CA LEU I 126 -43.78 34.83 -33.78
C LEU I 126 -45.27 34.46 -33.83
N PHE I 127 -46.13 35.39 -33.45
CA PHE I 127 -47.57 35.12 -33.50
C PHE I 127 -48.06 35.36 -34.94
N SER I 128 -49.27 34.91 -35.25
CA SER I 128 -49.79 34.99 -36.61
C SER I 128 -50.58 36.19 -37.11
N ALA I 129 -51.59 36.60 -36.34
CA ALA I 129 -52.48 37.70 -36.71
C ALA I 129 -51.83 38.92 -37.37
N MET I 130 -52.39 39.36 -38.49
CA MET I 130 -51.89 40.54 -39.19
C MET I 130 -52.83 41.71 -39.03
N VAL I 131 -52.36 42.76 -38.36
CA VAL I 131 -53.17 43.94 -38.12
C VAL I 131 -52.94 45.02 -39.16
N MET I 132 -54.02 45.58 -39.68
CA MET I 132 -53.92 46.66 -40.65
C MET I 132 -54.92 47.74 -40.30
N ARG I 133 -54.42 48.94 -39.98
CA ARG I 133 -55.30 50.05 -39.63
C ARG I 133 -55.95 50.56 -40.90
N LYS I 134 -57.19 51.01 -40.80
CA LYS I 134 -57.89 51.54 -41.96
C LYS I 134 -57.19 52.81 -42.46
N PRO I 135 -57.35 53.15 -43.75
CA PRO I 135 -58.13 52.47 -44.78
C PRO I 135 -57.36 51.41 -45.57
N ALA I 136 -56.36 50.78 -44.94
CA ALA I 136 -55.58 49.76 -45.63
C ALA I 136 -56.49 48.61 -46.08
N ASP I 137 -57.64 48.48 -45.42
CA ASP I 137 -58.58 47.43 -45.75
C ASP I 137 -59.05 47.52 -47.21
N VAL I 138 -58.92 48.71 -47.80
CA VAL I 138 -59.32 48.89 -49.19
C VAL I 138 -58.43 48.02 -50.05
N PHE I 139 -57.15 47.96 -49.69
CA PHE I 139 -56.17 47.16 -50.41
C PHE I 139 -56.48 45.69 -50.23
N LEU I 140 -56.69 45.25 -48.99
CA LEU I 140 -57.00 43.85 -48.74
C LEU I 140 -58.16 43.44 -49.64
N ASP I 141 -59.15 44.33 -49.77
CA ASP I 141 -60.30 44.05 -50.61
C ASP I 141 -59.80 43.89 -52.04
N GLU I 142 -58.94 44.82 -52.45
CA GLU I 142 -58.37 44.80 -53.78
C GLU I 142 -57.75 43.45 -54.14
N VAL I 143 -56.94 42.91 -53.26
CA VAL I 143 -56.25 41.63 -53.53
C VAL I 143 -56.98 40.39 -53.05
N GLY I 144 -58.22 40.56 -52.61
CA GLY I 144 -58.99 39.42 -52.17
C GLY I 144 -58.53 38.68 -50.93
N VAL I 145 -58.13 39.42 -49.89
CA VAL I 145 -57.72 38.82 -48.63
C VAL I 145 -58.77 39.19 -47.57
N PRO I 146 -59.47 38.19 -47.04
CA PRO I 146 -60.51 38.45 -46.02
C PRO I 146 -59.92 38.92 -44.70
N TYR I 147 -60.76 39.51 -43.85
CA TYR I 147 -60.32 40.01 -42.56
C TYR I 147 -61.48 40.26 -41.61
N GLU I 148 -61.15 40.55 -40.34
CA GLU I 148 -62.15 40.83 -39.32
C GLU I 148 -62.11 42.32 -39.07
N ASP I 149 -63.19 43.02 -39.37
CA ASP I 149 -63.23 44.47 -39.15
C ASP I 149 -63.40 44.75 -37.66
N GLU I 150 -62.38 45.37 -37.04
CA GLU I 150 -62.42 45.68 -35.62
C GLU I 150 -62.74 47.15 -35.31
N GLY I 151 -63.02 47.94 -36.35
CA GLY I 151 -63.33 49.34 -36.15
C GLY I 151 -62.37 50.23 -36.90
N ASP I 152 -61.30 50.67 -36.23
CA ASP I 152 -60.30 51.53 -36.85
C ASP I 152 -59.28 50.65 -37.60
N TYR I 153 -59.29 49.36 -37.28
CA TYR I 153 -58.37 48.42 -37.89
C TYR I 153 -59.07 47.10 -38.18
N VAL I 154 -58.52 46.34 -39.12
CA VAL I 154 -59.07 45.03 -39.48
C VAL I 154 -57.96 44.03 -39.16
N VAL I 155 -58.30 42.75 -39.07
CA VAL I 155 -57.32 41.74 -38.74
C VAL I 155 -57.36 40.54 -39.68
N VAL I 156 -56.23 40.24 -40.29
CA VAL I 156 -56.12 39.10 -41.20
C VAL I 156 -55.71 37.87 -40.38
N LYS I 157 -56.51 36.81 -40.49
CA LYS I 157 -56.31 35.55 -39.78
C LYS I 157 -54.84 35.19 -39.49
N HIS I 158 -54.00 35.27 -40.51
CA HIS I 158 -52.58 34.96 -40.40
C HIS I 158 -51.87 35.76 -41.47
N ALA I 159 -50.74 36.37 -41.12
CA ALA I 159 -49.99 37.15 -42.09
C ALA I 159 -49.75 36.37 -43.38
N ALA I 160 -49.40 35.10 -43.25
CA ALA I 160 -49.12 34.25 -44.39
C ALA I 160 -50.25 34.19 -45.42
N LEU I 161 -51.49 34.38 -44.97
CA LEU I 161 -52.64 34.36 -45.88
C LEU I 161 -52.52 35.54 -46.84
N PHE I 162 -52.29 36.72 -46.28
CA PHE I 162 -52.15 37.93 -47.06
C PHE I 162 -50.97 37.78 -48.00
N THR I 163 -49.83 37.38 -47.46
CA THR I 163 -48.64 37.23 -48.28
C THR I 163 -48.85 36.21 -49.38
N SER I 164 -49.16 34.97 -49.03
CA SER I 164 -49.37 33.95 -50.06
C SER I 164 -50.34 34.41 -51.13
N THR I 165 -51.47 34.97 -50.71
CA THR I 165 -52.50 35.47 -51.62
C THR I 165 -51.98 36.52 -52.61
N VAL I 166 -51.45 37.62 -52.08
CA VAL I 166 -50.91 38.67 -52.92
C VAL I 166 -49.81 38.10 -53.83
N LEU I 167 -48.95 37.28 -53.22
CA LEU I 167 -47.85 36.64 -53.91
C LEU I 167 -48.38 35.84 -55.10
N SER I 168 -49.46 35.10 -54.86
CA SER I 168 -50.08 34.28 -55.90
C SER I 168 -50.55 35.11 -57.08
N LYS I 169 -51.29 36.17 -56.81
CA LYS I 169 -51.80 37.01 -57.87
C LYS I 169 -50.69 37.73 -58.64
N VAL I 170 -49.67 38.20 -57.92
CA VAL I 170 -48.56 38.89 -58.54
C VAL I 170 -47.84 37.97 -59.52
N LEU I 171 -47.63 36.72 -59.10
CA LEU I 171 -46.94 35.73 -59.92
C LEU I 171 -47.74 35.28 -61.14
N GLN I 172 -49.03 35.58 -61.14
CA GLN I 172 -49.88 35.19 -62.25
C GLN I 172 -49.78 36.21 -63.37
N ARG I 173 -49.33 37.40 -63.03
CA ARG I 173 -49.17 38.44 -64.03
C ARG I 173 -48.16 38.00 -65.09
N PRO I 174 -48.55 38.06 -66.37
CA PRO I 174 -47.73 37.68 -67.53
C PRO I 174 -46.55 38.60 -67.83
N ASN I 175 -46.49 39.73 -67.13
CA ASN I 175 -45.39 40.67 -67.35
C ASN I 175 -44.41 40.74 -66.18
N VAL I 176 -44.63 39.91 -65.18
CA VAL I 176 -43.79 39.87 -63.98
C VAL I 176 -42.82 38.68 -63.92
N LYS I 177 -41.69 38.90 -63.28
CA LYS I 177 -40.71 37.84 -63.13
C LYS I 177 -40.09 37.90 -61.74
N LEU I 178 -40.15 36.80 -61.01
CA LEU I 178 -39.58 36.76 -59.67
C LEU I 178 -38.23 36.05 -59.63
N PHE I 179 -37.17 36.84 -59.55
CA PHE I 179 -35.84 36.28 -59.43
C PHE I 179 -35.55 36.15 -57.92
N ASN I 180 -35.96 35.03 -57.33
CA ASN I 180 -35.71 34.81 -55.91
C ASN I 180 -34.34 34.17 -55.79
N ALA I 181 -33.80 34.13 -54.58
CA ALA I 181 -32.46 33.58 -54.33
C ALA I 181 -31.41 34.46 -55.03
N THR I 182 -31.82 35.66 -55.44
CA THR I 182 -30.94 36.62 -56.12
C THR I 182 -30.83 37.91 -55.30
N THR I 183 -29.61 38.36 -55.04
CA THR I 183 -29.39 39.57 -54.25
C THR I 183 -28.83 40.74 -55.05
N VAL I 184 -29.29 41.94 -54.72
CA VAL I 184 -28.79 43.16 -55.36
C VAL I 184 -27.57 43.58 -54.55
N GLU I 185 -26.39 43.53 -55.17
CA GLU I 185 -25.15 43.90 -54.47
C GLU I 185 -24.76 45.34 -54.70
N ASP I 186 -25.29 45.96 -55.76
CA ASP I 186 -24.96 47.33 -56.05
C ASP I 186 -25.96 47.95 -57.01
N LEU I 187 -25.92 49.25 -57.17
CA LEU I 187 -26.80 49.96 -58.08
C LEU I 187 -26.02 50.34 -59.34
N ILE I 188 -26.71 50.33 -60.48
CA ILE I 188 -26.09 50.74 -61.74
C ILE I 188 -26.29 52.25 -61.74
N THR I 189 -25.25 52.99 -62.10
CA THR I 189 -25.33 54.44 -62.09
C THR I 189 -25.00 55.16 -63.40
N ARG I 190 -25.41 56.42 -63.48
CA ARG I 190 -25.17 57.27 -64.63
C ARG I 190 -25.01 58.67 -64.08
N LYS I 191 -24.22 59.50 -64.74
CA LYS I 191 -24.01 60.87 -64.28
C LYS I 191 -25.23 61.76 -64.51
N HIS I 192 -25.46 62.69 -63.58
CA HIS I 192 -26.58 63.64 -63.64
C HIS I 192 -27.95 62.97 -63.91
N LYS I 210 -23.88 64.73 -59.21
CA LYS I 210 -25.04 63.91 -58.90
C LYS I 210 -25.23 62.75 -59.89
N VAL I 211 -25.83 61.66 -59.42
CA VAL I 211 -26.05 60.48 -60.26
C VAL I 211 -27.49 60.05 -60.46
N ARG I 212 -27.68 59.21 -61.48
CA ARG I 212 -28.98 58.66 -61.83
C ARG I 212 -28.88 57.14 -61.67
N ILE I 213 -29.86 56.52 -61.01
CA ILE I 213 -29.83 55.07 -60.84
C ILE I 213 -30.42 54.46 -62.10
N ALA I 214 -29.64 53.63 -62.79
CA ALA I 214 -30.10 53.04 -64.04
C ALA I 214 -30.14 51.51 -64.08
N GLY I 215 -30.16 50.87 -62.92
CA GLY I 215 -30.22 49.42 -62.92
C GLY I 215 -29.74 48.86 -61.61
N VAL I 216 -29.51 47.56 -61.58
CA VAL I 216 -29.02 46.91 -60.37
C VAL I 216 -27.98 45.86 -60.69
N VAL I 217 -26.99 45.76 -59.82
CA VAL I 217 -25.92 44.79 -59.96
C VAL I 217 -26.41 43.59 -59.13
N THR I 218 -26.57 42.46 -59.80
CA THR I 218 -27.08 41.27 -59.16
C THR I 218 -26.06 40.19 -58.92
N ASN I 219 -26.54 39.06 -58.38
CA ASN I 219 -25.72 37.89 -58.08
C ASN I 219 -26.55 36.91 -57.26
N TRP I 220 -26.12 35.66 -57.16
CA TRP I 220 -26.87 34.71 -56.34
C TRP I 220 -26.61 35.10 -54.88
N THR I 221 -27.65 35.05 -54.05
CA THR I 221 -27.51 35.42 -52.64
C THR I 221 -26.37 34.68 -51.93
N LEU I 222 -26.32 33.36 -52.06
CA LEU I 222 -25.27 32.61 -51.42
C LEU I 222 -23.89 33.10 -51.83
N VAL I 223 -23.78 33.68 -53.02
CA VAL I 223 -22.51 34.21 -53.48
C VAL I 223 -22.23 35.52 -52.74
N SER I 224 -23.26 36.35 -52.60
CA SER I 224 -23.11 37.63 -51.93
C SER I 224 -22.68 37.44 -50.48
N MET I 225 -23.15 36.37 -49.86
CA MET I 225 -22.81 36.08 -48.48
C MET I 225 -21.47 35.40 -48.28
N HIS I 226 -20.84 34.95 -49.35
CA HIS I 226 -19.55 34.28 -49.22
C HIS I 226 -18.47 34.83 -50.12
N HIS I 227 -18.47 36.16 -50.28
CA HIS I 227 -17.46 36.81 -51.11
C HIS I 227 -16.07 36.67 -50.53
N ASP I 228 -15.94 35.81 -49.54
CA ASP I 228 -14.66 35.58 -48.88
C ASP I 228 -14.34 34.10 -48.84
N ASP I 229 -15.38 33.27 -48.80
CA ASP I 229 -15.23 31.83 -48.72
C ASP I 229 -14.94 31.20 -50.08
N GLN I 230 -14.41 32.00 -51.00
CA GLN I 230 -14.08 31.53 -52.36
C GLN I 230 -13.22 32.60 -53.06
N SER I 231 -12.92 32.36 -54.34
CA SER I 231 -12.15 33.30 -55.14
C SER I 231 -13.14 34.32 -55.69
N MET I 233 -15.94 36.29 -57.36
CA MET I 233 -17.14 35.93 -58.11
C MET I 233 -17.90 37.18 -58.53
N ASP I 234 -17.62 37.64 -59.75
CA ASP I 234 -18.25 38.83 -60.28
C ASP I 234 -19.77 38.72 -60.38
N PRO I 235 -20.45 39.87 -60.31
CA PRO I 235 -21.91 39.97 -60.38
C PRO I 235 -22.41 40.08 -61.83
N ASN I 236 -23.73 40.15 -61.98
CA ASN I 236 -24.37 40.28 -63.28
C ASN I 236 -25.10 41.63 -63.29
N THR I 237 -25.74 41.98 -64.40
CA THR I 237 -26.41 43.28 -64.47
C THR I 237 -27.80 43.27 -65.07
N ILE I 238 -28.59 44.26 -64.66
CA ILE I 238 -29.95 44.46 -65.14
C ILE I 238 -30.18 45.95 -65.32
N ASN I 239 -30.18 46.40 -66.57
CA ASN I 239 -30.42 47.82 -66.87
C ASN I 239 -31.90 48.12 -66.76
N ALA I 240 -32.23 49.29 -66.18
CA ALA I 240 -33.62 49.72 -66.04
C ALA I 240 -33.71 51.21 -65.73
N PRO I 241 -34.77 51.88 -66.21
CA PRO I 241 -34.97 53.32 -65.99
C PRO I 241 -35.40 53.69 -64.59
N VAL I 242 -36.14 52.79 -63.95
CA VAL I 242 -36.63 53.01 -62.61
C VAL I 242 -36.53 51.78 -61.72
N ILE I 243 -35.98 51.97 -60.53
CA ILE I 243 -35.80 50.91 -59.56
C ILE I 243 -36.51 51.30 -58.26
N ILE I 244 -37.40 50.42 -57.81
CA ILE I 244 -38.14 50.61 -56.58
C ILE I 244 -37.45 49.72 -55.54
N SER I 245 -36.83 50.34 -54.54
CA SER I 245 -36.14 49.59 -53.50
C SER I 245 -36.97 49.51 -52.22
N THR I 246 -37.33 48.29 -51.84
CA THR I 246 -38.11 48.03 -50.63
C THR I 246 -37.52 46.82 -49.92
N THR I 247 -36.40 47.05 -49.26
CA THR I 247 -35.69 45.97 -48.60
C THR I 247 -35.71 46.07 -47.09
N GLY I 248 -36.73 46.72 -46.55
CA GLY I 248 -36.84 46.84 -45.10
C GLY I 248 -35.78 47.71 -44.45
N HIS I 249 -35.86 47.84 -43.12
CA HIS I 249 -34.92 48.66 -42.37
C HIS I 249 -33.54 48.01 -42.24
N ASP I 250 -32.57 48.83 -41.86
CA ASP I 250 -31.18 48.38 -41.73
C ASP I 250 -30.98 47.05 -41.04
N GLY I 251 -29.88 46.40 -41.41
CA GLY I 251 -29.52 45.11 -40.87
C GLY I 251 -28.62 44.46 -41.90
N PRO I 252 -28.03 43.30 -41.59
CA PRO I 252 -27.14 42.63 -42.55
C PRO I 252 -27.69 42.61 -43.98
N PHE I 253 -28.99 42.39 -44.12
CA PHE I 253 -29.60 42.32 -45.45
C PHE I 253 -30.33 43.59 -45.92
N GLY I 254 -31.21 44.11 -45.08
CA GLY I 254 -32.00 45.28 -45.44
C GLY I 254 -31.39 46.65 -45.64
N ALA I 255 -32.25 47.60 -46.04
CA ALA I 255 -31.88 48.99 -46.28
C ALA I 255 -30.71 49.12 -47.27
N PHE I 256 -30.78 48.40 -48.38
CA PHE I 256 -29.70 48.43 -49.34
C PHE I 256 -29.44 49.71 -50.15
N SER I 257 -30.38 50.07 -51.02
CA SER I 257 -30.21 51.26 -51.84
C SER I 257 -29.89 52.48 -51.01
N VAL I 258 -30.61 52.61 -49.91
CA VAL I 258 -30.41 53.74 -49.02
C VAL I 258 -28.96 53.81 -48.49
N LYS I 259 -28.45 52.69 -48.00
CA LYS I 259 -27.07 52.65 -47.49
C LYS I 259 -26.02 52.86 -48.58
N ARG I 260 -26.32 52.39 -49.78
CA ARG I 260 -25.40 52.52 -50.92
C ARG I 260 -25.33 53.98 -51.39
N LEU I 261 -26.45 54.70 -51.30
CA LEU I 261 -26.45 56.10 -51.71
C LEU I 261 -25.44 56.81 -50.81
N VAL I 262 -25.31 56.32 -49.58
CA VAL I 262 -24.36 56.91 -48.65
C VAL I 262 -22.92 56.57 -49.02
N SER I 263 -22.62 55.28 -49.14
CA SER I 263 -21.27 54.85 -49.48
C SER I 263 -20.80 55.37 -50.86
N MET I 264 -21.73 55.72 -51.74
CA MET I 264 -21.36 56.26 -53.04
C MET I 264 -21.16 57.77 -52.93
N LYS I 265 -21.20 58.27 -51.70
CA LYS I 265 -21.01 59.68 -51.40
C LYS I 265 -22.07 60.63 -51.95
N GLN I 266 -23.29 60.11 -52.10
CA GLN I 266 -24.42 60.90 -52.60
C GLN I 266 -25.28 61.34 -51.43
N MET I 267 -25.07 60.72 -50.28
CA MET I 267 -25.82 61.02 -49.06
C MET I 267 -24.89 61.44 -47.95
N GLU I 268 -25.39 62.34 -47.10
CA GLU I 268 -24.62 62.83 -45.97
C GLU I 268 -24.48 61.74 -44.92
N ARG I 269 -25.51 60.91 -44.82
CA ARG I 269 -25.56 59.81 -43.86
C ARG I 269 -27.01 59.38 -43.76
N LEU I 270 -27.26 58.39 -42.89
CA LEU I 270 -28.61 57.87 -42.69
C LEU I 270 -29.17 58.42 -41.40
N ASN I 271 -30.32 59.06 -41.46
CA ASN I 271 -30.93 59.60 -40.26
C ASN I 271 -31.20 58.47 -39.28
N GLY I 272 -31.55 57.31 -39.82
CA GLY I 272 -31.80 56.14 -38.99
C GLY I 272 -33.24 56.00 -38.53
N MET I 273 -33.73 54.76 -38.56
CA MET I 273 -35.07 54.42 -38.11
C MET I 273 -35.12 54.74 -36.62
N ARG I 274 -36.09 55.55 -36.21
CA ARG I 274 -36.21 55.96 -34.82
C ARG I 274 -37.06 55.02 -33.98
N GLY I 275 -37.52 55.50 -32.83
CA GLY I 275 -38.32 54.66 -31.95
C GLY I 275 -39.63 54.21 -32.55
N LEU I 276 -40.34 53.33 -31.85
CA LEU I 276 -41.60 52.84 -32.35
C LEU I 276 -42.78 53.67 -31.87
N ASP I 277 -43.46 54.28 -32.83
CA ASP I 277 -44.64 55.11 -32.58
C ASP I 277 -45.54 54.84 -33.78
N MET I 278 -46.44 53.87 -33.63
CA MET I 278 -47.34 53.50 -34.71
C MET I 278 -48.10 54.64 -35.40
N GLN I 279 -48.74 55.52 -34.63
CA GLN I 279 -49.50 56.59 -35.24
C GLN I 279 -48.67 57.53 -36.12
N SER I 280 -47.48 57.90 -35.68
CA SER I 280 -46.70 58.81 -36.51
C SER I 280 -45.80 58.11 -37.52
N ALA I 281 -45.60 56.81 -37.35
CA ALA I 281 -44.74 56.06 -38.25
C ALA I 281 -45.38 55.77 -39.61
N GLU I 282 -46.55 55.16 -39.60
CA GLU I 282 -47.21 54.79 -40.85
C GLU I 282 -47.62 55.95 -41.76
N ASP I 283 -48.07 57.05 -41.17
CA ASP I 283 -48.47 58.22 -41.95
C ASP I 283 -47.23 58.81 -42.63
N ALA I 284 -46.11 58.73 -41.93
CA ALA I 284 -44.83 59.24 -42.44
C ALA I 284 -44.33 58.37 -43.59
N ILE I 285 -44.32 57.07 -43.37
CA ILE I 285 -43.87 56.12 -44.38
C ILE I 285 -44.68 56.20 -45.68
N VAL I 286 -46.00 56.08 -45.57
CA VAL I 286 -46.86 56.12 -46.75
C VAL I 286 -46.76 57.44 -47.51
N ASN I 287 -47.01 58.55 -46.81
CA ASN I 287 -46.99 59.86 -47.43
C ASN I 287 -45.67 60.36 -47.98
N ASN I 288 -44.56 59.76 -47.56
CA ASN I 288 -43.26 60.22 -48.06
C ASN I 288 -42.55 59.26 -48.97
N THR I 289 -43.28 58.23 -49.39
CA THR I 289 -42.75 57.24 -50.31
C THR I 289 -42.60 57.98 -51.63
N ARG I 290 -41.41 57.94 -52.22
CA ARG I 290 -41.17 58.64 -53.47
C ARG I 290 -39.83 58.34 -54.13
N GLU I 291 -39.48 59.17 -55.10
CA GLU I 291 -38.23 59.02 -55.81
C GLU I 291 -37.21 59.85 -55.03
N ILE I 292 -36.28 59.18 -54.36
CA ILE I 292 -35.27 59.85 -53.56
C ILE I 292 -34.18 60.47 -54.44
N VAL I 293 -33.85 59.77 -55.51
CA VAL I 293 -32.83 60.22 -56.45
C VAL I 293 -33.35 59.78 -57.82
N PRO I 294 -32.94 60.48 -58.89
CA PRO I 294 -33.42 60.05 -60.20
C PRO I 294 -33.22 58.56 -60.45
N GLY I 295 -34.33 57.84 -60.69
CA GLY I 295 -34.26 56.41 -60.93
C GLY I 295 -34.44 55.50 -59.73
N LEU I 296 -34.39 56.08 -58.53
CA LEU I 296 -34.55 55.29 -57.30
C LEU I 296 -35.75 55.67 -56.44
N ILE I 297 -36.78 54.83 -56.43
CA ILE I 297 -37.97 55.07 -55.62
C ILE I 297 -37.92 54.16 -54.39
N VAL I 298 -37.97 54.78 -53.20
CA VAL I 298 -37.92 54.04 -51.93
C VAL I 298 -39.23 53.99 -51.15
N GLY I 299 -39.64 52.79 -50.77
CA GLY I 299 -40.87 52.62 -50.00
C GLY I 299 -40.61 51.64 -48.88
N GLY I 300 -41.64 51.33 -48.09
CA GLY I 300 -41.45 50.39 -47.01
C GLY I 300 -40.54 50.88 -45.91
N MET I 301 -40.15 49.97 -45.03
CA MET I 301 -39.31 50.32 -43.90
C MET I 301 -37.90 50.79 -44.25
N GLU I 302 -37.49 50.61 -45.50
CA GLU I 302 -36.16 51.06 -45.92
C GLU I 302 -36.18 52.59 -45.94
N LEU I 303 -37.35 53.15 -46.23
CA LEU I 303 -37.53 54.58 -46.29
C LEU I 303 -37.33 55.20 -44.91
N SER I 304 -37.53 54.39 -43.87
CA SER I 304 -37.37 54.90 -42.51
C SER I 304 -35.92 55.23 -42.18
N GLU I 305 -34.98 54.42 -42.66
CA GLU I 305 -33.56 54.66 -42.39
C GLU I 305 -33.07 55.95 -43.05
N ILE I 306 -33.59 56.27 -44.23
CA ILE I 306 -33.14 57.49 -44.90
C ILE I 306 -33.86 58.75 -44.40
N ASP I 307 -35.12 58.62 -44.00
CA ASP I 307 -35.91 59.76 -43.53
C ASP I 307 -35.88 59.99 -42.04
N GLY I 308 -35.42 59.01 -41.26
CA GLY I 308 -35.40 59.17 -39.82
C GLY I 308 -36.80 59.04 -39.24
N ALA I 309 -37.62 58.19 -39.85
CA ALA I 309 -38.99 57.96 -39.42
C ALA I 309 -39.09 56.95 -38.27
N ASN I 310 -40.23 56.95 -37.59
CA ASN I 310 -40.49 56.03 -36.49
C ASN I 310 -40.89 54.71 -37.11
N ARG I 311 -40.74 53.63 -36.34
CA ARG I 311 -41.10 52.29 -36.80
C ARG I 311 -42.48 51.97 -36.23
N MET I 312 -43.19 51.04 -36.87
CA MET I 312 -44.54 50.69 -36.40
C MET I 312 -44.62 49.32 -35.76
N GLY I 313 -43.60 48.50 -35.94
CA GLY I 313 -43.67 47.19 -35.37
C GLY I 313 -44.62 46.30 -36.15
N PRO I 314 -45.34 45.39 -35.48
CA PRO I 314 -46.30 44.44 -36.04
C PRO I 314 -47.57 44.91 -36.73
N THR I 315 -47.49 45.96 -37.54
CA THR I 315 -48.68 46.40 -38.27
C THR I 315 -48.32 46.68 -39.72
N PHE I 316 -49.06 46.05 -40.63
CA PHE I 316 -48.76 46.15 -42.06
C PHE I 316 -49.55 47.11 -42.94
N GLY I 317 -50.34 47.99 -42.33
CA GLY I 317 -51.11 48.93 -43.13
C GLY I 317 -50.27 49.80 -44.06
N ALA I 318 -49.29 50.50 -43.48
CA ALA I 318 -48.42 51.38 -44.25
C ALA I 318 -47.59 50.61 -45.26
N MET I 319 -47.15 49.40 -44.92
CA MET I 319 -46.35 48.61 -45.87
C MET I 319 -47.11 48.39 -47.17
N ALA I 320 -48.44 48.31 -47.06
CA ALA I 320 -49.30 48.06 -48.21
C ALA I 320 -49.55 49.34 -49.01
N LEU I 321 -49.97 50.41 -48.33
CA LEU I 321 -50.25 51.65 -49.04
C LEU I 321 -48.98 52.34 -49.51
N SER I 322 -47.84 51.91 -48.99
CA SER I 322 -46.58 52.51 -49.40
C SER I 322 -46.24 51.89 -50.75
N GLY I 323 -46.50 50.58 -50.86
CA GLY I 323 -46.25 49.89 -52.10
C GLY I 323 -47.15 50.48 -53.16
N VAL I 324 -48.39 50.76 -52.78
CA VAL I 324 -49.33 51.37 -53.71
C VAL I 324 -48.73 52.69 -54.17
N LYS I 325 -48.26 53.47 -53.22
CA LYS I 325 -47.66 54.76 -53.52
C LYS I 325 -46.37 54.62 -54.35
N ALA I 326 -45.56 53.62 -54.05
CA ALA I 326 -44.31 53.40 -54.77
C ALA I 326 -44.59 53.16 -56.25
N ALA I 327 -45.56 52.29 -56.52
CA ALA I 327 -45.97 51.96 -57.89
C ALA I 327 -46.46 53.21 -58.61
N HIS I 328 -47.22 54.02 -57.88
CA HIS I 328 -47.76 55.25 -58.42
C HIS I 328 -46.58 56.15 -58.84
N GLU I 329 -45.64 56.38 -57.92
CA GLU I 329 -44.47 57.20 -58.22
C GLU I 329 -43.70 56.63 -59.39
N ALA I 330 -43.73 55.31 -59.52
CA ALA I 330 -43.03 54.66 -60.61
C ALA I 330 -43.65 55.08 -61.94
N ILE I 331 -44.96 54.89 -62.05
CA ILE I 331 -45.69 55.25 -63.25
C ILE I 331 -45.47 56.72 -63.60
N ARG I 332 -45.47 57.59 -62.60
CA ARG I 332 -45.28 59.02 -62.82
C ARG I 332 -43.91 59.40 -63.40
N VAL I 333 -42.89 58.69 -62.95
CA VAL I 333 -41.51 58.94 -63.34
C VAL I 333 -40.97 58.12 -64.52
N PHE I 334 -41.65 57.02 -64.82
CA PHE I 334 -41.20 56.14 -65.90
C PHE I 334 -40.75 56.75 -67.22
N ASP I 335 -41.65 57.46 -67.89
CA ASP I 335 -41.28 58.05 -69.18
C ASP I 335 -40.02 58.90 -69.14
N LEU I 336 -39.92 59.81 -68.16
CA LEU I 336 -38.74 60.66 -68.05
C LEU I 336 -37.44 59.86 -67.94
N ARG I 337 -37.39 58.95 -66.99
CA ARG I 337 -36.19 58.15 -66.78
C ARG I 337 -35.93 57.26 -67.97
N LYS I 338 -36.98 56.61 -68.45
CA LYS I 338 -36.89 55.74 -69.61
C LYS I 338 -36.27 56.51 -70.77
N ALA I 339 -36.68 57.77 -70.93
CA ALA I 339 -36.17 58.61 -72.01
C ALA I 339 -34.68 58.88 -71.83
N GLN I 340 -34.28 59.19 -70.60
CA GLN I 340 -32.88 59.47 -70.30
C GLN I 340 -32.00 58.22 -70.32
N ASN I 341 -32.59 57.06 -70.07
CA ASN I 341 -31.83 55.83 -70.04
C ASN I 341 -31.49 55.32 -71.44
N ASP I 342 -32.21 55.80 -72.45
CA ASP I 342 -31.96 55.36 -73.83
C ASP I 342 -31.21 56.40 -74.65
N GLY J 35 9.63 39.22 -77.59
CA GLY J 35 9.13 40.63 -77.45
C GLY J 35 7.62 40.76 -77.58
N LEU J 36 7.12 41.97 -77.36
CA LEU J 36 5.69 42.22 -77.47
C LEU J 36 5.30 42.45 -78.92
N SER J 37 4.04 42.18 -79.23
CA SER J 37 3.53 42.37 -80.59
C SER J 37 3.45 43.86 -80.88
N LYS J 38 3.71 44.23 -82.13
CA LYS J 38 3.68 45.64 -82.53
C LYS J 38 2.34 46.28 -82.17
N PRO J 39 1.23 45.55 -82.40
CA PRO J 39 -0.07 46.12 -82.08
C PRO J 39 -0.17 46.58 -80.62
N LEU J 40 0.29 45.74 -79.69
CA LEU J 40 0.26 46.08 -78.27
C LEU J 40 1.19 47.25 -78.01
N LEU J 41 2.44 47.11 -78.44
CA LEU J 41 3.45 48.15 -78.28
C LEU J 41 2.94 49.48 -78.79
N GLU J 42 2.11 49.43 -79.83
CA GLU J 42 1.55 50.64 -80.40
C GLU J 42 0.43 51.21 -79.55
N LEU J 43 -0.22 50.36 -78.76
CA LEU J 43 -1.30 50.78 -77.89
C LEU J 43 -0.81 51.39 -76.59
N MET J 44 0.18 50.74 -75.97
CA MET J 44 0.73 51.18 -74.69
C MET J 44 0.93 52.69 -74.47
N PRO J 45 1.50 53.40 -75.45
CA PRO J 45 1.72 54.84 -75.31
C PRO J 45 0.41 55.61 -75.22
N THR J 46 -0.68 54.94 -75.60
CA THR J 46 -2.01 55.52 -75.58
C THR J 46 -2.61 55.47 -74.18
N LEU J 47 -2.27 54.43 -73.44
CA LEU J 47 -2.76 54.27 -72.08
C LEU J 47 -2.30 55.42 -71.21
N GLY J 48 -3.26 56.08 -70.57
CA GLY J 48 -2.95 57.19 -69.71
C GLY J 48 -3.14 58.53 -70.39
N THR J 49 -3.61 58.52 -71.64
CA THR J 49 -3.85 59.76 -72.37
C THR J 49 -5.27 59.82 -72.92
N ASP J 50 -5.72 61.03 -73.26
CA ASP J 50 -7.06 61.23 -73.81
C ASP J 50 -7.26 60.44 -75.11
N ALA J 51 -6.15 59.90 -75.62
CA ALA J 51 -6.17 59.11 -76.84
C ALA J 51 -6.83 57.75 -76.60
N PHE J 52 -6.74 57.24 -75.38
CA PHE J 52 -7.33 55.95 -75.07
C PHE J 52 -8.77 55.95 -74.59
N THR J 53 -9.54 54.98 -75.09
CA THR J 53 -10.94 54.82 -74.72
C THR J 53 -11.50 53.49 -75.23
N PHE J 54 -12.35 52.85 -74.43
CA PHE J 54 -12.91 51.57 -74.84
C PHE J 54 -14.11 51.78 -75.77
N SER J 55 -14.36 50.79 -76.60
CA SER J 55 -15.49 50.85 -77.52
C SER J 55 -16.76 50.86 -76.69
N PRO J 56 -17.79 51.56 -77.16
CA PRO J 56 -19.07 51.65 -76.45
C PRO J 56 -19.61 50.30 -75.98
N ILE J 57 -20.37 50.33 -74.90
CA ILE J 57 -20.96 49.10 -74.36
C ILE J 57 -22.16 49.43 -73.48
N ARG J 58 -23.06 48.46 -73.38
CA ARG J 58 -24.28 48.56 -72.57
C ARG J 58 -24.19 47.36 -71.63
N GLU J 59 -24.57 47.52 -70.37
CA GLU J 59 -24.48 46.41 -69.43
C GLU J 59 -25.19 45.14 -69.92
N SER J 60 -26.47 45.28 -70.30
CA SER J 60 -27.23 44.13 -70.77
C SER J 60 -26.54 43.36 -71.91
N THR J 61 -25.69 44.04 -72.68
CA THR J 61 -25.00 43.36 -73.77
C THR J 61 -24.04 42.32 -73.18
N VAL J 62 -23.33 42.73 -72.12
CA VAL J 62 -22.36 41.88 -71.43
C VAL J 62 -23.06 40.74 -70.71
N SER J 63 -24.19 41.06 -70.10
CA SER J 63 -24.99 40.06 -69.38
C SER J 63 -25.47 38.99 -70.36
N ARG J 64 -26.14 39.45 -71.40
CA ARG J 64 -26.67 38.58 -72.42
C ARG J 64 -25.61 37.71 -73.09
N ALA J 65 -24.42 38.26 -73.28
CA ALA J 65 -23.33 37.53 -73.90
C ALA J 65 -22.89 36.35 -73.04
N MET J 66 -22.93 36.53 -71.72
CA MET J 66 -22.54 35.47 -70.80
C MET J 66 -23.61 34.39 -70.61
N THR J 67 -24.85 34.82 -70.36
CA THR J 67 -25.96 33.89 -70.13
C THR J 67 -26.31 33.04 -71.34
N ARG J 68 -26.46 33.69 -72.49
CA ARG J 68 -26.79 33.01 -73.72
C ARG J 68 -25.83 31.85 -74.01
N ARG J 69 -24.54 32.07 -73.80
CA ARG J 69 -23.54 31.03 -74.03
C ARG J 69 -23.58 29.96 -72.92
N TYR J 70 -23.80 30.39 -71.69
CA TYR J 70 -23.83 29.49 -70.55
C TYR J 70 -25.04 28.59 -70.62
N PHE J 71 -26.17 29.16 -71.04
CA PHE J 71 -27.38 28.39 -71.12
C PHE J 71 -27.37 27.49 -72.35
N ALA J 72 -26.42 27.73 -73.24
CA ALA J 72 -26.29 26.89 -74.41
C ALA J 72 -25.50 25.69 -73.90
N ASP J 73 -24.54 25.97 -73.03
CA ASP J 73 -23.73 24.90 -72.46
C ASP J 73 -24.60 23.99 -71.60
N LEU J 74 -25.45 24.60 -70.77
CA LEU J 74 -26.34 23.87 -69.89
C LEU J 74 -27.33 23.01 -70.68
N ASP J 75 -27.74 23.54 -71.82
CA ASP J 75 -28.68 22.84 -72.70
C ASP J 75 -27.99 21.67 -73.40
N ALA J 76 -26.84 21.93 -74.00
CA ALA J 76 -26.12 20.88 -74.71
C ALA J 76 -25.56 19.79 -73.81
N HIS J 77 -25.12 20.17 -72.62
CA HIS J 77 -24.51 19.21 -71.70
C HIS J 77 -25.46 18.45 -70.79
N ALA J 78 -26.72 18.86 -70.73
CA ALA J 78 -27.70 18.16 -69.89
C ALA J 78 -27.56 16.67 -70.15
N GLU J 79 -27.29 16.36 -71.42
CA GLU J 79 -27.10 15.01 -71.89
C GLU J 79 -25.71 15.02 -72.51
N THR J 80 -24.72 14.46 -71.82
CA THR J 80 -23.35 14.45 -72.34
C THR J 80 -22.79 13.04 -72.50
N ASP J 81 -21.59 12.93 -73.07
CA ASP J 81 -20.96 11.63 -73.27
C ASP J 81 -20.14 11.17 -72.09
N ILE J 82 -19.19 12.01 -71.68
CA ILE J 82 -18.33 11.67 -70.56
C ILE J 82 -18.29 12.80 -69.54
N VAL J 83 -18.37 12.45 -68.26
CA VAL J 83 -18.34 13.45 -67.20
C VAL J 83 -17.12 13.20 -66.33
N ILE J 84 -16.42 14.28 -66.01
CA ILE J 84 -15.27 14.19 -65.13
C ILE J 84 -15.60 15.03 -63.91
N VAL J 85 -15.66 14.39 -62.75
CA VAL J 85 -15.94 15.11 -61.53
C VAL J 85 -14.64 15.40 -60.86
N GLY J 86 -14.32 16.68 -60.72
CA GLY J 86 -13.08 17.07 -60.09
C GLY J 86 -11.97 17.48 -61.06
N ALA J 87 -11.77 18.78 -61.20
CA ALA J 87 -10.74 19.30 -62.11
C ALA J 87 -9.39 19.43 -61.41
N GLY J 88 -9.01 18.39 -60.67
CA GLY J 88 -7.73 18.40 -59.99
C GLY J 88 -6.65 17.98 -60.98
N SER J 89 -5.46 17.64 -60.49
CA SER J 89 -4.39 17.22 -61.37
C SER J 89 -4.76 15.95 -62.12
N CYS J 90 -5.41 15.02 -61.42
CA CYS J 90 -5.80 13.75 -62.01
C CYS J 90 -6.88 13.94 -63.09
N GLY J 91 -7.99 14.55 -62.71
CA GLY J 91 -9.07 14.76 -63.66
C GLY J 91 -8.61 15.55 -64.89
N LEU J 92 -7.87 16.62 -64.64
CA LEU J 92 -7.37 17.46 -65.73
C LEU J 92 -6.56 16.66 -66.72
N SER J 93 -5.76 15.74 -66.20
CA SER J 93 -4.95 14.91 -67.05
C SER J 93 -5.91 14.02 -67.82
N ALA J 94 -6.85 13.43 -67.10
CA ALA J 94 -7.83 12.54 -67.71
C ALA J 94 -8.58 13.30 -68.80
N ALA J 95 -8.88 14.56 -68.54
CA ALA J 95 -9.62 15.38 -69.50
C ALA J 95 -8.78 15.55 -70.76
N TYR J 96 -7.55 16.01 -70.57
CA TYR J 96 -6.62 16.23 -71.67
C TYR J 96 -6.52 15.00 -72.59
N VAL J 97 -6.08 13.88 -72.03
CA VAL J 97 -5.92 12.64 -72.79
C VAL J 97 -7.21 12.22 -73.48
N LEU J 98 -8.31 12.20 -72.73
CA LEU J 98 -9.60 11.79 -73.26
C LEU J 98 -10.12 12.69 -74.39
N SER J 99 -10.00 14.00 -74.24
CA SER J 99 -10.51 14.90 -75.27
C SER J 99 -9.61 14.88 -76.50
N THR J 100 -8.33 14.58 -76.31
CA THR J 100 -7.39 14.56 -77.43
C THR J 100 -7.49 13.30 -78.30
N LEU J 101 -7.89 12.19 -77.71
CA LEU J 101 -8.02 10.95 -78.45
C LEU J 101 -9.42 10.83 -79.02
N ARG J 102 -10.36 11.55 -78.40
CA ARG J 102 -11.74 11.48 -78.85
C ARG J 102 -12.44 12.83 -79.03
N PRO J 103 -12.03 13.59 -80.07
CA PRO J 103 -12.59 14.90 -80.42
C PRO J 103 -14.11 14.86 -80.60
N ASP J 104 -14.62 13.67 -80.90
CA ASP J 104 -16.04 13.45 -81.12
C ASP J 104 -16.88 13.40 -79.84
N LEU J 105 -16.31 12.91 -78.75
CA LEU J 105 -17.06 12.81 -77.50
C LEU J 105 -17.16 14.15 -76.78
N ARG J 106 -18.35 14.48 -76.27
CA ARG J 106 -18.53 15.71 -75.53
C ARG J 106 -18.11 15.44 -74.10
N ILE J 107 -17.13 16.19 -73.63
CA ILE J 107 -16.61 16.00 -72.28
C ILE J 107 -17.07 17.09 -71.31
N THR J 108 -17.68 16.68 -70.21
CA THR J 108 -18.18 17.63 -69.24
C THR J 108 -17.47 17.59 -67.91
N ILE J 109 -16.68 18.63 -67.63
CA ILE J 109 -15.93 18.73 -66.37
C ILE J 109 -16.75 19.51 -65.34
N VAL J 110 -17.05 18.88 -64.21
CA VAL J 110 -17.81 19.55 -63.16
C VAL J 110 -16.87 19.70 -61.96
N GLU J 111 -16.51 20.95 -61.68
CA GLU J 111 -15.58 21.25 -60.61
C GLU J 111 -16.19 22.13 -59.53
N ALA J 112 -16.06 21.68 -58.28
CA ALA J 112 -16.64 22.37 -57.13
C ALA J 112 -16.09 23.76 -56.85
N GLY J 113 -14.78 23.93 -56.94
CA GLY J 113 -14.20 25.22 -56.67
C GLY J 113 -14.35 26.25 -57.77
N VAL J 114 -14.20 27.52 -57.40
CA VAL J 114 -14.27 28.60 -58.38
C VAL J 114 -13.01 28.40 -59.23
N ALA J 115 -11.89 28.16 -58.55
CA ALA J 115 -10.64 27.92 -59.23
C ALA J 115 -10.46 26.41 -59.40
N PRO J 116 -10.17 25.96 -60.61
CA PRO J 116 -9.99 24.51 -60.79
C PRO J 116 -8.53 24.22 -60.47
N GLY J 117 -8.13 22.96 -60.48
CA GLY J 117 -6.75 22.64 -60.19
C GLY J 117 -6.55 21.84 -58.92
N GLY J 118 -7.57 21.79 -58.08
CA GLY J 118 -7.46 21.04 -56.84
C GLY J 118 -6.21 21.34 -56.04
N GLY J 119 -5.51 20.29 -55.61
CA GLY J 119 -4.31 20.47 -54.82
C GLY J 119 -3.02 20.48 -55.61
N ALA J 120 -3.07 21.05 -56.82
CA ALA J 120 -1.89 21.09 -57.67
C ALA J 120 -1.35 22.50 -57.94
N TRP J 121 -1.64 23.45 -57.06
CA TRP J 121 -1.13 24.80 -57.23
C TRP J 121 0.09 24.91 -56.32
N LEU J 122 0.29 23.88 -55.52
CA LEU J 122 1.38 23.84 -54.57
C LEU J 122 2.00 22.46 -54.38
N GLY J 123 3.23 22.47 -53.86
CA GLY J 123 3.93 21.24 -53.57
C GLY J 123 3.53 20.83 -52.16
N GLY J 124 4.51 20.69 -51.27
CA GLY J 124 4.22 20.29 -49.91
C GLY J 124 4.57 21.36 -48.90
N GLN J 125 3.87 21.39 -47.78
CA GLN J 125 4.10 22.37 -46.72
C GLN J 125 4.15 23.79 -47.31
N LEU J 126 3.25 24.02 -48.26
CA LEU J 126 3.10 25.30 -48.94
C LEU J 126 4.23 25.68 -49.89
N PHE J 127 5.13 24.74 -50.15
CA PHE J 127 6.23 25.03 -51.07
C PHE J 127 5.76 24.86 -52.52
N SER J 128 6.62 25.21 -53.49
CA SER J 128 6.20 25.17 -54.90
C SER J 128 6.55 23.99 -55.82
N ALA J 129 7.79 23.52 -55.75
CA ALA J 129 8.31 22.43 -56.58
C ALA J 129 7.43 21.19 -56.71
N MET J 130 7.04 20.88 -57.94
CA MET J 130 6.20 19.71 -58.21
C MET J 130 7.08 18.54 -58.66
N VAL J 131 7.20 17.55 -57.78
CA VAL J 131 8.02 16.37 -58.04
C VAL J 131 7.19 15.26 -58.66
N MET J 132 7.70 14.69 -59.75
CA MET J 132 7.05 13.59 -60.46
C MET J 132 8.08 12.50 -60.76
N ARG J 133 7.81 11.27 -60.34
CA ARG J 133 8.73 10.16 -60.58
C ARG J 133 8.52 9.62 -61.99
N LYS J 134 9.60 9.20 -62.63
CA LYS J 134 9.49 8.66 -63.98
C LYS J 134 8.66 7.37 -63.93
N PRO J 135 8.00 7.02 -65.04
CA PRO J 135 7.99 7.73 -66.32
C PRO J 135 6.97 8.85 -66.47
N ALA J 136 6.59 9.48 -65.37
CA ALA J 136 5.62 10.58 -65.43
C ALA J 136 6.07 11.66 -66.41
N ASP J 137 7.38 11.79 -66.56
CA ASP J 137 7.97 12.77 -67.46
C ASP J 137 7.46 12.59 -68.89
N VAL J 138 7.06 11.37 -69.24
CA VAL J 138 6.53 11.11 -70.58
C VAL J 138 5.28 11.97 -70.78
N PHE J 139 4.46 12.05 -69.73
CA PHE J 139 3.25 12.86 -69.79
C PHE J 139 3.58 14.34 -69.80
N LEU J 140 4.54 14.74 -68.97
CA LEU J 140 4.93 16.14 -68.92
C LEU J 140 5.38 16.56 -70.31
N ASP J 141 6.06 15.66 -71.01
CA ASP J 141 6.51 15.96 -72.37
C ASP J 141 5.28 16.20 -73.26
N GLU J 142 4.30 15.32 -73.13
CA GLU J 142 3.07 15.41 -73.90
C GLU J 142 2.40 16.77 -73.80
N VAL J 143 2.10 17.19 -72.57
CA VAL J 143 1.43 18.46 -72.31
C VAL J 143 2.36 19.65 -72.44
N GLY J 144 3.62 19.41 -72.73
CA GLY J 144 4.57 20.51 -72.89
C GLY J 144 4.91 21.29 -71.64
N VAL J 145 5.28 20.59 -70.57
CA VAL J 145 5.65 21.23 -69.32
C VAL J 145 7.12 20.95 -69.01
N PRO J 146 7.98 22.00 -69.06
CA PRO J 146 9.41 21.85 -68.78
C PRO J 146 9.66 21.30 -67.39
N TYR J 147 10.89 20.85 -67.14
CA TYR J 147 11.24 20.29 -65.85
C TYR J 147 12.72 19.98 -65.75
N GLU J 148 13.20 19.70 -64.54
CA GLU J 148 14.60 19.33 -64.34
C GLU J 148 14.62 17.83 -64.11
N ASP J 149 15.54 17.15 -64.79
CA ASP J 149 15.67 15.71 -64.65
C ASP J 149 16.69 15.43 -63.55
N GLU J 150 16.33 14.56 -62.61
CA GLU J 150 17.24 14.22 -61.50
C GLU J 150 17.53 12.73 -61.50
N GLY J 151 17.22 12.07 -62.60
CA GLY J 151 17.46 10.65 -62.68
C GLY J 151 16.14 9.93 -62.54
N ASP J 152 15.86 9.39 -61.36
CA ASP J 152 14.61 8.67 -61.16
C ASP J 152 13.37 9.56 -61.14
N TYR J 153 13.57 10.87 -61.10
CA TYR J 153 12.43 11.77 -61.08
C TYR J 153 12.75 13.10 -61.74
N VAL J 154 11.70 13.86 -62.03
CA VAL J 154 11.85 15.17 -62.64
C VAL J 154 11.17 16.16 -61.70
N VAL J 155 11.58 17.42 -61.77
CA VAL J 155 11.02 18.46 -60.92
C VAL J 155 10.52 19.64 -61.75
N VAL J 156 9.24 19.99 -61.62
CA VAL J 156 8.69 21.13 -62.35
C VAL J 156 8.80 22.39 -61.48
N LYS J 157 9.35 23.46 -62.07
CA LYS J 157 9.57 24.75 -61.39
C LYS J 157 8.53 25.11 -60.34
N HIS J 158 7.26 25.04 -60.71
CA HIS J 158 6.16 25.37 -59.81
C HIS J 158 4.98 24.47 -60.13
N ALA J 159 4.36 23.90 -59.09
CA ALA J 159 3.21 23.03 -59.30
C ALA J 159 2.22 23.75 -60.22
N ALA J 160 2.06 25.05 -59.97
CA ALA J 160 1.17 25.89 -60.75
C ALA J 160 1.48 25.96 -62.24
N LEU J 161 2.75 25.78 -62.62
CA LEU J 161 3.11 25.82 -64.03
C LEU J 161 2.45 24.67 -64.77
N PHE J 162 2.43 23.51 -64.12
CA PHE J 162 1.83 22.31 -64.67
C PHE J 162 0.32 22.50 -64.78
N THR J 163 -0.31 22.77 -63.64
CA THR J 163 -1.74 22.97 -63.57
C THR J 163 -2.32 23.99 -64.57
N SER J 164 -1.63 25.12 -64.74
CA SER J 164 -2.09 26.15 -65.67
C SER J 164 -1.94 25.75 -67.14
N THR J 165 -0.89 25.04 -67.47
CA THR J 165 -0.68 24.62 -68.84
C THR J 165 -1.72 23.59 -69.25
N VAL J 166 -1.77 22.49 -68.51
CA VAL J 166 -2.73 21.44 -68.81
C VAL J 166 -4.14 22.03 -68.88
N LEU J 167 -4.47 22.84 -67.89
CA LEU J 167 -5.77 23.48 -67.82
C LEU J 167 -6.06 24.29 -69.07
N SER J 168 -5.06 25.04 -69.51
CA SER J 168 -5.19 25.88 -70.71
C SER J 168 -5.40 25.04 -71.97
N LYS J 169 -4.64 23.96 -72.09
CA LYS J 169 -4.75 23.10 -73.26
C LYS J 169 -6.06 22.33 -73.23
N VAL J 170 -6.48 21.90 -72.05
CA VAL J 170 -7.73 21.17 -71.91
C VAL J 170 -8.89 22.08 -72.32
N LEU J 171 -8.86 23.32 -71.86
CA LEU J 171 -9.91 24.29 -72.13
C LEU J 171 -9.99 24.77 -73.57
N GLN J 172 -8.87 24.66 -74.29
CA GLN J 172 -8.85 25.10 -75.68
C GLN J 172 -9.63 24.14 -76.57
N ARG J 173 -9.74 22.90 -76.13
CA ARG J 173 -10.46 21.87 -76.88
C ARG J 173 -11.89 22.30 -77.17
N PRO J 174 -12.34 22.10 -78.41
CA PRO J 174 -13.71 22.51 -78.71
C PRO J 174 -14.78 21.58 -78.14
N ASN J 175 -14.37 20.43 -77.63
CA ASN J 175 -15.33 19.46 -77.10
C ASN J 175 -15.34 19.34 -75.58
N VAL J 176 -14.69 20.29 -74.91
CA VAL J 176 -14.62 20.29 -73.46
C VAL J 176 -15.32 21.51 -72.88
N LYS J 177 -16.03 21.28 -71.78
CA LYS J 177 -16.73 22.37 -71.09
C LYS J 177 -16.38 22.29 -69.61
N LEU J 178 -15.97 23.41 -69.02
CA LEU J 178 -15.65 23.42 -67.60
C LEU J 178 -16.73 24.10 -66.76
N PHE J 179 -17.54 23.29 -66.09
CA PHE J 179 -18.58 23.82 -65.21
C PHE J 179 -17.99 23.94 -63.81
N ASN J 180 -17.28 25.04 -63.54
CA ASN J 180 -16.69 25.25 -62.23
C ASN J 180 -17.69 25.90 -61.30
N ALA J 181 -17.34 25.99 -60.02
CA ALA J 181 -18.22 26.56 -59.00
C ALA J 181 -19.47 25.71 -58.88
N THR J 182 -19.40 24.50 -59.45
CA THR J 182 -20.52 23.56 -59.45
C THR J 182 -20.09 22.27 -58.74
N THR J 183 -20.95 21.76 -57.88
CA THR J 183 -20.63 20.55 -57.13
C THR J 183 -21.55 19.38 -57.45
N VAL J 184 -21.00 18.17 -57.39
CA VAL J 184 -21.82 16.98 -57.62
C VAL J 184 -22.33 16.55 -56.24
N GLU J 185 -23.63 16.72 -56.02
CA GLU J 185 -24.25 16.37 -54.74
C GLU J 185 -24.62 14.90 -54.64
N ASP J 186 -24.94 14.28 -55.77
CA ASP J 186 -25.30 12.87 -55.77
C ASP J 186 -25.04 12.29 -57.15
N LEU J 187 -25.45 11.04 -57.34
CA LEU J 187 -25.26 10.35 -58.60
C LEU J 187 -26.58 9.88 -59.17
N ILE J 188 -26.70 9.89 -60.49
CA ILE J 188 -27.90 9.39 -61.13
C ILE J 188 -27.69 7.89 -61.26
N THR J 189 -28.64 7.11 -60.76
CA THR J 189 -28.50 5.66 -60.81
C THR J 189 -29.58 4.98 -61.64
N ARG J 190 -29.26 3.78 -62.10
CA ARG J 190 -30.16 2.95 -62.89
C ARG J 190 -29.98 1.52 -62.39
N LYS J 191 -31.00 0.69 -62.55
CA LYS J 191 -30.93 -0.69 -62.10
C LYS J 191 -30.05 -1.55 -63.00
N HIS J 192 -29.21 -2.39 -62.38
CA HIS J 192 -28.30 -3.30 -63.08
C HIS J 192 -27.22 -2.57 -63.91
N LYS J 210 -27.37 -4.45 -57.50
CA LYS J 210 -26.28 -3.76 -58.17
C LYS J 210 -26.85 -2.67 -59.07
N VAL J 211 -26.15 -1.54 -59.16
CA VAL J 211 -26.62 -0.42 -59.96
C VAL J 211 -25.60 0.07 -60.97
N ARG J 212 -26.11 0.82 -61.95
CA ARG J 212 -25.28 1.43 -62.98
C ARG J 212 -25.37 2.92 -62.76
N ILE J 213 -24.24 3.61 -62.81
CA ILE J 213 -24.22 5.06 -62.62
C ILE J 213 -24.46 5.69 -63.99
N ALA J 214 -25.51 6.48 -64.12
CA ALA J 214 -25.84 7.09 -65.40
C ALA J 214 -25.87 8.62 -65.39
N GLY J 215 -25.11 9.25 -64.50
CA GLY J 215 -25.12 10.69 -64.49
C GLY J 215 -24.87 11.28 -63.13
N VAL J 216 -24.89 12.60 -63.07
CA VAL J 216 -24.64 13.32 -61.81
C VAL J 216 -25.70 14.35 -61.43
N VAL J 217 -25.92 14.48 -60.13
CA VAL J 217 -26.85 15.43 -59.59
C VAL J 217 -25.95 16.62 -59.22
N THR J 218 -26.22 17.75 -59.83
CA THR J 218 -25.40 18.95 -59.63
C THR J 218 -26.11 20.07 -58.92
N ASN J 219 -25.31 21.06 -58.53
CA ASN J 219 -25.80 22.25 -57.84
C ASN J 219 -24.65 23.24 -57.63
N TRP J 220 -25.00 24.51 -57.43
CA TRP J 220 -23.98 25.52 -57.20
C TRP J 220 -23.26 25.11 -55.91
N THR J 221 -21.94 25.11 -55.94
CA THR J 221 -21.16 24.71 -54.78
C THR J 221 -21.62 25.40 -53.50
N LEU J 222 -21.79 26.71 -53.56
CA LEU J 222 -22.24 27.47 -52.41
C LEU J 222 -23.61 26.99 -51.92
N VAL J 223 -24.43 26.49 -52.83
CA VAL J 223 -25.75 25.99 -52.45
C VAL J 223 -25.58 24.64 -51.76
N SER J 224 -24.65 23.84 -52.25
CA SER J 224 -24.39 22.53 -51.66
C SER J 224 -23.80 22.66 -50.26
N MET J 225 -23.23 23.82 -49.97
CA MET J 225 -22.62 24.07 -48.66
C MET J 225 -23.56 24.77 -47.68
N HIS J 226 -24.73 25.18 -48.14
CA HIS J 226 -25.68 25.86 -47.26
C HIS J 226 -27.11 25.31 -47.36
N HIS J 227 -27.24 23.99 -47.36
CA HIS J 227 -28.55 23.37 -47.44
C HIS J 227 -29.28 23.48 -46.11
N ASP J 228 -28.92 24.47 -45.30
CA ASP J 228 -29.54 24.70 -44.00
C ASP J 228 -29.80 26.18 -43.82
N ASP J 229 -28.86 26.97 -44.35
CA ASP J 229 -28.90 28.43 -44.29
C ASP J 229 -29.93 29.06 -45.22
N GLN J 230 -30.87 28.24 -45.71
CA GLN J 230 -31.95 28.70 -46.60
C GLN J 230 -33.04 27.62 -46.66
N SER J 231 -34.04 27.87 -47.51
CA SER J 231 -35.14 26.92 -47.71
C SER J 231 -34.65 25.90 -48.73
N MET J 233 -33.38 23.92 -51.72
CA MET J 233 -32.86 24.28 -53.03
C MET J 233 -32.49 23.02 -53.81
N ASP J 234 -33.43 22.57 -54.65
CA ASP J 234 -33.23 21.36 -55.45
C ASP J 234 -32.06 21.46 -56.41
N PRO J 235 -31.39 20.33 -56.68
CA PRO J 235 -30.25 20.30 -57.59
C PRO J 235 -30.67 20.14 -59.05
N ASN J 236 -29.68 20.07 -59.95
CA ASN J 236 -29.95 19.89 -61.37
C ASN J 236 -29.37 18.55 -61.74
N THR J 237 -29.38 18.19 -63.03
CA THR J 237 -28.88 16.88 -63.45
C THR J 237 -28.15 16.83 -64.79
N ILE J 238 -27.29 15.81 -64.92
CA ILE J 238 -26.53 15.56 -66.15
C ILE J 238 -26.49 14.05 -66.43
N ASN J 239 -27.15 13.63 -67.51
CA ASN J 239 -27.16 12.23 -67.89
C ASN J 239 -25.92 11.96 -68.73
N ALA J 240 -25.27 10.85 -68.44
CA ALA J 240 -24.05 10.44 -69.15
C ALA J 240 -23.83 8.95 -68.95
N PRO J 241 -23.35 8.23 -69.98
CA PRO J 241 -23.11 6.78 -69.89
C PRO J 241 -21.86 6.40 -69.10
N VAL J 242 -20.94 7.35 -68.91
CA VAL J 242 -19.74 7.07 -68.13
C VAL J 242 -19.25 8.28 -67.35
N ILE J 243 -19.10 8.09 -66.05
CA ILE J 243 -18.65 9.14 -65.16
C ILE J 243 -17.27 8.81 -64.62
N ILE J 244 -16.36 9.76 -64.75
CA ILE J 244 -15.00 9.62 -64.25
C ILE J 244 -14.92 10.46 -62.99
N SER J 245 -14.91 9.80 -61.84
CA SER J 245 -14.83 10.54 -60.61
C SER J 245 -13.42 10.63 -60.10
N THR J 246 -12.97 11.86 -59.88
CA THR J 246 -11.64 12.11 -59.35
C THR J 246 -11.76 13.31 -58.42
N THR J 247 -12.17 13.06 -57.20
CA THR J 247 -12.36 14.15 -56.25
C THR J 247 -11.49 14.08 -55.02
N GLY J 248 -10.24 13.64 -55.19
CA GLY J 248 -9.33 13.56 -54.06
C GLY J 248 -9.77 12.59 -52.99
N HIS J 249 -9.02 12.55 -51.89
CA HIS J 249 -9.34 11.65 -50.78
C HIS J 249 -10.28 12.28 -49.75
N ASP J 250 -11.00 11.41 -49.04
CA ASP J 250 -11.99 11.80 -48.03
C ASP J 250 -11.69 13.11 -47.34
N GLY J 251 -12.77 13.82 -47.02
CA GLY J 251 -12.71 15.12 -46.36
C GLY J 251 -14.08 15.76 -46.58
N PRO J 252 -14.21 17.07 -46.34
CA PRO J 252 -15.53 17.70 -46.55
C PRO J 252 -15.99 17.61 -48.01
N PHE J 253 -15.09 17.95 -48.93
CA PHE J 253 -15.43 17.90 -50.35
C PHE J 253 -15.09 16.54 -50.99
N GLY J 254 -13.85 16.10 -50.74
CA GLY J 254 -13.32 14.86 -51.31
C GLY J 254 -14.00 13.49 -51.25
N ALA J 255 -13.43 12.58 -52.05
CA ALA J 255 -13.88 11.18 -52.18
C ALA J 255 -15.40 11.05 -52.26
N PHE J 256 -16.01 11.82 -53.15
CA PHE J 256 -17.47 11.79 -53.27
C PHE J 256 -18.15 10.52 -53.73
N SER J 257 -17.85 10.08 -54.96
CA SER J 257 -18.48 8.89 -55.52
C SER J 257 -18.29 7.63 -54.70
N VAL J 258 -17.08 7.40 -54.22
CA VAL J 258 -16.80 6.22 -53.42
C VAL J 258 -17.66 6.26 -52.15
N LYS J 259 -17.65 7.38 -51.45
CA LYS J 259 -18.43 7.53 -50.24
C LYS J 259 -19.92 7.33 -50.49
N ARG J 260 -20.40 7.87 -51.60
CA ARG J 260 -21.81 7.76 -51.99
C ARG J 260 -22.21 6.33 -52.32
N LEU J 261 -21.25 5.53 -52.78
CA LEU J 261 -21.54 4.13 -53.08
C LEU J 261 -21.89 3.42 -51.79
N VAL J 262 -21.33 3.91 -50.68
CA VAL J 262 -21.60 3.32 -49.38
C VAL J 262 -22.97 3.78 -48.86
N SER J 263 -23.24 5.08 -48.89
CA SER J 263 -24.53 5.59 -48.41
C SER J 263 -25.69 5.08 -49.27
N MET J 264 -25.39 4.63 -50.48
CA MET J 264 -26.42 4.09 -51.37
C MET J 264 -26.54 2.58 -51.14
N LYS J 265 -25.76 2.09 -50.18
CA LYS J 265 -25.74 0.68 -49.80
C LYS J 265 -25.23 -0.24 -50.92
N GLN J 266 -24.21 0.21 -51.65
CA GLN J 266 -23.63 -0.60 -52.72
C GLN J 266 -22.26 -1.10 -52.28
N MET J 267 -21.78 -0.57 -51.15
CA MET J 267 -20.48 -0.93 -50.61
C MET J 267 -20.54 -1.18 -49.12
N GLU J 268 -19.65 -2.05 -48.65
CA GLU J 268 -19.56 -2.42 -47.24
C GLU J 268 -19.00 -1.31 -46.38
N ARG J 269 -18.03 -0.60 -46.91
CA ARG J 269 -17.39 0.49 -46.18
C ARG J 269 -16.25 0.94 -47.05
N LEU J 270 -15.40 1.80 -46.50
CA LEU J 270 -14.25 2.31 -47.22
C LEU J 270 -13.01 1.83 -46.47
N ASN J 271 -12.17 1.04 -47.14
CA ASN J 271 -10.96 0.55 -46.49
C ASN J 271 -10.22 1.75 -45.90
N GLY J 272 -10.37 2.89 -46.58
CA GLY J 272 -9.76 4.13 -46.12
C GLY J 272 -8.31 4.34 -46.53
N MET J 273 -7.99 5.57 -46.88
CA MET J 273 -6.63 5.94 -47.25
C MET J 273 -5.68 5.55 -46.12
N ARG J 274 -4.56 4.91 -46.46
CA ARG J 274 -3.59 4.48 -45.47
C ARG J 274 -2.39 5.40 -45.40
N GLY J 275 -1.44 5.04 -44.54
CA GLY J 275 -0.23 5.82 -44.36
C GLY J 275 0.51 6.20 -45.63
N LEU J 276 1.48 7.09 -45.48
CA LEU J 276 2.27 7.55 -46.61
C LEU J 276 3.45 6.60 -46.85
N ASP J 277 3.52 6.09 -48.08
CA ASP J 277 4.53 5.15 -48.54
C ASP J 277 4.51 5.31 -50.05
N MET J 278 5.12 6.39 -50.54
CA MET J 278 5.16 6.71 -51.97
C MET J 278 5.41 5.55 -52.91
N GLN J 279 6.43 4.76 -52.64
CA GLN J 279 6.74 3.65 -53.52
C GLN J 279 5.62 2.65 -53.72
N SER J 280 5.00 2.19 -52.65
CA SER J 280 3.92 1.23 -52.84
C SER J 280 2.62 1.94 -53.24
N ALA J 281 2.47 3.19 -52.80
CA ALA J 281 1.28 3.98 -53.08
C ALA J 281 1.03 4.36 -54.55
N GLU J 282 1.94 5.11 -55.17
CA GLU J 282 1.74 5.54 -56.56
C GLU J 282 1.49 4.44 -57.59
N ASP J 283 2.18 3.30 -57.46
CA ASP J 283 1.97 2.20 -58.39
C ASP J 283 0.53 1.73 -58.24
N ALA J 284 0.09 1.66 -56.98
CA ALA J 284 -1.26 1.22 -56.67
C ALA J 284 -2.30 2.08 -57.35
N ILE J 285 -2.31 3.37 -57.03
CA ILE J 285 -3.26 4.29 -57.62
C ILE J 285 -3.40 4.12 -59.13
N VAL J 286 -2.26 4.18 -59.83
CA VAL J 286 -2.26 4.04 -61.28
C VAL J 286 -2.82 2.74 -61.80
N ASN J 287 -2.23 1.62 -61.39
CA ASN J 287 -2.65 0.32 -61.88
C ASN J 287 -4.05 -0.16 -61.53
N ASN J 288 -4.70 0.49 -60.57
CA ASN J 288 -6.05 0.10 -60.19
C ASN J 288 -7.12 1.11 -60.59
N THR J 289 -6.72 2.14 -61.33
CA THR J 289 -7.67 3.14 -61.79
C THR J 289 -8.52 2.37 -62.80
N ARG J 290 -9.82 2.29 -62.54
CA ARG J 290 -10.71 1.56 -63.44
C ARG J 290 -12.18 1.74 -63.14
N GLU J 291 -13.02 1.07 -63.92
CA GLU J 291 -14.46 1.14 -63.71
C GLU J 291 -14.79 0.37 -62.44
N ILE J 292 -15.23 1.09 -61.42
CA ILE J 292 -15.59 0.50 -60.15
C ILE J 292 -16.94 -0.19 -60.23
N VAL J 293 -17.86 0.49 -60.90
CA VAL J 293 -19.23 0.05 -61.09
C VAL J 293 -19.57 0.44 -62.52
N PRO J 294 -20.49 -0.28 -63.18
CA PRO J 294 -20.80 0.12 -64.56
C PRO J 294 -21.08 1.62 -64.66
N GLY J 295 -20.38 2.30 -65.56
CA GLY J 295 -20.57 3.73 -65.74
C GLY J 295 -19.82 4.61 -64.76
N LEU J 296 -19.15 4.00 -63.77
CA LEU J 296 -18.40 4.77 -62.79
C LEU J 296 -16.94 4.40 -62.64
N ILE J 297 -16.08 5.28 -63.15
CA ILE J 297 -14.62 5.11 -63.09
C ILE J 297 -14.06 6.00 -61.99
N VAL J 298 -13.22 5.45 -61.11
CA VAL J 298 -12.63 6.26 -60.06
C VAL J 298 -11.12 6.29 -60.25
N GLY J 299 -10.51 7.45 -60.02
CA GLY J 299 -9.07 7.59 -60.17
C GLY J 299 -8.49 8.64 -59.23
N GLY J 300 -7.18 8.84 -59.29
CA GLY J 300 -6.56 9.83 -58.42
C GLY J 300 -6.63 9.40 -56.96
N MET J 301 -6.47 10.34 -56.05
CA MET J 301 -6.50 9.96 -54.65
C MET J 301 -7.84 9.46 -54.15
N GLU J 302 -8.91 9.74 -54.89
CA GLU J 302 -10.22 9.25 -54.47
C GLU J 302 -10.14 7.73 -54.44
N LEU J 303 -9.42 7.17 -55.40
CA LEU J 303 -9.28 5.74 -55.48
C LEU J 303 -8.68 5.19 -54.20
N SER J 304 -7.78 5.95 -53.58
CA SER J 304 -7.11 5.51 -52.35
C SER J 304 -8.11 5.19 -51.23
N GLU J 305 -9.21 5.92 -51.21
CA GLU J 305 -10.23 5.70 -50.17
C GLU J 305 -10.93 4.36 -50.33
N ILE J 306 -11.35 4.03 -51.54
CA ILE J 306 -12.05 2.78 -51.76
C ILE J 306 -11.12 1.56 -51.75
N ASP J 307 -9.95 1.67 -52.39
CA ASP J 307 -9.02 0.54 -52.41
C ASP J 307 -8.20 0.42 -51.14
N GLY J 308 -8.25 1.46 -50.30
CA GLY J 308 -7.50 1.44 -49.06
C GLY J 308 -6.02 1.31 -49.35
N ALA J 309 -5.48 2.26 -50.08
CA ALA J 309 -4.06 2.26 -50.43
C ALA J 309 -3.29 3.33 -49.67
N ASN J 310 -1.96 3.21 -49.69
CA ASN J 310 -1.09 4.18 -49.03
C ASN J 310 -1.17 5.47 -49.85
N ARG J 311 -0.79 6.58 -49.22
CA ARG J 311 -0.80 7.89 -49.87
C ARG J 311 0.63 8.24 -50.31
N MET J 312 0.78 9.18 -51.24
CA MET J 312 2.12 9.54 -51.70
C MET J 312 2.63 10.90 -51.22
N GLY J 313 1.71 11.79 -50.86
CA GLY J 313 2.13 13.10 -50.41
C GLY J 313 2.42 13.97 -51.60
N PRO J 314 3.36 14.93 -51.46
CA PRO J 314 3.79 15.89 -52.47
C PRO J 314 4.53 15.39 -53.72
N THR J 315 3.96 14.39 -54.41
CA THR J 315 4.53 13.86 -55.67
C THR J 315 3.32 13.58 -56.55
N PHE J 316 3.37 14.07 -57.79
CA PHE J 316 2.23 13.92 -58.70
C PHE J 316 2.35 12.95 -59.88
N GLY J 317 3.32 12.05 -59.86
CA GLY J 317 3.42 11.12 -60.98
C GLY J 317 2.13 10.32 -61.14
N ALA J 318 1.73 9.66 -60.06
CA ALA J 318 0.53 8.84 -60.05
C ALA J 318 -0.69 9.59 -60.54
N MET J 319 -0.96 10.74 -59.96
CA MET J 319 -2.10 11.54 -60.35
C MET J 319 -2.20 11.70 -61.87
N ALA J 320 -1.07 12.02 -62.50
CA ALA J 320 -1.01 12.20 -63.94
C ALA J 320 -1.31 10.89 -64.67
N LEU J 321 -0.48 9.88 -64.45
CA LEU J 321 -0.68 8.59 -65.11
C LEU J 321 -2.03 7.95 -64.74
N SER J 322 -2.51 8.21 -63.53
CA SER J 322 -3.80 7.67 -63.11
C SER J 322 -4.88 8.30 -63.97
N GLY J 323 -4.63 9.54 -64.39
CA GLY J 323 -5.59 10.25 -65.22
C GLY J 323 -5.57 9.68 -66.63
N VAL J 324 -4.37 9.37 -67.11
CA VAL J 324 -4.22 8.78 -68.43
C VAL J 324 -4.93 7.43 -68.44
N LYS J 325 -4.79 6.69 -67.34
CA LYS J 325 -5.43 5.39 -67.24
C LYS J 325 -6.93 5.57 -67.17
N ALA J 326 -7.37 6.60 -66.47
CA ALA J 326 -8.80 6.85 -66.35
C ALA J 326 -9.35 7.11 -67.74
N ALA J 327 -8.67 8.00 -68.48
CA ALA J 327 -9.12 8.33 -69.83
C ALA J 327 -9.28 7.04 -70.66
N HIS J 328 -8.34 6.13 -70.50
CA HIS J 328 -8.36 4.86 -71.23
C HIS J 328 -9.61 4.04 -70.89
N GLU J 329 -9.84 3.81 -69.60
CA GLU J 329 -10.99 3.06 -69.12
C GLU J 329 -12.28 3.57 -69.71
N ALA J 330 -12.43 4.89 -69.72
CA ALA J 330 -13.62 5.53 -70.27
C ALA J 330 -13.84 5.11 -71.73
N ILE J 331 -12.77 5.08 -72.52
CA ILE J 331 -12.87 4.70 -73.91
C ILE J 331 -13.23 3.22 -74.02
N ARG J 332 -12.48 2.39 -73.30
CA ARG J 332 -12.72 0.95 -73.31
C ARG J 332 -14.21 0.65 -73.10
N VAL J 333 -14.71 1.16 -71.98
CA VAL J 333 -16.08 0.98 -71.55
C VAL J 333 -17.16 1.82 -72.25
N PHE J 334 -16.76 2.89 -72.95
CA PHE J 334 -17.76 3.77 -73.56
C PHE J 334 -18.89 3.20 -74.40
N ASP J 335 -18.59 2.46 -75.44
CA ASP J 335 -19.66 1.92 -76.29
C ASP J 335 -20.68 1.09 -75.50
N LEU J 336 -20.20 0.22 -74.63
CA LEU J 336 -21.10 -0.61 -73.85
C LEU J 336 -22.05 0.24 -73.00
N ARG J 337 -21.50 1.16 -72.21
CA ARG J 337 -22.33 1.99 -71.36
C ARG J 337 -23.24 2.89 -72.17
N LYS J 338 -22.71 3.45 -73.25
CA LYS J 338 -23.51 4.33 -74.10
C LYS J 338 -24.76 3.61 -74.59
N ALA J 339 -24.59 2.37 -75.03
CA ALA J 339 -25.70 1.57 -75.52
C ALA J 339 -26.72 1.31 -74.42
N GLN J 340 -26.26 0.81 -73.28
CA GLN J 340 -27.11 0.51 -72.14
C GLN J 340 -27.84 1.75 -71.63
N ASN J 341 -27.31 2.93 -71.93
CA ASN J 341 -27.93 4.16 -71.44
C ASN J 341 -29.01 4.75 -72.35
N ASP J 342 -28.89 4.55 -73.68
CA ASP J 342 -29.89 5.09 -74.59
C ASP J 342 -31.09 4.16 -74.75
N GLY K 35 -3.18 14.18 -82.37
CA GLY K 35 -2.83 12.90 -81.70
C GLY K 35 -1.89 13.06 -80.52
N LEU K 36 -1.77 12.01 -79.71
CA LEU K 36 -0.89 12.03 -78.55
C LEU K 36 0.53 11.68 -78.96
N SER K 37 1.47 11.75 -78.02
CA SER K 37 2.86 11.44 -78.31
C SER K 37 3.04 9.93 -78.39
N LYS K 38 3.96 9.49 -79.23
CA LYS K 38 4.22 8.06 -79.35
C LYS K 38 4.67 7.51 -78.02
N PRO K 39 5.54 8.24 -77.29
CA PRO K 39 5.99 7.74 -75.99
C PRO K 39 4.80 7.47 -75.07
N LEU K 40 3.88 8.43 -75.01
CA LEU K 40 2.70 8.27 -74.18
C LEU K 40 1.82 7.14 -74.71
N LEU K 41 1.56 7.13 -76.02
CA LEU K 41 0.74 6.08 -76.64
C LEU K 41 1.32 4.70 -76.35
N GLU K 42 2.63 4.63 -76.22
CA GLU K 42 3.27 3.36 -75.92
C GLU K 42 3.14 3.01 -74.45
N LEU K 43 3.06 4.02 -73.61
CA LEU K 43 2.96 3.82 -72.16
C LEU K 43 1.58 3.36 -71.69
N MET K 44 0.54 3.94 -72.27
CA MET K 44 -0.84 3.61 -71.90
C MET K 44 -1.18 2.13 -71.71
N PRO K 45 -0.90 1.27 -72.70
CA PRO K 45 -1.22 -0.16 -72.57
C PRO K 45 -0.58 -0.77 -71.33
N THR K 46 0.47 -0.12 -70.83
CA THR K 46 1.20 -0.57 -69.67
C THR K 46 0.46 -0.32 -68.36
N LEU K 47 -0.26 0.79 -68.30
CA LEU K 47 -0.99 1.17 -67.09
C LEU K 47 -2.13 0.22 -66.75
N GLY K 48 -2.00 -0.47 -65.62
CA GLY K 48 -3.02 -1.41 -65.22
C GLY K 48 -2.48 -2.82 -65.21
N THR K 49 -1.20 -2.96 -65.55
CA THR K 49 -0.55 -4.26 -65.58
C THR K 49 0.63 -4.26 -64.59
N ASP K 50 1.00 -5.43 -64.10
CA ASP K 50 2.11 -5.55 -63.16
C ASP K 50 3.38 -5.08 -63.83
N ALA K 51 3.29 -4.70 -65.09
CA ALA K 51 4.45 -4.22 -65.83
C ALA K 51 4.73 -2.78 -65.45
N PHE K 52 3.67 -2.00 -65.25
CA PHE K 52 3.88 -0.62 -64.90
C PHE K 52 4.34 -0.39 -63.48
N THR K 53 5.39 0.41 -63.34
CA THR K 53 5.91 0.73 -62.03
C THR K 53 6.72 2.01 -62.10
N PHE K 54 6.66 2.80 -61.04
CA PHE K 54 7.43 4.04 -60.98
C PHE K 54 8.84 3.77 -60.48
N SER K 55 9.76 4.65 -60.86
CA SER K 55 11.14 4.52 -60.44
C SER K 55 11.21 4.61 -58.92
N PRO K 56 12.30 4.12 -58.33
CA PRO K 56 12.46 4.14 -56.87
C PRO K 56 12.41 5.56 -56.28
N ILE K 57 12.17 5.64 -54.98
CA ILE K 57 12.13 6.91 -54.28
C ILE K 57 12.07 6.75 -52.77
N ARG K 58 12.65 7.74 -52.10
CA ARG K 58 12.72 7.84 -50.65
C ARG K 58 12.04 9.20 -50.42
N GLU K 59 11.13 9.28 -49.46
CA GLU K 59 10.42 10.53 -49.21
C GLU K 59 11.33 11.74 -49.03
N SER K 60 12.41 11.57 -48.26
CA SER K 60 13.35 12.67 -48.02
C SER K 60 13.89 13.28 -49.33
N THR K 61 13.91 12.48 -50.40
CA THR K 61 14.39 12.97 -51.68
C THR K 61 13.41 14.05 -52.18
N VAL K 62 12.12 13.73 -52.11
CA VAL K 62 11.06 14.65 -52.52
C VAL K 62 11.04 15.92 -51.66
N SER K 63 11.23 15.74 -50.35
CA SER K 63 11.24 16.85 -49.41
C SER K 63 12.38 17.79 -49.71
N ARG K 64 13.57 17.22 -49.83
CA ARG K 64 14.75 18.01 -50.12
C ARG K 64 14.63 18.73 -51.46
N ALA K 65 14.02 18.05 -52.43
CA ALA K 65 13.82 18.61 -53.76
C ALA K 65 13.04 19.91 -53.68
N MET K 66 12.01 19.91 -52.84
CA MET K 66 11.15 21.07 -52.68
C MET K 66 11.73 22.14 -51.76
N THR K 67 12.21 21.73 -50.59
CA THR K 67 12.76 22.69 -49.62
C THR K 67 13.97 23.44 -50.15
N ARG K 68 14.90 22.70 -50.74
CA ARG K 68 16.12 23.28 -51.30
C ARG K 68 15.77 24.40 -52.26
N ARG K 69 14.83 24.11 -53.17
CA ARG K 69 14.42 25.08 -54.16
C ARG K 69 13.64 26.25 -53.57
N TYR K 70 12.83 25.97 -52.56
CA TYR K 70 12.06 27.05 -51.97
C TYR K 70 12.99 28.03 -51.24
N PHE K 71 13.86 27.53 -50.37
CA PHE K 71 14.78 28.43 -49.69
C PHE K 71 15.53 29.22 -50.76
N ALA K 72 15.83 28.54 -51.86
CA ALA K 72 16.53 29.20 -52.95
C ALA K 72 15.72 30.41 -53.39
N ASP K 73 14.42 30.25 -53.56
CA ASP K 73 13.59 31.37 -53.97
C ASP K 73 13.51 32.44 -52.88
N LEU K 74 13.55 32.00 -51.63
CA LEU K 74 13.48 32.93 -50.52
C LEU K 74 14.73 33.80 -50.44
N ASP K 75 15.88 33.16 -50.61
CA ASP K 75 17.16 33.85 -50.57
C ASP K 75 17.16 34.92 -51.64
N ALA K 76 16.96 34.49 -52.89
CA ALA K 76 16.96 35.37 -54.06
C ALA K 76 15.96 36.53 -54.05
N HIS K 77 14.72 36.27 -53.65
CA HIS K 77 13.70 37.32 -53.65
C HIS K 77 13.57 38.19 -52.40
N ALA K 78 14.30 37.87 -51.34
CA ALA K 78 14.24 38.68 -50.12
C ALA K 78 14.55 40.11 -50.52
N GLU K 79 15.39 40.24 -51.53
CA GLU K 79 15.79 41.52 -52.08
C GLU K 79 15.56 41.31 -53.58
N THR K 80 14.54 41.95 -54.14
CA THR K 80 14.22 41.77 -55.55
C THR K 80 14.04 43.12 -56.24
N ASP K 81 13.62 43.10 -57.50
CA ASP K 81 13.43 44.34 -58.26
C ASP K 81 12.01 44.87 -58.20
N ILE K 82 11.06 44.07 -58.67
CA ILE K 82 9.67 44.49 -58.67
C ILE K 82 8.76 43.47 -57.97
N VAL K 83 7.92 43.96 -57.07
CA VAL K 83 6.97 43.07 -56.38
C VAL K 83 5.58 43.30 -56.94
N ILE K 84 4.85 42.22 -57.20
CA ILE K 84 3.49 42.32 -57.69
C ILE K 84 2.57 41.61 -56.67
N VAL K 85 1.80 42.41 -55.95
CA VAL K 85 0.86 41.88 -54.94
C VAL K 85 -0.51 41.71 -55.60
N GLY K 86 -0.96 40.46 -55.71
CA GLY K 86 -2.26 40.19 -56.32
C GLY K 86 -2.15 39.51 -57.68
N ALA K 87 -2.26 38.18 -57.69
CA ALA K 87 -2.18 37.42 -58.94
C ALA K 87 -3.52 37.27 -59.64
N GLY K 88 -4.22 38.38 -59.82
CA GLY K 88 -5.50 38.35 -60.49
C GLY K 88 -5.34 38.71 -61.95
N SER K 89 -6.44 39.01 -62.64
CA SER K 89 -6.37 39.38 -64.06
C SER K 89 -5.42 40.56 -64.27
N CYS K 90 -5.59 41.62 -63.49
CA CYS K 90 -4.73 42.79 -63.63
C CYS K 90 -3.28 42.40 -63.30
N GLY K 91 -3.06 41.86 -62.10
CA GLY K 91 -1.72 41.47 -61.70
C GLY K 91 -1.01 40.56 -62.68
N LEU K 92 -1.68 39.48 -63.07
CA LEU K 92 -1.10 38.53 -64.02
C LEU K 92 -0.74 39.23 -65.30
N SER K 93 -1.65 40.04 -65.82
CA SER K 93 -1.40 40.76 -67.07
C SER K 93 -0.18 41.65 -66.93
N ALA K 94 -0.07 42.36 -65.81
CA ALA K 94 1.07 43.24 -65.56
C ALA K 94 2.33 42.40 -65.51
N ALA K 95 2.25 41.22 -64.88
CA ALA K 95 3.40 40.36 -64.76
C ALA K 95 3.84 39.87 -66.12
N TYR K 96 2.87 39.58 -66.99
CA TYR K 96 3.18 39.12 -68.32
C TYR K 96 3.94 40.17 -69.14
N VAL K 97 3.42 41.40 -69.17
CA VAL K 97 4.06 42.48 -69.90
C VAL K 97 5.43 42.81 -69.30
N LEU K 98 5.46 43.06 -67.99
CA LEU K 98 6.70 43.40 -67.29
C LEU K 98 7.82 42.38 -67.57
N SER K 99 7.57 41.11 -67.30
CA SER K 99 8.58 40.09 -67.53
C SER K 99 8.99 39.95 -69.00
N THR K 100 8.06 40.21 -69.92
CA THR K 100 8.38 40.09 -71.33
C THR K 100 9.20 41.29 -71.83
N LEU K 101 9.01 42.45 -71.21
CA LEU K 101 9.74 43.64 -71.63
C LEU K 101 11.05 43.79 -70.88
N ARG K 102 11.12 43.21 -69.68
CA ARG K 102 12.32 43.32 -68.86
C ARG K 102 12.80 42.01 -68.27
N PRO K 103 13.34 41.11 -69.11
CA PRO K 103 13.83 39.82 -68.62
C PRO K 103 14.97 39.95 -67.63
N ASP K 104 15.59 41.11 -67.59
CA ASP K 104 16.72 41.33 -66.68
C ASP K 104 16.27 41.61 -65.25
N LEU K 105 15.00 41.94 -65.07
CA LEU K 105 14.46 42.24 -63.75
C LEU K 105 13.79 41.04 -63.08
N ARG K 106 14.08 40.86 -61.80
CA ARG K 106 13.49 39.78 -61.04
C ARG K 106 12.10 40.24 -60.58
N ILE K 107 11.08 39.46 -60.96
CA ILE K 107 9.70 39.77 -60.62
C ILE K 107 9.17 38.80 -59.57
N THR K 108 8.75 39.36 -58.44
CA THR K 108 8.24 38.59 -57.31
C THR K 108 6.74 38.79 -57.13
N ILE K 109 5.96 37.75 -57.42
CA ILE K 109 4.51 37.81 -57.30
C ILE K 109 4.09 37.21 -55.97
N VAL K 110 3.35 37.98 -55.17
CA VAL K 110 2.87 37.49 -53.89
C VAL K 110 1.35 37.37 -53.96
N GLU K 111 0.87 36.12 -53.85
CA GLU K 111 -0.55 35.81 -53.94
C GLU K 111 -1.11 35.07 -52.71
N ALA K 112 -2.11 35.68 -52.08
CA ALA K 112 -2.74 35.12 -50.90
C ALA K 112 -3.33 33.73 -51.13
N GLY K 113 -4.18 33.63 -52.14
CA GLY K 113 -4.80 32.34 -52.41
C GLY K 113 -3.82 31.24 -52.76
N VAL K 114 -4.26 30.00 -52.57
CA VAL K 114 -3.44 28.86 -52.93
C VAL K 114 -3.48 28.88 -54.46
N ALA K 115 -4.68 29.07 -54.98
CA ALA K 115 -4.89 29.15 -56.41
C ALA K 115 -4.87 30.62 -56.81
N PRO K 116 -4.07 30.98 -57.82
CA PRO K 116 -4.02 32.39 -58.24
C PRO K 116 -5.12 32.62 -59.27
N GLY K 117 -5.14 33.80 -59.88
CA GLY K 117 -6.14 34.12 -60.88
C GLY K 117 -7.28 34.98 -60.37
N GLY K 118 -7.23 35.34 -59.09
CA GLY K 118 -8.26 36.18 -58.51
C GLY K 118 -9.69 35.87 -58.91
N GLY K 119 -10.40 36.90 -59.35
CA GLY K 119 -11.77 36.68 -59.77
C GLY K 119 -11.87 36.43 -61.26
N ALA K 120 -10.81 35.90 -61.87
CA ALA K 120 -10.83 35.65 -63.30
C ALA K 120 -11.12 34.22 -63.71
N TRP K 121 -11.67 33.42 -62.80
CA TRP K 121 -12.00 32.01 -63.13
C TRP K 121 -13.48 31.91 -63.51
N LEU K 122 -14.17 33.05 -63.47
CA LEU K 122 -15.58 33.10 -63.81
C LEU K 122 -15.96 34.41 -64.47
N GLY K 123 -17.11 34.40 -65.13
CA GLY K 123 -17.61 35.61 -65.74
C GLY K 123 -18.51 36.21 -64.66
N GLY K 124 -19.79 36.41 -64.96
CA GLY K 124 -20.67 36.96 -63.96
C GLY K 124 -21.64 35.93 -63.38
N GLN K 125 -22.07 36.16 -62.14
CA GLN K 125 -23.02 35.28 -61.46
C GLN K 125 -22.70 33.78 -61.67
N LEU K 126 -21.43 33.43 -61.53
CA LEU K 126 -20.96 32.05 -61.67
C LEU K 126 -21.00 31.48 -63.08
N PHE K 127 -21.20 32.33 -64.09
CA PHE K 127 -21.22 31.85 -65.46
C PHE K 127 -19.80 31.84 -66.06
N SER K 128 -19.67 31.32 -67.27
CA SER K 128 -18.33 31.20 -67.87
C SER K 128 -17.75 32.29 -68.77
N ALA K 129 -18.45 32.65 -69.84
CA ALA K 129 -17.95 33.65 -70.79
C ALA K 129 -17.32 34.91 -70.19
N MET K 130 -16.17 35.28 -70.76
CA MET K 130 -15.42 36.46 -70.34
C MET K 130 -15.48 37.53 -71.43
N VAL K 131 -16.19 38.61 -71.14
CA VAL K 131 -16.35 39.70 -72.09
C VAL K 131 -15.28 40.78 -71.96
N MET K 132 -14.59 41.05 -73.06
CA MET K 132 -13.59 42.11 -73.10
C MET K 132 -13.93 43.07 -74.22
N ARG K 133 -13.97 44.36 -73.90
CA ARG K 133 -14.29 45.37 -74.89
C ARG K 133 -13.03 45.71 -75.68
N LYS K 134 -13.20 46.15 -76.91
CA LYS K 134 -12.06 46.52 -77.71
C LYS K 134 -11.52 47.84 -77.15
N PRO K 135 -10.22 48.11 -77.29
CA PRO K 135 -9.21 47.29 -77.97
C PRO K 135 -8.50 46.24 -77.11
N ALA K 136 -9.14 45.78 -76.04
CA ALA K 136 -8.49 44.78 -75.18
C ALA K 136 -8.14 43.53 -75.99
N ASP K 137 -8.82 43.35 -77.12
CA ASP K 137 -8.57 42.19 -77.98
C ASP K 137 -7.13 42.16 -78.47
N VAL K 138 -6.46 43.31 -78.42
CA VAL K 138 -5.07 43.41 -78.82
C VAL K 138 -4.21 42.63 -77.81
N PHE K 139 -4.64 42.65 -76.56
CA PHE K 139 -3.93 41.95 -75.51
C PHE K 139 -4.17 40.45 -75.58
N LEU K 140 -5.41 40.08 -75.88
CA LEU K 140 -5.74 38.66 -76.01
C LEU K 140 -4.85 38.09 -77.11
N ASP K 141 -4.72 38.82 -78.21
CA ASP K 141 -3.86 38.39 -79.31
C ASP K 141 -2.44 38.20 -78.78
N GLU K 142 -2.01 39.12 -77.92
CA GLU K 142 -0.67 39.06 -77.34
C GLU K 142 -0.41 37.82 -76.52
N VAL K 143 -1.34 37.51 -75.62
CA VAL K 143 -1.20 36.36 -74.73
C VAL K 143 -1.59 35.02 -75.35
N GLY K 144 -2.11 35.08 -76.57
CA GLY K 144 -2.47 33.85 -77.27
C GLY K 144 -3.77 33.20 -76.85
N VAL K 145 -4.75 34.01 -76.46
CA VAL K 145 -6.06 33.52 -76.04
C VAL K 145 -7.11 33.76 -77.13
N PRO K 146 -7.74 32.68 -77.65
CA PRO K 146 -8.77 32.78 -78.70
C PRO K 146 -10.04 33.44 -78.21
N TYR K 147 -10.84 33.97 -79.14
CA TYR K 147 -12.09 34.64 -78.77
C TYR K 147 -13.06 34.88 -79.94
N GLU K 148 -14.34 35.06 -79.62
CA GLU K 148 -15.35 35.34 -80.64
C GLU K 148 -15.47 36.85 -80.78
N ASP K 149 -15.38 37.36 -82.00
CA ASP K 149 -15.48 38.79 -82.18
C ASP K 149 -16.93 39.20 -82.40
N GLU K 150 -17.42 40.09 -81.53
CA GLU K 150 -18.79 40.54 -81.60
C GLU K 150 -18.95 41.98 -82.09
N GLY K 151 -17.85 42.59 -82.52
CA GLY K 151 -17.92 43.95 -82.99
C GLY K 151 -17.20 44.91 -82.07
N ASP K 152 -17.88 45.42 -81.06
CA ASP K 152 -17.28 46.36 -80.11
C ASP K 152 -16.52 45.64 -79.01
N TYR K 153 -16.84 44.37 -78.82
CA TYR K 153 -16.19 43.58 -77.79
C TYR K 153 -15.97 42.18 -78.32
N VAL K 154 -15.16 41.41 -77.62
CA VAL K 154 -14.88 40.03 -78.01
C VAL K 154 -15.26 39.21 -76.79
N VAL K 155 -15.41 37.90 -76.96
CA VAL K 155 -15.78 37.02 -75.87
C VAL K 155 -14.96 35.76 -75.82
N VAL K 156 -14.30 35.55 -74.68
CA VAL K 156 -13.47 34.36 -74.51
C VAL K 156 -14.37 33.23 -74.02
N LYS K 157 -14.25 32.09 -74.68
CA LYS K 157 -15.04 30.90 -74.38
C LYS K 157 -15.32 30.74 -72.90
N HIS K 158 -14.26 30.81 -72.09
CA HIS K 158 -14.37 30.66 -70.64
C HIS K 158 -13.30 31.54 -70.01
N ALA K 159 -13.67 32.25 -68.94
CA ALA K 159 -12.73 33.13 -68.25
C ALA K 159 -11.47 32.33 -67.91
N ALA K 160 -11.67 31.12 -67.39
CA ALA K 160 -10.57 30.26 -67.01
C ALA K 160 -9.54 30.11 -68.13
N LEU K 161 -10.00 30.07 -69.38
CA LEU K 161 -9.08 29.94 -70.52
C LEU K 161 -8.05 31.06 -70.53
N PHE K 162 -8.51 32.30 -70.32
CA PHE K 162 -7.65 33.47 -70.28
C PHE K 162 -6.62 33.32 -69.18
N THR K 163 -7.13 33.18 -67.96
CA THR K 163 -6.32 33.03 -66.76
C THR K 163 -5.30 31.88 -66.81
N SER K 164 -5.76 30.67 -67.09
CA SER K 164 -4.83 29.55 -67.16
C SER K 164 -3.75 29.78 -68.21
N THR K 165 -4.14 30.39 -69.34
CA THR K 165 -3.20 30.65 -70.41
C THR K 165 -2.19 31.72 -70.01
N VAL K 166 -2.68 32.82 -69.46
CA VAL K 166 -1.76 33.89 -69.07
C VAL K 166 -0.86 33.41 -67.94
N LEU K 167 -1.47 32.73 -66.98
CA LEU K 167 -0.74 32.20 -65.84
C LEU K 167 0.40 31.32 -66.36
N SER K 168 0.06 30.46 -67.30
CA SER K 168 1.02 29.55 -67.88
C SER K 168 2.20 30.28 -68.53
N LYS K 169 1.91 31.27 -69.37
CA LYS K 169 3.00 31.98 -70.02
C LYS K 169 3.83 32.83 -69.08
N VAL K 170 3.21 33.33 -68.01
CA VAL K 170 3.95 34.13 -67.04
C VAL K 170 4.87 33.24 -66.19
N LEU K 171 4.36 32.10 -65.74
CA LEU K 171 5.14 31.18 -64.92
C LEU K 171 6.34 30.60 -65.65
N GLN K 172 6.23 30.48 -66.98
CA GLN K 172 7.33 29.95 -67.78
C GLN K 172 8.51 30.91 -67.78
N ARG K 173 8.23 32.20 -67.62
CA ARG K 173 9.31 33.19 -67.59
C ARG K 173 10.31 32.78 -66.52
N PRO K 174 11.59 32.81 -66.87
CA PRO K 174 12.69 32.44 -65.97
C PRO K 174 13.00 33.49 -64.90
N ASN K 175 12.59 34.72 -65.11
CA ASN K 175 12.85 35.76 -64.13
C ASN K 175 11.66 36.02 -63.21
N VAL K 176 10.67 35.12 -63.23
CA VAL K 176 9.47 35.28 -62.40
C VAL K 176 9.22 34.15 -61.41
N LYS K 177 8.88 34.54 -60.18
CA LYS K 177 8.57 33.60 -59.12
C LYS K 177 7.17 33.89 -58.60
N LEU K 178 6.41 32.83 -58.33
CA LEU K 178 5.04 32.96 -57.81
C LEU K 178 4.92 32.45 -56.38
N PHE K 179 4.82 33.38 -55.42
CA PHE K 179 4.66 33.00 -54.01
C PHE K 179 3.19 32.95 -53.65
N ASN K 180 2.52 31.84 -53.97
CA ASN K 180 1.11 31.69 -53.64
C ASN K 180 0.96 31.26 -52.17
N ALA K 181 -0.23 31.44 -51.60
CA ALA K 181 -0.48 31.10 -50.19
C ALA K 181 0.31 32.05 -49.27
N THR K 182 0.80 33.13 -49.85
CA THR K 182 1.55 34.14 -49.13
C THR K 182 0.77 35.45 -49.13
N THR K 183 0.65 36.06 -47.97
CA THR K 183 -0.08 37.30 -47.83
C THR K 183 0.82 38.48 -47.49
N VAL K 184 0.42 39.67 -47.92
CA VAL K 184 1.16 40.89 -47.62
C VAL K 184 0.37 41.55 -46.50
N GLU K 185 0.93 41.52 -45.29
CA GLU K 185 0.27 42.10 -44.13
C GLU K 185 0.59 43.56 -43.93
N ASP K 186 1.70 44.00 -44.50
CA ASP K 186 2.09 45.39 -44.34
C ASP K 186 3.11 45.79 -45.41
N LEU K 187 3.45 47.08 -45.43
CA LEU K 187 4.40 47.62 -46.39
C LEU K 187 5.70 47.99 -45.69
N ILE K 188 6.81 47.88 -46.40
CA ILE K 188 8.11 48.26 -45.86
C ILE K 188 8.21 49.72 -46.24
N THR K 189 8.54 50.58 -45.30
CA THR K 189 8.63 52.00 -45.63
C THR K 189 9.95 52.69 -45.32
N ARG K 190 10.09 53.89 -45.86
CA ARG K 190 11.26 54.73 -45.66
C ARG K 190 10.74 56.17 -45.65
N LYS K 191 11.57 57.11 -45.24
CA LYS K 191 11.12 58.51 -45.20
C LYS K 191 11.35 59.24 -46.52
N HIS K 192 10.39 60.10 -46.88
CA HIS K 192 10.42 60.91 -48.11
C HIS K 192 10.64 60.11 -49.41
N LYS K 210 5.98 62.35 -45.08
CA LYS K 210 5.71 61.55 -46.28
C LYS K 210 6.60 60.30 -46.30
N VAL K 211 6.20 59.29 -47.08
CA VAL K 211 6.97 58.05 -47.15
C VAL K 211 7.06 57.48 -48.56
N ARG K 212 8.01 56.55 -48.72
CA ARG K 212 8.28 55.84 -49.96
C ARG K 212 8.15 54.35 -49.63
N ILE K 213 7.39 53.61 -50.43
CA ILE K 213 7.22 52.18 -50.20
C ILE K 213 8.44 51.46 -50.77
N ALA K 214 9.10 50.64 -49.95
CA ALA K 214 10.31 49.94 -50.38
C ALA K 214 10.29 48.43 -50.20
N GLY K 215 9.10 47.84 -50.24
CA GLY K 215 8.99 46.40 -50.08
C GLY K 215 7.66 46.00 -49.45
N VAL K 216 7.58 44.75 -49.06
CA VAL K 216 6.35 44.23 -48.45
C VAL K 216 6.69 43.37 -47.25
N VAL K 217 5.74 43.29 -46.31
CA VAL K 217 5.88 42.47 -45.13
C VAL K 217 4.99 41.27 -45.46
N THR K 218 5.54 40.08 -45.36
CA THR K 218 4.80 38.88 -45.72
C THR K 218 4.56 37.88 -44.60
N ASN K 219 3.81 36.84 -44.95
CA ASN K 219 3.49 35.75 -44.05
C ASN K 219 2.61 34.78 -44.82
N TRP K 220 2.46 33.57 -44.31
CA TRP K 220 1.60 32.59 -44.96
C TRP K 220 0.15 33.09 -44.82
N THR K 221 -0.66 32.91 -45.84
CA THR K 221 -2.04 33.38 -45.76
C THR K 221 -2.77 32.82 -44.55
N LEU K 222 -2.63 31.52 -44.31
CA LEU K 222 -3.29 30.92 -43.18
C LEU K 222 -2.86 31.50 -41.82
N VAL K 223 -1.70 32.15 -41.79
CA VAL K 223 -1.22 32.75 -40.55
C VAL K 223 -1.80 34.14 -40.41
N SER K 224 -1.99 34.80 -41.54
CA SER K 224 -2.55 36.14 -41.57
C SER K 224 -3.97 36.09 -41.04
N MET K 225 -4.67 35.00 -41.34
CA MET K 225 -6.05 34.81 -40.93
C MET K 225 -6.25 34.22 -39.52
N HIS K 226 -5.17 34.03 -38.76
CA HIS K 226 -5.32 33.48 -37.41
C HIS K 226 -4.43 34.12 -36.37
N HIS K 227 -4.19 35.42 -36.51
CA HIS K 227 -3.36 36.14 -35.56
C HIS K 227 -4.02 36.24 -34.19
N ASP K 228 -4.91 35.30 -33.90
CA ASP K 228 -5.61 35.26 -32.63
C ASP K 228 -5.64 33.81 -32.20
N ASP K 229 -5.95 32.96 -33.16
CA ASP K 229 -6.04 31.51 -32.97
C ASP K 229 -4.72 30.87 -32.58
N GLN K 230 -3.74 31.68 -32.19
CA GLN K 230 -2.42 31.18 -31.81
C GLN K 230 -1.65 32.31 -31.10
N SER K 231 -0.38 32.04 -30.77
CA SER K 231 0.49 33.01 -30.12
C SER K 231 1.07 33.88 -31.23
N MET K 233 2.85 35.39 -34.23
CA MET K 233 3.56 34.86 -35.38
C MET K 233 4.05 35.98 -36.28
N ASP K 234 5.30 36.40 -36.07
CA ASP K 234 5.89 37.48 -36.84
C ASP K 234 5.95 37.20 -38.34
N PRO K 235 5.95 38.27 -39.14
CA PRO K 235 6.02 38.19 -40.60
C PRO K 235 7.45 38.13 -41.11
N ASN K 236 7.59 38.09 -42.43
CA ASN K 236 8.89 38.07 -43.09
C ASN K 236 8.90 39.34 -43.93
N THR K 237 9.97 39.57 -44.69
CA THR K 237 10.04 40.78 -45.48
C THR K 237 10.63 40.57 -46.87
N ILE K 238 10.36 41.52 -47.75
CA ILE K 238 10.87 41.49 -49.12
C ILE K 238 11.16 42.94 -49.50
N ASN K 239 12.44 43.29 -49.63
CA ASN K 239 12.79 44.67 -50.00
C ASN K 239 12.69 44.76 -51.53
N ALA K 240 12.19 45.89 -52.01
CA ALA K 240 12.04 46.11 -53.44
C ALA K 240 11.80 47.61 -53.68
N PRO K 241 12.36 48.18 -54.77
CA PRO K 241 12.15 49.60 -55.03
C PRO K 241 10.80 49.95 -55.60
N VAL K 242 10.14 48.97 -56.22
CA VAL K 242 8.83 49.22 -56.80
C VAL K 242 7.83 48.09 -56.54
N ILE K 243 6.69 48.45 -55.95
CA ILE K 243 5.65 47.50 -55.62
C ILE K 243 4.41 47.81 -56.42
N ILE K 244 3.97 46.86 -57.22
CA ILE K 244 2.75 47.03 -58.00
C ILE K 244 1.68 46.34 -57.18
N SER K 245 0.73 47.11 -56.66
CA SER K 245 -0.35 46.53 -55.88
C SER K 245 -1.64 46.45 -56.67
N THR K 246 -2.11 45.22 -56.87
CA THR K 246 -3.34 44.93 -57.61
C THR K 246 -4.14 43.90 -56.81
N THR K 247 -4.56 44.27 -55.61
CA THR K 247 -5.28 43.34 -54.77
C THR K 247 -6.80 43.38 -54.92
N GLY K 248 -7.28 44.05 -55.96
CA GLY K 248 -8.71 44.11 -56.19
C GLY K 248 -9.38 45.09 -55.26
N HIS K 249 -10.71 45.21 -55.36
CA HIS K 249 -11.44 46.15 -54.53
C HIS K 249 -11.67 45.71 -53.10
N ASP K 250 -11.91 46.69 -52.24
CA ASP K 250 -12.14 46.48 -50.82
C ASP K 250 -13.00 45.28 -50.48
N GLY K 251 -12.64 44.65 -49.38
CA GLY K 251 -13.33 43.48 -48.88
C GLY K 251 -12.43 42.95 -47.80
N PRO K 252 -12.70 41.75 -47.25
CA PRO K 252 -11.84 41.21 -46.20
C PRO K 252 -10.37 41.10 -46.61
N PHE K 253 -10.13 40.67 -47.85
CA PHE K 253 -8.77 40.51 -48.37
C PHE K 253 -8.34 41.64 -49.32
N GLY K 254 -9.31 42.19 -50.06
CA GLY K 254 -9.01 43.23 -51.02
C GLY K 254 -8.45 44.60 -50.63
N ALA K 255 -8.07 45.34 -51.68
CA ALA K 255 -7.52 46.69 -51.59
C ALA K 255 -6.57 46.91 -50.42
N PHE K 256 -5.56 46.06 -50.30
CA PHE K 256 -4.60 46.18 -49.22
C PHE K 256 -3.80 47.47 -49.13
N SER K 257 -3.02 47.79 -50.15
CA SER K 257 -2.20 49.00 -50.15
C SER K 257 -2.95 50.30 -49.95
N VAL K 258 -3.99 50.50 -50.76
CA VAL K 258 -4.78 51.71 -50.66
C VAL K 258 -5.29 51.97 -49.22
N LYS K 259 -5.74 50.92 -48.55
CA LYS K 259 -6.23 51.03 -47.17
C LYS K 259 -5.08 51.23 -46.17
N ARG K 260 -3.93 50.64 -46.49
CA ARG K 260 -2.77 50.75 -45.62
C ARG K 260 -2.23 52.17 -45.64
N LEU K 261 -2.19 52.77 -46.82
CA LEU K 261 -1.72 54.13 -46.94
C LEU K 261 -2.50 55.01 -46.00
N VAL K 262 -3.77 54.65 -45.78
CA VAL K 262 -4.62 55.41 -44.88
C VAL K 262 -4.26 55.18 -43.43
N SER K 263 -4.36 53.94 -42.96
CA SER K 263 -4.03 53.64 -41.57
C SER K 263 -2.63 54.13 -41.21
N MET K 264 -1.79 54.33 -42.22
CA MET K 264 -0.43 54.82 -42.00
C MET K 264 -0.44 56.34 -41.93
N LYS K 265 -1.63 56.91 -42.09
CA LYS K 265 -1.83 58.36 -42.04
C LYS K 265 -1.18 59.09 -43.20
N GLN K 266 -1.14 58.45 -44.37
CA GLN K 266 -0.56 59.06 -45.58
C GLN K 266 -1.69 59.47 -46.51
N MET K 267 -2.89 58.94 -46.24
CA MET K 267 -4.08 59.21 -47.04
C MET K 267 -5.15 59.77 -46.14
N GLU K 268 -5.94 60.69 -46.68
CA GLU K 268 -7.03 61.32 -45.92
C GLU K 268 -8.09 60.30 -45.55
N ARG K 269 -8.60 59.61 -46.57
CA ARG K 269 -9.63 58.60 -46.38
C ARG K 269 -9.65 57.86 -47.70
N LEU K 270 -10.74 57.17 -47.98
CA LEU K 270 -10.85 56.44 -49.23
C LEU K 270 -12.14 56.87 -49.93
N ASN K 271 -12.01 57.29 -51.19
CA ASN K 271 -13.18 57.72 -51.95
C ASN K 271 -14.16 56.57 -52.07
N GLY K 272 -13.63 55.36 -52.17
CA GLY K 272 -14.48 54.18 -52.24
C GLY K 272 -15.10 53.88 -53.59
N MET K 273 -14.97 52.62 -54.01
CA MET K 273 -15.50 52.15 -55.27
C MET K 273 -16.96 52.60 -55.42
N ARG K 274 -17.31 53.15 -56.57
CA ARG K 274 -18.66 53.64 -56.77
C ARG K 274 -19.55 52.64 -57.51
N GLY K 275 -20.73 53.11 -57.92
CA GLY K 275 -21.68 52.26 -58.61
C GLY K 275 -21.17 51.67 -59.90
N LEU K 276 -21.91 50.70 -60.44
CA LEU K 276 -21.48 50.07 -61.66
C LEU K 276 -21.89 50.85 -62.90
N ASP K 277 -20.87 51.32 -63.62
CA ASP K 277 -21.01 52.09 -64.85
C ASP K 277 -19.86 51.64 -65.73
N MET K 278 -20.09 50.58 -66.50
CA MET K 278 -19.05 50.06 -67.35
C MET K 278 -18.32 51.05 -68.24
N GLN K 279 -19.06 51.86 -69.00
CA GLN K 279 -18.41 52.81 -69.88
C GLN K 279 -17.44 53.77 -69.23
N SER K 280 -17.86 54.46 -68.18
CA SER K 280 -16.94 55.39 -67.54
C SER K 280 -15.94 54.69 -66.61
N ALA K 281 -16.30 53.49 -66.15
CA ALA K 281 -15.44 52.73 -65.24
C ALA K 281 -14.14 52.17 -65.83
N GLU K 282 -14.21 51.47 -66.96
CA GLU K 282 -13.02 50.87 -67.56
C GLU K 282 -11.98 51.91 -67.99
N ASP K 283 -12.45 52.97 -68.63
CA ASP K 283 -11.55 54.03 -69.08
C ASP K 283 -10.81 54.62 -67.88
N ALA K 284 -11.56 55.02 -66.86
CA ALA K 284 -11.00 55.62 -65.65
C ALA K 284 -10.01 54.72 -64.93
N ILE K 285 -10.27 53.41 -64.92
CA ILE K 285 -9.37 52.48 -64.27
C ILE K 285 -8.05 52.40 -65.02
N VAL K 286 -8.15 52.31 -66.34
CA VAL K 286 -6.96 52.20 -67.18
C VAL K 286 -6.15 53.48 -67.27
N ASN K 287 -6.77 54.56 -67.73
CA ASN K 287 -6.06 55.82 -67.88
C ASN K 287 -5.50 56.43 -66.62
N ASN K 288 -5.86 55.90 -65.45
CA ASN K 288 -5.33 56.45 -64.21
C ASN K 288 -4.45 55.51 -63.41
N THR K 289 -4.10 54.37 -63.99
CA THR K 289 -3.23 53.42 -63.31
C THR K 289 -1.84 54.11 -63.24
N ARG K 290 -1.28 54.21 -62.04
CA ARG K 290 0.02 54.85 -61.86
C ARG K 290 0.58 54.82 -60.46
N GLU K 291 1.82 55.27 -60.32
CA GLU K 291 2.49 55.32 -59.03
C GLU K 291 1.76 56.33 -58.15
N ILE K 292 1.04 55.83 -57.16
CA ILE K 292 0.27 56.66 -56.23
C ILE K 292 1.18 57.33 -55.22
N VAL K 293 2.24 56.64 -54.84
CA VAL K 293 3.20 57.14 -53.87
C VAL K 293 4.55 56.54 -54.26
N PRO K 294 5.66 57.24 -53.95
CA PRO K 294 6.98 56.72 -54.29
C PRO K 294 7.16 55.22 -54.00
N GLY K 295 7.36 54.44 -55.06
CA GLY K 295 7.55 53.02 -54.91
C GLY K 295 6.27 52.19 -54.95
N LEU K 296 5.13 52.85 -54.89
CA LEU K 296 3.85 52.16 -54.91
C LEU K 296 2.98 52.46 -56.12
N ILE K 297 2.84 51.47 -56.99
CA ILE K 297 2.00 51.60 -58.18
C ILE K 297 0.74 50.77 -57.90
N VAL K 298 -0.43 51.30 -58.30
CA VAL K 298 -1.70 50.60 -58.08
C VAL K 298 -2.53 50.52 -59.36
N GLY K 299 -3.11 49.35 -59.61
CA GLY K 299 -3.93 49.17 -60.80
C GLY K 299 -5.08 48.21 -60.58
N GLY K 300 -5.79 47.84 -61.65
CA GLY K 300 -6.89 46.93 -61.47
C GLY K 300 -7.97 47.55 -60.61
N MET K 301 -8.82 46.73 -60.00
CA MET K 301 -9.88 47.29 -59.19
C MET K 301 -9.47 47.95 -57.87
N GLU K 302 -8.26 47.68 -57.39
CA GLU K 302 -7.83 48.31 -56.15
C GLU K 302 -7.77 49.82 -56.34
N LEU K 303 -7.53 50.24 -57.57
CA LEU K 303 -7.43 51.66 -57.90
C LEU K 303 -8.76 52.40 -57.72
N SER K 304 -9.86 51.70 -57.97
CA SER K 304 -11.19 52.30 -57.84
C SER K 304 -11.49 52.75 -56.42
N GLU K 305 -10.97 52.02 -55.44
CA GLU K 305 -11.17 52.33 -54.04
C GLU K 305 -10.56 53.67 -53.64
N ILE K 306 -9.34 53.93 -54.08
CA ILE K 306 -8.67 55.17 -53.73
C ILE K 306 -9.07 56.31 -54.67
N ASP K 307 -9.34 55.98 -55.93
CA ASP K 307 -9.75 57.00 -56.91
C ASP K 307 -11.22 57.35 -56.79
N GLY K 308 -12.01 56.42 -56.28
CA GLY K 308 -13.44 56.65 -56.16
C GLY K 308 -14.06 56.46 -57.52
N ALA K 309 -13.52 55.53 -58.29
CA ALA K 309 -14.01 55.23 -59.64
C ALA K 309 -15.17 54.24 -59.65
N ASN K 310 -15.89 54.19 -60.78
CA ASN K 310 -17.02 53.28 -60.95
C ASN K 310 -16.48 51.87 -61.14
N ARG K 311 -17.36 50.89 -60.97
CA ARG K 311 -17.00 49.49 -61.15
C ARG K 311 -17.61 49.00 -62.47
N MET K 312 -17.00 47.99 -63.07
CA MET K 312 -17.47 47.48 -64.35
C MET K 312 -18.15 46.12 -64.25
N GLY K 313 -17.90 45.40 -63.17
CA GLY K 313 -18.54 44.11 -63.04
C GLY K 313 -17.90 43.05 -63.91
N PRO K 314 -18.71 42.20 -64.57
CA PRO K 314 -18.32 41.10 -65.46
C PRO K 314 -17.68 41.40 -66.83
N THR K 315 -16.64 42.23 -66.84
CA THR K 315 -15.93 42.56 -68.08
C THR K 315 -14.48 42.79 -67.67
N PHE K 316 -13.54 42.30 -68.47
CA PHE K 316 -12.13 42.43 -68.11
C PHE K 316 -11.21 43.26 -68.97
N GLY K 317 -11.76 43.97 -69.94
CA GLY K 317 -10.90 44.78 -70.80
C GLY K 317 -9.99 45.71 -70.01
N ALA K 318 -10.58 46.42 -69.04
CA ALA K 318 -9.86 47.38 -68.22
C ALA K 318 -8.82 46.73 -67.31
N MET K 319 -9.12 45.55 -66.79
CA MET K 319 -8.17 44.87 -65.91
C MET K 319 -6.89 44.50 -66.66
N ALA K 320 -7.07 43.99 -67.87
CA ALA K 320 -5.95 43.57 -68.70
C ALA K 320 -5.08 44.76 -69.08
N LEU K 321 -5.69 45.76 -69.71
CA LEU K 321 -4.93 46.93 -70.13
C LEU K 321 -4.44 47.74 -68.93
N SER K 322 -5.06 47.57 -67.77
CA SER K 322 -4.61 48.31 -66.59
C SER K 322 -3.27 47.70 -66.18
N GLY K 323 -3.19 46.38 -66.20
CA GLY K 323 -1.95 45.72 -65.84
C GLY K 323 -0.87 46.08 -66.83
N VAL K 324 -1.25 46.22 -68.10
CA VAL K 324 -0.33 46.60 -69.16
C VAL K 324 0.21 47.99 -68.84
N LYS K 325 -0.68 48.88 -68.43
CA LYS K 325 -0.27 50.24 -68.09
C LYS K 325 0.51 50.22 -66.78
N ALA K 326 0.08 49.37 -65.84
CA ALA K 326 0.75 49.26 -64.55
C ALA K 326 2.20 48.83 -64.75
N ALA K 327 2.42 47.87 -65.66
CA ALA K 327 3.76 47.37 -65.96
C ALA K 327 4.60 48.50 -66.57
N HIS K 328 3.98 49.22 -67.49
CA HIS K 328 4.63 50.34 -68.16
C HIS K 328 5.11 51.35 -67.11
N GLU K 329 4.30 51.57 -66.08
CA GLU K 329 4.65 52.50 -65.02
C GLU K 329 5.85 52.06 -64.20
N ALA K 330 5.86 50.79 -63.81
CA ALA K 330 6.97 50.26 -63.02
C ALA K 330 8.28 50.48 -63.75
N ILE K 331 8.25 50.31 -65.07
CA ILE K 331 9.44 50.49 -65.89
C ILE K 331 9.89 51.94 -65.91
N ARG K 332 8.96 52.87 -66.13
CA ARG K 332 9.27 54.29 -66.15
C ARG K 332 9.89 54.76 -64.85
N VAL K 333 9.41 54.19 -63.75
CA VAL K 333 9.85 54.56 -62.42
C VAL K 333 11.00 53.78 -61.78
N PHE K 334 11.22 52.55 -62.26
CA PHE K 334 12.24 51.67 -61.69
C PHE K 334 13.62 52.23 -61.35
N ASP K 335 14.34 52.73 -62.34
CA ASP K 335 15.67 53.27 -62.09
C ASP K 335 15.67 54.27 -60.93
N LEU K 336 14.73 55.21 -60.95
CA LEU K 336 14.64 56.21 -59.89
C LEU K 336 14.51 55.60 -58.51
N ARG K 337 13.50 54.75 -58.32
CA ARG K 337 13.27 54.15 -57.02
C ARG K 337 14.40 53.25 -56.60
N LYS K 338 14.94 52.50 -57.56
CA LYS K 338 16.06 51.60 -57.28
C LYS K 338 17.22 52.43 -56.74
N ALA K 339 17.42 53.60 -57.33
CA ALA K 339 18.51 54.49 -56.92
C ALA K 339 18.33 54.95 -55.47
N GLN K 340 17.11 55.33 -55.14
CA GLN K 340 16.79 55.78 -53.79
C GLN K 340 16.87 54.62 -52.80
N ASN K 341 16.47 53.43 -53.25
CA ASN K 341 16.46 52.25 -52.42
C ASN K 341 17.82 51.68 -52.04
N ASP K 342 18.84 51.87 -52.88
CA ASP K 342 20.17 51.34 -52.58
C ASP K 342 21.13 52.38 -52.01
N GLY L 35 -58.84 45.85 -64.27
CA GLY L 35 -58.14 46.95 -63.54
C GLY L 35 -58.28 46.86 -62.02
N LEU L 36 -58.01 47.98 -61.37
CA LEU L 36 -58.08 48.08 -59.91
C LEU L 36 -59.50 48.42 -59.48
N SER L 37 -59.81 48.15 -58.22
CA SER L 37 -61.11 48.48 -57.68
C SER L 37 -61.21 50.00 -57.70
N LYS L 38 -62.44 50.52 -57.72
CA LYS L 38 -62.63 51.96 -57.71
C LYS L 38 -62.23 52.56 -56.37
N PRO L 39 -62.56 51.88 -55.26
CA PRO L 39 -62.20 52.41 -53.94
C PRO L 39 -60.71 52.71 -53.84
N LEU L 40 -59.89 51.76 -54.30
CA LEU L 40 -58.44 51.93 -54.26
C LEU L 40 -58.03 53.10 -55.14
N LEU L 41 -58.57 53.14 -56.35
CA LEU L 41 -58.26 54.21 -57.29
C LEU L 41 -58.57 55.56 -56.66
N GLU L 42 -59.63 55.59 -55.87
CA GLU L 42 -60.01 56.83 -55.21
C GLU L 42 -59.02 57.19 -54.11
N LEU L 43 -58.45 56.18 -53.46
CA LEU L 43 -57.51 56.39 -52.38
C LEU L 43 -56.14 56.90 -52.85
N MET L 44 -55.63 56.32 -53.93
CA MET L 44 -54.32 56.69 -54.47
C MET L 44 -53.96 58.18 -54.58
N PRO L 45 -54.79 58.98 -55.26
CA PRO L 45 -54.50 60.41 -55.40
C PRO L 45 -54.30 61.03 -54.02
N THR L 46 -54.91 60.39 -53.03
CA THR L 46 -54.86 60.82 -51.63
C THR L 46 -53.46 60.69 -51.07
N LEU L 47 -52.84 59.53 -51.34
CA LEU L 47 -51.51 59.22 -50.85
C LEU L 47 -50.49 60.30 -51.23
N GLY L 48 -49.68 60.68 -50.24
CA GLY L 48 -48.67 61.69 -50.46
C GLY L 48 -49.14 63.07 -50.03
N THR L 49 -50.43 63.22 -49.77
CA THR L 49 -50.99 64.50 -49.36
C THR L 49 -51.48 64.46 -47.90
N ASP L 50 -51.68 65.63 -47.31
CA ASP L 50 -52.16 65.72 -45.93
C ASP L 50 -53.55 65.11 -45.83
N ALA L 51 -54.14 64.86 -46.99
CA ALA L 51 -55.48 64.29 -47.08
C ALA L 51 -55.48 62.84 -46.59
N PHE L 52 -54.31 62.22 -46.56
CA PHE L 52 -54.23 60.84 -46.11
C PHE L 52 -53.78 60.73 -44.67
N THR L 53 -54.34 59.76 -43.96
CA THR L 53 -53.99 59.51 -42.57
C THR L 53 -54.63 58.19 -42.18
N PHE L 54 -53.91 57.39 -41.40
CA PHE L 54 -54.45 56.10 -40.96
C PHE L 54 -55.36 56.37 -39.77
N SER L 55 -56.29 55.47 -39.49
CA SER L 55 -57.16 55.67 -38.32
C SER L 55 -56.30 55.64 -37.07
N PRO L 56 -56.87 56.08 -35.94
CA PRO L 56 -56.08 56.06 -34.72
C PRO L 56 -55.81 54.65 -34.21
N ILE L 57 -54.70 54.50 -33.50
CA ILE L 57 -54.34 53.20 -32.95
C ILE L 57 -53.45 53.37 -31.71
N ARG L 58 -53.47 52.35 -30.84
CA ARG L 58 -52.66 52.33 -29.64
C ARG L 58 -51.92 51.00 -29.74
N GLU L 59 -50.61 51.01 -29.49
CA GLU L 59 -49.82 49.78 -29.59
C GLU L 59 -50.44 48.59 -28.86
N SER L 60 -50.85 48.82 -27.61
CA SER L 60 -51.45 47.75 -26.81
C SER L 60 -52.62 47.08 -27.52
N THR L 61 -53.27 47.80 -28.43
CA THR L 61 -54.40 47.28 -29.18
C THR L 61 -53.98 46.17 -30.13
N VAL L 62 -52.94 46.44 -30.91
CA VAL L 62 -52.41 45.47 -31.86
C VAL L 62 -51.82 44.26 -31.15
N SER L 63 -51.09 44.50 -30.07
CA SER L 63 -50.48 43.43 -29.29
C SER L 63 -51.56 42.47 -28.82
N ARG L 64 -52.62 43.04 -28.25
CA ARG L 64 -53.74 42.23 -27.76
C ARG L 64 -54.47 41.56 -28.92
N ALA L 65 -54.59 42.27 -30.04
CA ALA L 65 -55.28 41.72 -31.19
C ALA L 65 -54.62 40.39 -31.58
N MET L 66 -53.29 40.40 -31.62
CA MET L 66 -52.53 39.22 -31.97
C MET L 66 -52.49 38.12 -30.91
N THR L 67 -52.08 38.49 -29.70
CA THR L 67 -51.98 37.52 -28.61
C THR L 67 -53.30 36.81 -28.34
N ARG L 68 -54.36 37.59 -28.29
CA ARG L 68 -55.69 37.03 -28.04
C ARG L 68 -55.97 35.90 -29.03
N ARG L 69 -55.86 36.21 -30.33
CA ARG L 69 -56.11 35.23 -31.37
C ARG L 69 -55.15 34.04 -31.36
N TYR L 70 -53.88 34.30 -31.05
CA TYR L 70 -52.90 33.22 -31.05
C TYR L 70 -53.17 32.25 -29.91
N PHE L 71 -53.23 32.79 -28.70
CA PHE L 71 -53.45 31.95 -27.54
C PHE L 71 -54.78 31.23 -27.63
N ALA L 72 -55.63 31.66 -28.55
CA ALA L 72 -56.88 30.99 -28.74
C ALA L 72 -56.59 29.78 -29.62
N ASP L 73 -55.68 29.95 -30.59
CA ASP L 73 -55.31 28.86 -31.47
C ASP L 73 -54.57 27.82 -30.66
N LEU L 74 -53.71 28.32 -29.77
CA LEU L 74 -52.90 27.47 -28.92
C LEU L 74 -53.79 26.60 -28.06
N ASP L 75 -54.85 27.19 -27.55
CA ASP L 75 -55.79 26.49 -26.69
C ASP L 75 -56.58 25.44 -27.49
N ALA L 76 -57.14 25.88 -28.61
CA ALA L 76 -57.94 25.04 -29.48
C ALA L 76 -57.25 23.84 -30.11
N HIS L 77 -55.95 23.99 -30.40
CA HIS L 77 -55.20 22.92 -31.04
C HIS L 77 -54.34 22.09 -30.11
N ALA L 78 -54.38 22.39 -28.82
CA ALA L 78 -53.60 21.63 -27.84
C ALA L 78 -54.08 20.17 -28.01
N GLU L 79 -55.35 20.05 -28.36
CA GLU L 79 -55.97 18.75 -28.58
C GLU L 79 -56.56 18.89 -29.98
N THR L 80 -55.92 18.28 -30.96
CA THR L 80 -56.40 18.42 -32.33
C THR L 80 -56.71 17.09 -33.01
N ASP L 81 -57.11 17.14 -34.28
CA ASP L 81 -57.44 15.92 -35.01
C ASP L 81 -56.31 15.42 -35.90
N ILE L 82 -55.78 16.30 -36.74
CA ILE L 82 -54.70 15.90 -37.62
C ILE L 82 -53.55 16.91 -37.59
N VAL L 83 -52.34 16.42 -37.33
CA VAL L 83 -51.15 17.28 -37.29
C VAL L 83 -50.29 16.97 -38.51
N ILE L 84 -49.99 17.99 -39.29
CA ILE L 84 -49.14 17.79 -40.45
C ILE L 84 -47.80 18.46 -40.13
N VAL L 85 -46.74 17.67 -40.06
CA VAL L 85 -45.42 18.21 -39.75
C VAL L 85 -44.64 18.48 -41.03
N GLY L 86 -44.48 19.77 -41.35
CA GLY L 86 -43.77 20.16 -42.55
C GLY L 86 -44.69 20.72 -43.60
N ALA L 87 -44.62 22.04 -43.81
CA ALA L 87 -45.48 22.71 -44.78
C ALA L 87 -44.80 22.94 -46.13
N GLY L 88 -44.26 21.86 -46.69
CA GLY L 88 -43.62 21.94 -47.99
C GLY L 88 -44.67 21.54 -49.03
N SER L 89 -44.22 21.29 -50.26
CA SER L 89 -45.15 20.92 -51.32
C SER L 89 -45.98 19.69 -50.93
N CYS L 90 -45.34 18.70 -50.32
CA CYS L 90 -46.09 17.53 -49.91
C CYS L 90 -47.02 17.91 -48.78
N GLY L 91 -46.45 18.46 -47.72
CA GLY L 91 -47.25 18.87 -46.58
C GLY L 91 -48.43 19.71 -47.01
N LEU L 92 -48.18 20.77 -47.77
CA LEU L 92 -49.27 21.63 -48.20
C LEU L 92 -50.29 20.89 -49.05
N SER L 93 -49.84 20.03 -49.95
CA SER L 93 -50.79 19.29 -50.78
C SER L 93 -51.69 18.42 -49.95
N ALA L 94 -51.15 17.84 -48.88
CA ALA L 94 -51.93 16.99 -47.98
C ALA L 94 -52.94 17.87 -47.24
N ALA L 95 -52.47 18.97 -46.66
CA ALA L 95 -53.34 19.87 -45.91
C ALA L 95 -54.50 20.34 -46.79
N TYR L 96 -54.23 20.59 -48.06
CA TYR L 96 -55.28 21.05 -48.97
C TYR L 96 -56.36 20.00 -49.19
N VAL L 97 -55.99 18.83 -49.68
CA VAL L 97 -56.96 17.77 -49.92
C VAL L 97 -57.70 17.40 -48.64
N LEU L 98 -56.96 17.27 -47.54
CA LEU L 98 -57.52 16.89 -46.24
C LEU L 98 -58.55 17.90 -45.71
N SER L 99 -58.19 19.17 -45.66
CA SER L 99 -59.11 20.18 -45.16
C SER L 99 -60.32 20.34 -46.09
N THR L 100 -60.15 19.97 -47.36
CA THR L 100 -61.24 20.08 -48.32
C THR L 100 -62.22 18.92 -48.23
N LEU L 101 -61.72 17.72 -47.93
CA LEU L 101 -62.58 16.56 -47.82
C LEU L 101 -63.19 16.43 -46.43
N ARG L 102 -62.58 17.11 -45.45
CA ARG L 102 -63.06 17.02 -44.08
C ARG L 102 -63.11 18.37 -43.35
N PRO L 103 -64.15 19.17 -43.62
CA PRO L 103 -64.29 20.48 -42.96
C PRO L 103 -64.45 20.31 -41.46
N ASP L 104 -65.02 19.17 -41.07
CA ASP L 104 -65.26 18.84 -39.67
C ASP L 104 -63.97 18.64 -38.87
N LEU L 105 -62.94 18.15 -39.53
CA LEU L 105 -61.67 17.89 -38.87
C LEU L 105 -60.79 19.12 -38.74
N ARG L 106 -60.16 19.25 -37.57
CA ARG L 106 -59.25 20.34 -37.23
C ARG L 106 -57.85 19.91 -37.63
N ILE L 107 -57.25 20.66 -38.54
CA ILE L 107 -55.93 20.37 -39.05
C ILE L 107 -54.90 21.38 -38.55
N THR L 108 -53.88 20.85 -37.88
CA THR L 108 -52.81 21.66 -37.30
C THR L 108 -51.50 21.50 -38.08
N ILE L 109 -51.13 22.51 -38.86
CA ILE L 109 -49.88 22.44 -39.63
C ILE L 109 -48.75 23.10 -38.82
N VAL L 110 -47.76 22.30 -38.42
CA VAL L 110 -46.63 22.82 -37.67
C VAL L 110 -45.41 22.89 -38.61
N GLU L 111 -45.05 24.11 -38.99
CA GLU L 111 -43.94 24.36 -39.89
C GLU L 111 -42.77 25.03 -39.14
N ALA L 112 -41.57 24.50 -39.36
CA ALA L 112 -40.35 24.97 -38.73
C ALA L 112 -39.91 26.37 -39.09
N GLY L 113 -39.81 26.66 -40.38
CA GLY L 113 -39.36 27.99 -40.79
C GLY L 113 -40.39 29.09 -40.65
N VAL L 114 -39.94 30.33 -40.64
CA VAL L 114 -40.86 31.45 -40.55
C VAL L 114 -41.71 31.38 -41.83
N ALA L 115 -41.04 31.25 -42.97
CA ALA L 115 -41.74 31.15 -44.24
C ALA L 115 -42.02 29.68 -44.52
N PRO L 116 -43.22 29.36 -44.96
CA PRO L 116 -43.51 27.94 -45.23
C PRO L 116 -43.22 27.66 -46.72
N GLY L 117 -43.56 26.47 -47.20
CA GLY L 117 -43.31 26.17 -48.60
C GLY L 117 -42.15 25.22 -48.89
N GLY L 118 -41.47 24.76 -47.85
CA GLY L 118 -40.35 23.85 -48.02
C GLY L 118 -39.40 24.18 -49.15
N GLY L 119 -39.06 23.19 -49.94
CA GLY L 119 -38.16 23.41 -51.07
C GLY L 119 -38.91 23.64 -52.36
N ALA L 120 -40.11 24.20 -52.27
CA ALA L 120 -40.97 24.48 -53.42
C ALA L 120 -41.05 25.95 -53.82
N TRP L 121 -40.00 26.71 -53.53
CA TRP L 121 -39.96 28.12 -53.91
C TRP L 121 -39.06 28.22 -55.14
N LEU L 122 -38.36 27.13 -55.41
CA LEU L 122 -37.46 27.06 -56.55
C LEU L 122 -37.49 25.76 -57.33
N GLY L 123 -36.91 25.83 -58.52
CA GLY L 123 -36.78 24.67 -59.37
C GLY L 123 -35.41 24.11 -59.02
N GLY L 124 -34.66 23.64 -60.01
CA GLY L 124 -33.34 23.09 -59.72
C GLY L 124 -32.25 24.11 -59.88
N GLN L 125 -31.18 23.95 -59.10
CA GLN L 125 -30.04 24.87 -59.14
C GLN L 125 -30.43 26.36 -59.11
N LEU L 126 -31.36 26.69 -58.22
CA LEU L 126 -31.84 28.05 -58.04
C LEU L 126 -32.64 28.67 -59.19
N PHE L 127 -33.12 27.83 -60.12
CA PHE L 127 -33.92 28.34 -61.22
C PHE L 127 -35.39 28.30 -60.83
N SER L 128 -36.28 28.75 -61.70
CA SER L 128 -37.70 28.81 -61.33
C SER L 128 -38.59 27.64 -61.75
N ALA L 129 -38.79 27.49 -63.06
CA ALA L 129 -39.63 26.46 -63.63
C ALA L 129 -39.83 25.20 -62.78
N MET L 130 -41.09 24.90 -62.48
CA MET L 130 -41.47 23.72 -61.70
C MET L 130 -42.01 22.67 -62.67
N VAL L 131 -41.35 21.52 -62.74
CA VAL L 131 -41.81 20.48 -63.65
C VAL L 131 -42.57 19.39 -62.94
N MET L 132 -43.76 19.07 -63.45
CA MET L 132 -44.56 18.00 -62.88
C MET L 132 -44.93 17.04 -64.00
N ARG L 133 -44.69 15.75 -63.76
CA ARG L 133 -45.01 14.73 -64.74
C ARG L 133 -46.47 14.31 -64.55
N LYS L 134 -47.14 14.02 -65.65
CA LYS L 134 -48.52 13.58 -65.57
C LYS L 134 -48.56 12.22 -64.86
N PRO L 135 -49.68 11.90 -64.19
CA PRO L 135 -50.92 12.68 -64.09
C PRO L 135 -50.98 13.75 -62.99
N ALA L 136 -49.83 14.28 -62.58
CA ALA L 136 -49.83 15.29 -61.52
C ALA L 136 -50.61 16.54 -61.93
N ASP L 137 -50.80 16.73 -63.23
CA ASP L 137 -51.52 17.89 -63.72
C ASP L 137 -52.98 17.91 -63.28
N VAL L 138 -53.52 16.75 -62.91
CA VAL L 138 -54.91 16.69 -62.44
C VAL L 138 -54.99 17.49 -61.14
N PHE L 139 -53.95 17.40 -60.32
CA PHE L 139 -53.92 18.12 -59.06
C PHE L 139 -53.77 19.62 -59.29
N LEU L 140 -52.85 20.00 -60.17
CA LEU L 140 -52.63 21.40 -60.48
C LEU L 140 -53.95 22.04 -60.93
N ASP L 141 -54.81 21.24 -61.56
CA ASP L 141 -56.11 21.75 -62.01
C ASP L 141 -57.00 21.97 -60.79
N GLU L 142 -56.93 21.04 -59.85
CA GLU L 142 -57.71 21.14 -58.62
C GLU L 142 -57.44 22.45 -57.88
N VAL L 143 -56.16 22.76 -57.68
CA VAL L 143 -55.76 23.98 -56.95
C VAL L 143 -55.72 25.24 -57.78
N GLY L 144 -55.98 25.11 -59.07
CA GLY L 144 -56.01 26.26 -59.96
C GLY L 144 -54.66 26.91 -60.21
N VAL L 145 -53.69 26.11 -60.62
CA VAL L 145 -52.37 26.61 -60.92
C VAL L 145 -52.13 26.36 -62.40
N PRO L 146 -52.04 27.43 -63.20
CA PRO L 146 -51.82 27.29 -64.65
C PRO L 146 -50.48 26.62 -64.97
N TYR L 147 -50.34 26.10 -66.19
CA TYR L 147 -49.11 25.43 -66.61
C TYR L 147 -49.02 25.28 -68.13
N GLU L 148 -47.86 24.87 -68.62
CA GLU L 148 -47.64 24.64 -70.03
C GLU L 148 -47.57 23.12 -70.15
N ASP L 149 -48.34 22.56 -71.07
CA ASP L 149 -48.35 21.12 -71.25
C ASP L 149 -47.30 20.76 -72.30
N GLU L 150 -46.32 19.95 -71.91
CA GLU L 150 -45.26 19.56 -72.84
C GLU L 150 -45.41 18.10 -73.27
N GLY L 151 -46.50 17.47 -72.86
CA GLY L 151 -46.70 16.08 -73.23
C GLY L 151 -46.83 15.19 -72.02
N ASP L 152 -45.77 14.46 -71.68
CA ASP L 152 -45.79 13.57 -70.53
C ASP L 152 -45.65 14.35 -69.22
N TYR L 153 -45.39 15.64 -69.34
CA TYR L 153 -45.24 16.50 -68.18
C TYR L 153 -45.75 17.91 -68.48
N VAL L 154 -45.94 18.69 -67.43
CA VAL L 154 -46.39 20.05 -67.57
C VAL L 154 -45.39 20.94 -66.83
N VAL L 155 -45.43 22.24 -67.09
CA VAL L 155 -44.50 23.13 -66.43
C VAL L 155 -45.18 24.34 -65.82
N VAL L 156 -44.85 24.62 -64.57
CA VAL L 156 -45.41 25.76 -63.85
C VAL L 156 -44.42 26.93 -63.96
N LYS L 157 -44.90 28.05 -64.50
CA LYS L 157 -44.10 29.25 -64.71
C LYS L 157 -42.98 29.45 -63.68
N HIS L 158 -43.35 29.40 -62.40
CA HIS L 158 -42.37 29.53 -61.31
C HIS L 158 -42.86 28.64 -60.17
N ALA L 159 -41.96 27.89 -59.55
CA ALA L 159 -42.34 27.02 -58.43
C ALA L 159 -43.17 27.81 -57.42
N ALA L 160 -42.79 29.06 -57.18
CA ALA L 160 -43.48 29.95 -56.24
C ALA L 160 -44.95 30.18 -56.59
N LEU L 161 -45.32 30.07 -57.87
CA LEU L 161 -46.70 30.28 -58.26
C LEU L 161 -47.54 29.17 -57.65
N PHE L 162 -46.96 27.98 -57.63
CA PHE L 162 -47.64 26.82 -57.07
C PHE L 162 -47.74 26.95 -55.55
N THR L 163 -46.61 27.07 -54.88
CA THR L 163 -46.59 27.18 -53.43
C THR L 163 -47.45 28.32 -52.86
N SER L 164 -47.43 29.48 -53.52
CA SER L 164 -48.24 30.60 -53.03
C SER L 164 -49.73 30.28 -53.19
N THR L 165 -50.11 29.85 -54.39
CA THR L 165 -51.49 29.52 -54.67
C THR L 165 -52.02 28.50 -53.66
N VAL L 166 -51.35 27.36 -53.57
CA VAL L 166 -51.74 26.31 -52.64
C VAL L 166 -51.74 26.83 -51.20
N LEU L 167 -50.65 27.48 -50.82
CA LEU L 167 -50.52 28.05 -49.49
C LEU L 167 -51.72 28.95 -49.21
N SER L 168 -52.08 29.77 -50.19
CA SER L 168 -53.20 30.68 -50.08
C SER L 168 -54.53 29.95 -49.86
N LYS L 169 -54.82 28.96 -50.69
CA LYS L 169 -56.07 28.24 -50.56
C LYS L 169 -56.19 27.47 -49.27
N VAL L 170 -55.09 26.89 -48.80
CA VAL L 170 -55.10 26.12 -47.56
C VAL L 170 -55.31 27.01 -46.34
N LEU L 171 -54.72 28.20 -46.35
CA LEU L 171 -54.85 29.11 -45.23
C LEU L 171 -56.24 29.71 -45.14
N GLN L 172 -56.93 29.79 -46.28
CA GLN L 172 -58.27 30.35 -46.30
C GLN L 172 -59.31 29.46 -45.62
N ARG L 173 -59.02 28.16 -45.57
CA ARG L 173 -59.91 27.20 -44.93
C ARG L 173 -60.05 27.50 -43.43
N PRO L 174 -61.29 27.51 -42.91
CA PRO L 174 -61.59 27.78 -41.51
C PRO L 174 -61.08 26.76 -40.50
N ASN L 175 -60.96 25.52 -40.93
CA ASN L 175 -60.51 24.45 -40.04
C ASN L 175 -59.00 24.23 -40.04
N VAL L 176 -58.26 25.10 -40.72
CA VAL L 176 -56.81 24.95 -40.80
C VAL L 176 -56.01 26.02 -40.08
N LYS L 177 -55.03 25.58 -39.29
CA LYS L 177 -54.16 26.49 -38.57
C LYS L 177 -52.71 26.26 -38.97
N LEU L 178 -51.95 27.34 -39.14
CA LEU L 178 -50.55 27.21 -39.51
C LEU L 178 -49.63 27.80 -38.45
N PHE L 179 -48.99 26.93 -37.67
CA PHE L 179 -48.05 27.38 -36.65
C PHE L 179 -46.65 27.35 -37.26
N ASN L 180 -46.28 28.43 -37.94
CA ASN L 180 -44.96 28.50 -38.53
C ASN L 180 -43.96 28.96 -37.47
N ALA L 181 -42.67 28.73 -37.72
CA ALA L 181 -41.61 29.10 -36.77
C ALA L 181 -41.67 28.17 -35.55
N THR L 182 -42.36 27.05 -35.73
CA THR L 182 -42.51 26.07 -34.67
C THR L 182 -41.97 24.75 -35.14
N THR L 183 -41.08 24.18 -34.35
CA THR L 183 -40.44 22.93 -34.71
C THR L 183 -40.91 21.75 -33.90
N VAL L 184 -41.09 20.60 -34.55
CA VAL L 184 -41.48 19.41 -33.85
C VAL L 184 -40.17 18.82 -33.30
N GLU L 185 -40.02 18.86 -31.97
CA GLU L 185 -38.83 18.35 -31.32
C GLU L 185 -38.88 16.87 -30.98
N ASP L 186 -40.07 16.36 -30.70
CA ASP L 186 -40.20 14.94 -30.39
C ASP L 186 -41.59 14.45 -30.77
N LEU L 187 -41.86 13.18 -30.46
CA LEU L 187 -43.15 12.59 -30.76
C LEU L 187 -43.82 12.14 -29.46
N ILE L 188 -45.11 12.49 -29.31
CA ILE L 188 -45.86 12.07 -28.13
C ILE L 188 -46.18 10.60 -28.40
N THR L 189 -45.79 9.72 -27.49
CA THR L 189 -46.02 8.29 -27.69
C THR L 189 -47.02 7.66 -26.73
N ARG L 190 -47.41 6.43 -27.05
CA ARG L 190 -48.33 5.63 -26.23
C ARG L 190 -47.85 4.19 -26.38
N LYS L 191 -48.53 3.24 -25.73
CA LYS L 191 -48.10 1.85 -25.84
C LYS L 191 -48.98 1.05 -26.79
N HIS L 192 -48.34 0.25 -27.65
CA HIS L 192 -49.03 -0.61 -28.62
C HIS L 192 -50.04 0.22 -29.43
N LYS L 210 -43.75 -2.12 -28.75
CA LYS L 210 -44.35 -1.39 -29.87
C LYS L 210 -45.09 -0.15 -29.38
N VAL L 211 -45.18 0.87 -30.22
CA VAL L 211 -45.85 2.12 -29.85
C VAL L 211 -46.81 2.70 -30.88
N ARG L 212 -47.58 3.67 -30.43
CA ARG L 212 -48.54 4.39 -31.26
C ARG L 212 -48.22 5.86 -31.09
N ILE L 213 -48.17 6.60 -32.19
CA ILE L 213 -47.89 8.02 -32.10
C ILE L 213 -49.20 8.74 -31.81
N ALA L 214 -49.19 9.61 -30.79
CA ALA L 214 -50.39 10.31 -30.34
C ALA L 214 -50.32 11.84 -30.36
N GLY L 215 -49.22 12.38 -30.86
CA GLY L 215 -49.08 13.83 -30.89
C GLY L 215 -47.66 14.24 -31.17
N VAL L 216 -47.39 15.52 -31.07
CA VAL L 216 -46.05 16.04 -31.32
C VAL L 216 -45.54 16.92 -30.18
N VAL L 217 -44.23 16.97 -30.03
CA VAL L 217 -43.62 17.81 -29.03
C VAL L 217 -43.20 19.04 -29.83
N THR L 218 -43.58 20.22 -29.36
CA THR L 218 -43.25 21.45 -30.07
C THR L 218 -42.45 22.48 -29.28
N ASN L 219 -41.85 23.40 -30.01
CA ASN L 219 -41.06 24.47 -29.42
C ASN L 219 -40.82 25.52 -30.50
N TRP L 220 -40.42 26.72 -30.09
CA TRP L 220 -40.12 27.75 -31.08
C TRP L 220 -38.87 27.26 -31.80
N THR L 221 -38.91 27.23 -33.12
CA THR L 221 -37.77 26.78 -33.91
C THR L 221 -36.46 27.36 -33.37
N LEU L 222 -36.42 28.67 -33.17
CA LEU L 222 -35.21 29.30 -32.65
C LEU L 222 -34.76 28.71 -31.32
N VAL L 223 -35.70 28.20 -30.52
CA VAL L 223 -35.33 27.60 -29.24
C VAL L 223 -34.71 26.23 -29.51
N SER L 224 -35.29 25.50 -30.46
CA SER L 224 -34.82 24.17 -30.81
C SER L 224 -33.39 24.21 -31.35
N MET L 225 -33.04 25.31 -32.00
CA MET L 225 -31.72 25.49 -32.59
C MET L 225 -30.67 26.00 -31.61
N HIS L 226 -31.06 26.24 -30.36
CA HIS L 226 -30.09 26.77 -29.40
C HIS L 226 -30.22 26.19 -28.01
N HIS L 227 -30.44 24.87 -27.92
CA HIS L 227 -30.58 24.23 -26.62
C HIS L 227 -29.27 24.20 -25.86
N ASP L 228 -28.28 24.94 -26.37
CA ASP L 228 -26.96 25.01 -25.74
C ASP L 228 -26.68 26.47 -25.42
N ASP L 229 -27.22 27.34 -26.27
CA ASP L 229 -27.05 28.78 -26.15
C ASP L 229 -27.97 29.46 -25.15
N GLN L 230 -28.37 28.71 -24.11
CA GLN L 230 -29.21 29.21 -23.02
C GLN L 230 -29.40 28.10 -21.98
N SER L 231 -30.23 28.37 -20.97
CA SER L 231 -30.54 27.40 -19.92
C SER L 231 -31.67 26.53 -20.46
N MET L 233 -34.84 24.98 -21.85
CA MET L 233 -36.11 25.51 -22.35
C MET L 233 -37.04 24.39 -22.78
N ASP L 234 -37.92 23.97 -21.87
CA ASP L 234 -38.86 22.89 -22.15
C ASP L 234 -39.80 23.17 -23.30
N PRO L 235 -40.25 22.11 -23.98
CA PRO L 235 -41.17 22.24 -25.11
C PRO L 235 -42.62 22.27 -24.69
N ASN L 236 -43.50 22.38 -25.68
CA ASN L 236 -44.94 22.36 -25.42
C ASN L 236 -45.43 21.12 -26.13
N THR L 237 -46.74 20.90 -26.13
CA THR L 237 -47.28 19.70 -26.76
C THR L 237 -48.60 19.88 -27.47
N ILE L 238 -48.93 18.88 -28.29
CA ILE L 238 -50.16 18.85 -29.04
C ILE L 238 -50.56 17.38 -29.12
N ASN L 239 -51.78 17.06 -28.70
CA ASN L 239 -52.26 15.68 -28.75
C ASN L 239 -53.05 15.49 -30.05
N ALA L 240 -52.87 14.36 -30.72
CA ALA L 240 -53.61 14.08 -31.96
C ALA L 240 -53.55 12.60 -32.32
N PRO L 241 -54.68 12.03 -32.74
CA PRO L 241 -54.77 10.61 -33.13
C PRO L 241 -54.03 10.28 -34.40
N VAL L 242 -53.90 11.25 -35.30
CA VAL L 242 -53.18 11.00 -36.54
C VAL L 242 -52.21 12.13 -36.89
N ILE L 243 -50.97 11.75 -37.16
CA ILE L 243 -49.91 12.69 -37.50
C ILE L 243 -49.29 12.39 -38.87
N ILE L 244 -49.29 13.40 -39.75
CA ILE L 244 -48.69 13.25 -41.08
C ILE L 244 -47.32 13.95 -41.06
N SER L 245 -46.25 13.18 -41.16
CA SER L 245 -44.92 13.76 -41.15
C SER L 245 -44.37 13.89 -42.56
N THR L 246 -44.10 15.13 -42.97
CA THR L 246 -43.57 15.40 -44.30
C THR L 246 -42.45 16.45 -44.21
N THR L 247 -41.38 16.08 -43.52
CA THR L 247 -40.24 16.96 -43.29
C THR L 247 -39.13 16.84 -44.33
N GLY L 248 -39.47 16.37 -45.53
CA GLY L 248 -38.46 16.22 -46.57
C GLY L 248 -37.43 15.19 -46.16
N HIS L 249 -36.38 15.03 -46.98
CA HIS L 249 -35.34 14.06 -46.67
C HIS L 249 -34.31 14.53 -45.64
N ASP L 250 -33.54 13.57 -45.14
CA ASP L 250 -32.53 13.82 -44.11
C ASP L 250 -31.71 15.09 -44.31
N GLY L 251 -31.29 15.66 -43.18
CA GLY L 251 -30.51 16.88 -43.16
C GLY L 251 -30.68 17.50 -41.79
N PRO L 252 -29.97 18.60 -41.48
CA PRO L 252 -30.07 19.26 -40.18
C PRO L 252 -31.50 19.41 -39.65
N PHE L 253 -32.46 19.61 -40.55
CA PHE L 253 -33.85 19.77 -40.17
C PHE L 253 -34.73 18.58 -40.54
N GLY L 254 -34.65 18.17 -41.81
CA GLY L 254 -35.46 17.09 -42.34
C GLY L 254 -35.52 15.68 -41.75
N ALA L 255 -36.40 14.88 -42.35
CA ALA L 255 -36.63 13.49 -41.97
C ALA L 255 -36.67 13.29 -40.46
N PHE L 256 -37.42 14.15 -39.77
CA PHE L 256 -37.50 14.06 -38.32
C PHE L 256 -38.18 12.83 -37.74
N SER L 257 -39.41 12.56 -38.15
CA SER L 257 -40.17 11.42 -37.63
C SER L 257 -39.49 10.09 -37.86
N VAL L 258 -39.10 9.84 -39.09
CA VAL L 258 -38.43 8.60 -39.44
C VAL L 258 -37.20 8.38 -38.55
N LYS L 259 -36.40 9.42 -38.36
CA LYS L 259 -35.19 9.34 -37.53
C LYS L 259 -35.55 9.12 -36.06
N ARG L 260 -36.57 9.80 -35.60
CA ARG L 260 -36.99 9.66 -34.21
C ARG L 260 -37.36 8.22 -33.91
N LEU L 261 -38.04 7.56 -34.85
CA LEU L 261 -38.42 6.17 -34.65
C LEU L 261 -37.19 5.29 -34.43
N VAL L 262 -36.10 5.64 -35.11
CA VAL L 262 -34.87 4.88 -34.98
C VAL L 262 -34.24 5.12 -33.61
N SER L 263 -34.09 6.39 -33.25
CA SER L 263 -33.50 6.78 -31.98
C SER L 263 -34.35 6.38 -30.78
N MET L 264 -35.63 6.15 -31.00
CA MET L 264 -36.54 5.73 -29.94
C MET L 264 -36.48 4.22 -29.83
N LYS L 265 -35.69 3.62 -30.73
CA LYS L 265 -35.49 2.17 -30.79
C LYS L 265 -36.73 1.44 -31.31
N GLN L 266 -37.34 1.98 -32.37
CA GLN L 266 -38.52 1.40 -32.98
C GLN L 266 -38.19 0.86 -34.37
N MET L 267 -37.22 1.51 -35.03
CA MET L 267 -36.77 1.11 -36.36
C MET L 267 -35.39 0.48 -36.22
N GLU L 268 -35.11 -0.51 -37.07
CA GLU L 268 -33.81 -1.17 -37.03
C GLU L 268 -32.70 -0.20 -37.41
N ARG L 269 -33.01 0.69 -38.35
CA ARG L 269 -32.07 1.69 -38.87
C ARG L 269 -32.77 2.36 -40.05
N LEU L 270 -32.09 3.29 -40.70
CA LEU L 270 -32.67 3.95 -41.86
C LEU L 270 -32.02 3.42 -43.13
N ASN L 271 -32.85 3.02 -44.10
CA ASN L 271 -32.35 2.51 -45.36
C ASN L 271 -31.56 3.59 -46.08
N GLY L 272 -32.03 4.83 -45.96
CA GLY L 272 -31.36 5.97 -46.57
C GLY L 272 -31.83 6.33 -47.97
N MET L 273 -31.90 7.64 -48.24
CA MET L 273 -32.31 8.11 -49.56
C MET L 273 -31.25 7.69 -50.56
N ARG L 274 -31.67 7.13 -51.69
CA ARG L 274 -30.73 6.64 -52.69
C ARG L 274 -30.40 7.65 -53.80
N GLY L 275 -29.70 7.16 -54.83
CA GLY L 275 -29.34 8.01 -55.95
C GLY L 275 -30.54 8.62 -56.63
N LEU L 276 -30.30 9.44 -57.65
CA LEU L 276 -31.40 10.08 -58.37
C LEU L 276 -31.83 9.27 -59.59
N ASP L 277 -33.09 8.83 -59.57
CA ASP L 277 -33.67 8.05 -60.65
C ASP L 277 -35.13 8.43 -60.70
N MET L 278 -35.40 9.58 -61.29
CA MET L 278 -36.77 10.11 -61.37
C MET L 278 -37.89 9.09 -61.60
N GLN L 279 -37.84 8.37 -62.71
CA GLN L 279 -38.88 7.40 -63.01
C GLN L 279 -39.16 6.41 -61.90
N SER L 280 -38.13 5.74 -61.40
CA SER L 280 -38.41 4.79 -60.34
C SER L 280 -38.76 5.53 -59.04
N ALA L 281 -38.03 6.59 -58.72
CA ALA L 281 -38.24 7.35 -57.50
C ALA L 281 -39.66 7.88 -57.24
N GLU L 282 -40.21 8.66 -58.17
CA GLU L 282 -41.54 9.23 -57.96
C GLU L 282 -42.66 8.24 -57.66
N ASP L 283 -42.72 7.14 -58.39
CA ASP L 283 -43.76 6.15 -58.14
C ASP L 283 -43.57 5.53 -56.76
N ALA L 284 -42.32 5.31 -56.37
CA ALA L 284 -42.02 4.74 -55.06
C ALA L 284 -42.52 5.64 -53.92
N ILE L 285 -42.33 6.94 -54.04
CA ILE L 285 -42.77 7.85 -52.99
C ILE L 285 -44.29 7.90 -52.89
N VAL L 286 -44.97 8.00 -54.03
CA VAL L 286 -46.41 8.07 -54.04
C VAL L 286 -47.11 6.79 -53.58
N ASN L 287 -46.83 5.68 -54.25
CA ASN L 287 -47.48 4.43 -53.91
C ASN L 287 -47.21 3.87 -52.53
N ASN L 288 -46.11 4.28 -51.91
CA ASN L 288 -45.77 3.77 -50.58
C ASN L 288 -46.08 4.70 -49.43
N THR L 289 -46.72 5.82 -49.72
CA THR L 289 -47.06 6.76 -48.65
C THR L 289 -48.16 6.12 -47.81
N ARG L 290 -47.87 5.87 -46.53
CA ARG L 290 -48.86 5.27 -45.65
C ARG L 290 -48.52 5.44 -44.20
N GLU L 291 -49.33 4.80 -43.36
CA GLU L 291 -49.14 4.83 -41.93
C GLU L 291 -47.99 3.88 -41.62
N ILE L 292 -46.87 4.44 -41.18
CA ILE L 292 -45.69 3.67 -40.86
C ILE L 292 -45.83 2.93 -39.54
N VAL L 293 -46.50 3.59 -38.61
CA VAL L 293 -46.76 3.07 -37.28
C VAL L 293 -48.12 3.67 -36.86
N PRO L 294 -48.89 2.97 -36.02
CA PRO L 294 -50.18 3.51 -35.60
C PRO L 294 -50.15 5.00 -35.25
N GLY L 295 -50.93 5.79 -35.99
CA GLY L 295 -50.99 7.21 -35.73
C GLY L 295 -49.99 8.07 -36.48
N LEU L 296 -49.05 7.43 -37.18
CA LEU L 296 -48.05 8.19 -37.93
C LEU L 296 -48.05 7.82 -39.41
N ILE L 297 -48.19 8.83 -40.26
CA ILE L 297 -48.19 8.67 -41.70
C ILE L 297 -47.01 9.47 -42.27
N VAL L 298 -46.30 8.89 -43.25
CA VAL L 298 -45.15 9.55 -43.84
C VAL L 298 -45.25 9.59 -45.37
N GLY L 299 -44.84 10.72 -45.94
CA GLY L 299 -44.87 10.90 -47.38
C GLY L 299 -43.83 11.96 -47.75
N GLY L 300 -43.78 12.35 -49.02
CA GLY L 300 -42.80 13.34 -49.41
C GLY L 300 -41.42 12.70 -49.47
N MET L 301 -40.37 13.50 -49.34
CA MET L 301 -39.03 12.94 -49.40
C MET L 301 -38.58 12.28 -48.10
N GLU L 302 -39.31 12.51 -47.02
CA GLU L 302 -38.96 11.87 -45.76
C GLU L 302 -39.19 10.37 -45.94
N LEU L 303 -40.18 10.05 -46.74
CA LEU L 303 -40.52 8.66 -47.01
C LEU L 303 -39.36 7.91 -47.66
N SER L 304 -38.47 8.64 -48.34
CA SER L 304 -37.33 8.00 -48.99
C SER L 304 -36.20 7.61 -48.02
N GLU L 305 -36.17 8.24 -46.85
CA GLU L 305 -35.15 7.93 -45.85
C GLU L 305 -35.40 6.55 -45.24
N ILE L 306 -36.63 6.31 -44.82
CA ILE L 306 -37.01 5.05 -44.21
C ILE L 306 -37.16 3.89 -45.21
N ASP L 307 -37.61 4.20 -46.44
CA ASP L 307 -37.78 3.16 -47.46
C ASP L 307 -36.55 2.88 -48.31
N GLY L 308 -35.64 3.84 -48.38
CA GLY L 308 -34.46 3.63 -49.18
C GLY L 308 -34.77 3.76 -50.66
N ALA L 309 -35.69 4.68 -50.98
CA ALA L 309 -36.07 4.91 -52.36
C ALA L 309 -35.14 5.93 -52.98
N ASN L 310 -35.21 6.05 -54.31
CA ASN L 310 -34.38 7.01 -55.04
C ASN L 310 -34.95 8.41 -54.82
N ARG L 311 -34.19 9.43 -55.22
CA ARG L 311 -34.65 10.81 -55.11
C ARG L 311 -35.04 11.23 -56.54
N MET L 312 -35.73 12.36 -56.68
CA MET L 312 -36.15 12.80 -58.01
C MET L 312 -35.54 14.12 -58.48
N GLY L 313 -34.80 14.78 -57.58
CA GLY L 313 -34.22 16.05 -57.96
C GLY L 313 -35.29 17.11 -58.07
N PRO L 314 -35.23 17.96 -59.09
CA PRO L 314 -36.18 19.05 -59.31
C PRO L 314 -37.48 18.71 -60.04
N THR L 315 -38.32 17.89 -59.42
CA THR L 315 -39.62 17.53 -60.02
C THR L 315 -40.61 17.25 -58.89
N PHE L 316 -41.71 18.00 -58.88
CA PHE L 316 -42.69 17.92 -57.80
C PHE L 316 -43.98 17.11 -57.95
N GLY L 317 -44.09 16.31 -59.00
CA GLY L 317 -45.30 15.52 -59.16
C GLY L 317 -45.54 14.57 -58.00
N ALA L 318 -44.49 13.84 -57.62
CA ALA L 318 -44.57 12.89 -56.52
C ALA L 318 -44.88 13.58 -55.20
N MET L 319 -44.32 14.77 -55.01
CA MET L 319 -44.58 15.52 -53.78
C MET L 319 -46.07 15.87 -53.68
N ALA L 320 -46.65 16.34 -54.78
CA ALA L 320 -48.06 16.70 -54.80
C ALA L 320 -48.98 15.50 -54.64
N LEU L 321 -48.77 14.44 -55.40
CA LEU L 321 -49.62 13.27 -55.28
C LEU L 321 -49.34 12.49 -54.01
N SER L 322 -48.13 12.59 -53.49
CA SER L 322 -47.80 11.89 -52.24
C SER L 322 -48.60 12.55 -51.13
N GLY L 323 -48.87 13.84 -51.30
CA GLY L 323 -49.63 14.58 -50.32
C GLY L 323 -51.08 14.14 -50.36
N VAL L 324 -51.58 13.96 -51.58
CA VAL L 324 -52.94 13.53 -51.80
C VAL L 324 -53.15 12.15 -51.17
N LYS L 325 -52.19 11.24 -51.39
CA LYS L 325 -52.28 9.91 -50.82
C LYS L 325 -52.13 9.97 -49.31
N ALA L 326 -51.37 10.95 -48.83
CA ALA L 326 -51.16 11.13 -47.39
C ALA L 326 -52.50 11.48 -46.76
N ALA L 327 -53.22 12.38 -47.43
CA ALA L 327 -54.52 12.84 -46.97
C ALA L 327 -55.52 11.68 -46.95
N HIS L 328 -55.58 10.95 -48.05
CA HIS L 328 -56.48 9.82 -48.16
C HIS L 328 -56.24 8.86 -46.99
N GLU L 329 -54.95 8.61 -46.70
CA GLU L 329 -54.56 7.71 -45.62
C GLU L 329 -55.00 8.16 -44.24
N ALA L 330 -54.84 9.45 -43.97
CA ALA L 330 -55.25 10.00 -42.67
C ALA L 330 -56.74 9.71 -42.45
N ILE L 331 -57.52 9.85 -43.52
CA ILE L 331 -58.96 9.61 -43.43
C ILE L 331 -59.26 8.15 -43.20
N ARG L 332 -58.52 7.28 -43.89
CA ARG L 332 -58.71 5.84 -43.76
C ARG L 332 -58.47 5.36 -42.33
N VAL L 333 -57.41 5.85 -41.71
CA VAL L 333 -57.03 5.43 -40.36
C VAL L 333 -57.53 6.33 -39.24
N PHE L 334 -58.17 7.44 -39.59
CA PHE L 334 -58.64 8.37 -38.57
C PHE L 334 -59.57 7.83 -37.49
N ASP L 335 -60.76 7.37 -37.87
CA ASP L 335 -61.70 6.85 -36.88
C ASP L 335 -61.10 5.85 -35.89
N LEU L 336 -60.31 4.91 -36.40
CA LEU L 336 -59.69 3.93 -35.52
C LEU L 336 -58.73 4.59 -34.53
N ARG L 337 -57.83 5.41 -35.05
CA ARG L 337 -56.86 6.08 -34.18
C ARG L 337 -57.54 7.00 -33.19
N LYS L 338 -58.59 7.67 -33.65
CA LYS L 338 -59.34 8.59 -32.80
C LYS L 338 -59.90 7.80 -31.62
N ALA L 339 -60.48 6.65 -31.93
CA ALA L 339 -61.07 5.79 -30.90
C ALA L 339 -60.02 5.37 -29.89
N GLN L 340 -58.87 4.93 -30.38
CA GLN L 340 -57.79 4.49 -29.51
C GLN L 340 -57.23 5.62 -28.65
N ASN L 341 -57.34 6.84 -29.14
CA ASN L 341 -56.78 7.99 -28.43
C ASN L 341 -57.67 8.65 -27.37
N ASP L 342 -58.90 8.18 -27.21
CA ASP L 342 -59.80 8.77 -26.21
C ASP L 342 -60.20 7.76 -25.13
N GLY M 35 -45.06 46.99 4.52
CA GLY M 35 -44.14 47.98 3.88
C GLY M 35 -42.65 47.74 4.13
N LEU M 36 -41.83 48.71 3.73
CA LEU M 36 -40.38 48.60 3.92
C LEU M 36 -40.04 48.68 5.40
N SER M 37 -38.77 48.47 5.72
CA SER M 37 -38.31 48.53 7.10
C SER M 37 -38.02 49.98 7.42
N LYS M 38 -38.03 50.33 8.70
CA LYS M 38 -37.76 51.71 9.07
C LYS M 38 -36.35 52.16 8.69
N PRO M 39 -35.34 51.30 8.93
CA PRO M 39 -33.98 51.68 8.57
C PRO M 39 -33.87 52.06 7.09
N LEU M 40 -34.49 51.28 6.22
CA LEU M 40 -34.43 51.56 4.79
C LEU M 40 -35.30 52.77 4.39
N LEU M 41 -36.37 53.01 5.15
CA LEU M 41 -37.23 54.15 4.88
C LEU M 41 -36.50 55.44 5.22
N GLU M 42 -35.63 55.38 6.22
CA GLU M 42 -34.86 56.55 6.63
C GLU M 42 -33.74 56.86 5.66
N LEU M 43 -33.14 55.81 5.10
CA LEU M 43 -32.03 55.96 4.18
C LEU M 43 -32.44 56.52 2.82
N MET M 44 -33.57 56.05 2.29
CA MET M 44 -34.04 56.49 0.98
C MET M 44 -33.98 58.00 0.68
N PRO M 45 -34.49 58.84 1.59
CA PRO M 45 -34.44 60.28 1.29
C PRO M 45 -33.00 60.77 1.11
N THR M 46 -32.05 59.99 1.61
CA THR M 46 -30.64 60.33 1.55
C THR M 46 -30.01 60.14 0.16
N LEU M 47 -30.45 59.12 -0.55
CA LEU M 47 -29.94 58.81 -1.86
C LEU M 47 -30.16 59.95 -2.85
N GLY M 48 -29.07 60.48 -3.39
CA GLY M 48 -29.15 61.57 -4.35
C GLY M 48 -28.73 62.88 -3.71
N THR M 49 -28.26 62.81 -2.46
CA THR M 49 -27.84 64.00 -1.73
C THR M 49 -26.42 63.85 -1.22
N ASP M 50 -25.79 64.97 -0.89
CA ASP M 50 -24.42 64.93 -0.39
C ASP M 50 -24.40 64.16 0.92
N ALA M 51 -25.57 63.92 1.46
CA ALA M 51 -25.70 63.19 2.72
C ALA M 51 -25.32 61.72 2.53
N PHE M 52 -25.55 61.18 1.34
CA PHE M 52 -25.23 59.78 1.12
C PHE M 52 -23.82 59.53 0.63
N THR M 53 -23.22 58.48 1.17
CA THR M 53 -21.87 58.08 0.82
C THR M 53 -21.61 56.70 1.42
N PHE M 54 -20.86 55.86 0.71
CA PHE M 54 -20.55 54.52 1.21
C PHE M 54 -19.31 54.60 2.08
N SER M 55 -19.13 53.61 2.95
CA SER M 55 -17.95 53.58 3.80
C SER M 55 -16.70 53.43 2.92
N PRO M 56 -15.54 53.87 3.41
CA PRO M 56 -14.32 53.76 2.61
C PRO M 56 -14.01 52.31 2.23
N ILE M 57 -13.20 52.12 1.19
CA ILE M 57 -12.82 50.79 0.76
C ILE M 57 -11.60 50.82 -0.18
N ARG M 58 -10.80 49.75 -0.09
CA ARG M 58 -9.60 49.58 -0.91
C ARG M 58 -9.97 48.34 -1.70
N GLU M 59 -9.72 48.34 -3.01
CA GLU M 59 -10.11 47.20 -3.84
C GLU M 59 -9.57 45.85 -3.35
N SER M 60 -8.37 45.85 -2.77
CA SER M 60 -7.78 44.62 -2.29
C SER M 60 -8.56 43.98 -1.14
N THR M 61 -9.33 44.79 -0.43
CA THR M 61 -10.13 44.29 0.67
C THR M 61 -11.23 43.38 0.12
N VAL M 62 -11.79 43.79 -1.02
CA VAL M 62 -12.84 43.02 -1.70
C VAL M 62 -12.28 41.72 -2.27
N SER M 63 -11.19 41.82 -3.02
CA SER M 63 -10.56 40.65 -3.61
C SER M 63 -10.26 39.61 -2.54
N ARG M 64 -9.52 40.05 -1.51
CA ARG M 64 -9.15 39.20 -0.39
C ARG M 64 -10.35 38.59 0.31
N ALA M 65 -11.43 39.36 0.43
CA ALA M 65 -12.64 38.86 1.09
C ALA M 65 -13.22 37.70 0.29
N MET M 66 -13.11 37.79 -1.02
CA MET M 66 -13.63 36.74 -1.89
C MET M 66 -12.71 35.53 -1.99
N THR M 67 -11.45 35.76 -2.31
CA THR M 67 -10.49 34.67 -2.45
C THR M 67 -10.32 33.88 -1.15
N ARG M 68 -9.98 34.57 -0.08
CA ARG M 68 -9.78 33.96 1.23
C ARG M 68 -10.91 32.97 1.55
N ARG M 69 -12.14 33.38 1.26
CA ARG M 69 -13.30 32.54 1.52
C ARG M 69 -13.40 31.36 0.55
N TYR M 70 -13.25 31.66 -0.74
CA TYR M 70 -13.35 30.63 -1.77
C TYR M 70 -12.31 29.52 -1.56
N PHE M 71 -11.11 29.87 -1.14
CA PHE M 71 -10.10 28.84 -0.87
C PHE M 71 -10.56 27.98 0.30
N ALA M 72 -11.04 28.64 1.35
CA ALA M 72 -11.52 27.91 2.51
C ALA M 72 -12.53 26.87 2.00
N ASP M 73 -13.43 27.29 1.11
CA ASP M 73 -14.41 26.36 0.54
C ASP M 73 -13.68 25.27 -0.23
N LEU M 74 -12.92 25.70 -1.23
CA LEU M 74 -12.14 24.83 -2.10
C LEU M 74 -11.34 23.83 -1.30
N ASP M 75 -10.69 24.32 -0.25
CA ASP M 75 -9.87 23.51 0.62
C ASP M 75 -10.74 22.47 1.35
N ALA M 76 -11.77 22.97 2.02
CA ALA M 76 -12.69 22.14 2.77
C ALA M 76 -13.40 21.06 1.96
N HIS M 77 -13.83 21.41 0.75
CA HIS M 77 -14.55 20.45 -0.10
C HIS M 77 -13.74 19.49 -0.94
N ALA M 78 -12.44 19.70 -1.05
CA ALA M 78 -11.58 18.79 -1.84
C ALA M 78 -11.89 17.34 -1.41
N GLU M 79 -12.29 17.20 -0.16
CA GLU M 79 -12.67 15.91 0.40
C GLU M 79 -14.03 16.21 1.02
N THR M 80 -15.11 15.73 0.40
CA THR M 80 -16.46 16.01 0.90
C THR M 80 -17.30 14.73 1.19
N ASP M 81 -18.51 14.92 1.70
CA ASP M 81 -19.38 13.78 2.03
C ASP M 81 -20.27 13.41 0.86
N ILE M 82 -20.98 14.40 0.35
CA ILE M 82 -21.84 14.17 -0.80
C ILE M 82 -21.64 15.23 -1.88
N VAL M 83 -21.69 14.80 -3.12
CA VAL M 83 -21.53 15.68 -4.26
C VAL M 83 -22.78 15.59 -5.11
N ILE M 84 -23.29 16.73 -5.53
CA ILE M 84 -24.46 16.75 -6.37
C ILE M 84 -24.07 17.43 -7.67
N VAL M 85 -24.19 16.71 -8.77
CA VAL M 85 -23.83 17.28 -10.06
C VAL M 85 -25.06 17.81 -10.78
N GLY M 86 -25.15 19.13 -10.92
CA GLY M 86 -26.29 19.71 -11.60
C GLY M 86 -27.28 20.32 -10.64
N ALA M 87 -27.37 21.65 -10.64
CA ALA M 87 -28.28 22.36 -9.77
C ALA M 87 -29.57 22.78 -10.46
N GLY M 88 -30.23 21.81 -11.09
CA GLY M 88 -31.49 22.10 -11.76
C GLY M 88 -32.60 21.80 -10.78
N SER M 89 -33.83 21.63 -11.28
CA SER M 89 -34.95 21.33 -10.41
C SER M 89 -34.69 20.07 -9.57
N CYS M 90 -34.29 18.99 -10.22
CA CYS M 90 -34.04 17.74 -9.51
C CYS M 90 -32.92 17.88 -8.48
N GLY M 91 -31.74 18.30 -8.93
CA GLY M 91 -30.61 18.46 -8.03
C GLY M 91 -30.88 19.37 -6.84
N LEU M 92 -31.49 20.51 -7.11
CA LEU M 92 -31.79 21.45 -6.03
C LEU M 92 -32.71 20.82 -4.99
N SER M 93 -33.67 20.01 -5.46
CA SER M 93 -34.62 19.34 -4.58
C SER M 93 -33.89 18.27 -3.77
N ALA M 94 -32.90 17.65 -4.39
CA ALA M 94 -32.12 16.63 -3.73
C ALA M 94 -31.31 17.35 -2.67
N ALA M 95 -30.63 18.42 -3.09
CA ALA M 95 -29.79 19.21 -2.20
C ALA M 95 -30.58 19.70 -0.99
N TYR M 96 -31.85 20.03 -1.21
CA TYR M 96 -32.70 20.50 -0.12
C TYR M 96 -32.94 19.42 0.91
N VAL M 97 -33.70 18.39 0.52
CA VAL M 97 -34.03 17.29 1.41
C VAL M 97 -32.81 16.77 2.17
N LEU M 98 -31.71 16.56 1.45
CA LEU M 98 -30.49 16.02 2.02
C LEU M 98 -29.84 16.89 3.11
N SER M 99 -29.65 18.18 2.82
CA SER M 99 -29.02 19.07 3.80
C SER M 99 -29.89 19.30 5.03
N THR M 100 -31.19 19.13 4.86
CA THR M 100 -32.13 19.32 5.96
C THR M 100 -32.15 18.11 6.90
N LEU M 101 -32.18 16.91 6.34
CA LEU M 101 -32.19 15.67 7.11
C LEU M 101 -30.83 15.40 7.75
N ARG M 102 -29.77 15.82 7.06
CA ARG M 102 -28.42 15.58 7.54
C ARG M 102 -27.50 16.79 7.65
N PRO M 103 -27.74 17.64 8.66
CA PRO M 103 -26.92 18.83 8.89
C PRO M 103 -25.46 18.50 9.11
N ASP M 104 -25.20 17.24 9.42
CA ASP M 104 -23.84 16.75 9.70
C ASP M 104 -23.01 16.45 8.45
N LEU M 105 -23.68 16.26 7.31
CA LEU M 105 -22.98 15.96 6.07
C LEU M 105 -22.66 17.22 5.27
N ARG M 106 -21.48 17.25 4.67
CA ARG M 106 -21.06 18.38 3.83
C ARG M 106 -21.57 18.12 2.41
N ILE M 107 -22.36 19.05 1.91
CA ILE M 107 -22.93 18.92 0.59
C ILE M 107 -22.34 19.87 -0.44
N THR M 108 -21.61 19.28 -1.38
CA THR M 108 -20.95 20.02 -2.43
C THR M 108 -21.70 19.96 -3.74
N ILE M 109 -22.33 21.08 -4.10
CA ILE M 109 -23.11 21.20 -5.35
C ILE M 109 -22.21 21.77 -6.45
N VAL M 110 -22.07 21.03 -7.55
CA VAL M 110 -21.25 21.47 -8.66
C VAL M 110 -22.12 21.69 -9.89
N GLU M 111 -22.36 22.96 -10.21
CA GLU M 111 -23.21 23.35 -11.34
C GLU M 111 -22.44 24.06 -12.45
N ALA M 112 -22.57 23.54 -13.66
CA ALA M 112 -21.88 24.09 -14.82
C ALA M 112 -22.16 25.56 -15.13
N GLY M 113 -23.43 25.93 -15.19
CA GLY M 113 -23.74 27.31 -15.50
C GLY M 113 -23.32 28.34 -14.47
N VAL M 114 -23.26 29.60 -14.90
CA VAL M 114 -22.92 30.67 -13.98
C VAL M 114 -24.15 30.70 -13.07
N ALA M 115 -25.33 30.71 -13.70
CA ALA M 115 -26.61 30.73 -13.00
C ALA M 115 -27.15 29.32 -12.82
N PRO M 116 -27.54 28.96 -11.59
CA PRO M 116 -28.07 27.61 -11.38
C PRO M 116 -29.57 27.56 -11.72
N GLY M 117 -30.21 26.42 -11.52
CA GLY M 117 -31.62 26.32 -11.82
C GLY M 117 -31.96 25.52 -13.06
N GLY M 118 -30.94 25.20 -13.85
CA GLY M 118 -31.18 24.44 -15.07
C GLY M 118 -32.36 24.92 -15.89
N GLY M 119 -33.17 23.97 -16.35
CA GLY M 119 -34.32 24.30 -17.15
C GLY M 119 -35.56 24.58 -16.32
N ALA M 120 -35.35 25.05 -15.09
CA ALA M 120 -36.46 25.33 -14.19
C ALA M 120 -36.86 26.80 -14.07
N TRP M 121 -36.35 27.63 -14.97
CA TRP M 121 -36.68 29.05 -14.93
C TRP M 121 -37.89 29.30 -15.82
N LEU M 122 -38.29 28.27 -16.56
CA LEU M 122 -39.41 28.39 -17.47
C LEU M 122 -40.30 27.17 -17.55
N GLY M 123 -41.45 27.38 -18.16
CA GLY M 123 -42.39 26.29 -18.37
C GLY M 123 -42.07 25.83 -19.78
N GLY M 124 -43.09 25.69 -20.63
CA GLY M 124 -42.87 25.24 -21.99
C GLY M 124 -42.95 26.33 -23.04
N GLN M 125 -42.26 26.13 -24.16
CA GLN M 125 -42.25 27.10 -25.25
C GLN M 125 -42.04 28.52 -24.70
N LEU M 126 -41.12 28.63 -23.76
CA LEU M 126 -40.78 29.91 -23.13
C LEU M 126 -41.90 30.50 -22.28
N PHE M 127 -42.93 29.73 -21.99
CA PHE M 127 -44.01 30.25 -21.17
C PHE M 127 -43.57 30.17 -19.70
N SER M 128 -44.35 30.73 -18.78
CA SER M 128 -43.93 30.77 -17.38
C SER M 128 -44.38 29.71 -16.37
N ALA M 129 -45.67 29.40 -16.39
CA ALA M 129 -46.29 28.47 -15.46
C ALA M 129 -45.72 27.04 -15.31
N MET M 130 -45.34 26.71 -14.08
CA MET M 130 -44.78 25.41 -13.75
C MET M 130 -45.87 24.48 -13.21
N VAL M 131 -46.10 23.39 -13.91
CA VAL M 131 -47.14 22.44 -13.53
C VAL M 131 -46.58 21.19 -12.86
N MET M 132 -47.11 20.88 -11.68
CA MET M 132 -46.69 19.70 -10.95
C MET M 132 -47.92 18.86 -10.64
N ARG M 133 -47.84 17.57 -10.96
CA ARG M 133 -48.94 16.66 -10.67
C ARG M 133 -48.81 16.19 -9.24
N LYS M 134 -49.94 15.98 -8.57
CA LYS M 134 -49.91 15.50 -7.20
C LYS M 134 -49.29 14.12 -7.22
N PRO M 135 -48.62 13.72 -6.13
CA PRO M 135 -48.44 14.45 -4.88
C PRO M 135 -47.24 15.40 -4.76
N ALA M 136 -46.76 15.92 -5.89
CA ALA M 136 -45.62 16.83 -5.87
C ALA M 136 -45.92 18.07 -5.03
N ASP M 137 -47.20 18.34 -4.82
CA ASP M 137 -47.60 19.48 -4.02
C ASP M 137 -47.12 19.28 -2.58
N VAL M 138 -46.91 18.02 -2.21
CA VAL M 138 -46.44 17.73 -0.87
C VAL M 138 -45.06 18.37 -0.70
N PHE M 139 -44.26 18.35 -1.76
CA PHE M 139 -42.93 18.93 -1.70
C PHE M 139 -43.00 20.46 -1.73
N LEU M 140 -43.89 20.99 -2.58
CA LEU M 140 -44.04 22.43 -2.67
C LEU M 140 -44.43 23.03 -1.33
N ASP M 141 -45.21 22.30 -0.53
CA ASP M 141 -45.61 22.78 0.79
C ASP M 141 -44.36 22.83 1.67
N GLU M 142 -43.57 21.78 1.60
CA GLU M 142 -42.32 21.66 2.35
C GLU M 142 -41.39 22.86 2.17
N VAL M 143 -41.18 23.24 0.92
CA VAL M 143 -40.29 24.35 0.58
C VAL M 143 -40.93 25.73 0.58
N GLY M 144 -42.22 25.80 0.88
CA GLY M 144 -42.89 27.10 0.93
C GLY M 144 -43.15 27.82 -0.39
N VAL M 145 -43.57 27.08 -1.40
CA VAL M 145 -43.86 27.68 -2.70
C VAL M 145 -45.34 27.55 -3.00
N PRO M 146 -46.05 28.69 -3.04
CA PRO M 146 -47.49 28.77 -3.31
C PRO M 146 -47.90 28.19 -4.66
N TYR M 147 -49.20 27.94 -4.83
CA TYR M 147 -49.72 27.38 -6.08
C TYR M 147 -51.24 27.36 -6.15
N GLU M 148 -51.76 27.20 -7.38
CA GLU M 148 -53.20 27.14 -7.63
C GLU M 148 -53.51 25.66 -7.75
N ASP M 149 -54.45 25.15 -6.95
CA ASP M 149 -54.79 23.73 -7.02
C ASP M 149 -55.81 23.53 -8.13
N GLU M 150 -55.52 22.61 -9.04
CA GLU M 150 -56.42 22.36 -10.16
C GLU M 150 -57.04 20.97 -10.09
N GLY M 151 -56.82 20.27 -8.98
CA GLY M 151 -57.36 18.93 -8.83
C GLY M 151 -56.28 17.87 -8.81
N ASP M 152 -55.90 17.39 -9.99
CA ASP M 152 -54.87 16.36 -10.09
C ASP M 152 -53.47 16.97 -10.18
N TYR M 153 -53.40 18.27 -10.45
CA TYR M 153 -52.11 18.95 -10.54
C TYR M 153 -52.20 20.35 -9.93
N VAL M 154 -51.05 20.95 -9.64
CA VAL M 154 -51.03 22.30 -9.08
C VAL M 154 -50.24 23.15 -10.05
N VAL M 155 -50.38 24.46 -9.97
CA VAL M 155 -49.69 25.36 -10.89
C VAL M 155 -49.00 26.52 -10.20
N VAL M 156 -47.67 26.54 -10.25
CA VAL M 156 -46.92 27.62 -9.62
C VAL M 156 -46.84 28.80 -10.58
N LYS M 157 -47.32 29.95 -10.11
CA LYS M 157 -47.32 31.22 -10.85
C LYS M 157 -46.29 31.26 -11.97
N HIS M 158 -45.03 31.10 -11.56
CA HIS M 158 -43.91 31.12 -12.45
C HIS M 158 -42.90 30.07 -12.02
N ALA M 159 -42.32 29.37 -12.99
CA ALA M 159 -41.35 28.34 -12.69
C ALA M 159 -40.22 28.96 -11.87
N ALA M 160 -39.92 30.23 -12.16
CA ALA M 160 -38.87 30.98 -11.49
C ALA M 160 -39.08 31.08 -9.98
N LEU M 161 -40.34 31.20 -9.57
CA LEU M 161 -40.68 31.33 -8.16
C LEU M 161 -40.26 30.07 -7.40
N PHE M 162 -40.44 28.91 -8.01
CA PHE M 162 -40.05 27.65 -7.39
C PHE M 162 -38.54 27.57 -7.26
N THR M 163 -37.85 27.72 -8.39
CA THR M 163 -36.40 27.63 -8.43
C THR M 163 -35.66 28.59 -7.51
N SER M 164 -36.12 29.84 -7.47
CA SER M 164 -35.50 30.86 -6.63
C SER M 164 -35.74 30.58 -5.14
N THR M 165 -36.95 30.14 -4.80
CA THR M 165 -37.26 29.84 -3.40
C THR M 165 -36.45 28.66 -2.88
N VAL M 166 -36.45 27.57 -3.64
CA VAL M 166 -35.72 26.37 -3.24
C VAL M 166 -34.24 26.73 -3.19
N LEU M 167 -33.79 27.46 -4.20
CA LEU M 167 -32.39 27.88 -4.30
C LEU M 167 -32.00 28.67 -3.06
N SER M 168 -32.81 29.67 -2.74
CA SER M 168 -32.56 30.50 -1.58
C SER M 168 -32.43 29.66 -0.30
N LYS M 169 -33.30 28.68 -0.11
CA LYS M 169 -33.22 27.86 1.09
C LYS M 169 -32.06 26.89 1.12
N VAL M 170 -31.76 26.26 0.00
CA VAL M 170 -30.64 25.33 -0.04
C VAL M 170 -29.38 26.08 0.37
N LEU M 171 -29.18 27.25 -0.25
CA LEU M 171 -28.00 28.09 -0.01
C LEU M 171 -27.87 28.62 1.41
N GLN M 172 -28.98 28.62 2.16
CA GLN M 172 -28.96 29.11 3.53
C GLN M 172 -28.36 28.08 4.47
N ARG M 173 -28.50 26.81 4.10
CA ARG M 173 -27.97 25.72 4.89
C ARG M 173 -26.47 25.92 5.10
N PRO M 174 -25.99 25.81 6.34
CA PRO M 174 -24.57 25.98 6.64
C PRO M 174 -23.65 24.89 6.07
N ASN M 175 -24.23 23.75 5.72
CA ASN M 175 -23.43 22.66 5.18
C ASN M 175 -23.43 22.52 3.65
N VAL M 176 -24.08 23.46 2.97
CA VAL M 176 -24.15 23.43 1.51
C VAL M 176 -23.28 24.51 0.88
N LYS M 177 -22.54 24.12 -0.16
CA LYS M 177 -21.68 25.05 -0.89
C LYS M 177 -21.92 24.88 -2.39
N LEU M 178 -22.28 25.97 -3.06
CA LEU M 178 -22.55 25.94 -4.48
C LEU M 178 -21.35 26.36 -5.33
N PHE M 179 -20.73 25.40 -6.00
CA PHE M 179 -19.59 25.69 -6.88
C PHE M 179 -20.14 25.86 -8.30
N ASN M 180 -20.87 26.96 -8.50
CA ASN M 180 -21.45 27.25 -9.80
C ASN M 180 -20.32 27.64 -10.77
N ALA M 181 -20.63 27.64 -12.07
CA ALA M 181 -19.65 27.96 -13.12
C ALA M 181 -18.55 26.88 -13.18
N THR M 182 -18.77 25.79 -12.46
CA THR M 182 -17.81 24.70 -12.43
C THR M 182 -18.42 23.45 -13.05
N THR M 183 -17.69 22.83 -13.97
CA THR M 183 -18.20 21.65 -14.66
C THR M 183 -17.47 20.38 -14.23
N VAL M 184 -18.19 19.26 -14.31
CA VAL M 184 -17.62 17.96 -13.99
C VAL M 184 -17.22 17.37 -15.35
N GLU M 185 -15.91 17.22 -15.57
CA GLU M 185 -15.39 16.70 -16.81
C GLU M 185 -15.18 15.20 -16.75
N ASP M 186 -15.14 14.66 -15.54
CA ASP M 186 -14.94 13.23 -15.40
C ASP M 186 -15.31 12.79 -14.00
N LEU M 187 -15.20 11.48 -13.77
CA LEU M 187 -15.51 10.86 -12.50
C LEU M 187 -14.24 10.29 -11.88
N ILE M 188 -14.13 10.36 -10.56
CA ILE M 188 -12.96 9.80 -9.88
C ILE M 188 -13.41 8.36 -9.62
N THR M 189 -12.65 7.39 -10.15
CA THR M 189 -13.03 5.99 -9.99
C THR M 189 -12.09 5.12 -9.15
N ARG M 190 -12.62 4.00 -8.67
CA ARG M 190 -11.87 3.03 -7.86
C ARG M 190 -12.30 1.64 -8.30
N LYS M 191 -11.50 0.62 -7.97
CA LYS M 191 -11.83 -0.74 -8.37
C LYS M 191 -12.86 -1.38 -7.44
N HIS M 192 -13.83 -2.07 -8.03
CA HIS M 192 -14.90 -2.78 -7.32
C HIS M 192 -15.82 -1.88 -6.47
N LYS M 210 -15.21 -4.23 -12.65
CA LYS M 210 -16.21 -3.44 -11.93
C LYS M 210 -15.57 -2.23 -11.21
N VAL M 211 -16.30 -1.12 -11.15
CA VAL M 211 -15.81 0.09 -10.50
C VAL M 211 -16.80 0.76 -9.57
N ARG M 212 -16.25 1.51 -8.62
CA ARG M 212 -17.00 2.28 -7.64
C ARG M 212 -16.68 3.75 -7.98
N ILE M 213 -17.64 4.65 -7.84
CA ILE M 213 -17.39 6.06 -8.11
C ILE M 213 -16.98 6.73 -6.79
N ALA M 214 -15.79 7.32 -6.75
CA ALA M 214 -15.29 7.95 -5.53
C ALA M 214 -15.04 9.45 -5.58
N GLY M 215 -15.64 10.13 -6.56
CA GLY M 215 -15.47 11.57 -6.65
C GLY M 215 -15.74 12.13 -8.02
N VAL M 216 -15.39 13.40 -8.21
CA VAL M 216 -15.58 14.06 -9.50
C VAL M 216 -14.37 14.87 -9.92
N VAL M 217 -14.13 14.90 -11.23
CA VAL M 217 -13.04 15.67 -11.80
C VAL M 217 -13.73 16.96 -12.27
N THR M 218 -13.19 18.08 -11.84
CA THR M 218 -13.77 19.38 -12.14
C THR M 218 -12.88 20.33 -12.91
N ASN M 219 -13.48 21.46 -13.28
CA ASN M 219 -12.80 22.55 -13.99
C ASN M 219 -13.79 23.69 -14.20
N TRP M 220 -13.30 24.85 -14.61
CA TRP M 220 -14.20 25.96 -14.87
C TRP M 220 -14.96 25.58 -16.14
N THR M 221 -16.26 25.81 -16.15
CA THR M 221 -17.09 25.48 -17.31
C THR M 221 -16.49 26.06 -18.59
N LEU M 222 -16.12 27.33 -18.57
CA LEU M 222 -15.53 27.95 -19.75
C LEU M 222 -14.24 27.24 -20.18
N VAL M 223 -13.53 26.62 -19.23
CA VAL M 223 -12.32 25.89 -19.57
C VAL M 223 -12.75 24.61 -20.25
N SER M 224 -13.74 23.93 -19.67
CA SER M 224 -14.26 22.69 -20.22
C SER M 224 -14.71 22.84 -21.67
N MET M 225 -15.19 24.04 -22.01
CA MET M 225 -15.67 24.33 -23.35
C MET M 225 -14.62 24.71 -24.38
N HIS M 226 -13.38 24.92 -23.94
CA HIS M 226 -12.32 25.33 -24.87
C HIS M 226 -11.01 24.56 -24.71
N HIS M 227 -11.09 23.24 -24.60
CA HIS M 227 -9.88 22.45 -24.45
C HIS M 227 -9.09 22.37 -25.74
N ASP M 228 -9.46 23.22 -26.71
CA ASP M 228 -8.79 23.29 -27.99
C ASP M 228 -8.34 24.73 -28.24
N ASP M 229 -9.12 25.67 -27.70
CA ASP M 229 -8.87 27.10 -27.84
C ASP M 229 -7.81 27.67 -26.90
N GLN M 230 -6.89 26.80 -26.48
CA GLN M 230 -5.76 27.13 -25.61
C GLN M 230 -4.85 25.88 -25.48
N SER M 231 -3.81 26.00 -24.64
CA SER M 231 -2.90 24.89 -24.40
C SER M 231 -3.54 24.04 -23.32
N MET M 233 -5.11 22.48 -20.22
CA MET M 233 -5.56 22.99 -18.93
C MET M 233 -6.12 21.88 -18.07
N ASP M 234 -5.27 21.30 -17.23
CA ASP M 234 -5.67 20.21 -16.35
C ASP M 234 -6.82 20.56 -15.41
N PRO M 235 -7.63 19.57 -15.05
CA PRO M 235 -8.77 19.75 -14.14
C PRO M 235 -8.31 19.63 -12.70
N ASN M 236 -9.25 19.80 -11.78
CA ASN M 236 -8.96 19.67 -10.35
C ASN M 236 -9.84 18.49 -9.91
N THR M 237 -9.82 18.17 -8.62
CA THR M 237 -10.60 17.03 -8.13
C THR M 237 -11.41 17.29 -6.87
N ILE M 238 -12.33 16.36 -6.57
CA ILE M 238 -13.17 16.43 -5.40
C ILE M 238 -13.46 15.01 -4.94
N ASN M 239 -12.72 14.52 -3.94
CA ASN M 239 -12.93 13.17 -3.44
C ASN M 239 -14.22 13.13 -2.63
N ALA M 240 -15.07 12.13 -2.91
CA ALA M 240 -16.34 11.95 -2.21
C ALA M 240 -16.87 10.53 -2.26
N PRO M 241 -17.41 10.03 -1.14
CA PRO M 241 -17.95 8.66 -1.07
C PRO M 241 -19.25 8.45 -1.88
N VAL M 242 -20.06 9.49 -2.01
CA VAL M 242 -21.29 9.34 -2.76
C VAL M 242 -21.63 10.54 -3.68
N ILE M 243 -21.85 10.24 -4.95
CA ILE M 243 -22.17 11.25 -5.95
C ILE M 243 -23.57 11.13 -6.56
N ILE M 244 -24.35 12.20 -6.45
CA ILE M 244 -25.68 12.25 -7.03
C ILE M 244 -25.57 13.06 -8.34
N SER M 245 -25.78 12.40 -9.47
CA SER M 245 -25.70 13.10 -10.74
C SER M 245 -27.07 13.39 -11.29
N THR M 246 -27.35 14.68 -11.50
CA THR M 246 -28.61 15.12 -12.03
C THR M 246 -28.33 16.21 -13.06
N THR M 247 -27.57 15.85 -14.08
CA THR M 247 -27.17 16.78 -15.13
C THR M 247 -28.18 16.93 -16.27
N GLY M 248 -29.35 16.34 -16.11
CA GLY M 248 -30.36 16.44 -17.15
C GLY M 248 -30.09 15.46 -18.28
N HIS M 249 -30.93 15.49 -19.32
CA HIS M 249 -30.76 14.56 -20.43
C HIS M 249 -29.70 14.96 -21.44
N ASP M 250 -29.38 14.01 -22.31
CA ASP M 250 -28.35 14.18 -23.33
C ASP M 250 -28.38 15.53 -24.02
N GLY M 251 -27.21 15.91 -24.50
CA GLY M 251 -27.05 17.19 -25.18
C GLY M 251 -25.66 17.66 -24.84
N PRO M 252 -25.13 18.64 -25.58
CA PRO M 252 -23.78 19.16 -25.34
C PRO M 252 -23.36 19.29 -23.87
N PHE M 253 -24.33 19.55 -22.98
CA PHE M 253 -23.99 19.70 -21.56
C PHE M 253 -24.46 18.58 -20.62
N GLY M 254 -25.70 18.10 -20.82
CA GLY M 254 -26.24 17.08 -19.94
C GLY M 254 -25.98 15.60 -20.13
N ALA M 255 -26.50 14.82 -19.19
CA ALA M 255 -26.38 13.36 -19.16
C ALA M 255 -24.92 12.91 -19.06
N PHE M 256 -24.13 13.64 -18.28
CA PHE M 256 -22.71 13.35 -18.14
C PHE M 256 -22.25 12.01 -17.55
N SER M 257 -22.66 11.72 -16.33
CA SER M 257 -22.26 10.48 -15.64
C SER M 257 -22.71 9.23 -16.37
N VAL M 258 -23.95 9.27 -16.86
CA VAL M 258 -24.52 8.18 -17.59
C VAL M 258 -23.71 7.91 -18.88
N LYS M 259 -23.42 8.96 -19.64
CA LYS M 259 -22.65 8.84 -20.87
C LYS M 259 -21.20 8.43 -20.59
N ARG M 260 -20.71 8.79 -19.41
CA ARG M 260 -19.34 8.47 -19.04
C ARG M 260 -19.17 7.00 -18.65
N LEU M 261 -20.21 6.41 -18.08
CA LEU M 261 -20.13 5.01 -17.69
C LEU M 261 -19.94 4.17 -18.95
N VAL M 262 -20.51 4.66 -20.05
CA VAL M 262 -20.42 3.97 -21.34
C VAL M 262 -19.02 4.07 -21.95
N SER M 263 -18.44 5.26 -21.91
CA SER M 263 -17.10 5.46 -22.47
C SER M 263 -16.04 4.86 -21.55
N MET M 264 -16.42 4.60 -20.31
CA MET M 264 -15.50 3.97 -19.35
C MET M 264 -15.69 2.46 -19.48
N LYS M 265 -16.42 2.07 -20.52
CA LYS M 265 -16.69 0.67 -20.82
C LYS M 265 -17.27 -0.12 -19.63
N GLN M 266 -18.19 0.51 -18.90
CA GLN M 266 -18.85 -0.11 -17.75
C GLN M 266 -20.29 -0.40 -18.15
N MET M 267 -20.77 0.36 -19.13
CA MET M 267 -22.12 0.26 -19.65
C MET M 267 -22.06 -0.14 -21.11
N GLU M 268 -23.08 -0.87 -21.56
CA GLU M 268 -23.13 -1.33 -22.94
C GLU M 268 -23.52 -0.22 -23.89
N ARG M 269 -24.38 0.67 -23.44
CA ARG M 269 -24.84 1.78 -24.25
C ARG M 269 -25.91 2.52 -23.47
N LEU M 270 -26.56 3.47 -24.15
CA LEU M 270 -27.61 4.23 -23.53
C LEU M 270 -28.91 3.89 -24.24
N ASN M 271 -29.89 3.36 -23.52
CA ASN M 271 -31.16 3.03 -24.13
C ASN M 271 -31.72 4.31 -24.75
N GLY M 272 -31.34 5.44 -24.16
CA GLY M 272 -31.76 6.73 -24.66
C GLY M 272 -33.15 7.20 -24.25
N MET M 273 -33.26 8.49 -23.96
CA MET M 273 -34.54 9.07 -23.58
C MET M 273 -35.52 8.81 -24.72
N ARG M 274 -36.69 8.27 -24.40
CA ARG M 274 -37.69 7.97 -25.41
C ARG M 274 -38.69 9.10 -25.66
N GLY M 275 -39.67 8.84 -26.51
CA GLY M 275 -40.68 9.84 -26.84
C GLY M 275 -41.37 10.42 -25.61
N LEU M 276 -42.25 11.40 -25.83
CA LEU M 276 -42.95 12.03 -24.73
C LEU M 276 -44.27 11.34 -24.38
N ASP M 277 -44.38 10.95 -23.11
CA ASP M 277 -45.54 10.28 -22.53
C ASP M 277 -45.45 10.64 -21.04
N MET M 278 -46.15 11.68 -20.64
CA MET M 278 -46.10 12.13 -19.24
C MET M 278 -46.45 11.12 -18.17
N GLN M 279 -47.60 10.47 -18.32
CA GLN M 279 -48.05 9.50 -17.32
C GLN M 279 -47.06 8.39 -17.03
N SER M 280 -46.50 7.77 -18.06
CA SER M 280 -45.56 6.69 -17.82
C SER M 280 -44.17 7.22 -17.53
N ALA M 281 -43.90 8.44 -17.97
CA ALA M 281 -42.59 9.05 -17.76
C ALA M 281 -42.26 9.43 -16.32
N GLU M 282 -43.03 10.36 -15.75
CA GLU M 282 -42.75 10.82 -14.39
C GLU M 282 -42.70 9.70 -13.35
N ASP M 283 -43.54 8.69 -13.53
CA ASP M 283 -43.56 7.56 -12.60
C ASP M 283 -42.25 6.78 -12.69
N ALA M 284 -41.82 6.53 -13.92
CA ALA M 284 -40.59 5.78 -14.16
C ALA M 284 -39.36 6.50 -13.59
N ILE M 285 -39.33 7.81 -13.71
CA ILE M 285 -38.18 8.57 -13.20
C ILE M 285 -38.07 8.59 -11.67
N VAL M 286 -39.19 8.78 -10.99
CA VAL M 286 -39.16 8.83 -9.53
C VAL M 286 -38.85 7.49 -8.89
N ASN M 287 -39.60 6.46 -9.26
CA ASN M 287 -39.40 5.14 -8.68
C ASN M 287 -38.10 4.43 -9.07
N ASN M 288 -37.45 4.87 -10.15
CA ASN M 288 -36.21 4.23 -10.54
C ASN M 288 -34.97 5.04 -10.20
N THR M 289 -35.16 6.14 -9.48
CA THR M 289 -34.05 6.97 -9.05
C THR M 289 -33.35 6.15 -7.98
N ARG M 290 -32.07 5.86 -8.19
CA ARG M 290 -31.30 5.08 -7.23
C ARG M 290 -29.83 4.99 -7.58
N GLU M 291 -29.09 4.27 -6.74
CA GLU M 291 -27.67 4.08 -6.95
C GLU M 291 -27.48 3.19 -8.17
N ILE M 292 -27.04 3.80 -9.26
CA ILE M 292 -26.81 3.12 -10.54
C ILE M 292 -25.61 2.19 -10.45
N VAL M 293 -24.54 2.72 -9.89
CA VAL M 293 -23.28 2.02 -9.71
C VAL M 293 -22.77 2.43 -8.33
N PRO M 294 -21.98 1.57 -7.65
CA PRO M 294 -21.48 1.93 -6.31
C PRO M 294 -20.89 3.34 -6.25
N GLY M 295 -21.48 4.17 -5.40
CA GLY M 295 -21.00 5.54 -5.25
C GLY M 295 -21.65 6.55 -6.19
N LEU M 296 -22.42 6.07 -7.16
CA LEU M 296 -23.10 6.95 -8.11
C LEU M 296 -24.61 6.79 -8.15
N ILE M 297 -25.33 7.88 -7.90
CA ILE M 297 -26.80 7.88 -7.91
C ILE M 297 -27.33 8.82 -9.00
N VAL M 298 -28.18 8.30 -9.88
CA VAL M 298 -28.73 9.13 -10.94
C VAL M 298 -30.22 9.42 -10.70
N GLY M 299 -30.65 10.63 -11.05
CA GLY M 299 -32.03 11.03 -10.89
C GLY M 299 -32.38 12.04 -11.96
N GLY M 300 -33.58 12.60 -11.87
CA GLY M 300 -33.99 13.57 -12.87
C GLY M 300 -34.02 13.00 -14.27
N MET M 301 -34.00 13.88 -15.27
CA MET M 301 -34.05 13.44 -16.65
C MET M 301 -32.81 12.70 -17.12
N GLU M 302 -31.71 12.83 -16.40
CA GLU M 302 -30.52 12.11 -16.82
C GLU M 302 -30.81 10.62 -16.72
N LEU M 303 -31.73 10.28 -15.83
CA LEU M 303 -32.11 8.89 -15.63
C LEU M 303 -32.79 8.32 -16.89
N SER M 304 -33.60 9.14 -17.55
CA SER M 304 -34.30 8.72 -18.76
C SER M 304 -33.31 8.17 -19.80
N GLU M 305 -32.13 8.77 -19.85
CA GLU M 305 -31.11 8.35 -20.80
C GLU M 305 -30.62 6.92 -20.56
N ILE M 306 -30.19 6.62 -19.33
CA ILE M 306 -29.70 5.27 -19.04
C ILE M 306 -30.84 4.24 -19.02
N ASP M 307 -31.93 4.55 -18.32
CA ASP M 307 -33.07 3.64 -18.22
C ASP M 307 -33.93 3.57 -19.49
N GLY M 308 -33.79 4.57 -20.36
CA GLY M 308 -34.56 4.59 -21.60
C GLY M 308 -36.05 4.84 -21.38
N ALA M 309 -36.35 5.79 -20.49
CA ALA M 309 -37.73 6.13 -20.18
C ALA M 309 -38.26 7.27 -21.04
N ASN M 310 -39.58 7.46 -21.02
CA ASN M 310 -40.21 8.53 -21.79
C ASN M 310 -39.86 9.82 -21.09
N ARG M 311 -40.13 10.93 -21.78
CA ARG M 311 -39.87 12.25 -21.23
C ARG M 311 -41.21 12.82 -20.83
N MET M 312 -41.22 13.79 -19.91
CA MET M 312 -42.48 14.35 -19.47
C MET M 312 -42.77 15.70 -20.09
N GLY M 313 -41.75 16.33 -20.67
CA GLY M 313 -41.96 17.63 -21.27
C GLY M 313 -42.06 18.72 -20.22
N PRO M 314 -42.98 19.70 -20.38
CA PRO M 314 -43.15 20.80 -19.44
C PRO M 314 -43.88 20.55 -18.12
N THR M 315 -43.42 19.57 -17.36
CA THR M 315 -44.00 19.24 -16.05
C THR M 315 -42.86 18.81 -15.12
N PHE M 316 -42.83 19.38 -13.92
CA PHE M 316 -41.75 19.10 -12.96
C PHE M 316 -41.98 18.18 -11.79
N GLY M 317 -43.18 17.62 -11.66
CA GLY M 317 -43.43 16.74 -10.53
C GLY M 317 -42.32 15.73 -10.28
N ALA M 318 -42.02 14.95 -11.31
CA ALA M 318 -40.99 13.93 -11.23
C ALA M 318 -39.61 14.46 -10.85
N MET M 319 -39.22 15.62 -11.35
CA MET M 319 -37.91 16.14 -11.02
C MET M 319 -37.76 16.37 -9.51
N ALA M 320 -38.76 17.03 -8.93
CA ALA M 320 -38.77 17.33 -7.50
C ALA M 320 -38.74 16.06 -6.64
N LEU M 321 -39.68 15.16 -6.87
CA LEU M 321 -39.74 13.93 -6.11
C LEU M 321 -38.60 12.98 -6.46
N SER M 322 -37.96 13.19 -7.60
CA SER M 322 -36.84 12.35 -7.98
C SER M 322 -35.68 12.83 -7.13
N GLY M 323 -35.65 14.14 -6.89
CA GLY M 323 -34.62 14.72 -6.05
C GLY M 323 -34.77 14.17 -4.64
N VAL M 324 -36.02 14.06 -4.21
CA VAL M 324 -36.35 13.54 -2.90
C VAL M 324 -35.87 12.09 -2.78
N LYS M 325 -36.21 11.27 -3.78
CA LYS M 325 -35.79 9.88 -3.79
C LYS M 325 -34.26 9.82 -3.75
N ALA M 326 -33.62 10.64 -4.59
CA ALA M 326 -32.16 10.69 -4.68
C ALA M 326 -31.51 11.03 -3.35
N ALA M 327 -32.09 11.97 -2.60
CA ALA M 327 -31.53 12.33 -1.30
C ALA M 327 -31.57 11.10 -0.38
N HIS M 328 -32.73 10.45 -0.37
CA HIS M 328 -32.98 9.26 0.42
C HIS M 328 -31.93 8.19 0.16
N GLU M 329 -31.73 7.86 -1.11
CA GLU M 329 -30.74 6.86 -1.51
C GLU M 329 -29.37 7.18 -0.96
N ALA M 330 -28.96 8.43 -1.15
CA ALA M 330 -27.66 8.89 -0.65
C ALA M 330 -27.53 8.57 0.84
N ILE M 331 -28.61 8.81 1.60
CA ILE M 331 -28.57 8.53 3.02
C ILE M 331 -28.44 7.02 3.25
N ARG M 332 -29.23 6.26 2.50
CA ARG M 332 -29.23 4.81 2.60
C ARG M 332 -27.87 4.19 2.32
N VAL M 333 -27.21 4.68 1.27
CA VAL M 333 -25.93 4.15 0.85
C VAL M 333 -24.71 4.75 1.53
N PHE M 334 -24.87 5.94 2.10
CA PHE M 334 -23.75 6.65 2.70
C PHE M 334 -22.76 5.87 3.57
N ASP M 335 -23.16 5.51 4.78
CA ASP M 335 -22.27 4.81 5.70
C ASP M 335 -21.40 3.75 5.03
N LEU M 336 -21.98 3.00 4.09
CA LEU M 336 -21.23 1.98 3.39
C LEU M 336 -20.13 2.56 2.50
N ARG M 337 -20.54 3.33 1.49
CA ARG M 337 -19.60 3.95 0.57
C ARG M 337 -18.56 4.76 1.30
N LYS M 338 -18.99 5.41 2.38
CA LYS M 338 -18.12 6.23 3.22
C LYS M 338 -16.99 5.34 3.75
N ALA M 339 -17.37 4.15 4.21
CA ALA M 339 -16.42 3.20 4.77
C ALA M 339 -15.45 2.69 3.70
N GLN M 340 -15.96 2.54 2.49
CA GLN M 340 -15.16 2.07 1.38
C GLN M 340 -14.24 3.14 0.82
N ASN M 341 -14.59 4.40 1.01
CA ASN M 341 -13.73 5.45 0.49
C ASN M 341 -12.55 5.73 1.42
N ASP M 342 -12.73 5.47 2.72
CA ASP M 342 -11.65 5.71 3.68
C ASP M 342 -10.86 4.44 3.97
N GLY N 35 -36.68 20.21 10.91
CA GLY N 35 -36.68 19.06 9.96
C GLY N 35 -37.71 19.21 8.84
N LEU N 36 -37.97 18.11 8.14
CA LEU N 36 -38.94 18.12 7.06
C LEU N 36 -40.35 18.02 7.60
N SER N 37 -41.33 18.24 6.74
CA SER N 37 -42.72 18.15 7.14
C SER N 37 -43.16 16.70 7.20
N LYS N 38 -44.12 16.40 8.06
CA LYS N 38 -44.61 15.03 8.20
C LYS N 38 -45.14 14.50 6.88
N PRO N 39 -45.94 15.32 6.15
CA PRO N 39 -46.48 14.87 4.87
C PRO N 39 -45.39 14.38 3.92
N LEU N 40 -44.27 15.10 3.89
CA LEU N 40 -43.18 14.71 3.03
C LEU N 40 -42.54 13.42 3.56
N LEU N 41 -42.21 13.42 4.86
CA LEU N 41 -41.60 12.26 5.52
C LEU N 41 -42.43 11.00 5.31
N GLU N 42 -43.75 11.18 5.25
CA GLU N 42 -44.64 10.05 5.05
C GLU N 42 -44.67 9.61 3.59
N LEU N 43 -44.46 10.57 2.69
CA LEU N 43 -44.47 10.27 1.26
C LEU N 43 -43.17 9.64 0.78
N MET N 44 -42.06 10.02 1.41
CA MET N 44 -40.74 9.51 1.03
C MET N 44 -40.57 8.00 0.87
N PRO N 45 -40.86 7.22 1.91
CA PRO N 45 -40.73 5.75 1.83
C PRO N 45 -41.46 5.15 0.65
N THR N 46 -42.47 5.89 0.17
CA THR N 46 -43.31 5.47 -0.95
C THR N 46 -42.58 5.49 -2.29
N LEU N 47 -41.64 6.42 -2.44
CA LEU N 47 -40.88 6.54 -3.68
C LEU N 47 -39.99 5.32 -3.89
N GLY N 48 -40.21 4.62 -5.00
CA GLY N 48 -39.44 3.43 -5.31
C GLY N 48 -40.27 2.18 -5.06
N THR N 49 -41.54 2.39 -4.74
CA THR N 49 -42.47 1.30 -4.47
C THR N 49 -43.67 1.41 -5.38
N ASP N 50 -44.35 0.30 -5.64
CA ASP N 50 -45.51 0.32 -6.51
C ASP N 50 -46.58 1.20 -5.89
N ALA N 51 -46.38 1.51 -4.61
CA ALA N 51 -47.31 2.34 -3.88
C ALA N 51 -47.32 3.78 -4.40
N PHE N 52 -46.23 4.20 -5.06
CA PHE N 52 -46.18 5.56 -5.58
C PHE N 52 -46.60 5.69 -7.03
N THR N 53 -47.33 6.76 -7.31
CA THR N 53 -47.79 7.03 -8.65
C THR N 53 -48.35 8.44 -8.72
N PHE N 54 -48.02 9.19 -9.77
CA PHE N 54 -48.54 10.55 -9.88
C PHE N 54 -50.01 10.44 -10.29
N SER N 55 -50.79 11.47 -9.99
CA SER N 55 -52.18 11.49 -10.40
C SER N 55 -52.23 11.56 -11.93
N PRO N 56 -53.37 11.17 -12.52
CA PRO N 56 -53.52 11.19 -13.99
C PRO N 56 -53.30 12.54 -14.64
N ILE N 57 -52.95 12.52 -15.91
CA ILE N 57 -52.73 13.76 -16.64
C ILE N 57 -52.76 13.56 -18.16
N ARG N 58 -53.17 14.60 -18.86
CA ARG N 58 -53.23 14.59 -20.31
C ARG N 58 -52.42 15.82 -20.74
N GLU N 59 -51.38 15.62 -21.55
CA GLU N 59 -50.52 16.72 -21.98
C GLU N 59 -51.23 18.04 -22.28
N SER N 60 -52.22 17.99 -23.16
CA SER N 60 -52.97 19.17 -23.54
C SER N 60 -53.45 19.97 -22.33
N THR N 61 -53.58 19.29 -21.19
CA THR N 61 -54.02 19.95 -19.96
C THR N 61 -52.87 20.82 -19.46
N VAL N 62 -51.66 20.29 -19.57
CA VAL N 62 -50.47 21.00 -19.16
C VAL N 62 -50.26 22.21 -20.07
N SER N 63 -50.45 22.01 -21.37
CA SER N 63 -50.29 23.07 -22.36
C SER N 63 -51.29 24.19 -22.11
N ARG N 64 -52.56 23.82 -21.99
CA ARG N 64 -53.60 24.79 -21.76
C ARG N 64 -53.38 25.48 -20.42
N ALA N 65 -52.74 24.80 -19.49
CA ALA N 65 -52.49 25.39 -18.18
C ALA N 65 -51.48 26.53 -18.34
N MET N 66 -50.45 26.29 -19.14
CA MET N 66 -49.43 27.29 -19.37
C MET N 66 -49.88 28.39 -20.33
N THR N 67 -50.28 28.02 -21.55
CA THR N 67 -50.72 28.99 -22.55
C THR N 67 -51.81 29.93 -22.04
N ARG N 68 -52.80 29.36 -21.36
CA ARG N 68 -53.89 30.16 -20.83
C ARG N 68 -53.36 31.27 -19.90
N ARG N 69 -52.42 30.92 -19.02
CA ARG N 69 -51.87 31.88 -18.08
C ARG N 69 -50.94 32.88 -18.72
N TYR N 70 -50.10 32.43 -19.64
CA TYR N 70 -49.17 33.34 -20.30
C TYR N 70 -49.93 34.40 -21.09
N PHE N 71 -51.01 34.00 -21.76
CA PHE N 71 -51.81 34.94 -22.53
C PHE N 71 -52.41 35.98 -21.59
N ALA N 72 -52.85 35.50 -20.42
CA ALA N 72 -53.45 36.40 -19.44
C ALA N 72 -52.47 37.50 -19.10
N ASP N 73 -51.23 37.12 -18.82
CA ASP N 73 -50.20 38.07 -18.47
C ASP N 73 -49.94 39.03 -19.63
N LEU N 74 -49.88 38.45 -20.83
CA LEU N 74 -49.62 39.19 -22.07
C LEU N 74 -50.72 40.19 -22.34
N ASP N 75 -51.96 39.77 -22.12
CA ASP N 75 -53.08 40.65 -22.34
C ASP N 75 -53.10 41.74 -21.27
N ALA N 76 -52.83 41.36 -20.03
CA ALA N 76 -52.82 42.30 -18.92
C ALA N 76 -51.65 43.27 -18.91
N HIS N 77 -50.51 42.82 -19.42
CA HIS N 77 -49.32 43.66 -19.44
C HIS N 77 -49.06 44.46 -20.70
N ALA N 78 -49.83 44.21 -21.77
CA ALA N 78 -49.66 44.96 -23.01
C ALA N 78 -49.66 46.46 -22.64
N GLU N 79 -50.48 46.79 -21.65
CA GLU N 79 -50.59 48.16 -21.13
C GLU N 79 -50.30 48.02 -19.63
N THR N 80 -49.17 48.54 -19.18
CA THR N 80 -48.80 48.44 -17.77
C THR N 80 -48.36 49.77 -17.16
N ASP N 81 -48.08 49.75 -15.85
CA ASP N 81 -47.65 50.94 -15.13
C ASP N 81 -46.14 51.18 -15.19
N ILE N 82 -45.36 50.21 -14.76
CA ILE N 82 -43.91 50.38 -14.77
C ILE N 82 -43.17 49.19 -15.39
N VAL N 83 -42.26 49.49 -16.30
CA VAL N 83 -41.47 48.43 -16.93
C VAL N 83 -40.05 48.51 -16.39
N ILE N 84 -39.49 47.35 -16.04
CA ILE N 84 -38.12 47.30 -15.56
C ILE N 84 -37.37 46.39 -16.53
N VAL N 85 -36.45 46.95 -17.29
CA VAL N 85 -35.68 46.16 -18.25
C VAL N 85 -34.35 45.80 -17.61
N GLY N 86 -34.14 44.51 -17.37
CA GLY N 86 -32.90 44.08 -16.77
C GLY N 86 -33.08 43.56 -15.37
N ALA N 87 -33.05 42.24 -15.23
CA ALA N 87 -33.24 41.58 -13.93
C ALA N 87 -31.93 41.28 -13.21
N GLY N 88 -31.00 42.24 -13.23
CA GLY N 88 -29.73 42.06 -12.54
C GLY N 88 -29.94 42.51 -11.10
N SER N 89 -28.86 42.63 -10.32
CA SER N 89 -28.98 43.06 -8.93
C SER N 89 -29.68 44.41 -8.78
N CYS N 90 -29.37 45.36 -9.66
CA CYS N 90 -30.00 46.68 -9.58
C CYS N 90 -31.48 46.57 -9.95
N GLY N 91 -31.76 45.92 -11.07
CA GLY N 91 -33.13 45.76 -11.50
C GLY N 91 -34.01 45.08 -10.47
N LEU N 92 -33.55 43.93 -9.95
CA LEU N 92 -34.30 43.17 -8.94
C LEU N 92 -34.58 43.97 -7.69
N SER N 93 -33.56 44.63 -7.17
CA SER N 93 -33.73 45.43 -5.96
C SER N 93 -34.80 46.49 -6.21
N ALA N 94 -34.78 47.09 -7.40
CA ALA N 94 -35.77 48.11 -7.75
C ALA N 94 -37.15 47.50 -7.72
N ALA N 95 -37.31 46.36 -8.39
CA ALA N 95 -38.59 45.68 -8.43
C ALA N 95 -39.12 45.46 -7.01
N TYR N 96 -38.24 44.96 -6.14
CA TYR N 96 -38.61 44.70 -4.75
C TYR N 96 -39.15 45.94 -4.05
N VAL N 97 -38.30 46.95 -3.95
CA VAL N 97 -38.70 48.18 -3.29
C VAL N 97 -39.99 48.73 -3.88
N LEU N 98 -40.03 48.79 -5.20
CA LEU N 98 -41.20 49.33 -5.91
C LEU N 98 -42.52 48.57 -5.72
N SER N 99 -42.48 47.25 -5.74
CA SER N 99 -43.70 46.46 -5.58
C SER N 99 -44.15 46.42 -4.13
N THR N 100 -43.21 46.68 -3.22
CA THR N 100 -43.51 46.68 -1.80
C THR N 100 -44.18 48.00 -1.44
N LEU N 101 -43.66 49.09 -2.01
CA LEU N 101 -44.21 50.42 -1.77
C LEU N 101 -45.50 50.69 -2.56
N ARG N 102 -45.59 50.13 -3.77
CA ARG N 102 -46.76 50.37 -4.61
C ARG N 102 -47.48 49.10 -5.06
N PRO N 103 -48.11 48.40 -4.11
CA PRO N 103 -48.84 47.17 -4.44
C PRO N 103 -49.95 47.41 -5.47
N ASP N 104 -50.32 48.68 -5.63
CA ASP N 104 -51.38 49.10 -6.55
C ASP N 104 -50.93 49.20 -8.00
N LEU N 105 -49.61 49.22 -8.20
CA LEU N 105 -49.06 49.35 -9.54
C LEU N 105 -48.65 48.03 -10.15
N ARG N 106 -48.92 47.88 -11.44
CA ARG N 106 -48.55 46.68 -12.17
C ARG N 106 -47.10 46.85 -12.67
N ILE N 107 -46.21 46.01 -12.14
CA ILE N 107 -44.80 46.07 -12.49
C ILE N 107 -44.40 44.94 -13.44
N THR N 108 -43.92 45.33 -14.61
CA THR N 108 -43.53 44.38 -15.65
C THR N 108 -42.01 44.27 -15.78
N ILE N 109 -41.46 43.13 -15.39
CA ILE N 109 -40.01 42.91 -15.51
C ILE N 109 -39.68 42.16 -16.81
N VAL N 110 -38.87 42.77 -17.66
CA VAL N 110 -38.48 42.14 -18.92
C VAL N 110 -37.00 41.79 -18.85
N GLU N 111 -36.71 40.49 -18.79
CA GLU N 111 -35.36 39.98 -18.70
C GLU N 111 -34.97 39.20 -19.95
N ALA N 112 -33.82 39.54 -20.52
CA ALA N 112 -33.35 38.89 -21.74
C ALA N 112 -33.01 37.41 -21.55
N GLY N 113 -32.34 37.07 -20.46
CA GLY N 113 -31.96 35.68 -20.26
C GLY N 113 -33.06 34.76 -19.78
N VAL N 114 -32.89 33.46 -20.00
CA VAL N 114 -33.88 32.50 -19.53
C VAL N 114 -33.76 32.54 -18.02
N ALA N 115 -32.54 32.73 -17.56
CA ALA N 115 -32.26 32.82 -16.14
C ALA N 115 -32.16 34.29 -15.76
N PRO N 116 -32.89 34.68 -14.71
CA PRO N 116 -32.80 36.09 -14.31
C PRO N 116 -31.63 36.23 -13.35
N GLY N 117 -31.24 37.47 -13.02
CA GLY N 117 -30.16 37.65 -12.08
C GLY N 117 -28.91 38.40 -12.53
N GLY N 118 -28.78 38.65 -13.83
CA GLY N 118 -27.61 39.36 -14.30
C GLY N 118 -26.29 38.80 -13.82
N GLY N 119 -25.39 39.68 -13.40
CA GLY N 119 -24.11 39.23 -12.91
C GLY N 119 -24.09 38.99 -11.41
N ALA N 120 -25.27 38.86 -10.81
CA ALA N 120 -25.37 38.66 -9.38
C ALA N 120 -25.35 37.19 -8.95
N TRP N 121 -24.77 36.34 -9.78
CA TRP N 121 -24.68 34.91 -9.46
C TRP N 121 -23.29 34.56 -8.93
N LEU N 122 -22.35 35.50 -9.09
CA LEU N 122 -20.98 35.29 -8.67
C LEU N 122 -20.35 36.56 -8.14
N GLY N 123 -19.14 36.42 -7.62
CA GLY N 123 -18.40 37.56 -7.14
C GLY N 123 -17.43 37.91 -8.25
N GLY N 124 -16.14 37.95 -7.93
CA GLY N 124 -15.14 38.27 -8.93
C GLY N 124 -14.37 37.04 -9.35
N GLN N 125 -13.89 37.02 -10.59
CA GLN N 125 -13.14 35.90 -11.14
C GLN N 125 -13.82 34.55 -10.88
N LEU N 126 -15.14 34.52 -11.04
CA LEU N 126 -15.93 33.31 -10.84
C LEU N 126 -15.97 32.82 -9.40
N PHE N 127 -15.50 33.64 -8.46
CA PHE N 127 -15.54 33.24 -7.06
C PHE N 127 -16.94 33.48 -6.52
N SER N 128 -17.16 33.17 -5.25
CA SER N 128 -18.51 33.28 -4.71
C SER N 128 -18.98 34.43 -3.81
N ALA N 129 -18.18 34.77 -2.80
CA ALA N 129 -18.55 35.82 -1.84
C ALA N 129 -19.01 37.13 -2.45
N MET N 130 -20.12 37.66 -1.93
CA MET N 130 -20.68 38.92 -2.38
C MET N 130 -20.41 40.03 -1.35
N VAL N 131 -19.52 40.95 -1.70
CA VAL N 131 -19.15 42.06 -0.82
C VAL N 131 -20.05 43.28 -0.97
N MET N 132 -20.46 43.85 0.16
CA MET N 132 -21.29 45.03 0.12
C MET N 132 -20.83 46.04 1.16
N ARG N 133 -20.44 47.21 0.69
CA ARG N 133 -20.00 48.27 1.59
C ARG N 133 -21.22 48.88 2.27
N LYS N 134 -21.06 49.29 3.52
CA LYS N 134 -22.16 49.90 4.26
C LYS N 134 -22.40 51.28 3.66
N PRO N 135 -23.63 51.80 3.79
CA PRO N 135 -24.80 51.24 4.46
C PRO N 135 -25.71 50.34 3.63
N ALA N 136 -25.15 49.55 2.71
CA ALA N 136 -26.00 48.69 1.88
C ALA N 136 -26.53 47.48 2.67
N ASP N 137 -26.00 47.31 3.88
CA ASP N 137 -26.43 46.20 4.74
C ASP N 137 -27.87 46.42 5.18
N VAL N 138 -28.30 47.68 5.17
CA VAL N 138 -29.67 48.03 5.54
C VAL N 138 -30.62 47.34 4.57
N PHE N 139 -30.25 47.35 3.30
CA PHE N 139 -31.06 46.71 2.27
C PHE N 139 -31.06 45.20 2.53
N LEU N 140 -29.87 44.65 2.73
CA LEU N 140 -29.77 43.22 3.00
C LEU N 140 -30.73 42.86 4.14
N ASP N 141 -30.70 43.66 5.21
CA ASP N 141 -31.60 43.42 6.34
C ASP N 141 -33.04 43.38 5.84
N GLU N 142 -33.38 44.37 5.02
CA GLU N 142 -34.71 44.51 4.43
C GLU N 142 -35.20 43.28 3.70
N VAL N 143 -34.36 42.73 2.82
CA VAL N 143 -34.73 41.56 2.03
C VAL N 143 -34.46 40.21 2.71
N GLY N 144 -33.94 40.24 3.92
CA GLY N 144 -33.67 39.00 4.63
C GLY N 144 -32.48 38.19 4.15
N VAL N 145 -31.40 38.84 3.79
CA VAL N 145 -30.23 38.11 3.33
C VAL N 145 -29.15 38.24 4.39
N PRO N 146 -28.74 37.11 4.99
CA PRO N 146 -27.71 37.09 6.03
C PRO N 146 -26.37 37.55 5.51
N TYR N 147 -25.44 37.83 6.42
CA TYR N 147 -24.11 38.29 6.05
C TYR N 147 -23.20 38.44 7.27
N GLU N 148 -21.90 38.48 7.02
CA GLU N 148 -20.91 38.64 8.08
C GLU N 148 -20.49 40.10 8.07
N ASP N 149 -20.55 40.75 9.23
CA ASP N 149 -20.17 42.16 9.31
C ASP N 149 -18.65 42.25 9.42
N GLU N 150 -18.01 42.89 8.45
CA GLU N 150 -16.56 43.02 8.47
C GLU N 150 -16.11 44.43 8.84
N GLY N 151 -17.06 45.28 9.20
CA GLY N 151 -16.73 46.65 9.56
C GLY N 151 -17.35 47.62 8.60
N ASP N 152 -16.55 48.17 7.68
CA ASP N 152 -17.06 49.11 6.69
C ASP N 152 -17.95 48.41 5.65
N TYR N 153 -17.85 47.09 5.59
CA TYR N 153 -18.65 46.35 4.63
C TYR N 153 -19.06 45.01 5.24
N VAL N 154 -19.93 44.31 4.52
CA VAL N 154 -20.41 43.02 4.98
C VAL N 154 -20.22 42.04 3.85
N VAL N 155 -20.39 40.75 4.13
CA VAL N 155 -20.21 39.74 3.11
C VAL N 155 -21.30 38.66 3.11
N VAL N 156 -21.89 38.46 1.95
CA VAL N 156 -22.92 37.44 1.80
C VAL N 156 -22.21 36.16 1.33
N LYS N 157 -22.38 35.09 2.11
CA LYS N 157 -21.80 33.79 1.85
C LYS N 157 -21.59 33.50 0.37
N HIS N 158 -22.65 33.66 -0.41
CA HIS N 158 -22.60 33.43 -1.86
C HIS N 158 -23.44 34.50 -2.55
N ALA N 159 -22.92 35.06 -3.63
CA ALA N 159 -23.67 36.09 -4.35
C ALA N 159 -25.04 35.51 -4.71
N ALA N 160 -25.06 34.22 -5.01
CA ALA N 160 -26.30 33.53 -5.37
C ALA N 160 -27.33 33.63 -4.25
N LEU N 161 -26.87 33.58 -3.00
CA LEU N 161 -27.77 33.67 -1.84
C LEU N 161 -28.60 34.95 -1.87
N PHE N 162 -27.97 36.04 -2.30
CA PHE N 162 -28.67 37.31 -2.38
C PHE N 162 -29.73 37.24 -3.48
N THR N 163 -29.28 37.13 -4.72
CA THR N 163 -30.15 37.08 -5.89
C THR N 163 -31.37 36.15 -5.81
N SER N 164 -31.17 34.90 -5.39
CA SER N 164 -32.29 33.96 -5.28
C SER N 164 -33.32 34.43 -4.26
N THR N 165 -32.84 34.92 -3.11
CA THR N 165 -33.72 35.42 -2.07
C THR N 165 -34.56 36.58 -2.59
N VAL N 166 -33.88 37.62 -3.08
CA VAL N 166 -34.56 38.79 -3.64
C VAL N 166 -35.55 38.36 -4.73
N LEU N 167 -35.08 37.54 -5.67
CA LEU N 167 -35.90 37.05 -6.77
C LEU N 167 -37.14 36.35 -6.22
N SER N 168 -36.95 35.57 -5.17
CA SER N 168 -38.04 34.84 -4.55
C SER N 168 -39.10 35.80 -4.01
N LYS N 169 -38.67 36.73 -3.17
CA LYS N 169 -39.60 37.69 -2.61
C LYS N 169 -40.28 38.53 -3.67
N VAL N 170 -39.53 38.95 -4.69
CA VAL N 170 -40.14 39.75 -5.75
C VAL N 170 -41.22 38.96 -6.49
N LEU N 171 -40.88 37.74 -6.90
CA LEU N 171 -41.81 36.89 -7.64
C LEU N 171 -43.06 36.54 -6.87
N GLN N 172 -43.08 36.83 -5.58
CA GLN N 172 -44.23 36.51 -4.75
C GLN N 172 -45.30 37.57 -4.80
N ARG N 173 -44.89 38.82 -4.95
CA ARG N 173 -45.82 39.94 -5.04
C ARG N 173 -46.82 39.72 -6.17
N PRO N 174 -48.11 39.87 -5.87
CA PRO N 174 -49.20 39.69 -6.86
C PRO N 174 -49.17 40.64 -8.05
N ASN N 175 -48.53 41.79 -7.86
CA ASN N 175 -48.46 42.80 -8.90
C ASN N 175 -47.19 42.72 -9.77
N VAL N 176 -46.42 41.65 -9.62
CA VAL N 176 -45.19 41.51 -10.40
C VAL N 176 -45.23 40.33 -11.38
N LYS N 177 -44.78 40.58 -12.60
CA LYS N 177 -44.72 39.57 -13.64
C LYS N 177 -43.32 39.58 -14.21
N LEU N 178 -42.76 38.39 -14.40
CA LEU N 178 -41.42 38.29 -14.96
C LEU N 178 -41.43 37.72 -16.38
N PHE N 179 -41.20 38.56 -17.37
CA PHE N 179 -41.15 38.08 -18.74
C PHE N 179 -39.70 37.77 -19.11
N ASN N 180 -39.21 36.62 -18.66
CA ASN N 180 -37.84 36.23 -18.97
C ASN N 180 -37.78 35.61 -20.38
N ALA N 181 -36.58 35.55 -20.94
CA ALA N 181 -36.37 35.03 -22.28
C ALA N 181 -37.03 35.96 -23.30
N THR N 182 -37.22 37.21 -22.87
CA THR N 182 -37.83 38.26 -23.68
C THR N 182 -36.83 39.42 -23.75
N THR N 183 -36.56 39.94 -24.94
CA THR N 183 -35.63 41.06 -25.07
C THR N 183 -36.30 42.35 -25.54
N VAL N 184 -35.83 43.47 -25.03
CA VAL N 184 -36.36 44.76 -25.46
C VAL N 184 -35.43 45.15 -26.60
N GLU N 185 -35.95 45.19 -27.82
CA GLU N 185 -35.13 45.55 -28.98
C GLU N 185 -35.25 47.03 -29.29
N ASP N 186 -36.23 47.69 -28.70
CA ASP N 186 -36.43 49.10 -28.98
C ASP N 186 -37.32 49.77 -27.93
N LEU N 187 -37.56 51.07 -28.11
CA LEU N 187 -38.40 51.81 -27.19
C LEU N 187 -39.59 52.44 -27.90
N ILE N 188 -40.73 52.50 -27.20
CA ILE N 188 -41.92 53.14 -27.75
C ILE N 188 -41.74 54.61 -27.41
N THR N 189 -41.75 55.46 -28.43
CA THR N 189 -41.57 56.89 -28.19
C THR N 189 -42.79 57.75 -28.50
N ARG N 190 -42.71 59.00 -28.06
CA ARG N 190 -43.76 59.97 -28.28
C ARG N 190 -43.05 61.30 -28.43
N LYS N 191 -43.70 62.27 -29.06
CA LYS N 191 -43.07 63.57 -29.25
C LYS N 191 -43.12 64.47 -28.01
N HIS N 192 -41.96 65.05 -27.68
CA HIS N 192 -41.79 65.95 -26.54
C HIS N 192 -42.07 65.29 -25.18
N ALA N 209 -35.61 67.18 -32.22
CA ALA N 209 -36.93 66.88 -31.68
C ALA N 209 -36.84 66.01 -30.41
N LYS N 210 -37.23 66.58 -29.26
CA LYS N 210 -37.19 65.87 -27.98
C LYS N 210 -38.27 64.78 -27.88
N VAL N 211 -37.97 63.66 -27.20
CA VAL N 211 -38.95 62.57 -27.08
C VAL N 211 -39.24 62.09 -25.67
N ARG N 212 -40.36 61.38 -25.52
CA ARG N 212 -40.76 60.80 -24.26
C ARG N 212 -40.85 59.30 -24.46
N ILE N 213 -40.22 58.55 -23.56
CA ILE N 213 -40.25 57.10 -23.65
C ILE N 213 -41.57 56.67 -23.03
N ALA N 214 -42.38 55.96 -23.81
CA ALA N 214 -43.70 55.53 -23.35
C ALA N 214 -43.90 54.03 -23.42
N GLY N 215 -42.80 53.31 -23.49
CA GLY N 215 -42.93 51.86 -23.55
C GLY N 215 -41.70 51.21 -24.12
N VAL N 216 -41.78 49.89 -24.26
CA VAL N 216 -40.67 49.11 -24.81
C VAL N 216 -41.15 48.21 -25.95
N VAL N 217 -40.28 47.99 -26.93
CA VAL N 217 -40.60 47.11 -28.05
C VAL N 217 -39.95 45.78 -27.64
N THR N 218 -40.72 44.70 -27.68
CA THR N 218 -40.21 43.41 -27.24
C THR N 218 -40.12 42.34 -28.31
N ASN N 219 -39.63 41.18 -27.88
CA ASN N 219 -39.49 40.02 -28.75
C ASN N 219 -38.70 38.96 -28.01
N TRP N 220 -39.00 37.69 -28.31
CA TRP N 220 -38.29 36.60 -27.66
C TRP N 220 -36.78 36.82 -27.90
N THR N 221 -35.97 36.71 -26.84
CA THR N 221 -34.53 36.91 -26.95
C THR N 221 -33.92 36.16 -28.11
N LEU N 222 -34.27 34.89 -28.26
CA LEU N 222 -33.74 34.10 -29.35
C LEU N 222 -34.05 34.68 -30.72
N VAL N 223 -35.18 35.37 -30.86
CA VAL N 223 -35.49 35.97 -32.15
C VAL N 223 -34.55 37.17 -32.33
N SER N 224 -34.43 37.99 -31.28
CA SER N 224 -33.56 39.16 -31.32
C SER N 224 -32.15 38.82 -31.78
N MET N 225 -31.66 37.65 -31.37
CA MET N 225 -30.31 37.23 -31.71
C MET N 225 -30.17 36.55 -33.08
N HIS N 226 -31.24 36.47 -33.85
CA HIS N 226 -31.17 35.82 -35.15
C HIS N 226 -31.96 36.53 -36.22
N HIS N 227 -31.93 37.86 -36.18
CA HIS N 227 -32.65 38.64 -37.16
C HIS N 227 -32.00 38.51 -38.53
N ASP N 228 -31.18 37.48 -38.70
CA ASP N 228 -30.50 37.22 -39.97
C ASP N 228 -30.58 35.75 -40.31
N ASP N 229 -30.76 34.94 -39.27
CA ASP N 229 -30.85 33.49 -39.41
C ASP N 229 -32.26 33.01 -39.74
N GLN N 230 -33.07 33.93 -40.27
CA GLN N 230 -34.47 33.64 -40.64
C GLN N 230 -35.04 34.83 -41.44
N SER N 231 -36.33 34.76 -41.75
CA SER N 231 -37.02 35.83 -42.47
C SER N 231 -37.46 36.86 -41.44
N MET N 233 -38.92 38.86 -38.54
CA MET N 233 -39.71 38.51 -37.36
C MET N 233 -39.99 39.76 -36.53
N ASP N 234 -41.13 40.37 -36.79
CA ASP N 234 -41.54 41.59 -36.09
C ASP N 234 -41.65 41.41 -34.59
N PRO N 235 -41.39 42.49 -33.85
CA PRO N 235 -41.45 42.50 -32.38
C PRO N 235 -42.86 42.75 -31.87
N ASN N 236 -43.03 42.70 -30.55
CA ASN N 236 -44.32 42.99 -29.96
C ASN N 236 -44.13 44.29 -29.18
N THR N 237 -45.18 44.75 -28.50
CA THR N 237 -45.10 46.00 -27.76
C THR N 237 -45.67 45.98 -26.35
N ILE N 238 -45.22 46.92 -25.53
CA ILE N 238 -45.70 47.08 -24.18
C ILE N 238 -45.75 48.57 -23.88
N ASN N 239 -46.95 49.12 -23.71
CA ASN N 239 -47.07 50.54 -23.41
C ASN N 239 -46.87 50.80 -21.94
N ALA N 240 -46.25 51.93 -21.60
CA ALA N 240 -46.03 52.25 -20.21
C ALA N 240 -45.54 53.67 -19.97
N PRO N 241 -46.08 54.34 -18.94
CA PRO N 241 -45.74 55.70 -18.56
C PRO N 241 -44.30 55.85 -18.05
N VAL N 242 -43.78 54.83 -17.38
CA VAL N 242 -42.42 54.90 -16.87
C VAL N 242 -41.63 53.62 -17.12
N ILE N 243 -40.44 53.77 -17.68
CA ILE N 243 -39.55 52.65 -17.97
C ILE N 243 -38.23 52.79 -17.20
N ILE N 244 -37.90 51.79 -16.39
CA ILE N 244 -36.65 51.78 -15.63
C ILE N 244 -35.70 50.84 -16.37
N SER N 245 -34.59 51.37 -16.85
CA SER N 245 -33.63 50.54 -17.57
C SER N 245 -32.40 50.25 -16.73
N THR N 246 -32.20 48.96 -16.48
CA THR N 246 -31.09 48.47 -15.67
C THR N 246 -30.49 47.27 -16.41
N THR N 247 -29.98 47.52 -17.61
CA THR N 247 -29.42 46.46 -18.42
C THR N 247 -27.91 46.35 -18.31
N GLY N 248 -27.36 46.80 -17.18
CA GLY N 248 -25.93 46.71 -16.97
C GLY N 248 -25.12 47.52 -17.97
N HIS N 249 -23.79 47.48 -17.82
CA HIS N 249 -22.93 48.24 -18.71
C HIS N 249 -22.81 47.70 -20.13
N ASP N 250 -22.36 48.58 -21.03
CA ASP N 250 -22.21 48.30 -22.45
C ASP N 250 -21.68 46.91 -22.74
N GLY N 251 -22.27 46.30 -23.77
CA GLY N 251 -21.90 44.96 -24.21
C GLY N 251 -22.96 44.50 -25.19
N PRO N 252 -22.71 43.40 -25.92
CA PRO N 252 -23.68 42.89 -26.89
C PRO N 252 -25.12 43.06 -26.44
N PHE N 253 -25.40 42.65 -25.21
CA PHE N 253 -26.74 42.76 -24.68
C PHE N 253 -26.95 44.05 -23.86
N GLY N 254 -25.98 44.36 -23.00
CA GLY N 254 -26.06 45.52 -22.12
C GLY N 254 -26.17 46.96 -22.60
N ALA N 255 -26.47 47.84 -21.64
CA ALA N 255 -26.62 49.28 -21.85
C ALA N 255 -27.56 49.63 -23.00
N PHE N 256 -28.70 48.96 -23.07
CA PHE N 256 -29.62 49.19 -24.16
C PHE N 256 -30.28 50.56 -24.29
N SER N 257 -30.94 51.01 -23.23
CA SER N 257 -31.61 52.30 -23.28
C SER N 257 -30.68 53.44 -23.61
N VAL N 258 -29.56 53.52 -22.89
CA VAL N 258 -28.61 54.60 -23.12
C VAL N 258 -28.12 54.62 -24.56
N LYS N 259 -27.70 53.46 -25.07
CA LYS N 259 -27.21 53.35 -26.45
C LYS N 259 -28.32 53.69 -27.46
N ARG N 260 -29.55 53.32 -27.15
CA ARG N 260 -30.67 53.59 -28.04
C ARG N 260 -30.93 55.10 -28.10
N LEU N 261 -30.84 55.77 -26.95
CA LEU N 261 -31.07 57.22 -26.93
C LEU N 261 -30.14 57.91 -27.91
N VAL N 262 -28.94 57.36 -28.10
CA VAL N 262 -27.97 57.93 -29.03
C VAL N 262 -28.36 57.68 -30.48
N SER N 263 -28.68 56.42 -30.82
CA SER N 263 -29.05 56.10 -32.20
C SER N 263 -30.37 56.78 -32.60
N MET N 264 -31.16 57.20 -31.63
CA MET N 264 -32.41 57.89 -31.94
C MET N 264 -32.10 59.38 -32.10
N LYS N 265 -30.83 59.72 -31.96
CA LYS N 265 -30.33 61.08 -32.10
C LYS N 265 -30.79 62.00 -30.97
N GLN N 266 -30.93 61.44 -29.76
CA GLN N 266 -31.36 62.20 -28.59
C GLN N 266 -30.15 62.50 -27.69
N MET N 267 -29.03 61.89 -28.01
CA MET N 267 -27.80 62.07 -27.24
C MET N 267 -26.65 62.34 -28.19
N GLU N 268 -25.61 63.00 -27.68
CA GLU N 268 -24.44 63.29 -28.48
C GLU N 268 -23.62 62.02 -28.62
N ARG N 269 -23.65 61.19 -27.57
CA ARG N 269 -22.91 59.94 -27.54
C ARG N 269 -22.83 59.51 -26.08
N LEU N 270 -22.17 58.39 -25.83
CA LEU N 270 -22.00 57.88 -24.48
C LEU N 270 -20.63 58.28 -23.98
N ASN N 271 -20.55 58.74 -22.74
CA ASN N 271 -19.27 59.12 -22.19
C ASN N 271 -18.45 57.85 -21.99
N GLY N 272 -19.16 56.72 -21.90
CA GLY N 272 -18.51 55.43 -21.72
C GLY N 272 -18.07 55.14 -20.30
N MET N 273 -18.22 53.88 -19.90
CA MET N 273 -17.81 53.43 -18.57
C MET N 273 -16.32 53.62 -18.45
N ARG N 274 -15.89 54.21 -17.35
CA ARG N 274 -14.46 54.46 -17.16
C ARG N 274 -13.78 53.39 -16.30
N GLY N 275 -12.54 53.66 -15.90
CA GLY N 275 -11.77 52.73 -15.10
C GLY N 275 -12.35 52.40 -13.75
N LEU N 276 -11.87 51.32 -13.15
CA LEU N 276 -12.37 50.90 -11.85
C LEU N 276 -11.82 51.71 -10.69
N ASP N 277 -12.72 52.35 -9.97
CA ASP N 277 -12.39 53.15 -8.80
C ASP N 277 -13.62 52.99 -7.94
N MET N 278 -13.62 51.95 -7.13
CA MET N 278 -14.74 51.63 -6.26
C MET N 278 -15.28 52.79 -5.42
N GLN N 279 -14.41 53.50 -4.72
CA GLN N 279 -14.91 54.59 -3.91
C GLN N 279 -15.66 55.66 -4.68
N SER N 280 -15.14 56.12 -5.81
CA SER N 280 -15.87 57.12 -6.54
C SER N 280 -16.99 56.53 -7.39
N ALA N 281 -16.86 55.28 -7.80
CA ALA N 281 -17.88 54.66 -8.63
C ALA N 281 -19.24 54.45 -7.96
N GLU N 282 -19.26 53.72 -6.84
CA GLU N 282 -20.51 53.43 -6.16
C GLU N 282 -21.33 54.66 -5.77
N ASP N 283 -20.65 55.71 -5.33
CA ASP N 283 -21.32 56.95 -4.95
C ASP N 283 -21.94 57.60 -6.17
N ALA N 284 -21.17 57.71 -7.25
CA ALA N 284 -21.66 58.33 -8.48
C ALA N 284 -22.86 57.59 -9.07
N ILE N 285 -22.82 56.26 -9.03
CA ILE N 285 -23.93 55.49 -9.56
C ILE N 285 -25.21 55.71 -8.76
N VAL N 286 -25.15 55.45 -7.45
CA VAL N 286 -26.32 55.63 -6.58
C VAL N 286 -26.92 57.03 -6.63
N ASN N 287 -26.14 58.02 -6.21
CA ASN N 287 -26.61 59.40 -6.17
C ASN N 287 -27.14 60.00 -7.47
N ASN N 288 -26.73 59.46 -8.61
CA ASN N 288 -27.18 59.98 -9.89
C ASN N 288 -28.21 59.15 -10.61
N THR N 289 -28.76 58.14 -9.94
CA THR N 289 -29.79 57.33 -10.57
C THR N 289 -30.99 58.26 -10.64
N ARG N 290 -31.49 58.49 -11.86
CA ARG N 290 -32.62 59.37 -12.07
C ARG N 290 -33.30 59.19 -13.41
N GLU N 291 -34.30 60.04 -13.65
CA GLU N 291 -35.02 59.99 -14.91
C GLU N 291 -34.12 60.72 -15.90
N ILE N 292 -33.53 59.97 -16.83
CA ILE N 292 -32.64 60.54 -17.84
C ILE N 292 -33.37 61.40 -18.85
N VAL N 293 -34.48 60.89 -19.36
CA VAL N 293 -35.29 61.59 -20.35
C VAL N 293 -36.73 61.33 -19.90
N PRO N 294 -37.69 62.13 -20.37
CA PRO N 294 -39.07 61.86 -19.94
C PRO N 294 -39.49 60.41 -20.20
N GLY N 295 -39.88 59.73 -19.12
CA GLY N 295 -40.33 58.34 -19.24
C GLY N 295 -39.30 57.24 -19.11
N LEU N 296 -38.02 57.61 -18.98
CA LEU N 296 -36.96 56.61 -18.87
C LEU N 296 -35.98 56.90 -17.73
N ILE N 297 -35.94 56.01 -16.74
CA ILE N 297 -35.05 56.14 -15.59
C ILE N 297 -33.91 55.12 -15.72
N VAL N 298 -32.67 55.57 -15.58
CA VAL N 298 -31.56 54.64 -15.70
C VAL N 298 -30.87 54.46 -14.36
N GLY N 299 -30.47 53.22 -14.10
CA GLY N 299 -29.79 52.92 -12.86
C GLY N 299 -28.86 51.74 -13.07
N GLY N 300 -28.02 51.47 -12.09
CA GLY N 300 -27.11 50.35 -12.22
C GLY N 300 -25.93 50.69 -13.09
N MET N 301 -25.25 49.67 -13.59
CA MET N 301 -24.09 49.91 -14.41
C MET N 301 -24.42 50.51 -15.77
N GLU N 302 -25.71 50.58 -16.09
CA GLU N 302 -26.07 51.17 -17.37
C GLU N 302 -25.91 52.67 -17.27
N LEU N 303 -25.95 53.16 -16.03
CA LEU N 303 -25.82 54.59 -15.79
C LEU N 303 -24.37 55.03 -15.95
N SER N 304 -23.43 54.13 -15.70
CA SER N 304 -22.03 54.48 -15.84
C SER N 304 -21.70 54.79 -17.29
N GLU N 305 -22.45 54.20 -18.22
CA GLU N 305 -22.23 54.40 -19.65
C GLU N 305 -22.67 55.78 -20.15
N ILE N 306 -23.76 56.30 -19.62
CA ILE N 306 -24.22 57.60 -20.04
C ILE N 306 -23.54 58.73 -19.27
N ASP N 307 -23.18 58.46 -18.02
CA ASP N 307 -22.55 59.46 -17.16
C ASP N 307 -21.03 59.44 -17.24
N GLY N 308 -20.47 58.37 -17.77
CA GLY N 308 -19.02 58.27 -17.84
C GLY N 308 -18.50 58.12 -16.42
N ALA N 309 -19.16 57.27 -15.64
CA ALA N 309 -18.77 57.03 -14.25
C ALA N 309 -17.80 55.87 -14.19
N ASN N 310 -17.15 55.72 -13.05
CA ASN N 310 -16.19 54.64 -12.83
C ASN N 310 -16.92 53.35 -12.55
N ARG N 311 -16.26 52.22 -12.77
CA ARG N 311 -16.85 50.92 -12.50
C ARG N 311 -16.32 50.51 -11.14
N MET N 312 -17.00 49.57 -10.49
CA MET N 312 -16.56 49.15 -9.17
C MET N 312 -16.18 47.69 -9.09
N GLY N 313 -16.38 46.96 -10.18
CA GLY N 313 -16.04 45.54 -10.15
C GLY N 313 -16.91 44.75 -9.19
N PRO N 314 -16.35 43.68 -8.58
CA PRO N 314 -17.03 42.79 -7.64
C PRO N 314 -17.51 43.33 -6.29
N THR N 315 -18.48 44.24 -6.31
CA THR N 315 -19.08 44.77 -5.09
C THR N 315 -20.48 45.21 -5.49
N PHE N 316 -21.48 44.78 -4.74
CA PHE N 316 -22.86 45.06 -5.08
C PHE N 316 -23.67 46.09 -4.30
N GLY N 317 -23.00 46.88 -3.47
CA GLY N 317 -23.71 47.89 -2.69
C GLY N 317 -24.45 48.91 -3.54
N ALA N 318 -23.73 49.49 -4.50
CA ALA N 318 -24.33 50.48 -5.38
C ALA N 318 -25.48 49.89 -6.21
N MET N 319 -25.34 48.66 -6.69
CA MET N 319 -26.43 48.06 -7.48
C MET N 319 -27.71 47.95 -6.66
N ALA N 320 -27.54 47.60 -5.39
CA ALA N 320 -28.67 47.46 -4.48
C ALA N 320 -29.30 48.82 -4.17
N LEU N 321 -28.49 49.77 -3.70
CA LEU N 321 -29.05 51.08 -3.38
C LEU N 321 -29.46 51.89 -4.61
N SER N 322 -28.84 51.61 -5.75
CA SER N 322 -29.19 52.31 -6.99
C SER N 322 -30.59 51.87 -7.41
N GLY N 323 -30.93 50.61 -7.14
CA GLY N 323 -32.25 50.10 -7.47
C GLY N 323 -33.29 50.70 -6.54
N VAL N 324 -32.90 50.93 -5.29
CA VAL N 324 -33.78 51.52 -4.29
C VAL N 324 -34.13 52.91 -4.78
N LYS N 325 -33.11 53.62 -5.23
CA LYS N 325 -33.27 54.97 -5.75
C LYS N 325 -34.04 54.98 -7.07
N ALA N 326 -33.84 53.95 -7.90
CA ALA N 326 -34.54 53.89 -9.18
C ALA N 326 -36.04 53.80 -8.90
N ALA N 327 -36.40 52.99 -7.91
CA ALA N 327 -37.80 52.83 -7.52
C ALA N 327 -38.36 54.12 -6.93
N HIS N 328 -37.51 54.85 -6.20
CA HIS N 328 -37.92 56.08 -5.59
C HIS N 328 -38.18 57.08 -6.71
N GLU N 329 -37.34 57.04 -7.74
CA GLU N 329 -37.51 57.94 -8.88
C GLU N 329 -38.76 57.61 -9.67
N ALA N 330 -39.01 56.32 -9.84
CA ALA N 330 -40.20 55.86 -10.57
C ALA N 330 -41.44 56.45 -9.93
N ILE N 331 -41.53 56.30 -8.61
CA ILE N 331 -42.67 56.81 -7.86
C ILE N 331 -42.82 58.33 -7.98
N ARG N 332 -41.71 59.04 -7.84
CA ARG N 332 -41.72 60.49 -7.92
C ARG N 332 -42.28 61.01 -9.24
N VAL N 333 -41.98 60.29 -10.30
CA VAL N 333 -42.35 60.67 -11.65
C VAL N 333 -43.61 60.02 -12.23
N PHE N 334 -44.08 58.96 -11.61
CA PHE N 334 -45.23 58.23 -12.13
C PHE N 334 -46.51 58.99 -12.50
N ASP N 335 -47.11 59.67 -11.52
CA ASP N 335 -48.34 60.37 -11.81
C ASP N 335 -48.21 61.29 -13.02
N LEU N 336 -47.09 62.00 -13.10
CA LEU N 336 -46.85 62.92 -14.20
C LEU N 336 -46.76 62.23 -15.58
N ARG N 337 -46.05 61.12 -15.65
CA ARG N 337 -45.90 60.42 -16.92
C ARG N 337 -47.19 59.69 -17.26
N LYS N 338 -47.81 59.15 -16.23
CA LYS N 338 -49.07 58.43 -16.35
C LYS N 338 -50.11 59.38 -16.96
N ALA N 339 -50.03 60.66 -16.59
CA ALA N 339 -50.96 61.66 -17.10
C ALA N 339 -50.70 61.96 -18.59
N GLN N 340 -49.44 62.10 -18.95
CA GLN N 340 -49.08 62.39 -20.33
C GLN N 340 -49.35 61.21 -21.24
N ASN N 341 -49.18 60.00 -20.71
CA ASN N 341 -49.37 58.79 -21.50
C ASN N 341 -50.81 58.44 -21.86
N ASP N 342 -51.78 58.85 -21.05
CA ASP N 342 -53.17 58.52 -21.36
C ASP N 342 -53.93 59.65 -22.03
N GLY O 35 26.69 13.50 -18.87
CA GLY O 35 25.67 12.44 -18.66
C GLY O 35 24.61 12.79 -17.62
N LEU O 36 23.73 11.83 -17.34
CA LEU O 36 22.66 12.02 -16.35
C LEU O 36 23.23 11.91 -14.94
N SER O 37 22.37 11.97 -13.94
CA SER O 37 22.80 11.84 -12.56
C SER O 37 22.72 10.37 -12.20
N LYS O 38 23.47 9.96 -11.18
CA LYS O 38 23.47 8.56 -10.76
C LYS O 38 22.08 8.11 -10.30
N PRO O 39 21.38 8.94 -9.50
CA PRO O 39 20.05 8.57 -9.01
C PRO O 39 19.06 8.27 -10.13
N LEU O 40 19.11 9.05 -11.20
CA LEU O 40 18.23 8.83 -12.34
C LEU O 40 18.66 7.60 -13.11
N LEU O 41 19.96 7.44 -13.31
CA LEU O 41 20.47 6.27 -14.00
C LEU O 41 20.09 5.01 -13.25
N GLU O 42 20.17 5.04 -11.92
CA GLU O 42 19.82 3.89 -11.10
C GLU O 42 18.34 3.58 -11.17
N LEU O 43 17.55 4.61 -11.46
CA LEU O 43 16.09 4.48 -11.54
C LEU O 43 15.54 3.92 -12.84
N MET O 44 16.13 4.33 -13.96
CA MET O 44 15.65 3.91 -15.27
C MET O 44 15.35 2.42 -15.44
N PRO O 45 16.32 1.55 -15.13
CA PRO O 45 16.14 0.10 -15.26
C PRO O 45 14.89 -0.40 -14.53
N THR O 46 14.42 0.38 -13.57
CA THR O 46 13.24 0.04 -12.77
C THR O 46 11.96 0.30 -13.55
N LEU O 47 11.95 1.40 -14.30
CA LEU O 47 10.79 1.78 -15.08
C LEU O 47 10.45 0.68 -16.09
N GLY O 48 9.23 0.16 -16.00
CA GLY O 48 8.80 -0.88 -16.90
C GLY O 48 8.74 -2.22 -16.20
N THR O 49 8.97 -2.21 -14.90
CA THR O 49 8.94 -3.44 -14.11
C THR O 49 8.06 -3.30 -12.88
N ASP O 50 7.59 -4.42 -12.37
CA ASP O 50 6.74 -4.42 -11.19
C ASP O 50 7.39 -3.68 -10.05
N ALA O 51 8.71 -3.56 -10.08
CA ALA O 51 9.45 -2.89 -9.03
C ALA O 51 9.15 -1.39 -8.95
N PHE O 52 8.89 -0.73 -10.08
CA PHE O 52 8.58 0.69 -10.06
C PHE O 52 7.17 0.99 -9.61
N THR O 53 7.05 1.97 -8.72
CA THR O 53 5.77 2.38 -8.21
C THR O 53 5.93 3.75 -7.56
N PHE O 54 4.99 4.67 -7.81
CA PHE O 54 5.03 6.00 -7.22
C PHE O 54 4.52 5.89 -5.80
N SER O 55 4.96 6.80 -4.93
CA SER O 55 4.50 6.81 -3.55
C SER O 55 2.99 7.04 -3.54
N PRO O 56 2.31 6.69 -2.43
CA PRO O 56 0.86 6.86 -2.31
C PRO O 56 0.42 8.31 -2.50
N ILE O 57 -0.88 8.51 -2.66
CA ILE O 57 -1.43 9.84 -2.82
C ILE O 57 -2.95 9.76 -2.84
N ARG O 58 -3.58 10.86 -2.47
CA ARG O 58 -5.04 10.99 -2.44
C ARG O 58 -5.31 12.27 -3.23
N GLU O 59 -6.19 12.18 -4.21
CA GLU O 59 -6.48 13.35 -5.04
C GLU O 59 -6.62 14.66 -4.27
N SER O 60 -7.38 14.67 -3.18
CA SER O 60 -7.56 15.90 -2.40
C SER O 60 -6.25 16.51 -1.93
N THR O 61 -5.22 15.68 -1.80
CA THR O 61 -3.91 16.15 -1.36
C THR O 61 -3.28 17.06 -2.41
N VAL O 62 -3.43 16.67 -3.67
CA VAL O 62 -2.92 17.41 -4.81
C VAL O 62 -3.74 18.69 -5.00
N SER O 63 -5.06 18.57 -4.84
CA SER O 63 -5.96 19.69 -5.00
C SER O 63 -5.63 20.77 -4.00
N ARG O 64 -5.51 20.36 -2.74
CA ARG O 64 -5.19 21.30 -1.67
C ARG O 64 -3.81 21.90 -1.88
N ALA O 65 -2.87 21.07 -2.32
CA ALA O 65 -1.52 21.55 -2.54
C ALA O 65 -1.57 22.73 -3.50
N MET O 66 -2.39 22.61 -4.54
CA MET O 66 -2.49 23.66 -5.54
C MET O 66 -3.29 24.89 -5.09
N THR O 67 -4.48 24.67 -4.55
CA THR O 67 -5.33 25.79 -4.12
C THR O 67 -4.76 26.59 -2.96
N ARG O 68 -4.18 25.89 -2.00
CA ARG O 68 -3.61 26.54 -0.83
C ARG O 68 -2.56 27.57 -1.28
N ARG O 69 -1.74 27.17 -2.25
CA ARG O 69 -0.68 28.02 -2.76
C ARG O 69 -1.19 29.14 -3.66
N TYR O 70 -2.16 28.82 -4.50
CA TYR O 70 -2.69 29.82 -5.41
C TYR O 70 -3.36 30.93 -4.60
N PHE O 71 -3.98 30.54 -3.49
CA PHE O 71 -4.63 31.50 -2.62
C PHE O 71 -3.56 32.41 -1.99
N ALA O 72 -2.43 31.81 -1.64
CA ALA O 72 -1.34 32.57 -1.05
C ALA O 72 -0.91 33.63 -2.06
N ASP O 73 -0.77 33.23 -3.31
CA ASP O 73 -0.37 34.17 -4.36
C ASP O 73 -1.45 35.25 -4.47
N LEU O 74 -2.70 34.82 -4.51
CA LEU O 74 -3.83 35.74 -4.61
C LEU O 74 -3.89 36.73 -3.46
N ASP O 75 -3.74 36.23 -2.24
CA ASP O 75 -3.80 37.05 -1.04
C ASP O 75 -2.69 38.08 -1.08
N ALA O 76 -1.46 37.61 -1.17
CA ALA O 76 -0.29 38.47 -1.20
C ALA O 76 -0.27 39.49 -2.34
N HIS O 77 -0.69 39.06 -3.53
CA HIS O 77 -0.66 39.93 -4.69
C HIS O 77 -1.84 40.85 -4.91
N ALA O 78 -2.89 40.69 -4.11
CA ALA O 78 -4.07 41.56 -4.23
C ALA O 78 -3.59 43.00 -4.15
N GLU O 79 -2.49 43.18 -3.42
CA GLU O 79 -1.84 44.47 -3.23
C GLU O 79 -0.37 44.17 -3.58
N THR O 80 0.11 44.71 -4.71
CA THR O 80 1.51 44.46 -5.13
C THR O 80 2.31 45.74 -5.38
N ASP O 81 3.58 45.60 -5.73
CA ASP O 81 4.45 46.76 -5.99
C ASP O 81 4.50 47.11 -7.46
N ILE O 82 4.75 46.12 -8.31
CA ILE O 82 4.84 46.33 -9.74
C ILE O 82 4.15 45.24 -10.55
N VAL O 83 3.19 45.65 -11.38
CA VAL O 83 2.46 44.73 -12.22
C VAL O 83 2.92 44.84 -13.67
N ILE O 84 3.10 43.70 -14.29
CA ILE O 84 3.51 43.64 -15.68
C ILE O 84 2.45 42.89 -16.48
N VAL O 85 1.85 43.59 -17.44
CA VAL O 85 0.82 42.99 -18.26
C VAL O 85 1.45 42.48 -19.57
N GLY O 86 1.25 41.20 -19.86
CA GLY O 86 1.81 40.62 -21.07
C GLY O 86 3.22 40.07 -20.92
N ALA O 87 3.34 38.76 -20.85
CA ALA O 87 4.64 38.12 -20.68
C ALA O 87 5.30 37.70 -22.00
N GLY O 88 5.44 38.65 -22.93
CA GLY O 88 6.08 38.39 -24.20
C GLY O 88 7.56 38.72 -24.05
N SER O 89 8.29 38.80 -25.15
CA SER O 89 9.72 39.09 -25.07
C SER O 89 10.00 40.35 -24.26
N CYS O 90 9.28 41.43 -24.56
CA CYS O 90 9.49 42.68 -23.86
C CYS O 90 9.19 42.60 -22.37
N GLY O 91 8.00 42.14 -22.04
CA GLY O 91 7.62 42.03 -20.63
C GLY O 91 8.59 41.15 -19.87
N LEU O 92 8.83 39.96 -20.40
CA LEU O 92 9.73 39.02 -19.76
C LEU O 92 11.11 39.62 -19.52
N SER O 93 11.55 40.50 -20.42
CA SER O 93 12.85 41.12 -20.24
C SER O 93 12.80 42.11 -19.08
N ALA O 94 11.76 42.93 -19.06
CA ALA O 94 11.61 43.90 -17.99
C ALA O 94 11.56 43.16 -16.65
N ALA O 95 10.78 42.08 -16.61
CA ALA O 95 10.64 41.28 -15.39
C ALA O 95 12.00 40.84 -14.90
N TYR O 96 12.81 40.34 -15.82
CA TYR O 96 14.14 39.88 -15.46
C TYR O 96 14.98 40.99 -14.84
N VAL O 97 15.03 42.13 -15.52
CA VAL O 97 15.82 43.25 -15.05
C VAL O 97 15.29 43.79 -13.73
N LEU O 98 13.98 43.96 -13.67
CA LEU O 98 13.35 44.50 -12.47
C LEU O 98 13.54 43.62 -11.25
N SER O 99 13.23 42.33 -11.37
CA SER O 99 13.36 41.42 -10.24
C SER O 99 14.80 41.24 -9.78
N THR O 100 15.74 41.37 -10.69
CA THR O 100 17.14 41.22 -10.33
C THR O 100 17.68 42.47 -9.62
N LEU O 101 17.27 43.65 -10.08
CA LEU O 101 17.69 44.91 -9.47
C LEU O 101 16.94 45.21 -8.17
N ARG O 102 15.70 44.73 -8.07
CA ARG O 102 14.88 45.00 -6.90
C ARG O 102 14.27 43.74 -6.28
N PRO O 103 15.08 42.93 -5.58
CA PRO O 103 14.56 41.72 -4.96
C PRO O 103 13.53 42.07 -3.89
N ASP O 104 13.55 43.32 -3.44
CA ASP O 104 12.63 43.81 -2.40
C ASP O 104 11.19 44.07 -2.86
N LEU O 105 11.00 44.41 -4.12
CA LEU O 105 9.67 44.69 -4.64
C LEU O 105 8.99 43.40 -5.11
N ARG O 106 7.68 43.31 -4.91
CA ARG O 106 6.92 42.15 -5.34
C ARG O 106 6.45 42.38 -6.79
N ILE O 107 6.88 41.50 -7.70
CA ILE O 107 6.55 41.63 -9.11
C ILE O 107 5.48 40.64 -9.59
N THR O 108 4.36 41.19 -10.08
CA THR O 108 3.23 40.41 -10.57
C THR O 108 3.06 40.44 -12.10
N ILE O 109 3.31 39.31 -12.76
CA ILE O 109 3.18 39.22 -14.21
C ILE O 109 1.82 38.65 -14.62
N VAL O 110 0.98 39.47 -15.26
CA VAL O 110 -0.32 38.97 -15.71
C VAL O 110 -0.26 38.62 -17.19
N GLU O 111 -0.37 37.32 -17.49
CA GLU O 111 -0.30 36.84 -18.86
C GLU O 111 -1.62 36.22 -19.33
N ALA O 112 -2.10 36.71 -20.48
CA ALA O 112 -3.36 36.25 -21.04
C ALA O 112 -3.39 34.80 -21.49
N GLY O 113 -2.33 34.34 -22.15
CA GLY O 113 -2.32 32.97 -22.62
C GLY O 113 -1.94 31.93 -21.56
N VAL O 114 -2.31 30.69 -21.81
CA VAL O 114 -1.97 29.62 -20.89
C VAL O 114 -0.44 29.58 -20.89
N ALA O 115 0.15 29.78 -22.06
CA ALA O 115 1.58 29.76 -22.18
C ALA O 115 2.16 31.14 -22.40
N PRO O 116 3.10 31.55 -21.53
CA PRO O 116 3.72 32.87 -21.67
C PRO O 116 4.60 32.87 -22.92
N GLY O 117 5.35 33.94 -23.12
CA GLY O 117 6.24 34.00 -24.27
C GLY O 117 5.76 34.91 -25.38
N GLY O 118 4.50 35.29 -25.37
CA GLY O 118 4.01 36.16 -26.43
C GLY O 118 4.33 35.66 -27.82
N GLY O 119 4.82 36.56 -28.68
CA GLY O 119 5.15 36.15 -30.02
C GLY O 119 6.63 35.91 -30.20
N ALA O 120 7.26 35.32 -29.18
CA ALA O 120 8.68 35.07 -29.23
C ALA O 120 9.06 33.59 -29.24
N TRP O 121 8.18 32.74 -29.76
CA TRP O 121 8.44 31.31 -29.85
C TRP O 121 8.92 31.00 -31.27
N LEU O 122 8.65 31.92 -32.17
CA LEU O 122 9.04 31.77 -33.56
C LEU O 122 9.73 33.02 -34.05
N GLY O 123 10.28 32.94 -35.24
CA GLY O 123 10.92 34.08 -35.86
C GLY O 123 9.84 34.60 -36.79
N GLY O 124 10.19 34.82 -38.05
CA GLY O 124 9.21 35.30 -39.00
C GLY O 124 8.73 34.22 -39.95
N GLN O 125 7.46 34.28 -40.32
CA GLN O 125 6.86 33.33 -41.25
C GLN O 125 6.94 31.89 -40.75
N LEU O 126 6.95 31.74 -39.43
CA LEU O 126 7.01 30.45 -38.75
C LEU O 126 8.40 29.83 -38.68
N PHE O 127 9.42 30.58 -39.07
CA PHE O 127 10.77 30.05 -39.02
C PHE O 127 11.30 30.20 -37.58
N SER O 128 12.43 29.57 -37.27
CA SER O 128 12.97 29.54 -35.90
C SER O 128 13.97 30.57 -35.38
N ALA O 129 14.96 30.92 -36.20
CA ALA O 129 16.02 31.86 -35.81
C ALA O 129 15.60 33.25 -35.31
N MET O 130 16.10 33.60 -34.14
CA MET O 130 15.83 34.90 -33.52
C MET O 130 17.00 35.87 -33.77
N VAL O 131 16.75 36.90 -34.58
CA VAL O 131 17.77 37.88 -34.89
C VAL O 131 17.69 39.11 -33.98
N MET O 132 18.83 39.53 -33.45
CA MET O 132 18.88 40.71 -32.61
C MET O 132 20.06 41.56 -33.04
N ARG O 133 19.82 42.81 -33.36
CA ARG O 133 20.89 43.71 -33.75
C ARG O 133 21.62 44.14 -32.47
N LYS O 134 22.93 44.38 -32.59
CA LYS O 134 23.71 44.80 -31.46
C LYS O 134 23.31 46.24 -31.12
N PRO O 135 23.46 46.65 -29.85
CA PRO O 135 24.02 45.92 -28.70
C PRO O 135 23.04 45.07 -27.90
N ALA O 136 22.02 44.50 -28.55
CA ALA O 136 21.05 43.69 -27.84
C ALA O 136 21.65 42.37 -27.39
N ASP O 137 22.92 42.16 -27.73
CA ASP O 137 23.62 40.94 -27.34
C ASP O 137 24.13 41.12 -25.90
N VAL O 138 24.17 42.37 -25.45
CA VAL O 138 24.61 42.65 -24.09
C VAL O 138 23.61 41.95 -23.20
N PHE O 139 22.34 42.04 -23.59
CA PHE O 139 21.28 41.42 -22.82
C PHE O 139 21.34 39.90 -22.95
N LEU O 140 21.56 39.41 -24.17
CA LEU O 140 21.64 37.97 -24.41
C LEU O 140 22.70 37.32 -23.52
N ASP O 141 23.77 38.07 -23.25
CA ASP O 141 24.85 37.59 -22.38
C ASP O 141 24.34 37.65 -20.95
N GLU O 142 23.62 38.72 -20.63
CA GLU O 142 23.06 38.92 -19.31
C GLU O 142 22.23 37.73 -18.83
N VAL O 143 21.41 37.18 -19.72
CA VAL O 143 20.55 36.06 -19.41
C VAL O 143 21.16 34.72 -19.84
N GLY O 144 22.38 34.76 -20.35
CA GLY O 144 23.03 33.54 -20.77
C GLY O 144 22.38 32.75 -21.88
N VAL O 145 22.04 33.42 -22.98
CA VAL O 145 21.43 32.76 -24.14
C VAL O 145 22.48 32.78 -25.25
N PRO O 146 22.91 31.59 -25.72
CA PRO O 146 23.92 31.54 -26.78
C PRO O 146 23.47 32.15 -28.11
N TYR O 147 24.43 32.40 -29.00
CA TYR O 147 24.12 32.98 -30.30
C TYR O 147 25.32 32.99 -31.23
N GLU O 148 25.08 33.33 -32.50
CA GLU O 148 26.12 33.40 -33.51
C GLU O 148 26.32 34.86 -33.85
N ASP O 149 27.52 35.37 -33.61
CA ASP O 149 27.81 36.76 -33.90
C ASP O 149 27.96 36.92 -35.41
N GLU O 150 26.98 37.52 -36.07
CA GLU O 150 27.07 37.71 -37.50
C GLU O 150 27.60 39.08 -37.91
N GLY O 151 28.12 39.85 -36.93
CA GLY O 151 28.64 41.17 -37.24
C GLY O 151 27.88 42.27 -36.51
N ASP O 152 26.94 42.91 -37.20
CA ASP O 152 26.15 43.97 -36.59
C ASP O 152 24.98 43.39 -35.82
N TYR O 153 24.75 42.09 -35.99
CA TYR O 153 23.66 41.42 -35.30
C TYR O 153 24.04 40.01 -34.90
N VAL O 154 23.35 39.48 -33.91
CA VAL O 154 23.60 38.13 -33.43
C VAL O 154 22.34 37.32 -33.72
N VAL O 155 22.47 36.00 -33.75
CA VAL O 155 21.35 35.12 -34.04
C VAL O 155 21.24 33.98 -33.03
N VAL O 156 20.06 33.82 -32.44
CA VAL O 156 19.84 32.73 -31.50
C VAL O 156 19.25 31.54 -32.26
N LYS O 157 19.84 30.37 -32.02
CA LYS O 157 19.45 29.13 -32.65
C LYS O 157 17.94 29.02 -32.94
N HIS O 158 17.14 29.32 -31.92
CA HIS O 158 15.69 29.24 -32.04
C HIS O 158 15.10 30.22 -31.03
N ALA O 159 14.10 30.98 -31.44
CA ALA O 159 13.47 31.94 -30.56
C ALA O 159 13.11 31.29 -29.22
N ALA O 160 12.64 30.05 -29.27
CA ALA O 160 12.26 29.34 -28.05
C ALA O 160 13.39 29.25 -27.03
N LEU O 161 14.64 29.26 -27.51
CA LEU O 161 15.77 29.17 -26.59
C LEU O 161 15.84 30.40 -25.71
N PHE O 162 15.59 31.56 -26.30
CA PHE O 162 15.60 32.82 -25.56
C PHE O 162 14.45 32.89 -24.59
N THR O 163 13.25 32.73 -25.13
CA THR O 163 12.04 32.81 -24.35
C THR O 163 12.06 31.81 -23.20
N SER O 164 12.43 30.56 -23.46
CA SER O 164 12.46 29.56 -22.41
C SER O 164 13.50 29.89 -21.34
N THR O 165 14.72 30.22 -21.77
CA THR O 165 15.78 30.55 -20.84
C THR O 165 15.43 31.73 -19.94
N VAL O 166 15.03 32.85 -20.52
CA VAL O 166 14.66 34.03 -19.73
C VAL O 166 13.47 33.71 -18.83
N LEU O 167 12.56 32.91 -19.35
CA LEU O 167 11.36 32.54 -18.63
C LEU O 167 11.71 31.79 -17.35
N SER O 168 12.60 30.83 -17.49
CA SER O 168 13.02 30.02 -16.35
C SER O 168 13.69 30.86 -15.27
N LYS O 169 14.56 31.76 -15.67
CA LYS O 169 15.26 32.61 -14.74
C LYS O 169 14.34 33.57 -14.01
N VAL O 170 13.37 34.13 -14.73
CA VAL O 170 12.42 35.02 -14.10
C VAL O 170 11.56 34.26 -13.10
N LEU O 171 11.12 33.06 -13.49
CA LEU O 171 10.29 32.23 -12.63
C LEU O 171 11.04 31.76 -11.39
N GLN O 172 12.35 31.65 -11.49
CA GLN O 172 13.14 31.23 -10.33
C GLN O 172 13.18 32.31 -9.26
N ARG O 173 12.96 33.56 -9.66
CA ARG O 173 12.98 34.68 -8.73
C ARG O 173 11.95 34.51 -7.62
N PRO O 174 12.39 34.62 -6.35
CA PRO O 174 11.54 34.49 -5.18
C PRO O 174 10.55 35.63 -4.99
N ASN O 175 10.70 36.69 -5.77
CA ASN O 175 9.80 37.83 -5.63
C ASN O 175 8.91 37.99 -6.86
N VAL O 176 8.77 36.92 -7.63
CA VAL O 176 7.97 36.94 -8.84
C VAL O 176 6.84 35.92 -8.87
N LYS O 177 5.71 36.34 -9.45
CA LYS O 177 4.54 35.47 -9.59
C LYS O 177 4.01 35.59 -11.01
N LEU O 178 3.80 34.46 -11.67
CA LEU O 178 3.27 34.48 -13.02
C LEU O 178 1.82 34.01 -13.06
N PHE O 179 0.89 34.96 -13.14
CA PHE O 179 -0.54 34.65 -13.22
C PHE O 179 -0.90 34.52 -14.69
N ASN O 180 -0.60 33.38 -15.29
CA ASN O 180 -0.94 33.18 -16.68
C ASN O 180 -2.41 32.72 -16.72
N ALA O 181 -2.99 32.67 -17.93
CA ALA O 181 -4.39 32.26 -18.12
C ALA O 181 -5.30 33.34 -17.55
N THR O 182 -4.71 34.48 -17.22
CA THR O 182 -5.43 35.62 -16.66
C THR O 182 -5.30 36.82 -17.62
N THR O 183 -6.39 37.56 -17.81
CA THR O 183 -6.42 38.71 -18.71
C THR O 183 -6.74 40.00 -17.96
N VAL O 184 -6.13 41.09 -18.38
CA VAL O 184 -6.39 42.40 -17.78
C VAL O 184 -7.52 42.97 -18.63
N GLU O 185 -8.70 43.15 -18.03
CA GLU O 185 -9.84 43.67 -18.76
C GLU O 185 -10.00 45.17 -18.63
N ASP O 186 -9.39 45.75 -17.61
CA ASP O 186 -9.49 47.18 -17.40
C ASP O 186 -8.37 47.66 -16.49
N LEU O 187 -8.35 48.96 -16.21
CA LEU O 187 -7.33 49.53 -15.34
C LEU O 187 -7.99 50.11 -14.11
N ILE O 188 -7.26 50.13 -13.00
CA ILE O 188 -7.76 50.72 -11.76
C ILE O 188 -7.25 52.14 -11.80
N THR O 189 -8.16 53.09 -11.70
CA THR O 189 -7.81 54.51 -11.77
C THR O 189 -8.03 55.31 -10.50
N ARG O 190 -7.44 56.49 -10.46
CA ARG O 190 -7.54 57.43 -9.34
C ARG O 190 -7.58 58.81 -9.99
N LYS O 191 -8.02 59.82 -9.25
CA LYS O 191 -8.09 61.16 -9.81
C LYS O 191 -6.74 61.87 -9.77
N HIS O 192 -6.47 62.64 -10.83
CA HIS O 192 -5.23 63.40 -10.99
C HIS O 192 -3.99 62.55 -10.73
N ALA O 209 -10.99 65.28 -16.96
CA ALA O 209 -10.07 65.25 -15.84
C ALA O 209 -9.00 64.17 -16.03
N LYS O 210 -7.76 64.46 -15.60
CA LYS O 210 -6.66 63.51 -15.74
C LYS O 210 -6.68 62.44 -14.65
N VAL O 211 -6.03 61.31 -14.91
CA VAL O 211 -6.02 60.22 -13.96
C VAL O 211 -4.69 59.54 -13.80
N ARG O 212 -4.56 58.78 -12.70
CA ARG O 212 -3.37 58.01 -12.38
C ARG O 212 -3.77 56.53 -12.42
N ILE O 213 -2.96 55.70 -13.06
CA ILE O 213 -3.28 54.28 -13.12
C ILE O 213 -2.72 53.70 -11.83
N ALA O 214 -3.53 52.95 -11.09
CA ALA O 214 -3.07 52.38 -9.82
C ALA O 214 -3.40 50.91 -9.60
N GLY O 215 -3.57 50.15 -10.68
CA GLY O 215 -3.88 48.74 -10.53
C GLY O 215 -4.51 48.21 -11.79
N VAL O 216 -4.80 46.92 -11.78
CA VAL O 216 -5.41 46.28 -12.95
C VAL O 216 -6.63 45.44 -12.57
N VAL O 217 -7.62 45.46 -13.47
CA VAL O 217 -8.84 44.68 -13.31
C VAL O 217 -8.58 43.37 -14.05
N THR O 218 -8.69 42.25 -13.35
CA THR O 218 -8.40 40.97 -13.98
C THR O 218 -9.56 39.98 -14.06
N ASN O 219 -9.29 38.86 -14.71
CA ASN O 219 -10.26 37.79 -14.86
C ASN O 219 -9.57 36.63 -15.57
N TRP O 220 -10.19 35.45 -15.56
CA TRP O 220 -9.63 34.30 -16.25
C TRP O 220 -9.80 34.65 -17.73
N THR O 221 -8.75 34.45 -18.52
CA THR O 221 -8.79 34.77 -19.95
C THR O 221 -10.04 34.25 -20.67
N LEU O 222 -10.35 32.98 -20.46
CA LEU O 222 -11.52 32.37 -21.09
C LEU O 222 -12.81 33.10 -20.71
N VAL O 223 -12.81 33.73 -19.55
CA VAL O 223 -13.99 34.45 -19.12
C VAL O 223 -14.08 35.75 -19.90
N SER O 224 -12.93 36.40 -20.08
CA SER O 224 -12.87 37.65 -20.81
C SER O 224 -13.22 37.48 -22.27
N MET O 225 -13.12 36.25 -22.77
CA MET O 225 -13.42 35.96 -24.16
C MET O 225 -14.86 35.51 -24.33
N HIS O 226 -15.61 35.39 -23.24
CA HIS O 226 -16.99 34.94 -23.32
C HIS O 226 -17.99 35.73 -22.52
N HIS O 227 -17.77 37.04 -22.41
CA HIS O 227 -18.71 37.87 -21.67
C HIS O 227 -20.05 37.98 -22.38
N ASP O 228 -20.33 37.00 -23.23
CA ASP O 228 -21.59 36.97 -23.97
C ASP O 228 -22.19 35.57 -23.90
N ASP O 229 -21.29 34.57 -23.83
CA ASP O 229 -21.66 33.16 -23.78
C ASP O 229 -22.05 32.65 -22.39
N GLN O 230 -22.42 33.58 -21.52
CA GLN O 230 -22.83 33.25 -20.14
C GLN O 230 -23.48 34.50 -19.50
N SER O 231 -23.81 34.39 -18.22
CA SER O 231 -24.41 35.50 -17.48
C SER O 231 -23.25 36.37 -16.98
N MET O 233 -20.15 37.93 -15.42
CA MET O 233 -19.02 37.41 -14.64
C MET O 233 -18.06 38.54 -14.30
N ASP O 234 -18.24 39.10 -13.10
CA ASP O 234 -17.41 40.21 -12.62
C ASP O 234 -15.94 39.87 -12.53
N PRO O 235 -15.06 40.87 -12.67
CA PRO O 235 -13.62 40.67 -12.59
C PRO O 235 -13.09 40.80 -11.16
N ASN O 236 -11.78 40.61 -10.99
CA ASN O 236 -11.11 40.74 -9.70
C ASN O 236 -10.15 41.91 -9.86
N THR O 237 -9.42 42.22 -8.80
CA THR O 237 -8.53 43.37 -8.85
C THR O 237 -7.14 43.21 -8.26
N ILE O 238 -6.24 44.10 -8.65
CA ILE O 238 -4.88 44.12 -8.15
C ILE O 238 -4.42 45.57 -8.05
N ASN O 239 -4.25 46.06 -6.82
CA ASN O 239 -3.79 47.43 -6.60
C ASN O 239 -2.27 47.45 -6.71
N ALA O 240 -1.73 48.48 -7.33
CA ALA O 240 -0.27 48.58 -7.48
C ALA O 240 0.11 49.98 -7.99
N PRO O 241 1.13 50.60 -7.38
CA PRO O 241 1.59 51.94 -7.76
C PRO O 241 2.12 52.09 -9.19
N VAL O 242 2.59 51.00 -9.78
CA VAL O 242 3.10 51.07 -11.13
C VAL O 242 2.78 49.84 -11.97
N ILE O 243 2.28 50.09 -13.17
CA ILE O 243 1.93 49.03 -14.10
C ILE O 243 2.70 49.20 -15.40
N ILE O 244 3.44 48.16 -15.76
CA ILE O 244 4.18 48.15 -17.00
C ILE O 244 3.30 47.37 -17.98
N SER O 245 2.89 48.01 -19.05
CA SER O 245 2.05 47.33 -20.02
C SER O 245 2.81 47.03 -21.30
N THR O 246 2.98 45.74 -21.56
CA THR O 246 3.67 45.26 -22.74
C THR O 246 2.80 44.17 -23.38
N THR O 247 1.61 44.57 -23.83
CA THR O 247 0.67 43.64 -24.43
C THR O 247 0.76 43.55 -25.95
N GLY O 248 1.89 43.98 -26.51
CA GLY O 248 2.05 43.91 -27.94
C GLY O 248 1.24 44.94 -28.71
N HIS O 249 1.33 44.90 -30.04
CA HIS O 249 0.59 45.86 -30.85
C HIS O 249 -0.86 45.46 -31.07
N ASP O 250 -1.63 46.41 -31.59
CA ASP O 250 -3.06 46.25 -31.82
C ASP O 250 -3.55 44.95 -32.43
N GLY O 251 -4.68 44.49 -31.91
CA GLY O 251 -5.32 43.28 -32.37
C GLY O 251 -6.38 42.89 -31.34
N PRO O 252 -6.98 41.70 -31.46
CA PRO O 252 -8.01 41.26 -30.51
C PRO O 252 -7.53 41.31 -29.06
N PHE O 253 -6.31 40.82 -28.82
CA PHE O 253 -5.76 40.80 -27.48
C PHE O 253 -4.74 41.94 -27.23
N GLY O 254 -3.90 42.21 -28.22
CA GLY O 254 -2.87 43.22 -28.09
C GLY O 254 -3.22 44.68 -27.80
N ALA O 255 -2.18 45.43 -27.41
CA ALA O 255 -2.23 46.87 -27.10
C ALA O 255 -3.39 47.32 -26.22
N PHE O 256 -3.55 46.65 -25.08
CA PHE O 256 -4.63 46.96 -24.16
C PHE O 256 -4.59 48.30 -23.42
N SER O 257 -3.56 48.53 -22.62
CA SER O 257 -3.47 49.78 -21.86
C SER O 257 -3.58 51.02 -22.72
N VAL O 258 -2.81 51.04 -23.78
CA VAL O 258 -2.81 52.18 -24.66
C VAL O 258 -4.20 52.48 -25.25
N LYS O 259 -4.92 51.43 -25.63
CA LYS O 259 -6.26 51.60 -26.20
C LYS O 259 -7.28 51.99 -25.15
N ARG O 260 -7.06 51.57 -23.91
CA ARG O 260 -7.97 51.87 -22.83
C ARG O 260 -7.89 53.35 -22.40
N LEU O 261 -6.71 53.95 -22.54
CA LEU O 261 -6.56 55.36 -22.19
C LEU O 261 -7.46 56.17 -23.12
N VAL O 262 -7.64 55.69 -24.35
CA VAL O 262 -8.48 56.36 -25.34
C VAL O 262 -9.97 56.23 -24.98
N SER O 263 -10.44 55.00 -24.78
CA SER O 263 -11.84 54.79 -24.43
C SER O 263 -12.18 55.46 -23.10
N MET O 264 -11.16 55.70 -22.27
CA MET O 264 -11.36 56.36 -20.97
C MET O 264 -11.37 57.87 -21.18
N LYS O 265 -11.00 58.28 -22.39
CA LYS O 265 -10.95 59.69 -22.78
C LYS O 265 -9.79 60.44 -22.16
N GLN O 266 -8.62 59.81 -22.15
CA GLN O 266 -7.40 60.42 -21.60
C GLN O 266 -6.48 60.76 -22.76
N MET O 267 -6.69 60.04 -23.86
CA MET O 267 -5.90 60.20 -25.09
C MET O 267 -6.84 60.72 -26.16
N GLU O 268 -6.30 61.45 -27.12
CA GLU O 268 -7.12 61.96 -28.21
C GLU O 268 -7.42 60.80 -29.15
N ARG O 269 -6.42 59.95 -29.37
CA ARG O 269 -6.58 58.81 -30.25
C ARG O 269 -5.24 58.09 -30.28
N LEU O 270 -5.16 57.04 -31.07
CA LEU O 270 -3.94 56.29 -31.20
C LEU O 270 -3.35 56.58 -32.58
N ASN O 271 -2.07 56.97 -32.64
CA ASN O 271 -1.45 57.25 -33.93
C ASN O 271 -1.40 55.99 -34.76
N GLY O 272 -1.26 54.86 -34.08
CA GLY O 272 -1.22 53.57 -34.76
C GLY O 272 0.13 53.10 -35.21
N MET O 273 0.30 51.78 -35.26
CA MET O 273 1.54 51.18 -35.70
C MET O 273 1.69 51.52 -37.19
N ARG O 274 2.84 52.03 -37.58
CA ARG O 274 3.04 52.40 -38.99
C ARG O 274 3.76 51.29 -39.78
N GLY O 275 4.17 51.62 -41.00
CA GLY O 275 4.84 50.65 -41.85
C GLY O 275 6.06 50.00 -41.21
N LEU O 276 6.63 49.02 -41.90
CA LEU O 276 7.80 48.33 -41.38
C LEU O 276 9.11 48.95 -41.87
N ASP O 277 9.88 49.44 -40.90
CA ASP O 277 11.16 50.07 -41.14
C ASP O 277 11.98 49.73 -39.89
N MET O 278 12.79 48.68 -39.99
CA MET O 278 13.59 48.21 -38.86
C MET O 278 14.54 49.21 -38.20
N GLN O 279 15.28 49.97 -38.99
CA GLN O 279 16.21 50.91 -38.41
C GLN O 279 15.59 52.00 -37.54
N SER O 280 14.47 52.56 -37.98
CA SER O 280 13.86 53.61 -37.17
C SER O 280 12.93 53.05 -36.10
N ALA O 281 12.34 51.89 -36.36
CA ALA O 281 11.43 51.26 -35.40
C ALA O 281 12.11 50.94 -34.08
N GLU O 282 13.12 50.07 -34.15
CA GLU O 282 13.83 49.63 -32.96
C GLU O 282 14.42 50.76 -32.11
N ASP O 283 14.93 51.80 -32.74
CA ASP O 283 15.49 52.90 -31.97
C ASP O 283 14.37 53.66 -31.28
N ALA O 284 13.27 53.86 -32.01
CA ALA O 284 12.12 54.57 -31.46
C ALA O 284 11.56 53.83 -30.24
N ILE O 285 11.23 52.55 -30.41
CA ILE O 285 10.68 51.78 -29.30
C ILE O 285 11.56 51.81 -28.05
N VAL O 286 12.86 51.56 -28.22
CA VAL O 286 13.76 51.53 -27.08
C VAL O 286 13.94 52.91 -26.45
N ASN O 287 14.30 53.91 -27.25
CA ASN O 287 14.51 55.23 -26.69
C ASN O 287 13.27 55.94 -26.17
N ASN O 288 12.08 55.45 -26.50
CA ASN O 288 10.85 56.10 -26.04
C ASN O 288 10.01 55.34 -25.04
N THR O 289 10.53 54.23 -24.52
CA THR O 289 9.85 53.45 -23.50
C THR O 289 9.80 54.29 -22.22
N ARG O 290 8.61 54.57 -21.72
CA ARG O 290 8.47 55.41 -20.53
C ARG O 290 7.10 55.39 -19.88
N GLU O 291 6.97 56.19 -18.83
CA GLU O 291 5.71 56.32 -18.13
C GLU O 291 4.87 57.25 -19.00
N ILE O 292 3.81 56.68 -19.61
CA ILE O 292 2.92 57.42 -20.50
C ILE O 292 1.93 58.28 -19.74
N VAL O 293 1.47 57.78 -18.60
CA VAL O 293 0.54 58.51 -17.76
C VAL O 293 0.94 58.12 -16.34
N PRO O 294 0.68 58.99 -15.35
CA PRO O 294 1.09 58.61 -14.00
C PRO O 294 0.74 57.16 -13.61
N GLY O 295 1.77 56.38 -13.33
CA GLY O 295 1.56 55.00 -12.92
C GLY O 295 1.53 53.93 -14.00
N LEU O 296 1.44 54.34 -15.26
CA LEU O 296 1.40 53.40 -16.37
C LEU O 296 2.61 53.52 -17.30
N ILE O 297 3.52 52.55 -17.24
CA ILE O 297 4.71 52.53 -18.11
C ILE O 297 4.47 51.57 -19.26
N VAL O 298 4.72 52.02 -20.49
CA VAL O 298 4.51 51.20 -21.67
C VAL O 298 5.76 51.03 -22.52
N GLY O 299 6.01 49.80 -22.92
CA GLY O 299 7.17 49.48 -23.75
C GLY O 299 6.78 48.41 -24.77
N GLY O 300 7.77 47.88 -25.48
CA GLY O 300 7.48 46.86 -26.47
C GLY O 300 6.67 47.39 -27.63
N MET O 301 6.09 46.48 -28.41
CA MET O 301 5.32 46.90 -29.58
C MET O 301 3.96 47.51 -29.27
N GLU O 302 3.64 47.72 -27.99
CA GLU O 302 2.38 48.35 -27.64
C GLU O 302 2.62 49.84 -27.76
N LEU O 303 3.87 50.22 -27.47
CA LEU O 303 4.28 51.61 -27.53
C LEU O 303 4.17 52.11 -28.98
N SER O 304 4.14 51.18 -29.93
CA SER O 304 4.05 51.56 -31.33
C SER O 304 2.67 52.10 -31.69
N GLU O 305 1.63 51.60 -31.01
CA GLU O 305 0.27 52.05 -31.27
C GLU O 305 0.03 53.47 -30.79
N ILE O 306 0.64 53.83 -29.66
CA ILE O 306 0.45 55.16 -29.10
C ILE O 306 1.38 56.21 -29.68
N ASP O 307 2.62 55.82 -29.96
CA ASP O 307 3.60 56.75 -30.49
C ASP O 307 3.56 56.86 -32.01
N GLY O 308 2.83 55.96 -32.65
CA GLY O 308 2.76 56.00 -34.10
C GLY O 308 4.11 55.64 -34.69
N ALA O 309 4.83 54.76 -34.01
CA ALA O 309 6.15 54.31 -34.46
C ALA O 309 6.04 53.20 -35.51
N ASN O 310 7.17 52.91 -36.15
CA ASN O 310 7.27 51.88 -37.18
C ASN O 310 7.37 50.51 -36.49
N ARG O 311 7.08 49.45 -37.23
CA ARG O 311 7.17 48.09 -36.69
C ARG O 311 8.49 47.52 -37.20
N MET O 312 9.05 46.53 -36.51
CA MET O 312 10.33 45.97 -36.96
C MET O 312 10.24 44.54 -37.48
N GLY O 313 9.07 43.94 -37.38
CA GLY O 313 8.93 42.58 -37.85
C GLY O 313 9.75 41.56 -37.06
N PRO O 314 10.27 40.53 -37.75
CA PRO O 314 11.08 39.44 -37.20
C PRO O 314 12.43 39.74 -36.57
N THR O 315 12.49 40.71 -35.67
CA THR O 315 13.75 41.03 -34.99
C THR O 315 13.45 41.45 -33.55
N PHE O 316 14.23 40.94 -32.60
CA PHE O 316 13.96 41.18 -31.19
C PHE O 316 14.87 42.07 -30.35
N GLY O 317 15.76 42.83 -30.99
CA GLY O 317 16.65 43.67 -30.22
C GLY O 317 15.90 44.68 -29.35
N ALA O 318 15.00 45.43 -29.98
CA ALA O 318 14.20 46.44 -29.32
C ALA O 318 13.38 45.92 -28.16
N MET O 319 12.73 44.77 -28.32
CA MET O 319 11.91 44.21 -27.24
C MET O 319 12.73 43.95 -25.98
N ALA O 320 13.89 43.32 -26.15
CA ALA O 320 14.76 43.03 -25.01
C ALA O 320 15.13 44.35 -24.34
N LEU O 321 15.69 45.27 -25.11
CA LEU O 321 16.11 46.55 -24.55
C LEU O 321 14.94 47.43 -24.13
N SER O 322 13.83 47.36 -24.83
CA SER O 322 12.69 48.16 -24.43
C SER O 322 12.27 47.67 -23.04
N GLY O 323 12.25 46.35 -22.85
CA GLY O 323 11.90 45.78 -21.57
C GLY O 323 12.86 46.25 -20.49
N VAL O 324 14.14 46.28 -20.83
CA VAL O 324 15.18 46.73 -19.89
C VAL O 324 14.91 48.17 -19.49
N LYS O 325 14.55 49.00 -20.49
CA LYS O 325 14.26 50.41 -20.28
C LYS O 325 12.99 50.58 -19.44
N ALA O 326 12.01 49.72 -19.66
CA ALA O 326 10.76 49.77 -18.91
C ALA O 326 11.06 49.53 -17.44
N ALA O 327 11.87 48.52 -17.18
CA ALA O 327 12.26 48.17 -15.81
C ALA O 327 12.90 49.38 -15.12
N HIS O 328 13.73 50.10 -15.88
CA HIS O 328 14.42 51.28 -15.38
C HIS O 328 13.40 52.34 -15.00
N GLU O 329 12.48 52.64 -15.92
CA GLU O 329 11.44 53.64 -15.68
C GLU O 329 10.65 53.35 -14.42
N ALA O 330 10.41 52.07 -14.17
CA ALA O 330 9.66 51.63 -13.01
C ALA O 330 10.39 52.07 -11.74
N ILE O 331 11.64 51.62 -11.59
CA ILE O 331 12.44 51.97 -10.43
C ILE O 331 12.51 53.49 -10.24
N ARG O 332 12.63 54.21 -11.34
CA ARG O 332 12.71 55.66 -11.29
C ARG O 332 11.43 56.25 -10.70
N VAL O 333 10.31 55.83 -11.29
CA VAL O 333 8.98 56.31 -10.92
C VAL O 333 8.38 55.70 -9.66
N PHE O 334 8.84 54.51 -9.28
CA PHE O 334 8.29 53.79 -8.14
C PHE O 334 8.02 54.50 -6.82
N ASP O 335 9.05 55.06 -6.18
CA ASP O 335 8.81 55.70 -4.90
C ASP O 335 7.74 56.80 -4.93
N LEU O 336 7.65 57.53 -6.04
CA LEU O 336 6.65 58.58 -6.17
C LEU O 336 5.24 58.00 -6.18
N ARG O 337 5.01 57.06 -7.10
CA ARG O 337 3.70 56.44 -7.22
C ARG O 337 3.35 55.65 -5.97
N LYS O 338 4.35 55.05 -5.35
CA LYS O 338 4.15 54.29 -4.12
C LYS O 338 3.57 55.21 -3.05
N ALA O 339 4.11 56.42 -2.96
CA ALA O 339 3.65 57.41 -1.98
C ALA O 339 2.25 57.95 -2.27
N GLN O 340 1.92 58.07 -3.56
CA GLN O 340 0.62 58.56 -3.97
C GLN O 340 -0.47 57.51 -3.86
N ASN O 341 -0.07 56.23 -3.88
CA ASN O 341 -1.02 55.14 -3.82
C ASN O 341 -1.26 54.60 -2.41
N ASP O 342 -0.73 55.28 -1.41
CA ASP O 342 -0.94 54.87 -0.02
C ASP O 342 -1.37 56.05 0.85
N GLY P 35 23.47 40.59 -8.81
CA GLY P 35 23.34 41.84 -9.62
C GLY P 35 23.51 41.65 -11.12
N LEU P 36 23.12 42.67 -11.88
CA LEU P 36 23.23 42.63 -13.34
C LEU P 36 24.68 42.59 -13.76
N SER P 37 24.92 42.46 -15.06
CA SER P 37 26.28 42.44 -15.58
C SER P 37 26.75 43.88 -15.76
N LYS P 38 28.06 44.09 -15.66
CA LYS P 38 28.61 45.43 -15.84
C LYS P 38 28.32 45.93 -17.26
N PRO P 39 28.44 45.04 -18.26
CA PRO P 39 28.17 45.44 -19.65
C PRO P 39 26.75 45.96 -19.81
N LEU P 40 25.80 45.30 -19.17
CA LEU P 40 24.41 45.72 -19.23
C LEU P 40 24.24 46.99 -18.40
N LEU P 41 24.83 47.00 -17.20
CA LEU P 41 24.77 48.14 -16.30
C LEU P 41 25.30 49.41 -16.97
N GLU P 42 26.35 49.27 -17.75
CA GLU P 42 26.94 50.41 -18.42
C GLU P 42 26.11 50.86 -19.62
N LEU P 43 25.15 50.02 -20.05
CA LEU P 43 24.30 50.34 -21.20
C LEU P 43 22.99 51.04 -20.82
N MET P 44 22.35 50.56 -19.76
CA MET P 44 21.08 51.13 -19.32
C MET P 44 21.00 52.65 -19.31
N PRO P 45 21.93 53.33 -18.64
CA PRO P 45 21.88 54.80 -18.63
C PRO P 45 21.72 55.42 -20.01
N THR P 46 22.26 54.74 -21.03
CA THR P 46 22.22 55.18 -22.42
C THR P 46 20.84 55.10 -23.07
N LEU P 47 20.05 54.12 -22.65
CA LEU P 47 18.72 53.92 -23.20
C LEU P 47 17.80 55.10 -22.91
N GLY P 48 17.30 55.73 -23.97
CA GLY P 48 16.40 56.86 -23.80
C GLY P 48 17.08 58.17 -24.17
N THR P 49 18.32 58.06 -24.64
CA THR P 49 19.09 59.23 -25.05
C THR P 49 19.62 59.03 -26.45
N ASP P 50 20.13 60.09 -27.06
CA ASP P 50 20.65 60.00 -28.41
C ASP P 50 21.93 59.16 -28.48
N ALA P 51 22.48 58.84 -27.32
CA ALA P 51 23.70 58.03 -27.25
C ALA P 51 23.41 56.57 -27.61
N PHE P 52 22.15 56.17 -27.51
CA PHE P 52 21.80 54.80 -27.84
C PHE P 52 21.24 54.62 -29.25
N THR P 53 21.70 53.57 -29.92
CA THR P 53 21.25 53.27 -31.27
C THR P 53 21.66 51.85 -31.66
N PHE P 54 20.81 51.20 -32.47
CA PHE P 54 21.11 49.84 -32.93
C PHE P 54 22.03 49.90 -34.15
N SER P 55 22.82 48.86 -34.37
CA SER P 55 23.70 48.80 -35.52
C SER P 55 22.87 48.81 -36.77
N PRO P 56 23.44 49.22 -37.91
CA PRO P 56 22.67 49.25 -39.15
C PRO P 56 22.05 47.90 -39.49
N ILE P 57 20.99 47.94 -40.29
CA ILE P 57 20.33 46.72 -40.69
C ILE P 57 19.57 46.92 -42.00
N ARG P 58 19.29 45.81 -42.66
CA ARG P 58 18.55 45.78 -43.91
C ARG P 58 17.63 44.58 -43.72
N GLU P 59 16.33 44.78 -43.90
CA GLU P 59 15.39 43.68 -43.71
C GLU P 59 15.83 42.39 -44.37
N SER P 60 16.18 42.46 -45.66
CA SER P 60 16.62 41.24 -46.35
C SER P 60 17.64 40.42 -45.57
N THR P 61 18.50 41.09 -44.81
CA THR P 61 19.50 40.37 -44.05
C THR P 61 18.85 39.44 -43.04
N VAL P 62 17.91 40.01 -42.27
CA VAL P 62 17.16 39.27 -41.27
C VAL P 62 16.40 38.12 -41.92
N SER P 63 15.73 38.39 -43.03
CA SER P 63 14.98 37.35 -43.73
C SER P 63 15.88 36.20 -44.10
N ARG P 64 17.03 36.55 -44.67
CA ARG P 64 17.99 35.54 -45.09
C ARG P 64 18.58 34.83 -43.88
N ALA P 65 18.73 35.54 -42.77
CA ALA P 65 19.30 34.94 -41.57
C ALA P 65 18.40 33.83 -41.06
N MET P 66 17.10 33.99 -41.25
CA MET P 66 16.17 32.98 -40.76
C MET P 66 15.93 31.85 -41.76
N THR P 67 15.67 32.20 -43.02
CA THR P 67 15.39 31.19 -44.04
C THR P 67 16.56 30.23 -44.24
N ARG P 68 17.74 30.80 -44.39
CA ARG P 68 18.95 30.02 -44.61
C ARG P 68 19.11 28.91 -43.56
N ARG P 69 18.98 29.30 -42.28
CA ARG P 69 19.11 28.38 -41.17
C ARG P 69 17.94 27.40 -41.10
N TYR P 70 16.75 27.88 -41.44
CA TYR P 70 15.59 27.00 -41.39
C TYR P 70 15.71 25.94 -42.46
N PHE P 71 16.15 26.33 -43.66
CA PHE P 71 16.32 25.37 -44.74
C PHE P 71 17.32 24.31 -44.30
N ALA P 72 18.42 24.77 -43.71
CA ALA P 72 19.43 23.86 -43.23
C ALA P 72 18.77 22.81 -42.34
N ASP P 73 17.86 23.25 -41.47
CA ASP P 73 17.18 22.32 -40.58
C ASP P 73 16.28 21.36 -41.37
N LEU P 74 15.50 21.92 -42.28
CA LEU P 74 14.60 21.14 -43.11
C LEU P 74 15.37 20.13 -43.93
N ASP P 75 16.49 20.58 -44.50
CA ASP P 75 17.32 19.69 -45.30
C ASP P 75 17.98 18.61 -44.43
N ALA P 76 18.45 19.03 -43.26
CA ALA P 76 19.12 18.09 -42.35
C ALA P 76 18.20 17.06 -41.71
N HIS P 77 17.00 17.47 -41.30
CA HIS P 77 16.05 16.59 -40.65
C HIS P 77 15.08 15.79 -41.53
N ALA P 78 15.07 16.04 -42.83
CA ALA P 78 14.17 15.29 -43.71
C ALA P 78 14.47 13.80 -43.55
N GLU P 79 15.65 13.53 -43.03
CA GLU P 79 16.11 12.17 -42.78
C GLU P 79 16.77 12.30 -41.41
N THR P 80 16.05 11.91 -40.37
CA THR P 80 16.59 12.04 -39.01
C THR P 80 16.62 10.71 -38.26
N ASP P 81 17.11 10.72 -37.03
CA ASP P 81 17.22 9.49 -36.25
C ASP P 81 15.99 9.20 -35.40
N ILE P 82 15.67 10.12 -34.51
CA ILE P 82 14.51 9.97 -33.64
C ILE P 82 13.61 11.19 -33.75
N VAL P 83 12.31 10.95 -33.88
CA VAL P 83 11.33 12.02 -33.98
C VAL P 83 10.42 11.94 -32.76
N ILE P 84 10.22 13.07 -32.10
CA ILE P 84 9.34 13.12 -30.94
C ILE P 84 8.14 14.00 -31.32
N VAL P 85 6.94 13.42 -31.32
CA VAL P 85 5.74 14.18 -31.65
C VAL P 85 5.07 14.60 -30.34
N GLY P 86 4.99 15.92 -30.14
CA GLY P 86 4.38 16.44 -28.93
C GLY P 86 5.40 17.01 -27.95
N ALA P 87 5.54 18.33 -27.93
CA ALA P 87 6.50 18.98 -27.03
C ALA P 87 5.89 19.25 -25.66
N GLY P 88 5.10 18.30 -25.19
CA GLY P 88 4.48 18.43 -23.89
C GLY P 88 5.46 18.02 -22.81
N SER P 89 4.96 17.84 -21.59
CA SER P 89 5.81 17.46 -20.47
C SER P 89 6.53 16.15 -20.72
N CYS P 90 5.80 15.14 -21.18
CA CYS P 90 6.40 13.85 -21.46
C CYS P 90 7.40 13.92 -22.62
N GLY P 91 6.96 14.44 -23.75
CA GLY P 91 7.85 14.54 -24.90
C GLY P 91 9.12 15.31 -24.56
N LEU P 92 8.96 16.44 -23.88
CA LEU P 92 10.09 17.25 -23.47
C LEU P 92 11.00 16.49 -22.53
N SER P 93 10.43 15.75 -21.58
CA SER P 93 11.25 14.97 -20.65
C SER P 93 12.00 13.89 -21.42
N ALA P 94 11.36 13.37 -22.47
CA ALA P 94 11.98 12.34 -23.29
C ALA P 94 13.09 12.96 -24.13
N ALA P 95 12.81 14.10 -24.74
CA ALA P 95 13.80 14.77 -25.56
C ALA P 95 15.05 15.06 -24.73
N TYR P 96 14.84 15.41 -23.46
CA TYR P 96 15.95 15.70 -22.58
C TYR P 96 16.83 14.47 -22.36
N VAL P 97 16.26 13.44 -21.76
CA VAL P 97 17.00 12.22 -21.48
C VAL P 97 17.69 11.66 -22.69
N LEU P 98 16.97 11.63 -23.81
CA LEU P 98 17.46 11.08 -25.06
C LEU P 98 18.62 11.83 -25.69
N SER P 99 18.55 13.16 -25.70
CA SER P 99 19.62 13.94 -26.28
C SER P 99 20.84 13.93 -25.35
N THR P 100 20.59 13.79 -24.06
CA THR P 100 21.67 13.78 -23.08
C THR P 100 22.44 12.45 -23.03
N LEU P 101 21.77 11.36 -23.35
CA LEU P 101 22.45 10.07 -23.35
C LEU P 101 23.00 9.72 -24.71
N ARG P 102 22.55 10.42 -25.76
CA ARG P 102 22.97 10.12 -27.12
C ARG P 102 23.23 11.37 -27.96
N PRO P 103 24.27 12.14 -27.62
CA PRO P 103 24.60 13.35 -28.36
C PRO P 103 24.88 13.05 -29.83
N ASP P 104 24.89 11.77 -30.16
CA ASP P 104 25.17 11.36 -31.52
C ASP P 104 23.91 11.25 -32.38
N LEU P 105 22.76 11.04 -31.74
CA LEU P 105 21.53 10.92 -32.50
C LEU P 105 20.87 12.27 -32.70
N ARG P 106 20.44 12.53 -33.93
CA ARG P 106 19.77 13.77 -34.23
C ARG P 106 18.32 13.61 -33.75
N ILE P 107 17.85 14.60 -32.98
CA ILE P 107 16.49 14.54 -32.46
C ILE P 107 15.58 15.61 -33.07
N THR P 108 14.54 15.14 -33.73
CA THR P 108 13.56 16.02 -34.39
C THR P 108 12.25 16.07 -33.59
N ILE P 109 11.98 17.22 -32.95
CA ILE P 109 10.76 17.40 -32.16
C ILE P 109 9.76 18.18 -32.98
N VAL P 110 8.64 17.55 -33.31
CA VAL P 110 7.61 18.24 -34.07
C VAL P 110 6.47 18.57 -33.12
N GLU P 111 6.24 19.86 -32.89
CA GLU P 111 5.20 20.34 -32.00
C GLU P 111 4.14 21.14 -32.76
N ALA P 112 2.88 20.79 -32.56
CA ALA P 112 1.78 21.43 -33.24
C ALA P 112 1.60 22.91 -32.90
N GLY P 113 1.78 23.25 -31.63
CA GLY P 113 1.58 24.64 -31.24
C GLY P 113 2.71 25.61 -31.44
N VAL P 114 2.36 26.89 -31.51
CA VAL P 114 3.37 27.91 -31.66
C VAL P 114 4.20 27.80 -30.38
N ALA P 115 3.51 27.77 -29.25
CA ALA P 115 4.18 27.62 -27.97
C ALA P 115 4.27 26.14 -27.61
N PRO P 116 5.46 25.67 -27.22
CA PRO P 116 5.57 24.25 -26.85
C PRO P 116 5.15 24.12 -25.39
N GLY P 117 5.28 22.93 -24.82
CA GLY P 117 4.93 22.75 -23.41
C GLY P 117 3.65 22.01 -23.09
N GLY P 118 2.82 21.75 -24.09
CA GLY P 118 1.58 21.03 -23.85
C GLY P 118 0.77 21.58 -22.69
N GLY P 119 0.28 20.69 -21.83
CA GLY P 119 -0.51 21.11 -20.70
C GLY P 119 0.30 21.32 -19.42
N ALA P 120 1.56 21.68 -19.58
CA ALA P 120 2.43 21.88 -18.43
C ALA P 120 2.76 23.34 -18.11
N TRP P 121 1.82 24.24 -18.39
CA TRP P 121 2.04 25.65 -18.09
C TRP P 121 1.20 26.03 -16.89
N LEU P 122 0.32 25.11 -16.48
CA LEU P 122 -0.57 25.33 -15.34
C LEU P 122 -0.72 24.05 -14.55
N GLY P 123 -1.30 24.17 -13.36
CA GLY P 123 -1.58 23.02 -12.54
C GLY P 123 -3.01 22.63 -12.90
N GLY P 124 -3.88 22.51 -11.90
CA GLY P 124 -5.26 22.16 -12.16
C GLY P 124 -6.18 23.35 -11.99
N GLN P 125 -7.29 23.37 -12.75
CA GLN P 125 -8.26 24.43 -12.70
C GLN P 125 -7.60 25.81 -12.80
N LEU P 126 -6.68 25.93 -13.75
CA LEU P 126 -5.96 27.17 -14.01
C LEU P 126 -5.04 27.64 -12.90
N PHE P 127 -4.83 26.81 -11.88
CA PHE P 127 -3.93 27.20 -10.80
C PHE P 127 -2.48 26.89 -11.20
N SER P 128 -1.52 27.32 -10.38
CA SER P 128 -0.11 27.16 -10.74
C SER P 128 0.71 25.95 -10.28
N ALA P 129 0.66 25.66 -8.98
CA ALA P 129 1.44 24.56 -8.41
C ALA P 129 1.46 23.24 -9.17
N MET P 130 2.66 22.73 -9.39
CA MET P 130 2.86 21.46 -10.10
C MET P 130 3.22 20.36 -9.08
N VAL P 131 2.31 19.39 -8.93
CA VAL P 131 2.53 18.30 -8.00
C VAL P 131 3.17 17.11 -8.68
N MET P 132 4.25 16.63 -8.08
CA MET P 132 4.96 15.46 -8.59
C MET P 132 5.19 14.50 -7.45
N ARG P 133 4.62 13.31 -7.56
CA ARG P 133 4.77 12.25 -6.56
C ARG P 133 6.14 11.60 -6.76
N LYS P 134 6.79 11.22 -5.66
CA LYS P 134 8.09 10.57 -5.73
C LYS P 134 7.91 9.20 -6.38
N PRO P 135 8.98 8.64 -6.95
CA PRO P 135 10.35 9.17 -7.06
C PRO P 135 10.56 10.14 -8.21
N ALA P 136 9.49 10.77 -8.69
CA ALA P 136 9.63 11.70 -9.80
C ALA P 136 10.47 12.94 -9.45
N ASP P 137 10.84 13.07 -8.17
CA ASP P 137 11.65 14.20 -7.74
C ASP P 137 13.09 14.02 -8.23
N VAL P 138 13.47 12.78 -8.50
CA VAL P 138 14.81 12.47 -8.98
C VAL P 138 15.05 13.22 -10.28
N PHE P 139 14.11 13.07 -11.21
CA PHE P 139 14.18 13.73 -12.51
C PHE P 139 14.28 15.24 -12.39
N LEU P 140 13.53 15.81 -11.43
CA LEU P 140 13.56 17.25 -11.22
C LEU P 140 14.97 17.68 -10.79
N ASP P 141 15.64 16.84 -10.01
CA ASP P 141 16.99 17.15 -9.57
C ASP P 141 17.91 17.12 -10.79
N GLU P 142 17.61 16.21 -11.70
CA GLU P 142 18.36 16.01 -12.93
C GLU P 142 18.38 17.24 -13.82
N VAL P 143 17.21 17.81 -14.07
CA VAL P 143 17.09 18.98 -14.92
C VAL P 143 17.17 20.31 -14.15
N GLY P 144 17.43 20.22 -12.85
CA GLY P 144 17.56 21.41 -12.05
C GLY P 144 16.33 22.27 -11.86
N VAL P 145 15.26 21.68 -11.34
CA VAL P 145 14.01 22.41 -11.09
C VAL P 145 13.72 22.29 -9.59
N PRO P 146 13.85 23.39 -8.85
CA PRO P 146 13.61 23.38 -7.39
C PRO P 146 12.19 22.97 -7.02
N TYR P 147 12.01 22.62 -5.75
CA TYR P 147 10.71 22.18 -5.23
C TYR P 147 10.70 22.11 -3.70
N GLU P 148 9.49 21.99 -3.12
CA GLU P 148 9.32 21.88 -1.69
C GLU P 148 8.99 20.41 -1.48
N ASP P 149 9.75 19.73 -0.63
CA ASP P 149 9.49 18.32 -0.39
C ASP P 149 8.30 18.26 0.55
N GLU P 150 7.33 17.42 0.25
CA GLU P 150 6.13 17.31 1.09
C GLU P 150 5.94 15.89 1.62
N GLY P 151 7.00 15.09 1.54
CA GLY P 151 6.91 13.73 2.02
C GLY P 151 6.84 12.78 0.85
N ASP P 152 5.63 12.27 0.55
CA ASP P 152 5.45 11.34 -0.57
C ASP P 152 5.51 12.02 -1.94
N TYR P 153 5.48 13.36 -1.93
CA TYR P 153 5.54 14.12 -3.17
C TYR P 153 6.24 15.44 -2.97
N VAL P 154 6.44 16.17 -4.06
CA VAL P 154 7.08 17.48 -4.00
C VAL P 154 6.25 18.45 -4.83
N VAL P 155 6.52 19.74 -4.67
CA VAL P 155 5.79 20.76 -5.41
C VAL P 155 6.68 21.78 -6.08
N VAL P 156 6.59 21.87 -7.41
CA VAL P 156 7.37 22.84 -8.17
C VAL P 156 6.54 24.13 -8.12
N LYS P 157 7.16 25.18 -7.61
CA LYS P 157 6.54 26.49 -7.43
C LYS P 157 5.43 26.83 -8.43
N HIS P 158 5.73 26.64 -9.72
CA HIS P 158 4.80 26.91 -10.81
C HIS P 158 5.14 25.95 -11.94
N ALA P 159 4.15 25.26 -12.49
CA ALA P 159 4.40 24.35 -13.61
C ALA P 159 5.33 24.99 -14.62
N ALA P 160 5.03 26.25 -14.97
CA ALA P 160 5.83 27.01 -15.93
C ALA P 160 7.33 27.00 -15.66
N LEU P 161 7.73 26.86 -14.39
CA LEU P 161 9.14 26.83 -14.05
C LEU P 161 9.79 25.58 -14.61
N PHE P 162 9.14 24.43 -14.38
CA PHE P 162 9.64 23.15 -14.88
C PHE P 162 9.66 23.15 -16.40
N THR P 163 8.51 23.47 -17.01
CA THR P 163 8.40 23.47 -18.45
C THR P 163 9.38 24.42 -19.14
N SER P 164 9.64 25.57 -18.52
CA SER P 164 10.58 26.52 -19.11
C SER P 164 12.02 26.04 -18.92
N THR P 165 12.34 25.54 -17.73
CA THR P 165 13.69 25.06 -17.44
C THR P 165 14.08 23.90 -18.37
N VAL P 166 13.31 22.82 -18.31
CA VAL P 166 13.56 21.66 -19.15
C VAL P 166 13.67 22.10 -20.60
N LEU P 167 12.63 22.78 -21.07
CA LEU P 167 12.55 23.31 -22.43
C LEU P 167 13.86 24.01 -22.80
N SER P 168 14.32 24.90 -21.92
CA SER P 168 15.54 25.64 -22.16
C SER P 168 16.73 24.71 -22.35
N LYS P 169 16.87 23.72 -21.48
CA LYS P 169 17.98 22.80 -21.58
C LYS P 169 17.96 21.90 -22.80
N VAL P 170 16.77 21.44 -23.18
CA VAL P 170 16.64 20.59 -24.35
C VAL P 170 17.04 21.34 -25.65
N LEU P 171 16.60 22.59 -25.77
CA LEU P 171 16.91 23.40 -26.95
C LEU P 171 18.38 23.77 -27.07
N GLN P 172 19.14 23.66 -25.98
CA GLN P 172 20.56 24.00 -26.01
C GLN P 172 21.38 22.91 -26.68
N ARG P 173 20.88 21.67 -26.60
CA ARG P 173 21.56 20.53 -27.22
C ARG P 173 21.76 20.77 -28.71
N PRO P 174 22.99 20.59 -29.19
CA PRO P 174 23.33 20.79 -30.60
C PRO P 174 22.70 19.78 -31.54
N ASN P 175 22.25 18.66 -30.99
CA ASN P 175 21.65 17.60 -31.79
C ASN P 175 20.12 17.61 -31.74
N VAL P 176 19.54 18.68 -31.19
CA VAL P 176 18.10 18.80 -31.08
C VAL P 176 17.54 19.95 -31.92
N LYS P 177 16.42 19.68 -32.58
CA LYS P 177 15.73 20.67 -33.40
C LYS P 177 14.29 20.72 -32.96
N LEU P 178 13.74 21.93 -32.90
CA LEU P 178 12.34 22.11 -32.51
C LEU P 178 11.49 22.66 -33.66
N PHE P 179 10.70 21.80 -34.29
CA PHE P 179 9.83 22.24 -35.38
C PHE P 179 8.44 22.57 -34.86
N ASN P 180 8.31 23.71 -34.18
CA ASN P 180 7.01 24.11 -33.66
C ASN P 180 6.13 24.71 -34.75
N ALA P 181 4.83 24.80 -34.50
CA ALA P 181 3.87 25.32 -35.46
C ALA P 181 3.74 24.30 -36.60
N THR P 182 4.18 23.08 -36.33
CA THR P 182 4.14 22.01 -37.32
C THR P 182 3.39 20.81 -36.76
N THR P 183 2.40 20.34 -37.50
CA THR P 183 1.61 19.20 -37.08
C THR P 183 1.95 17.93 -37.84
N VAL P 184 1.73 16.79 -37.17
CA VAL P 184 1.95 15.48 -37.77
C VAL P 184 0.57 15.05 -38.25
N GLU P 185 0.37 15.14 -39.57
CA GLU P 185 -0.89 14.79 -40.21
C GLU P 185 -1.08 13.31 -40.44
N ASP P 186 0.01 12.59 -40.62
CA ASP P 186 -0.07 11.14 -40.85
C ASP P 186 1.29 10.52 -40.55
N LEU P 187 1.39 9.21 -40.77
CA LEU P 187 2.63 8.48 -40.53
C LEU P 187 3.17 7.85 -41.82
N ILE P 188 4.49 7.71 -41.89
CA ILE P 188 5.10 7.07 -43.05
C ILE P 188 5.18 5.60 -42.65
N THR P 189 4.65 4.72 -43.50
CA THR P 189 4.67 3.31 -43.19
C THR P 189 5.41 2.43 -44.20
N ARG P 190 5.88 1.28 -43.71
CA ARG P 190 6.61 0.29 -44.49
C ARG P 190 6.00 -1.02 -44.02
N LYS P 191 5.97 -2.02 -44.87
CA LYS P 191 5.38 -3.31 -44.48
C LYS P 191 6.28 -4.14 -43.56
N HIS P 192 5.65 -4.78 -42.57
CA HIS P 192 6.31 -5.66 -41.57
C HIS P 192 7.28 -4.92 -40.64
N LYS P 210 0.15 -5.96 -41.33
CA LYS P 210 1.17 -5.64 -40.34
C LYS P 210 2.17 -4.61 -40.88
N VAL P 211 2.30 -3.48 -40.20
CA VAL P 211 3.20 -2.42 -40.67
C VAL P 211 4.24 -1.96 -39.65
N ARG P 212 5.13 -1.09 -40.13
CA ARG P 212 6.20 -0.50 -39.32
C ARG P 212 6.14 1.00 -39.58
N ILE P 213 6.34 1.80 -38.54
CA ILE P 213 6.32 3.24 -38.72
C ILE P 213 7.74 3.69 -39.01
N ALA P 214 7.91 4.41 -40.12
CA ALA P 214 9.24 4.85 -40.53
C ALA P 214 9.33 6.35 -40.86
N GLY P 215 8.43 7.13 -40.27
CA GLY P 215 8.43 8.55 -40.52
C GLY P 215 7.11 9.23 -40.23
N VAL P 216 7.11 10.54 -40.31
CA VAL P 216 5.92 11.32 -40.06
C VAL P 216 5.59 12.26 -41.20
N VAL P 217 4.32 12.37 -41.51
CA VAL P 217 3.88 13.27 -42.56
C VAL P 217 3.54 14.57 -41.82
N THR P 218 4.23 15.65 -42.19
CA THR P 218 4.05 16.92 -41.53
C THR P 218 3.42 18.02 -42.38
N ASN P 219 3.05 19.09 -41.69
CA ASN P 219 2.49 20.26 -42.34
C ASN P 219 2.37 21.42 -41.35
N TRP P 220 2.19 22.61 -41.88
CA TRP P 220 2.02 23.79 -41.04
C TRP P 220 0.72 23.57 -40.26
N THR P 221 0.80 23.66 -38.93
CA THR P 221 -0.37 23.48 -38.09
C THR P 221 -1.59 24.23 -38.63
N LEU P 222 -1.43 25.52 -38.90
CA LEU P 222 -2.54 26.32 -39.43
C LEU P 222 -3.11 25.75 -40.72
N VAL P 223 -2.29 25.04 -41.50
CA VAL P 223 -2.79 24.45 -42.73
C VAL P 223 -3.61 23.21 -42.40
N SER P 224 -3.08 22.38 -41.50
CA SER P 224 -3.75 21.17 -41.08
C SER P 224 -5.15 21.41 -40.57
N MET P 225 -5.39 22.62 -40.07
CA MET P 225 -6.69 22.97 -39.52
C MET P 225 -7.62 23.63 -40.54
N HIS P 226 -7.16 23.78 -41.77
CA HIS P 226 -7.98 24.41 -42.80
C HIS P 226 -7.96 23.68 -44.14
N HIS P 227 -7.94 22.35 -44.08
CA HIS P 227 -7.94 21.56 -45.29
C HIS P 227 -9.31 21.65 -45.93
N ASP P 228 -9.93 22.82 -45.79
CA ASP P 228 -11.25 23.12 -46.34
C ASP P 228 -11.23 24.58 -46.73
N ASP P 229 -10.71 25.39 -45.81
CA ASP P 229 -10.61 26.84 -45.97
C ASP P 229 -9.66 27.25 -47.10
N GLN P 230 -9.39 26.34 -48.04
CA GLN P 230 -8.48 26.61 -49.15
C GLN P 230 -8.49 25.42 -50.13
N SER P 231 -7.63 25.49 -51.16
CA SER P 231 -7.50 24.42 -52.13
C SER P 231 -6.53 23.39 -51.53
N MET P 233 -3.66 21.42 -50.02
CA MET P 233 -2.32 21.75 -49.57
C MET P 233 -1.59 20.51 -49.06
N ASP P 234 -0.80 19.90 -49.94
CA ASP P 234 -0.06 18.69 -49.61
C ASP P 234 0.91 18.88 -48.46
N PRO P 235 1.18 17.79 -47.71
CA PRO P 235 2.10 17.77 -46.56
C PRO P 235 3.51 17.48 -47.02
N ASN P 236 4.44 17.53 -46.07
CA ASN P 236 5.83 17.24 -46.37
C ASN P 236 6.14 15.94 -45.65
N THR P 237 7.42 15.57 -45.56
CA THR P 237 7.79 14.32 -44.92
C THR P 237 9.09 14.38 -44.14
N ILE P 238 9.22 13.44 -43.20
CA ILE P 238 10.43 13.30 -42.39
C ILE P 238 10.63 11.81 -42.17
N ASN P 239 11.72 11.27 -42.72
CA ASN P 239 12.01 9.84 -42.59
C ASN P 239 12.91 9.61 -41.38
N ALA P 240 12.52 8.63 -40.57
CA ALA P 240 13.27 8.25 -39.37
C ALA P 240 12.87 6.84 -38.95
N PRO P 241 13.81 6.08 -38.37
CA PRO P 241 13.56 4.70 -37.93
C PRO P 241 12.76 4.56 -36.63
N VAL P 242 12.78 5.58 -35.78
CA VAL P 242 12.02 5.51 -34.54
C VAL P 242 11.27 6.81 -34.21
N ILE P 243 9.94 6.69 -34.02
CA ILE P 243 9.08 7.82 -33.72
C ILE P 243 8.44 7.69 -32.34
N ILE P 244 8.69 8.67 -31.47
CA ILE P 244 8.11 8.69 -30.12
C ILE P 244 6.90 9.62 -30.14
N SER P 245 5.69 9.06 -30.05
CA SER P 245 4.47 9.86 -30.06
C SER P 245 3.96 10.11 -28.64
N THR P 246 4.02 11.38 -28.23
CA THR P 246 3.55 11.77 -26.90
C THR P 246 2.69 13.01 -27.07
N THR P 247 1.51 12.82 -27.65
CA THR P 247 0.61 13.94 -27.93
C THR P 247 -0.57 14.15 -26.98
N GLY P 248 -0.46 13.65 -25.76
CA GLY P 248 -1.56 13.84 -24.82
C GLY P 248 -2.75 12.98 -25.20
N HIS P 249 -3.79 12.99 -24.37
CA HIS P 249 -4.99 12.20 -24.59
C HIS P 249 -5.96 12.75 -25.63
N ASP P 250 -6.88 11.89 -26.05
CA ASP P 250 -7.87 12.23 -27.08
C ASP P 250 -8.41 13.64 -26.98
N GLY P 251 -8.66 14.21 -28.16
CA GLY P 251 -9.17 15.56 -28.32
C GLY P 251 -9.00 15.89 -29.79
N PRO P 252 -9.21 17.16 -30.20
CA PRO P 252 -9.06 17.52 -31.62
C PRO P 252 -7.63 17.30 -32.10
N PHE P 253 -6.66 17.77 -31.32
CA PHE P 253 -5.26 17.64 -31.68
C PHE P 253 -4.59 16.42 -31.04
N GLY P 254 -5.05 16.05 -29.84
CA GLY P 254 -4.44 14.93 -29.12
C GLY P 254 -4.49 13.50 -29.60
N ALA P 255 -3.66 12.66 -28.98
CA ALA P 255 -3.54 11.23 -29.26
C ALA P 255 -3.64 10.89 -30.74
N PHE P 256 -2.73 11.45 -31.53
CA PHE P 256 -2.74 11.25 -32.97
C PHE P 256 -2.32 9.88 -33.51
N SER P 257 -1.13 9.42 -33.11
CA SER P 257 -0.60 8.13 -33.57
C SER P 257 -1.51 6.97 -33.17
N VAL P 258 -1.88 6.93 -31.90
CA VAL P 258 -2.75 5.88 -31.40
C VAL P 258 -4.00 5.82 -32.28
N LYS P 259 -4.58 6.99 -32.54
CA LYS P 259 -5.79 7.08 -33.35
C LYS P 259 -5.55 6.70 -34.81
N ARG P 260 -4.37 7.03 -35.33
CA ARG P 260 -4.06 6.70 -36.72
C ARG P 260 -3.86 5.19 -36.94
N LEU P 261 -3.26 4.51 -35.97
CA LEU P 261 -3.05 3.07 -36.11
C LEU P 261 -4.39 2.38 -36.29
N VAL P 262 -5.44 3.01 -35.77
CA VAL P 262 -6.78 2.45 -35.86
C VAL P 262 -7.41 2.70 -37.24
N SER P 263 -7.36 3.94 -37.69
CA SER P 263 -7.92 4.29 -39.00
C SER P 263 -7.13 3.65 -40.15
N MET P 264 -5.95 3.15 -39.83
CA MET P 264 -5.13 2.47 -40.82
C MET P 264 -5.46 0.97 -40.78
N LYS P 265 -6.39 0.61 -39.89
CA LYS P 265 -6.81 -0.78 -39.73
C LYS P 265 -5.68 -1.65 -39.21
N GLN P 266 -5.08 -1.24 -38.10
CA GLN P 266 -4.00 -1.99 -37.46
C GLN P 266 -4.40 -2.25 -36.02
N MET P 267 -5.52 -1.66 -35.61
CA MET P 267 -6.05 -1.78 -34.27
C MET P 267 -7.57 -1.95 -34.34
N GLU P 268 -8.10 -2.72 -33.39
CA GLU P 268 -9.55 -2.97 -33.32
C GLU P 268 -10.33 -1.71 -32.95
N ARG P 269 -9.78 -0.96 -32.01
CA ARG P 269 -10.43 0.26 -31.54
C ARG P 269 -9.53 0.80 -30.44
N LEU P 270 -9.94 1.91 -29.85
CA LEU P 270 -9.20 2.49 -28.76
C LEU P 270 -9.99 2.15 -27.49
N ASN P 271 -9.32 1.59 -26.50
CA ASN P 271 -9.99 1.24 -25.25
C ASN P 271 -10.52 2.52 -24.63
N GLY P 272 -9.76 3.58 -24.85
CA GLY P 272 -10.14 4.88 -24.33
C GLY P 272 -9.65 5.16 -22.92
N MET P 273 -9.21 6.39 -22.70
CA MET P 273 -8.74 6.83 -21.40
C MET P 273 -9.90 6.68 -20.41
N ARG P 274 -9.58 6.29 -19.18
CA ARG P 274 -10.64 6.10 -18.18
C ARG P 274 -10.74 7.17 -17.11
N GLY P 275 -11.52 6.88 -16.08
CA GLY P 275 -11.72 7.82 -15.00
C GLY P 275 -10.44 8.16 -14.24
N LEU P 276 -10.47 9.27 -13.49
CA LEU P 276 -9.30 9.68 -12.75
C LEU P 276 -9.09 8.84 -11.50
N ASP P 277 -7.91 8.21 -11.45
CA ASP P 277 -7.49 7.36 -10.34
C ASP P 277 -5.97 7.47 -10.35
N MET P 278 -5.47 8.57 -9.79
CA MET P 278 -4.04 8.84 -9.73
C MET P 278 -3.14 7.66 -9.38
N GLN P 279 -3.42 7.03 -8.23
CA GLN P 279 -2.61 5.90 -7.78
C GLN P 279 -2.39 4.81 -8.80
N SER P 280 -3.45 4.35 -9.45
CA SER P 280 -3.26 3.30 -10.45
C SER P 280 -2.88 3.86 -11.83
N ALA P 281 -3.31 5.08 -12.12
CA ALA P 281 -3.01 5.68 -13.41
C ALA P 281 -1.53 5.94 -13.66
N GLU P 282 -0.88 6.72 -12.81
CA GLU P 282 0.53 7.04 -13.02
C GLU P 282 1.45 5.85 -13.23
N ASP P 283 1.34 4.83 -12.39
CA ASP P 283 2.20 3.66 -12.53
C ASP P 283 1.93 2.97 -13.86
N ALA P 284 0.65 2.77 -14.17
CA ALA P 284 0.25 2.14 -15.41
C ALA P 284 0.85 2.85 -16.62
N ILE P 285 0.78 4.18 -16.63
CA ILE P 285 1.31 4.96 -17.74
C ILE P 285 2.83 4.77 -17.85
N VAL P 286 3.51 4.87 -16.71
CA VAL P 286 4.96 4.72 -16.70
C VAL P 286 5.49 3.35 -17.11
N ASN P 287 5.01 2.30 -16.46
CA ASN P 287 5.50 0.96 -16.78
C ASN P 287 5.06 0.37 -18.11
N ASN P 288 4.10 1.02 -18.77
CA ASN P 288 3.62 0.51 -20.05
C ASN P 288 4.06 1.35 -21.24
N THR P 289 4.93 2.32 -20.99
CA THR P 289 5.46 3.17 -22.05
C THR P 289 6.37 2.30 -22.91
N ARG P 290 6.08 2.21 -24.19
CA ARG P 290 6.91 1.36 -25.05
C ARG P 290 6.60 1.41 -26.54
N GLU P 291 7.33 0.60 -27.29
CA GLU P 291 7.14 0.52 -28.72
C GLU P 291 5.90 -0.34 -28.94
N ILE P 292 4.80 0.31 -29.29
CA ILE P 292 3.54 -0.37 -29.53
C ILE P 292 3.60 -1.16 -30.83
N VAL P 293 4.29 -0.60 -31.81
CA VAL P 293 4.42 -1.22 -33.12
C VAL P 293 5.86 -0.93 -33.58
N PRO P 294 6.43 -1.79 -34.44
CA PRO P 294 7.81 -1.52 -34.89
C PRO P 294 7.98 -0.08 -35.38
N GLY P 295 8.89 0.65 -34.75
CA GLY P 295 9.15 2.02 -35.14
C GLY P 295 8.36 3.08 -34.40
N LEU P 296 7.33 2.66 -33.68
CA LEU P 296 6.49 3.59 -32.93
C LEU P 296 6.53 3.34 -31.43
N ILE P 297 6.80 4.38 -30.66
CA ILE P 297 6.83 4.29 -29.20
C ILE P 297 5.80 5.30 -28.68
N VAL P 298 4.94 4.88 -27.76
CA VAL P 298 3.95 5.79 -27.22
C VAL P 298 4.12 5.99 -25.72
N GLY P 299 3.99 7.24 -25.27
CA GLY P 299 4.14 7.56 -23.85
C GLY P 299 3.21 8.69 -23.42
N GLY P 300 3.36 9.14 -22.18
CA GLY P 300 2.52 10.22 -21.69
C GLY P 300 1.05 9.84 -21.70
N MET P 301 0.18 10.84 -21.89
CA MET P 301 -1.23 10.54 -21.91
C MET P 301 -1.79 9.92 -23.18
N GLU P 302 -1.02 9.92 -24.26
CA GLU P 302 -1.53 9.29 -25.49
C GLU P 302 -1.66 7.79 -25.24
N LEU P 303 -0.81 7.27 -24.36
CA LEU P 303 -0.81 5.85 -24.01
C LEU P 303 -2.09 5.47 -23.29
N SER P 304 -2.64 6.41 -22.51
CA SER P 304 -3.85 6.14 -21.76
C SER P 304 -5.05 5.79 -22.66
N GLU P 305 -5.04 6.27 -23.90
CA GLU P 305 -6.14 6.01 -24.83
C GLU P 305 -6.05 4.60 -25.42
N ILE P 306 -4.85 4.21 -25.83
CA ILE P 306 -4.66 2.89 -26.40
C ILE P 306 -4.73 1.78 -25.36
N ASP P 307 -4.28 2.07 -24.14
CA ASP P 307 -4.28 1.07 -23.07
C ASP P 307 -5.50 1.07 -22.15
N GLY P 308 -6.42 2.01 -22.33
CA GLY P 308 -7.57 2.05 -21.45
C GLY P 308 -7.14 2.14 -19.99
N ALA P 309 -6.16 2.99 -19.73
CA ALA P 309 -5.65 3.20 -18.39
C ALA P 309 -6.38 4.39 -17.80
N ASN P 310 -6.21 4.60 -16.49
CA ASN P 310 -6.83 5.73 -15.80
C ASN P 310 -6.04 6.99 -16.11
N ARG P 311 -6.62 8.14 -15.78
CA ARG P 311 -5.98 9.44 -15.98
C ARG P 311 -5.56 9.92 -14.59
N MET P 312 -4.57 10.80 -14.50
CA MET P 312 -4.13 11.27 -13.19
C MET P 312 -4.55 12.70 -12.85
N GLY P 313 -5.01 13.44 -13.85
CA GLY P 313 -5.41 14.79 -13.59
C GLY P 313 -4.18 15.69 -13.45
N PRO P 314 -4.26 16.71 -12.58
CA PRO P 314 -3.17 17.67 -12.34
C PRO P 314 -1.97 17.15 -11.54
N THR P 315 -1.35 16.10 -12.03
CA THR P 315 -0.16 15.57 -11.37
C THR P 315 0.76 15.06 -12.50
N PHE P 316 1.96 15.61 -12.53
CA PHE P 316 2.93 15.36 -13.58
C PHE P 316 4.02 14.31 -13.36
N GLY P 317 3.99 13.61 -12.23
CA GLY P 317 5.00 12.61 -11.96
C GLY P 317 5.20 11.62 -13.10
N ALA P 318 4.12 11.00 -13.54
CA ALA P 318 4.16 10.02 -14.63
C ALA P 318 4.59 10.61 -15.97
N MET P 319 4.12 11.82 -16.29
CA MET P 319 4.49 12.43 -17.56
C MET P 319 5.99 12.48 -17.67
N ALA P 320 6.64 12.87 -16.59
CA ALA P 320 8.09 12.96 -16.52
C ALA P 320 8.81 11.61 -16.66
N LEU P 321 8.50 10.66 -15.77
CA LEU P 321 9.16 9.38 -15.82
C LEU P 321 8.69 8.53 -17.01
N SER P 322 7.57 8.91 -17.61
CA SER P 322 7.07 8.19 -18.78
C SER P 322 7.96 8.57 -19.96
N GLY P 323 8.49 9.78 -19.92
CA GLY P 323 9.37 10.25 -20.98
C GLY P 323 10.76 9.66 -20.87
N VAL P 324 11.21 9.43 -19.63
CA VAL P 324 12.52 8.85 -19.39
C VAL P 324 12.47 7.44 -19.95
N LYS P 325 11.36 6.77 -19.68
CA LYS P 325 11.17 5.41 -20.15
C LYS P 325 11.07 5.36 -21.66
N ALA P 326 10.45 6.37 -22.28
CA ALA P 326 10.32 6.43 -23.73
C ALA P 326 11.71 6.61 -24.38
N ALA P 327 12.50 7.52 -23.83
CA ALA P 327 13.83 7.75 -24.34
C ALA P 327 14.57 6.43 -24.32
N HIS P 328 14.49 5.75 -23.18
CA HIS P 328 15.16 4.46 -22.97
C HIS P 328 14.80 3.45 -24.06
N GLU P 329 13.50 3.23 -24.26
CA GLU P 329 13.00 2.30 -25.28
C GLU P 329 13.58 2.62 -26.64
N ALA P 330 13.48 3.90 -27.04
CA ALA P 330 14.00 4.32 -28.33
C ALA P 330 15.46 3.89 -28.48
N ILE P 331 16.23 3.97 -27.39
CA ILE P 331 17.62 3.56 -27.48
C ILE P 331 17.68 2.05 -27.62
N ARG P 332 16.86 1.35 -26.84
CA ARG P 332 16.83 -0.10 -26.89
C ARG P 332 16.53 -0.62 -28.29
N VAL P 333 15.68 0.09 -29.01
CA VAL P 333 15.26 -0.33 -30.34
C VAL P 333 15.93 0.32 -31.55
N PHE P 334 16.57 1.47 -31.35
CA PHE P 334 17.20 2.20 -32.45
C PHE P 334 17.99 1.44 -33.50
N ASP P 335 19.02 0.73 -33.07
CA ASP P 335 19.85 -0.02 -34.01
C ASP P 335 19.02 -0.93 -34.88
N LEU P 336 18.16 -1.74 -34.26
CA LEU P 336 17.33 -2.63 -35.04
C LEU P 336 16.55 -1.87 -36.11
N ARG P 337 15.84 -0.82 -35.70
CA ARG P 337 15.03 -0.03 -36.64
C ARG P 337 15.87 0.67 -37.69
N LYS P 338 16.98 1.27 -37.26
CA LYS P 338 17.87 1.96 -38.17
C LYS P 338 18.13 1.01 -39.33
N ALA P 339 18.66 -0.17 -39.01
CA ALA P 339 18.97 -1.20 -40.00
C ALA P 339 17.77 -1.48 -40.92
N GLN P 340 16.62 -1.70 -40.30
CA GLN P 340 15.41 -1.98 -41.07
C GLN P 340 15.02 -0.85 -42.01
N ASN P 341 15.33 0.38 -41.61
CA ASN P 341 14.97 1.52 -42.44
C ASN P 341 16.00 1.92 -43.51
N ASP P 342 17.15 1.24 -43.56
CA ASP P 342 18.15 1.58 -44.57
C ASP P 342 18.32 0.52 -45.64
#